data_2MJV
#
_entry.id   2MJV
#
loop_
_entity.id
_entity.type
_entity.pdbx_description
1 polymer 'Twist-related protein 1'
2 polymer 'Bromodomain-containing protein 4'
#
loop_
_entity_poly.entity_id
_entity_poly.type
_entity_poly.pdbx_seq_one_letter_code
_entity_poly.pdbx_strand_id
1 'polypeptide(L)' SPAQG(ALY)RG(ALY)KSA A
2 'polypeptide(L)'
;KDVPDSQQHPAPEKSSKVSEQLKCCSGILKEMFAKKHAAYAWPFYKPVDVEALGLHDYCDIIKHPMDMSTIKSKLEAREY
RDAQEFGADVRLMFSNCYKYNPPDHEVVAMARKLQDVFEMRFAKMPDE
;
B
#
# COMPACT_ATOMS: atom_id res chain seq x y z
N SER A 1 5.23 -22.33 -13.79
CA SER A 1 5.94 -21.48 -12.81
C SER A 1 5.74 -20.01 -13.10
N PRO A 2 4.66 -19.40 -12.57
CA PRO A 2 4.38 -17.98 -12.73
C PRO A 2 5.12 -17.14 -11.68
N ALA A 3 5.21 -17.68 -10.48
CA ALA A 3 5.85 -17.00 -9.36
C ALA A 3 6.22 -18.03 -8.30
N GLN A 4 7.37 -17.80 -7.67
CA GLN A 4 7.95 -18.74 -6.69
C GLN A 4 7.06 -18.91 -5.46
N GLY A 5 6.11 -18.01 -5.29
CA GLY A 5 5.28 -18.01 -4.10
C GLY A 5 6.06 -17.69 -2.86
OH ALY A 6 5.33 -9.48 -2.15
CH ALY A 6 5.58 -9.34 -0.95
CH3 ALY A 6 4.84 -8.24 -0.16
NZ ALY A 6 6.46 -10.10 -0.33
CE ALY A 6 7.22 -11.17 -0.97
CD ALY A 6 6.62 -12.53 -0.72
CG ALY A 6 7.17 -13.58 -1.69
CB ALY A 6 7.19 -14.96 -1.04
CA ALY A 6 7.78 -16.07 -1.95
N ALY A 6 6.80 -16.56 -2.93
C ALY A 6 8.51 -17.16 -1.12
O ALY A 6 9.71 -17.34 -1.26
HH31 ALY A 6 4.35 -7.57 -0.85
HH32 ALY A 6 4.10 -8.69 0.49
HH33 ALY A 6 5.56 -7.69 0.44
HZ ALY A 6 6.62 -9.95 0.63
HE3 ALY A 6 7.26 -11.01 -2.02
HE2 ALY A 6 8.22 -11.17 -0.58
HD3 ALY A 6 6.82 -12.83 0.31
HD2 ALY A 6 5.55 -12.48 -0.85
HG3 ALY A 6 6.52 -13.62 -2.56
HG2 ALY A 6 8.17 -13.30 -2.00
HB3 ALY A 6 7.76 -14.87 -0.13
HB2 ALY A 6 6.18 -15.23 -0.76
HA ALY A 6 8.54 -15.58 -2.56
H ALY A 6 6.64 -16.01 -3.72
N ARG A 7 7.76 -17.90 -0.30
CA ARG A 7 8.32 -18.69 0.81
C ARG A 7 8.88 -17.72 1.84
N GLY A 8 8.38 -16.50 1.77
CA GLY A 8 8.80 -15.45 2.66
C GLY A 8 7.92 -15.35 3.88
OH ALY A 9 8.78 -8.86 2.66
CH ALY A 9 8.90 -9.57 3.66
CH3 ALY A 9 10.06 -9.32 4.61
NZ ALY A 9 8.06 -10.54 3.94
CE ALY A 9 6.90 -10.88 3.14
CD ALY A 9 5.89 -11.59 4.00
CG ALY A 9 6.35 -12.98 4.30
CB ALY A 9 6.58 -13.22 5.77
CA ALY A 9 7.69 -14.24 6.11
N ALY A 9 8.44 -14.68 4.92
C ALY A 9 7.11 -15.39 6.92
O ALY A 9 6.71 -16.43 6.39
HH31 ALY A 9 10.08 -8.29 4.90
HH32 ALY A 9 9.91 -9.94 5.49
HH33 ALY A 9 10.98 -9.59 4.14
HZ ALY A 9 8.21 -11.06 4.76
HE3 ALY A 9 6.46 -9.96 2.75
HE2 ALY A 9 7.19 -11.53 2.31
HD3 ALY A 9 5.76 -11.05 4.90
HD2 ALY A 9 4.95 -11.64 3.47
HG3 ALY A 9 5.61 -13.68 3.96
HG2 ALY A 9 7.26 -13.16 3.75
HB3 ALY A 9 6.82 -12.28 6.24
HB2 ALY A 9 5.65 -13.59 6.19
HA ALY A 9 8.39 -13.73 6.75
H ALY A 9 9.40 -14.50 4.90
N LYS A 10 7.10 -15.20 8.22
CA LYS A 10 6.44 -16.11 9.13
C LYS A 10 5.81 -15.32 10.28
N SER A 11 5.59 -14.02 10.00
CA SER A 11 4.93 -13.11 10.93
C SER A 11 5.86 -12.71 12.08
N ALA A 12 6.64 -13.67 12.58
CA ALA A 12 7.61 -13.39 13.62
C ALA A 12 8.97 -13.09 13.00
N LYS B 1 -24.16 10.53 -14.61
CA LYS B 1 -23.66 10.21 -13.27
C LYS B 1 -22.19 9.79 -13.31
N ASP B 2 -21.92 8.66 -13.97
CA ASP B 2 -20.57 8.11 -14.09
C ASP B 2 -19.96 7.89 -12.71
N VAL B 3 -20.44 6.85 -12.04
CA VAL B 3 -20.08 6.54 -10.66
C VAL B 3 -20.70 7.56 -9.71
N PRO B 4 -21.43 7.05 -8.71
CA PRO B 4 -22.19 7.88 -7.77
C PRO B 4 -21.27 8.69 -6.84
N ASP B 5 -21.38 10.02 -6.93
CA ASP B 5 -20.59 10.93 -6.10
C ASP B 5 -19.10 10.67 -6.29
N SER B 6 -18.68 10.59 -7.54
CA SER B 6 -17.29 10.29 -7.86
C SER B 6 -16.45 11.56 -7.93
N GLN B 7 -17.00 12.59 -8.57
CA GLN B 7 -16.31 13.87 -8.71
C GLN B 7 -17.34 14.98 -8.82
N GLN B 8 -16.93 16.21 -8.54
CA GLN B 8 -17.82 17.34 -8.59
C GLN B 8 -17.09 18.67 -8.78
N HIS B 9 -15.89 18.79 -8.19
CA HIS B 9 -15.12 20.02 -8.34
C HIS B 9 -13.63 19.74 -8.30
N PRO B 10 -12.90 20.39 -9.20
CA PRO B 10 -11.43 20.41 -9.17
C PRO B 10 -10.96 21.16 -7.93
N ALA B 11 -9.85 20.71 -7.35
CA ALA B 11 -9.39 21.29 -6.10
C ALA B 11 -8.80 22.67 -6.28
N PRO B 12 -9.07 23.54 -5.31
CA PRO B 12 -8.53 24.90 -5.28
C PRO B 12 -7.17 24.94 -4.61
N GLU B 13 -6.23 25.64 -5.26
CA GLU B 13 -4.83 25.70 -4.81
C GLU B 13 -4.17 24.34 -4.89
N LYS B 14 -4.54 23.45 -3.99
CA LYS B 14 -4.01 22.11 -3.98
C LYS B 14 -5.08 21.11 -3.55
N SER B 15 -5.68 21.33 -2.38
CA SER B 15 -6.52 20.31 -1.81
C SER B 15 -7.94 20.75 -1.46
N SER B 16 -8.16 21.07 -0.18
CA SER B 16 -9.50 21.15 0.42
C SER B 16 -10.08 19.73 0.55
N LYS B 17 -9.80 18.90 -0.44
CA LYS B 17 -10.13 17.49 -0.41
C LYS B 17 -8.90 16.61 -0.35
N VAL B 18 -7.91 17.00 -1.11
CA VAL B 18 -6.87 16.12 -1.60
C VAL B 18 -5.80 15.81 -0.56
N SER B 19 -5.12 16.83 -0.12
CA SER B 19 -4.17 16.67 0.95
C SER B 19 -4.88 16.29 2.25
N GLU B 20 -6.19 16.54 2.29
CA GLU B 20 -7.05 16.03 3.34
C GLU B 20 -7.13 14.52 3.23
N GLN B 21 -7.15 14.05 1.98
CA GLN B 21 -7.14 12.63 1.69
C GLN B 21 -5.88 12.03 2.22
N LEU B 22 -4.79 12.78 2.15
CA LEU B 22 -3.54 12.23 2.59
C LEU B 22 -3.40 12.21 4.09
N LYS B 23 -4.04 13.12 4.80
CA LYS B 23 -4.01 13.06 6.23
C LYS B 23 -4.70 11.81 6.71
N CYS B 24 -5.65 11.40 5.91
CA CYS B 24 -6.37 10.16 6.09
C CYS B 24 -5.54 9.02 5.58
N CYS B 25 -5.14 9.12 4.31
CA CYS B 25 -4.32 8.12 3.65
C CYS B 25 -3.19 7.70 4.57
N SER B 26 -2.55 8.69 5.17
CA SER B 26 -1.41 8.42 6.01
C SER B 26 -1.80 7.67 7.26
N GLY B 27 -2.79 8.20 8.00
CA GLY B 27 -3.26 7.53 9.19
C GLY B 27 -3.70 6.11 8.89
N ILE B 28 -4.07 5.89 7.65
CA ILE B 28 -4.41 4.59 7.12
C ILE B 28 -3.19 3.66 6.99
N LEU B 29 -2.20 4.09 6.22
CA LEU B 29 -0.91 3.36 6.14
C LEU B 29 -0.29 3.22 7.49
N LYS B 30 -0.01 4.35 8.09
CA LYS B 30 0.43 4.39 9.48
C LYS B 30 -0.39 3.46 10.38
N GLU B 31 -1.64 3.22 10.01
CA GLU B 31 -2.46 2.23 10.70
C GLU B 31 -2.05 0.80 10.33
N MET B 32 -1.95 0.46 9.05
CA MET B 32 -1.36 -0.86 8.70
C MET B 32 0.01 -0.96 9.37
N PHE B 33 0.66 0.19 9.50
CA PHE B 33 1.93 0.33 10.17
C PHE B 33 1.77 0.18 11.69
N ALA B 34 0.54 0.31 12.16
CA ALA B 34 0.23 0.23 13.57
C ALA B 34 0.73 -1.06 14.15
N LYS B 35 1.12 -1.03 15.42
CA LYS B 35 1.53 -2.24 16.12
C LYS B 35 0.40 -3.26 16.04
N LYS B 36 -0.81 -2.73 15.90
CA LYS B 36 -2.00 -3.51 15.60
C LYS B 36 -1.83 -4.35 14.32
N HIS B 37 -1.36 -3.73 13.22
CA HIS B 37 -1.24 -4.48 11.96
C HIS B 37 0.20 -4.87 11.71
N ALA B 38 1.07 -4.59 12.68
CA ALA B 38 2.48 -4.92 12.55
C ALA B 38 2.72 -6.38 12.76
N ALA B 39 1.66 -7.12 12.99
CA ALA B 39 1.73 -8.55 13.04
C ALA B 39 1.83 -9.08 11.63
N TYR B 40 1.41 -8.24 10.67
CA TYR B 40 1.25 -8.71 9.30
C TYR B 40 1.47 -7.64 8.24
N ALA B 41 1.60 -6.39 8.64
CA ALA B 41 1.88 -5.33 7.69
C ALA B 41 3.33 -4.99 7.73
N TRP B 42 3.97 -5.43 8.78
CA TRP B 42 5.39 -5.22 8.97
C TRP B 42 6.23 -5.63 7.73
N PRO B 43 5.88 -6.71 6.94
CA PRO B 43 6.65 -7.07 5.75
C PRO B 43 6.24 -6.22 4.58
N PHE B 44 5.34 -5.29 4.87
CA PHE B 44 4.91 -4.32 3.89
C PHE B 44 5.49 -2.96 4.21
N TYR B 45 5.71 -2.61 5.52
CA TYR B 45 6.39 -1.33 5.84
C TYR B 45 7.60 -1.24 4.98
N LYS B 46 8.30 -2.32 4.98
CA LYS B 46 9.51 -2.42 4.26
C LYS B 46 9.32 -3.35 3.07
N PRO B 47 10.31 -3.38 2.20
CA PRO B 47 10.23 -4.09 0.93
C PRO B 47 10.31 -5.60 1.12
N VAL B 48 9.67 -6.32 0.20
CA VAL B 48 9.80 -7.77 0.14
C VAL B 48 11.26 -8.16 0.23
N ASP B 49 11.58 -8.85 1.31
CA ASP B 49 12.96 -9.19 1.58
C ASP B 49 13.36 -10.43 0.83
N VAL B 50 13.92 -10.19 -0.33
CA VAL B 50 14.24 -11.21 -1.29
C VAL B 50 15.32 -12.15 -0.76
N GLU B 51 15.99 -11.71 0.28
CA GLU B 51 17.00 -12.51 0.92
C GLU B 51 16.37 -13.33 2.02
N ALA B 52 15.74 -12.62 2.92
CA ALA B 52 15.06 -13.17 4.07
C ALA B 52 14.03 -14.21 3.66
N LEU B 53 13.29 -13.87 2.64
CA LEU B 53 12.21 -14.69 2.18
C LEU B 53 12.73 -15.82 1.29
N GLY B 54 13.99 -15.69 0.87
CA GLY B 54 14.62 -16.66 -0.01
C GLY B 54 13.95 -16.72 -1.36
N LEU B 55 13.65 -15.55 -1.88
CA LEU B 55 12.82 -15.42 -3.06
C LEU B 55 13.52 -15.87 -4.34
N HIS B 56 14.59 -15.14 -4.71
CA HIS B 56 15.34 -15.38 -5.95
C HIS B 56 14.54 -15.02 -7.19
N ASP B 57 13.40 -15.67 -7.38
CA ASP B 57 12.53 -15.43 -8.54
C ASP B 57 11.87 -14.07 -8.46
N TYR B 58 11.91 -13.48 -7.27
CA TYR B 58 11.38 -12.14 -6.99
C TYR B 58 11.45 -11.17 -8.16
N CYS B 59 12.64 -10.87 -8.65
CA CYS B 59 12.82 -9.83 -9.65
C CYS B 59 12.21 -10.23 -10.99
N ASP B 60 11.81 -11.49 -11.10
CA ASP B 60 11.10 -11.98 -12.26
C ASP B 60 9.65 -11.68 -12.09
N ILE B 61 9.17 -12.04 -10.94
CA ILE B 61 7.85 -11.73 -10.53
C ILE B 61 7.63 -10.24 -10.50
N ILE B 62 8.32 -9.65 -9.58
CA ILE B 62 8.06 -8.33 -9.11
C ILE B 62 8.68 -7.29 -10.02
N LYS B 63 7.84 -6.39 -10.48
CA LYS B 63 8.26 -5.30 -11.32
C LYS B 63 8.20 -4.02 -10.53
N HIS B 64 7.21 -3.95 -9.64
CA HIS B 64 7.00 -2.81 -8.79
C HIS B 64 6.45 -3.27 -7.47
N PRO B 65 7.37 -3.61 -6.61
CA PRO B 65 7.10 -3.95 -5.25
C PRO B 65 6.95 -2.69 -4.44
N MET B 66 5.79 -2.51 -3.86
CA MET B 66 5.56 -1.35 -3.06
C MET B 66 5.80 -1.70 -1.60
N ASP B 67 6.13 -0.71 -0.83
CA ASP B 67 6.33 -0.90 0.59
C ASP B 67 5.68 0.23 1.34
N MET B 68 4.89 -0.15 2.34
CA MET B 68 4.14 0.75 3.22
C MET B 68 4.97 1.95 3.66
N SER B 69 6.29 1.80 3.69
CA SER B 69 7.14 2.89 4.14
C SER B 69 7.38 3.93 3.03
N THR B 70 7.56 3.51 1.78
CA THR B 70 7.69 4.51 0.71
C THR B 70 6.41 5.26 0.56
N ILE B 71 5.33 4.53 0.28
CA ILE B 71 4.04 5.12 0.12
C ILE B 71 3.75 6.09 1.25
N LYS B 72 4.15 5.70 2.43
CA LYS B 72 4.05 6.55 3.58
C LYS B 72 5.00 7.72 3.47
N SER B 73 6.24 7.42 3.19
CA SER B 73 7.30 8.41 3.01
C SER B 73 6.86 9.45 1.99
N LYS B 74 6.15 9.00 0.98
CA LYS B 74 5.67 9.88 -0.06
C LYS B 74 4.50 10.71 0.47
N LEU B 75 3.65 10.08 1.29
CA LEU B 75 2.71 10.82 2.14
C LEU B 75 3.44 11.89 2.90
N GLU B 76 4.50 11.45 3.57
CA GLU B 76 5.33 12.30 4.39
C GLU B 76 6.15 13.23 3.51
N ALA B 77 6.04 12.99 2.22
CA ALA B 77 6.69 13.80 1.21
C ALA B 77 5.69 14.66 0.48
N ARG B 78 4.41 14.40 0.75
CA ARG B 78 3.31 15.05 0.05
C ARG B 78 3.47 14.86 -1.45
N GLU B 79 4.23 13.83 -1.76
CA GLU B 79 4.44 13.36 -3.08
C GLU B 79 3.16 12.77 -3.62
N TYR B 80 2.42 12.19 -2.70
CA TYR B 80 1.08 11.75 -2.96
C TYR B 80 0.16 12.92 -2.92
N ARG B 81 -0.51 13.09 -4.05
CA ARG B 81 -1.43 14.17 -4.24
C ARG B 81 -2.57 14.01 -3.30
N ASP B 82 -2.97 12.77 -3.15
CA ASP B 82 -4.13 12.41 -2.41
C ASP B 82 -3.99 11.00 -1.95
N ALA B 83 -5.00 10.54 -1.29
CA ALA B 83 -5.00 9.23 -0.74
C ALA B 83 -5.05 8.19 -1.84
N GLN B 84 -5.41 8.60 -3.05
CA GLN B 84 -5.47 7.65 -4.13
C GLN B 84 -4.12 7.51 -4.82
N GLU B 85 -3.26 8.53 -4.74
CA GLU B 85 -1.82 8.31 -4.89
C GLU B 85 -1.42 7.26 -3.87
N PHE B 86 -1.88 7.51 -2.66
CA PHE B 86 -1.57 6.69 -1.52
C PHE B 86 -1.91 5.22 -1.76
N GLY B 87 -3.20 4.97 -1.90
CA GLY B 87 -3.66 3.61 -2.02
C GLY B 87 -3.31 2.98 -3.32
N ALA B 88 -2.89 3.79 -4.27
CA ALA B 88 -2.39 3.29 -5.51
C ALA B 88 -1.15 2.45 -5.23
N ASP B 89 -0.36 2.92 -4.29
CA ASP B 89 0.82 2.22 -3.86
C ASP B 89 0.49 1.12 -2.85
N VAL B 90 -0.47 1.34 -1.95
CA VAL B 90 -0.97 0.24 -1.14
C VAL B 90 -1.39 -0.92 -2.04
N ARG B 91 -2.21 -0.62 -3.03
CA ARG B 91 -2.62 -1.62 -4.03
C ARG B 91 -1.42 -2.17 -4.77
N LEU B 92 -0.37 -1.36 -4.90
CA LEU B 92 0.87 -1.78 -5.54
C LEU B 92 1.56 -2.87 -4.72
N MET B 93 1.72 -2.65 -3.41
CA MET B 93 2.38 -3.63 -2.52
C MET B 93 1.51 -4.84 -2.33
N PHE B 94 0.23 -4.61 -2.30
CA PHE B 94 -0.72 -5.69 -2.26
C PHE B 94 -0.68 -6.49 -3.55
N SER B 95 -0.65 -5.77 -4.67
CA SER B 95 -0.61 -6.39 -5.99
C SER B 95 0.62 -7.26 -6.16
N ASN B 96 1.81 -6.65 -6.02
CA ASN B 96 3.07 -7.39 -6.18
C ASN B 96 3.11 -8.55 -5.20
N CYS B 97 2.39 -8.44 -4.10
CA CYS B 97 2.34 -9.53 -3.16
C CYS B 97 1.60 -10.72 -3.76
N TYR B 98 0.29 -10.65 -3.98
CA TYR B 98 -0.44 -11.80 -4.51
C TYR B 98 0.03 -12.14 -5.92
N LYS B 99 0.67 -11.18 -6.55
CA LYS B 99 1.32 -11.36 -7.84
C LYS B 99 2.37 -12.46 -7.74
N TYR B 100 3.23 -12.30 -6.75
CA TYR B 100 4.29 -13.26 -6.45
C TYR B 100 3.70 -14.46 -5.70
N ASN B 101 2.83 -14.17 -4.77
CA ASN B 101 2.41 -15.14 -3.78
C ASN B 101 1.07 -15.79 -4.10
N PRO B 102 1.00 -17.10 -3.92
CA PRO B 102 -0.26 -17.85 -3.88
C PRO B 102 -1.07 -17.48 -2.64
N PRO B 103 -2.40 -17.58 -2.70
CA PRO B 103 -3.27 -17.16 -1.60
C PRO B 103 -3.22 -18.09 -0.38
N ASP B 104 -2.41 -19.12 -0.46
CA ASP B 104 -2.19 -19.99 0.67
C ASP B 104 -0.92 -19.58 1.40
N HIS B 105 -0.38 -18.43 0.98
CA HIS B 105 0.89 -17.96 1.48
C HIS B 105 0.73 -17.13 2.76
N GLU B 106 1.81 -17.03 3.49
CA GLU B 106 1.97 -16.09 4.56
C GLU B 106 1.90 -14.62 4.07
N VAL B 107 2.69 -14.24 3.07
CA VAL B 107 2.73 -12.84 2.64
C VAL B 107 1.36 -12.40 2.23
N VAL B 108 0.65 -13.28 1.56
CA VAL B 108 -0.72 -12.97 1.17
C VAL B 108 -1.64 -12.94 2.38
N ALA B 109 -1.43 -13.88 3.30
CA ALA B 109 -2.08 -13.88 4.60
C ALA B 109 -2.04 -12.48 5.18
N MET B 110 -0.83 -11.96 5.23
CA MET B 110 -0.55 -10.63 5.75
C MET B 110 -1.17 -9.59 4.83
N ALA B 111 -0.93 -9.80 3.54
CA ALA B 111 -1.44 -8.95 2.48
C ALA B 111 -2.95 -8.72 2.59
N ARG B 112 -3.70 -9.79 2.78
CA ARG B 112 -5.16 -9.70 2.80
C ARG B 112 -5.68 -9.04 4.08
N LYS B 113 -4.91 -9.11 5.14
CA LYS B 113 -5.25 -8.41 6.36
C LYS B 113 -5.19 -6.92 6.14
N LEU B 114 -4.12 -6.48 5.51
CA LEU B 114 -3.97 -5.11 5.10
C LEU B 114 -5.01 -4.76 4.08
N GLN B 115 -5.25 -5.69 3.17
CA GLN B 115 -6.28 -5.54 2.15
C GLN B 115 -7.62 -5.20 2.81
N ASP B 116 -7.90 -5.88 3.92
CA ASP B 116 -9.12 -5.63 4.69
C ASP B 116 -9.07 -4.26 5.34
N VAL B 117 -8.04 -4.01 6.15
CA VAL B 117 -7.93 -2.74 6.88
C VAL B 117 -7.74 -1.56 5.94
N PHE B 118 -6.74 -1.58 5.07
CA PHE B 118 -6.53 -0.50 4.12
C PHE B 118 -7.81 -0.17 3.36
N GLU B 119 -8.48 -1.17 2.81
CA GLU B 119 -9.66 -0.93 1.99
C GLU B 119 -10.80 -0.37 2.84
N MET B 120 -10.92 -0.87 4.06
CA MET B 120 -11.90 -0.34 5.00
C MET B 120 -11.56 1.11 5.32
N ARG B 121 -10.27 1.34 5.57
CA ARG B 121 -9.77 2.67 5.84
C ARG B 121 -10.02 3.56 4.64
N PHE B 122 -9.79 2.99 3.46
CA PHE B 122 -9.85 3.74 2.24
C PHE B 122 -11.29 4.06 1.87
N ALA B 123 -12.21 3.20 2.32
CA ALA B 123 -13.63 3.43 2.14
C ALA B 123 -14.07 4.71 2.85
N LYS B 124 -13.27 5.11 3.84
CA LYS B 124 -13.55 6.33 4.59
C LYS B 124 -12.82 7.54 3.97
N MET B 125 -12.36 7.37 2.73
CA MET B 125 -11.66 8.44 2.03
C MET B 125 -12.62 9.25 1.16
N PRO B 126 -12.50 10.57 1.20
CA PRO B 126 -13.33 11.48 0.40
C PRO B 126 -13.00 11.39 -1.08
N ASP B 127 -13.58 12.28 -1.87
CA ASP B 127 -13.24 12.45 -3.28
C ASP B 127 -13.82 13.74 -3.83
N GLU B 128 -14.44 14.45 -2.94
CA GLU B 128 -15.13 15.68 -3.29
C GLU B 128 -14.15 16.85 -3.45
N SER A 1 0.26 -16.40 -11.48
CA SER A 1 0.09 -17.85 -11.26
C SER A 1 1.44 -18.59 -11.17
N PRO A 2 2.35 -18.42 -12.17
CA PRO A 2 3.63 -19.11 -12.18
C PRO A 2 4.75 -18.21 -11.64
N ALA A 3 4.57 -17.74 -10.41
CA ALA A 3 5.51 -16.82 -9.81
C ALA A 3 6.62 -17.57 -9.09
N GLN A 4 6.35 -18.01 -7.86
CA GLN A 4 7.34 -18.68 -7.02
C GLN A 4 6.81 -18.80 -5.60
N GLY A 5 5.70 -18.14 -5.33
CA GLY A 5 5.17 -18.09 -3.99
C GLY A 5 5.80 -16.94 -3.23
OH ALY A 6 4.95 -9.01 -2.39
CH ALY A 6 5.22 -9.24 -1.21
CH3 ALY A 6 4.72 -8.27 -0.13
NZ ALY A 6 5.91 -10.30 -0.84
CE ALY A 6 6.43 -11.31 -1.77
CD ALY A 6 6.29 -12.71 -1.22
CG ALY A 6 7.00 -13.74 -2.09
CB ALY A 6 7.18 -15.06 -1.34
CA ALY A 6 7.92 -16.17 -2.16
N ALY A 6 7.05 -17.13 -2.84
C ALY A 6 8.81 -16.99 -1.23
O ALY A 6 10.01 -16.80 -1.15
HH31 ALY A 6 4.24 -7.42 -0.60
HH32 ALY A 6 3.99 -8.78 0.51
HH33 ALY A 6 5.55 -7.94 0.47
HZ ALY A 6 6.09 -10.43 0.10
HE3 ALY A 6 5.88 -11.24 -2.70
HE2 ALY A 6 7.48 -11.12 -1.96
HD3 ALY A 6 6.66 -12.75 -0.20
HD2 ALY A 6 5.24 -12.97 -1.20
HG3 ALY A 6 6.40 -13.92 -2.97
HG2 ALY A 6 7.98 -13.35 -2.38
HB3 ALY A 6 7.72 -14.84 -0.43
HB2 ALY A 6 6.20 -15.42 -1.06
HA ALY A 6 8.54 -15.67 -2.92
H ALY A 6 7.44 -18.01 -3.05
N ARG A 7 8.19 -17.97 -0.57
CA ARG A 7 8.80 -18.66 0.55
C ARG A 7 9.15 -17.64 1.65
N GLY A 8 8.65 -16.43 1.44
CA GLY A 8 8.96 -15.34 2.31
C GLY A 8 8.08 -15.32 3.52
OH ALY A 9 7.71 -8.49 1.77
CH ALY A 9 8.41 -8.86 2.71
CH3 ALY A 9 9.61 -8.06 3.14
NZ ALY A 9 8.19 -9.95 3.38
CE ALY A 9 7.10 -10.85 3.16
CD ALY A 9 6.92 -11.63 4.42
CG ALY A 9 6.34 -12.96 4.15
CB ALY A 9 6.38 -13.83 5.37
CA ALY A 9 7.78 -14.32 5.75
N ALY A 9 8.57 -14.65 4.55
C ALY A 9 7.62 -15.51 6.67
O ALY A 9 7.69 -16.67 6.25
HH31 ALY A 9 9.30 -7.12 3.55
HH32 ALY A 9 10.13 -8.63 3.91
HH33 ALY A 9 10.28 -7.90 2.30
HZ ALY A 9 8.81 -10.16 4.11
HE3 ALY A 9 6.21 -10.29 2.96
HE2 ALY A 9 7.32 -11.53 2.31
HD3 ALY A 9 7.88 -11.76 4.91
HD2 ALY A 9 6.25 -11.09 5.06
HG3 ALY A 9 5.34 -12.84 3.83
HG2 ALY A 9 6.91 -13.43 3.36
HB3 ALY A 9 5.97 -13.29 6.20
HB2 ALY A 9 5.77 -14.69 5.18
HA ALY A 9 8.29 -13.53 6.28
H ALY A 9 9.51 -14.37 4.54
N LYS A 10 7.41 -15.20 7.93
CA LYS A 10 6.94 -16.17 8.89
C LYS A 10 6.40 -15.39 10.09
N SER A 11 5.77 -14.27 9.78
CA SER A 11 5.20 -13.34 10.75
C SER A 11 6.19 -13.03 11.86
N ALA A 12 7.44 -12.78 11.46
CA ALA A 12 8.49 -12.43 12.39
C ALA A 12 9.39 -11.36 11.79
N LYS B 1 -18.66 18.48 6.24
CA LYS B 1 -17.99 19.72 6.70
C LYS B 1 -18.40 20.91 5.85
N ASP B 2 -18.73 20.66 4.59
CA ASP B 2 -19.14 21.74 3.69
C ASP B 2 -20.60 21.55 3.29
N VAL B 3 -21.45 22.48 3.72
CA VAL B 3 -22.87 22.39 3.42
C VAL B 3 -23.14 22.83 2.00
N PRO B 4 -23.88 22.00 1.25
CA PRO B 4 -24.22 22.26 -0.14
C PRO B 4 -25.27 23.36 -0.29
N ASP B 5 -24.84 24.60 -0.17
CA ASP B 5 -25.74 25.75 -0.26
C ASP B 5 -25.50 26.55 -1.52
N SER B 6 -24.29 27.02 -1.71
CA SER B 6 -23.97 27.89 -2.83
C SER B 6 -23.52 27.07 -4.04
N GLN B 7 -22.42 26.34 -3.89
CA GLN B 7 -21.86 25.60 -5.00
C GLN B 7 -20.96 24.47 -4.51
N GLN B 8 -21.12 23.30 -5.10
CA GLN B 8 -20.26 22.16 -4.80
C GLN B 8 -18.92 22.35 -5.50
N HIS B 9 -18.01 23.01 -4.80
CA HIS B 9 -16.75 23.43 -5.39
C HIS B 9 -15.63 22.44 -5.07
N PRO B 10 -14.88 22.06 -6.10
CA PRO B 10 -13.67 21.24 -5.97
C PRO B 10 -12.56 21.92 -5.18
N ALA B 11 -11.37 21.37 -5.27
CA ALA B 11 -10.21 21.90 -4.55
C ALA B 11 -10.00 23.39 -4.77
N PRO B 12 -9.67 24.09 -3.69
CA PRO B 12 -9.40 25.52 -3.69
C PRO B 12 -7.92 25.84 -3.87
N GLU B 13 -7.27 26.36 -2.82
CA GLU B 13 -5.84 26.66 -2.86
C GLU B 13 -5.04 25.41 -3.21
N LYS B 14 -5.28 24.36 -2.45
CA LYS B 14 -4.63 23.09 -2.70
C LYS B 14 -5.62 21.94 -2.57
N SER B 15 -6.10 21.71 -1.35
CA SER B 15 -6.79 20.47 -1.08
C SER B 15 -8.30 20.62 -0.88
N SER B 16 -8.70 20.90 0.37
CA SER B 16 -10.09 20.72 0.86
C SER B 16 -10.48 19.23 0.80
N LYS B 17 -10.01 18.55 -0.24
CA LYS B 17 -10.14 17.12 -0.38
C LYS B 17 -8.79 16.43 -0.29
N VAL B 18 -7.84 17.00 -1.00
CA VAL B 18 -6.67 16.29 -1.49
C VAL B 18 -5.66 15.95 -0.40
N SER B 19 -5.02 16.97 0.12
CA SER B 19 -4.10 16.78 1.22
C SER B 19 -4.83 16.27 2.46
N GLU B 20 -6.14 16.49 2.48
CA GLU B 20 -7.01 15.93 3.51
C GLU B 20 -7.07 14.42 3.32
N GLN B 21 -7.05 14.03 2.05
CA GLN B 21 -7.03 12.64 1.66
C GLN B 21 -5.80 12.00 2.29
N LEU B 22 -4.69 12.70 2.21
CA LEU B 22 -3.46 12.16 2.71
C LEU B 22 -3.40 12.13 4.21
N LYS B 23 -3.93 13.15 4.86
CA LYS B 23 -3.98 13.15 6.30
C LYS B 23 -4.73 11.93 6.80
N CYS B 24 -5.76 11.62 6.05
CA CYS B 24 -6.59 10.46 6.29
C CYS B 24 -5.80 9.21 5.94
N CYS B 25 -5.32 9.19 4.70
CA CYS B 25 -4.62 8.05 4.15
C CYS B 25 -3.33 7.74 4.87
N SER B 26 -2.67 8.75 5.38
CA SER B 26 -1.48 8.49 6.15
C SER B 26 -1.85 7.72 7.38
N GLY B 27 -2.82 8.22 8.13
CA GLY B 27 -3.34 7.50 9.28
C GLY B 27 -3.78 6.10 8.91
N ILE B 28 -4.17 5.93 7.65
CA ILE B 28 -4.49 4.64 7.09
C ILE B 28 -3.27 3.71 7.01
N LEU B 29 -2.26 4.09 6.23
CA LEU B 29 -1.00 3.34 6.19
C LEU B 29 -0.41 3.21 7.56
N LYS B 30 -0.16 4.37 8.13
CA LYS B 30 0.28 4.49 9.51
C LYS B 30 -0.48 3.54 10.45
N GLU B 31 -1.75 3.27 10.12
CA GLU B 31 -2.53 2.28 10.86
C GLU B 31 -2.10 0.87 10.50
N MET B 32 -2.03 0.52 9.23
CA MET B 32 -1.48 -0.79 8.87
C MET B 32 -0.04 -0.89 9.42
N PHE B 33 0.59 0.27 9.56
CA PHE B 33 1.88 0.42 10.21
C PHE B 33 1.77 0.24 11.73
N ALA B 34 0.55 0.37 12.24
CA ALA B 34 0.28 0.25 13.67
C ALA B 34 0.79 -1.08 14.19
N LYS B 35 1.20 -1.10 15.45
CA LYS B 35 1.61 -2.34 16.11
C LYS B 35 0.47 -3.35 16.03
N LYS B 36 -0.72 -2.82 15.86
CA LYS B 36 -1.91 -3.59 15.58
C LYS B 36 -1.73 -4.41 14.28
N HIS B 37 -1.26 -3.77 13.19
CA HIS B 37 -1.11 -4.47 11.91
C HIS B 37 0.33 -4.83 11.67
N ALA B 38 1.23 -4.46 12.57
CA ALA B 38 2.63 -4.81 12.44
C ALA B 38 2.86 -6.28 12.70
N ALA B 39 1.78 -6.97 12.97
CA ALA B 39 1.81 -8.39 13.05
C ALA B 39 1.89 -8.96 11.64
N TYR B 40 1.46 -8.15 10.66
CA TYR B 40 1.30 -8.64 9.31
C TYR B 40 1.51 -7.59 8.22
N ALA B 41 1.62 -6.35 8.58
CA ALA B 41 1.86 -5.31 7.61
C ALA B 41 3.31 -4.95 7.62
N TRP B 42 3.96 -5.37 8.68
CA TRP B 42 5.35 -5.13 8.87
C TRP B 42 6.20 -5.52 7.63
N PRO B 43 5.89 -6.62 6.85
CA PRO B 43 6.69 -6.96 5.66
C PRO B 43 6.30 -6.09 4.50
N PHE B 44 5.37 -5.21 4.77
CA PHE B 44 4.92 -4.27 3.79
C PHE B 44 5.52 -2.91 4.07
N TYR B 45 5.76 -2.53 5.36
CA TYR B 45 6.44 -1.25 5.64
C TYR B 45 7.66 -1.21 4.79
N LYS B 46 8.37 -2.28 4.82
CA LYS B 46 9.56 -2.41 4.06
C LYS B 46 9.34 -3.33 2.88
N PRO B 47 10.26 -3.28 1.94
CA PRO B 47 10.15 -3.94 0.63
C PRO B 47 10.29 -5.45 0.72
N VAL B 48 9.54 -6.14 -0.14
CA VAL B 48 9.64 -7.61 -0.29
C VAL B 48 11.10 -8.01 -0.31
N ASP B 49 11.48 -8.74 0.72
CA ASP B 49 12.88 -9.00 0.97
C ASP B 49 13.31 -10.26 0.25
N VAL B 50 13.83 -10.03 -0.92
CA VAL B 50 14.17 -11.08 -1.86
C VAL B 50 15.29 -11.96 -1.35
N GLU B 51 15.94 -11.50 -0.30
CA GLU B 51 16.98 -12.26 0.36
C GLU B 51 16.37 -13.04 1.50
N ALA B 52 15.76 -12.30 2.40
CA ALA B 52 15.11 -12.81 3.59
C ALA B 52 14.10 -13.86 3.24
N LEU B 53 13.22 -13.48 2.35
CA LEU B 53 12.13 -14.32 1.93
C LEU B 53 12.66 -15.52 1.15
N GLY B 54 13.82 -15.30 0.52
CA GLY B 54 14.43 -16.31 -0.31
C GLY B 54 13.85 -16.32 -1.70
N LEU B 55 13.52 -15.13 -2.16
CA LEU B 55 12.91 -14.95 -3.47
C LEU B 55 13.94 -15.13 -4.57
N HIS B 56 13.65 -15.97 -5.55
CA HIS B 56 14.58 -16.16 -6.67
C HIS B 56 13.92 -15.85 -8.00
N ASP B 57 12.63 -15.57 -7.98
CA ASP B 57 11.91 -15.22 -9.19
C ASP B 57 11.28 -13.84 -9.05
N TYR B 58 11.54 -13.23 -7.90
CA TYR B 58 11.03 -11.91 -7.53
C TYR B 58 10.97 -10.92 -8.68
N CYS B 59 12.13 -10.62 -9.27
CA CYS B 59 12.21 -9.54 -10.25
C CYS B 59 11.47 -9.92 -11.53
N ASP B 60 11.12 -11.18 -11.66
CA ASP B 60 10.28 -11.65 -12.75
C ASP B 60 8.85 -11.34 -12.45
N ILE B 61 8.48 -11.71 -11.25
CA ILE B 61 7.18 -11.44 -10.73
C ILE B 61 6.94 -9.95 -10.63
N ILE B 62 7.72 -9.39 -9.76
CA ILE B 62 7.51 -8.09 -9.23
C ILE B 62 8.03 -7.03 -10.17
N LYS B 63 7.12 -6.20 -10.62
CA LYS B 63 7.44 -5.15 -11.55
C LYS B 63 7.50 -3.82 -10.81
N HIS B 64 6.73 -3.72 -9.75
CA HIS B 64 6.65 -2.50 -8.96
C HIS B 64 6.22 -2.82 -7.57
N PRO B 65 7.17 -3.31 -6.83
CA PRO B 65 7.00 -3.67 -5.44
C PRO B 65 6.92 -2.44 -4.58
N MET B 66 5.81 -2.31 -3.90
CA MET B 66 5.60 -1.17 -3.05
C MET B 66 5.83 -1.58 -1.62
N ASP B 67 6.13 -0.62 -0.81
CA ASP B 67 6.31 -0.84 0.59
C ASP B 67 5.63 0.28 1.35
N MET B 68 4.84 -0.13 2.34
CA MET B 68 4.09 0.75 3.23
C MET B 68 4.93 1.94 3.68
N SER B 69 6.24 1.78 3.67
CA SER B 69 7.12 2.84 4.15
C SER B 69 7.36 3.90 3.07
N THR B 70 7.47 3.50 1.80
CA THR B 70 7.61 4.51 0.72
C THR B 70 6.33 5.26 0.54
N ILE B 71 5.24 4.54 0.32
CA ILE B 71 3.95 5.13 0.14
C ILE B 71 3.67 6.10 1.27
N LYS B 72 4.07 5.73 2.45
CA LYS B 72 4.02 6.59 3.58
C LYS B 72 5.00 7.73 3.43
N SER B 73 6.22 7.38 3.13
CA SER B 73 7.31 8.33 2.88
C SER B 73 6.85 9.37 1.88
N LYS B 74 6.02 8.94 0.95
CA LYS B 74 5.52 9.81 -0.08
C LYS B 74 4.39 10.66 0.48
N LEU B 75 3.55 10.07 1.33
CA LEU B 75 2.67 10.83 2.19
C LEU B 75 3.46 11.90 2.89
N GLU B 76 4.53 11.46 3.53
CA GLU B 76 5.42 12.30 4.27
C GLU B 76 6.14 13.26 3.33
N ALA B 77 6.13 12.89 2.06
CA ALA B 77 6.74 13.68 1.00
C ALA B 77 5.74 14.61 0.37
N ARG B 78 4.46 14.33 0.62
CA ARG B 78 3.36 15.03 -0.03
C ARG B 78 3.45 14.84 -1.53
N GLU B 79 4.25 13.83 -1.88
CA GLU B 79 4.37 13.32 -3.23
C GLU B 79 3.06 12.75 -3.65
N TYR B 80 2.37 12.21 -2.66
CA TYR B 80 0.99 11.84 -2.83
C TYR B 80 0.20 13.07 -2.63
N ARG B 81 -0.34 13.55 -3.73
CA ARG B 81 -1.10 14.78 -3.70
C ARG B 81 -2.38 14.51 -2.96
N ASP B 82 -2.84 13.27 -3.13
CA ASP B 82 -4.04 12.79 -2.47
C ASP B 82 -3.88 11.32 -2.21
N ALA B 83 -4.86 10.81 -1.53
CA ALA B 83 -4.82 9.51 -0.96
C ALA B 83 -4.92 8.43 -2.01
N GLN B 84 -5.25 8.83 -3.21
CA GLN B 84 -5.38 7.87 -4.27
C GLN B 84 -4.03 7.61 -4.93
N GLU B 85 -3.05 8.51 -4.72
CA GLU B 85 -1.66 8.15 -4.95
C GLU B 85 -1.30 7.13 -3.89
N PHE B 86 -1.78 7.43 -2.69
CA PHE B 86 -1.52 6.62 -1.53
C PHE B 86 -1.93 5.17 -1.77
N GLY B 87 -3.21 4.97 -1.92
CA GLY B 87 -3.73 3.64 -2.07
C GLY B 87 -3.38 3.03 -3.39
N ALA B 88 -2.93 3.86 -4.31
CA ALA B 88 -2.39 3.39 -5.55
C ALA B 88 -1.20 2.50 -5.27
N ASP B 89 -0.44 2.90 -4.28
CA ASP B 89 0.75 2.20 -3.88
C ASP B 89 0.46 1.13 -2.82
N VAL B 90 -0.52 1.34 -1.96
CA VAL B 90 -1.01 0.24 -1.15
C VAL B 90 -1.42 -0.91 -2.05
N ARG B 91 -2.25 -0.60 -3.04
CA ARG B 91 -2.66 -1.58 -4.05
C ARG B 91 -1.44 -2.18 -4.73
N LEU B 92 -0.40 -1.37 -4.92
CA LEU B 92 0.87 -1.86 -5.44
C LEU B 92 1.39 -3.02 -4.60
N MET B 93 1.77 -2.73 -3.37
CA MET B 93 2.41 -3.71 -2.51
C MET B 93 1.51 -4.92 -2.34
N PHE B 94 0.23 -4.66 -2.34
CA PHE B 94 -0.76 -5.71 -2.29
C PHE B 94 -0.77 -6.56 -3.56
N SER B 95 -0.91 -5.91 -4.72
CA SER B 95 -1.02 -6.62 -5.99
C SER B 95 0.25 -7.40 -6.32
N ASN B 96 1.41 -6.77 -6.12
CA ASN B 96 2.69 -7.45 -6.31
C ASN B 96 2.79 -8.62 -5.36
N CYS B 97 2.17 -8.49 -4.20
CA CYS B 97 2.15 -9.58 -3.25
C CYS B 97 1.38 -10.76 -3.83
N TYR B 98 0.07 -10.61 -4.09
CA TYR B 98 -0.70 -11.76 -4.56
C TYR B 98 -0.30 -12.15 -5.99
N LYS B 99 0.47 -11.30 -6.65
CA LYS B 99 1.08 -11.65 -7.91
C LYS B 99 2.10 -12.75 -7.68
N TYR B 100 3.05 -12.43 -6.81
CA TYR B 100 4.13 -13.33 -6.49
C TYR B 100 3.58 -14.54 -5.74
N ASN B 101 2.72 -14.26 -4.79
CA ASN B 101 2.27 -15.26 -3.86
C ASN B 101 0.96 -15.91 -4.29
N PRO B 102 0.81 -17.20 -3.97
CA PRO B 102 -0.49 -17.86 -3.90
C PRO B 102 -1.26 -17.32 -2.70
N PRO B 103 -2.59 -17.26 -2.76
CA PRO B 103 -3.37 -16.70 -1.65
C PRO B 103 -3.42 -17.61 -0.43
N ASP B 104 -2.71 -18.72 -0.50
CA ASP B 104 -2.52 -19.58 0.65
C ASP B 104 -1.14 -19.34 1.25
N HIS B 105 -0.48 -18.30 0.78
CA HIS B 105 0.85 -17.93 1.26
C HIS B 105 0.75 -17.17 2.58
N GLU B 106 1.86 -17.15 3.29
CA GLU B 106 2.02 -16.28 4.43
C GLU B 106 2.05 -14.78 4.04
N VAL B 107 2.82 -14.38 3.01
CA VAL B 107 2.89 -12.96 2.65
C VAL B 107 1.52 -12.46 2.31
N VAL B 108 0.77 -13.27 1.57
CA VAL B 108 -0.58 -12.91 1.24
C VAL B 108 -1.48 -12.89 2.46
N ALA B 109 -1.30 -13.86 3.34
CA ALA B 109 -1.95 -13.88 4.64
C ALA B 109 -1.93 -12.49 5.25
N MET B 110 -0.72 -11.96 5.30
CA MET B 110 -0.46 -10.64 5.82
C MET B 110 -1.06 -9.58 4.91
N ALA B 111 -0.84 -9.80 3.61
CA ALA B 111 -1.37 -8.95 2.56
C ALA B 111 -2.88 -8.69 2.68
N ARG B 112 -3.66 -9.76 2.75
CA ARG B 112 -5.12 -9.67 2.74
C ARG B 112 -5.63 -8.97 3.99
N LYS B 113 -4.92 -9.14 5.09
CA LYS B 113 -5.21 -8.43 6.30
C LYS B 113 -5.17 -6.93 6.08
N LEU B 114 -4.12 -6.49 5.41
CA LEU B 114 -3.98 -5.12 5.02
C LEU B 114 -5.02 -4.75 4.00
N GLN B 115 -5.26 -5.67 3.08
CA GLN B 115 -6.27 -5.50 2.06
C GLN B 115 -7.61 -5.16 2.72
N ASP B 116 -7.88 -5.79 3.86
CA ASP B 116 -9.09 -5.51 4.61
C ASP B 116 -9.00 -4.16 5.31
N VAL B 117 -7.97 -3.94 6.12
CA VAL B 117 -7.84 -2.69 6.84
C VAL B 117 -7.67 -1.50 5.90
N PHE B 118 -6.66 -1.52 5.03
CA PHE B 118 -6.49 -0.47 4.03
C PHE B 118 -7.79 -0.15 3.31
N GLU B 119 -8.46 -1.15 2.76
CA GLU B 119 -9.64 -0.90 1.94
C GLU B 119 -10.80 -0.36 2.79
N MET B 120 -10.92 -0.86 4.02
CA MET B 120 -11.89 -0.32 4.97
C MET B 120 -11.51 1.13 5.26
N ARG B 121 -10.22 1.34 5.51
CA ARG B 121 -9.71 2.67 5.76
C ARG B 121 -9.95 3.57 4.56
N PHE B 122 -9.73 3.02 3.38
CA PHE B 122 -9.81 3.81 2.16
C PHE B 122 -11.25 4.17 1.85
N ALA B 123 -12.17 3.38 2.36
CA ALA B 123 -13.59 3.68 2.24
C ALA B 123 -13.94 4.92 3.06
N LYS B 124 -13.06 5.26 4.01
CA LYS B 124 -13.23 6.46 4.82
C LYS B 124 -12.52 7.65 4.15
N MET B 125 -12.13 7.47 2.89
CA MET B 125 -11.45 8.52 2.15
C MET B 125 -12.43 9.33 1.33
N PRO B 126 -12.49 10.63 1.60
CA PRO B 126 -13.39 11.55 0.93
C PRO B 126 -12.86 12.06 -0.37
N ASP B 127 -13.77 12.46 -1.20
CA ASP B 127 -13.43 13.04 -2.48
C ASP B 127 -13.83 14.50 -2.46
N GLU B 128 -14.33 14.88 -1.31
CA GLU B 128 -14.83 16.21 -1.10
C GLU B 128 -14.22 16.83 0.14
N SER A 1 6.45 -16.01 -15.99
CA SER A 1 7.38 -16.41 -14.92
C SER A 1 6.61 -17.02 -13.75
N PRO A 2 6.86 -18.30 -13.43
CA PRO A 2 6.24 -18.98 -12.30
C PRO A 2 6.66 -18.35 -10.98
N ALA A 3 5.73 -17.67 -10.32
CA ALA A 3 6.02 -17.02 -9.05
C ALA A 3 6.31 -18.05 -7.96
N GLN A 4 7.45 -17.87 -7.30
CA GLN A 4 7.94 -18.82 -6.30
C GLN A 4 7.08 -18.78 -5.02
N GLY A 5 6.06 -17.95 -5.04
CA GLY A 5 5.26 -17.72 -3.87
C GLY A 5 5.92 -16.70 -2.98
OH ALY A 6 5.39 -9.38 -1.97
CH ALY A 6 5.67 -9.35 -0.77
CH3 ALY A 6 5.01 -8.30 0.14
NZ ALY A 6 6.54 -10.20 -0.24
CE ALY A 6 7.24 -11.24 -0.99
CD ALY A 6 6.66 -12.60 -0.71
CG ALY A 6 7.25 -13.67 -1.64
CB ALY A 6 7.31 -15.01 -0.93
CA ALY A 6 8.02 -16.14 -1.73
N ALY A 6 7.11 -17.04 -2.48
C ALY A 6 8.81 -17.02 -0.77
O ALY A 6 10.03 -16.93 -0.67
HH31 ALY A 6 4.77 -7.43 -0.44
HH32 ALY A 6 4.11 -8.72 0.57
HH33 ALY A 6 5.70 -8.04 0.93
HZ ALY A 6 6.74 -10.11 0.71
HE3 ALY A 6 7.18 -11.05 -2.03
HE2 ALY A 6 8.28 -11.25 -0.69
HD3 ALY A 6 6.84 -12.87 0.34
HD2 ALY A 6 5.60 -12.56 -0.87
HG3 ALY A 6 6.62 -13.76 -2.50
HG2 ALY A 6 8.25 -13.36 -1.96
HB3 ALY A 6 7.84 -14.84 0.01
HB2 ALY A 6 6.31 -15.31 -0.70
HA ALY A 6 8.70 -15.69 -2.47
H ALY A 6 7.41 -17.96 -2.65
N ARG A 7 8.10 -17.94 -0.11
CA ARG A 7 8.64 -18.65 1.06
C ARG A 7 9.11 -17.62 2.08
N GLY A 8 8.51 -16.44 1.99
CA GLY A 8 8.89 -15.33 2.80
C GLY A 8 8.01 -15.19 4.01
OH ALY A 9 8.74 -8.78 2.60
CH ALY A 9 8.89 -9.45 3.62
CH3 ALY A 9 10.10 -9.18 4.52
NZ ALY A 9 8.06 -10.39 3.96
CE ALY A 9 6.87 -10.75 3.20
CD ALY A 9 5.89 -11.49 4.07
CG ALY A 9 6.39 -12.85 4.39
CB ALY A 9 6.62 -13.08 5.87
CA ALY A 9 7.78 -14.03 6.21
N ALY A 9 8.53 -14.47 5.02
C ALY A 9 7.27 -15.16 7.07
O ALY A 9 7.09 -16.31 6.62
HH31 ALY A 9 10.21 -8.12 4.67
HH32 ALY A 9 9.93 -9.66 5.47
HH33 ALY A 9 10.98 -9.58 4.06
HZ ALY A 9 8.23 -10.90 4.78
HE3 ALY A 9 6.40 -9.85 2.82
HE2 ALY A 9 7.15 -11.40 2.37
HD3 ALY A 9 5.76 -10.94 4.97
HD2 ALY A 9 4.95 -11.58 3.56
HG3 ALY A 9 5.69 -13.57 4.07
HG2 ALY A 9 7.31 -13.00 3.86
HB3 ALY A 9 6.79 -12.12 6.35
HB2 ALY A 9 5.70 -13.52 6.27
HA ALY A 9 8.48 -13.47 6.82
H ALY A 9 9.48 -14.25 4.98
N LYS A 10 7.06 -14.83 8.33
CA LYS A 10 6.39 -15.69 9.26
C LYS A 10 5.75 -14.81 10.33
N SER A 11 4.44 -14.77 10.33
CA SER A 11 3.69 -13.93 11.26
C SER A 11 3.75 -14.49 12.68
N ALA A 12 4.96 -14.54 13.23
CA ALA A 12 5.19 -15.03 14.57
C ALA A 12 6.41 -14.34 15.17
N LYS B 1 -17.93 13.21 -29.60
CA LYS B 1 -17.38 12.53 -28.42
C LYS B 1 -16.81 13.55 -27.43
N ASP B 2 -17.40 14.73 -27.38
CA ASP B 2 -16.94 15.77 -26.49
C ASP B 2 -17.70 15.74 -25.18
N VAL B 3 -17.64 14.60 -24.51
CA VAL B 3 -18.29 14.43 -23.22
C VAL B 3 -17.40 15.02 -22.13
N PRO B 4 -17.99 15.82 -21.24
CA PRO B 4 -17.26 16.58 -20.22
C PRO B 4 -16.38 15.71 -19.35
N ASP B 5 -15.08 15.81 -19.56
CA ASP B 5 -14.11 15.05 -18.79
C ASP B 5 -13.80 15.77 -17.48
N SER B 6 -13.90 17.08 -17.50
CA SER B 6 -13.61 17.90 -16.34
C SER B 6 -14.89 18.47 -15.74
N GLN B 7 -15.69 17.61 -15.14
CA GLN B 7 -16.92 18.04 -14.50
C GLN B 7 -16.65 18.49 -13.08
N GLN B 8 -15.64 17.89 -12.46
CA GLN B 8 -15.27 18.21 -11.09
C GLN B 8 -14.56 19.55 -11.04
N HIS B 9 -14.66 20.21 -9.90
CA HIS B 9 -14.04 21.51 -9.70
C HIS B 9 -12.65 21.36 -9.11
N PRO B 10 -11.72 22.19 -9.60
CA PRO B 10 -10.37 22.31 -9.05
C PRO B 10 -10.42 22.76 -7.59
N ALA B 11 -9.38 22.45 -6.84
CA ALA B 11 -9.32 22.80 -5.44
C ALA B 11 -8.98 24.25 -5.23
N PRO B 12 -9.49 24.80 -4.13
CA PRO B 12 -9.29 26.18 -3.74
C PRO B 12 -7.82 26.58 -3.69
N GLU B 13 -7.15 26.19 -2.62
CA GLU B 13 -5.74 26.51 -2.43
C GLU B 13 -4.85 25.31 -2.76
N LYS B 14 -5.34 24.13 -2.43
CA LYS B 14 -4.60 22.89 -2.66
C LYS B 14 -5.55 21.71 -2.54
N SER B 15 -6.22 21.61 -1.39
CA SER B 15 -6.96 20.41 -1.11
C SER B 15 -8.46 20.62 -0.95
N SER B 16 -8.90 20.79 0.30
CA SER B 16 -10.32 20.67 0.68
C SER B 16 -10.75 19.19 0.58
N LYS B 17 -10.23 18.51 -0.43
CA LYS B 17 -10.34 17.07 -0.56
C LYS B 17 -8.98 16.39 -0.41
N VAL B 18 -8.00 16.95 -1.06
CA VAL B 18 -6.81 16.24 -1.51
C VAL B 18 -5.81 15.93 -0.40
N SER B 19 -5.17 16.96 0.11
CA SER B 19 -4.27 16.79 1.23
C SER B 19 -5.06 16.31 2.46
N GLU B 20 -6.37 16.51 2.44
CA GLU B 20 -7.27 15.94 3.43
C GLU B 20 -7.26 14.43 3.28
N GLN B 21 -7.17 14.01 2.02
CA GLN B 21 -7.09 12.62 1.68
C GLN B 21 -5.85 12.04 2.27
N LEU B 22 -4.79 12.82 2.30
CA LEU B 22 -3.54 12.29 2.76
C LEU B 22 -3.42 12.25 4.26
N LYS B 23 -4.07 13.14 4.96
CA LYS B 23 -4.06 13.04 6.39
C LYS B 23 -4.74 11.75 6.81
N CYS B 24 -5.70 11.38 5.99
CA CYS B 24 -6.41 10.13 6.11
C CYS B 24 -5.54 9.01 5.60
N CYS B 25 -5.14 9.11 4.33
CA CYS B 25 -4.30 8.12 3.68
C CYS B 25 -3.17 7.71 4.60
N SER B 26 -2.56 8.70 5.23
CA SER B 26 -1.43 8.44 6.08
C SER B 26 -1.85 7.63 7.29
N GLY B 27 -2.79 8.14 8.08
CA GLY B 27 -3.30 7.41 9.24
C GLY B 27 -3.74 6.01 8.86
N ILE B 28 -4.17 5.87 7.62
CA ILE B 28 -4.50 4.60 7.03
C ILE B 28 -3.29 3.67 6.92
N LEU B 29 -2.27 4.07 6.17
CA LEU B 29 -1.02 3.33 6.09
C LEU B 29 -0.43 3.14 7.45
N LYS B 30 -0.19 4.29 8.05
CA LYS B 30 0.23 4.40 9.45
C LYS B 30 -0.51 3.41 10.36
N GLU B 31 -1.75 3.07 10.01
CA GLU B 31 -2.48 2.06 10.74
C GLU B 31 -2.04 0.65 10.34
N MET B 32 -1.84 0.35 9.06
CA MET B 32 -1.22 -0.93 8.72
C MET B 32 0.14 -0.98 9.41
N PHE B 33 0.72 0.19 9.56
CA PHE B 33 1.95 0.37 10.30
C PHE B 33 1.72 0.25 11.82
N ALA B 34 0.45 0.24 12.23
CA ALA B 34 0.09 0.15 13.64
C ALA B 34 0.53 -1.17 14.23
N LYS B 35 0.85 -1.16 15.51
CA LYS B 35 1.15 -2.39 16.22
C LYS B 35 -0.01 -3.36 16.04
N LYS B 36 -1.20 -2.77 15.98
CA LYS B 36 -2.42 -3.46 15.62
C LYS B 36 -2.23 -4.31 14.36
N HIS B 37 -1.64 -3.75 13.29
CA HIS B 37 -1.48 -4.50 12.05
C HIS B 37 -0.05 -4.96 11.87
N ALA B 38 0.80 -4.67 12.83
CA ALA B 38 2.21 -5.05 12.75
C ALA B 38 2.39 -6.53 12.98
N ALA B 39 1.30 -7.20 13.21
CA ALA B 39 1.30 -8.64 13.25
C ALA B 39 1.46 -9.17 11.84
N TYR B 40 1.11 -8.32 10.86
CA TYR B 40 1.00 -8.79 9.50
C TYR B 40 1.27 -7.72 8.44
N ALA B 41 1.41 -6.48 8.85
CA ALA B 41 1.69 -5.41 7.90
C ALA B 41 3.14 -5.05 7.98
N TRP B 42 3.75 -5.49 9.06
CA TRP B 42 5.15 -5.27 9.29
C TRP B 42 6.01 -5.65 8.05
N PRO B 43 5.70 -6.73 7.25
CA PRO B 43 6.52 -7.08 6.08
C PRO B 43 6.16 -6.22 4.90
N PHE B 44 5.26 -5.29 5.17
CA PHE B 44 4.84 -4.34 4.17
C PHE B 44 5.35 -2.97 4.51
N TYR B 45 5.59 -2.67 5.82
CA TYR B 45 6.20 -1.37 6.16
C TYR B 45 7.40 -1.22 5.27
N LYS B 46 8.12 -2.29 5.23
CA LYS B 46 9.31 -2.38 4.45
C LYS B 46 9.10 -3.28 3.25
N PRO B 47 10.06 -3.30 2.35
CA PRO B 47 9.95 -3.99 1.07
C PRO B 47 10.07 -5.50 1.21
N VAL B 48 9.47 -6.22 0.26
CA VAL B 48 9.65 -7.66 0.13
C VAL B 48 11.13 -7.99 0.20
N ASP B 49 11.49 -8.72 1.24
CA ASP B 49 12.89 -9.00 1.50
C ASP B 49 13.33 -10.24 0.77
N VAL B 50 13.92 -10.01 -0.38
CA VAL B 50 14.31 -11.05 -1.30
C VAL B 50 15.45 -11.89 -0.74
N GLU B 51 16.05 -11.41 0.32
CA GLU B 51 17.10 -12.12 0.99
C GLU B 51 16.52 -12.95 2.11
N ALA B 52 15.79 -12.26 2.95
CA ALA B 52 15.13 -12.82 4.11
C ALA B 52 14.17 -13.92 3.72
N LEU B 53 13.32 -13.59 2.75
CA LEU B 53 12.27 -14.48 2.32
C LEU B 53 12.86 -15.62 1.49
N GLY B 54 14.06 -15.40 1.00
CA GLY B 54 14.73 -16.36 0.15
C GLY B 54 14.14 -16.37 -1.24
N LEU B 55 13.73 -15.19 -1.66
CA LEU B 55 13.12 -15.02 -2.96
C LEU B 55 14.17 -15.19 -4.05
N HIS B 56 13.87 -15.97 -5.07
CA HIS B 56 14.82 -16.13 -6.17
C HIS B 56 14.15 -15.89 -7.51
N ASP B 57 12.83 -15.72 -7.49
CA ASP B 57 12.08 -15.37 -8.69
C ASP B 57 11.50 -13.98 -8.55
N TYR B 58 11.78 -13.36 -7.41
CA TYR B 58 11.30 -12.02 -7.08
C TYR B 58 11.32 -11.06 -8.24
N CYS B 59 12.49 -10.84 -8.83
CA CYS B 59 12.64 -9.81 -9.86
C CYS B 59 11.94 -10.22 -11.15
N ASP B 60 11.48 -11.47 -11.21
CA ASP B 60 10.66 -11.94 -12.31
C ASP B 60 9.23 -11.58 -12.04
N ILE B 61 8.81 -11.95 -10.86
CA ILE B 61 7.50 -11.62 -10.36
C ILE B 61 7.30 -10.13 -10.30
N ILE B 62 8.10 -9.56 -9.48
CA ILE B 62 7.93 -8.24 -8.97
C ILE B 62 8.54 -7.20 -9.90
N LYS B 63 7.68 -6.50 -10.58
CA LYS B 63 8.11 -5.39 -11.42
C LYS B 63 8.11 -4.12 -10.58
N HIS B 64 7.18 -4.06 -9.64
CA HIS B 64 7.01 -2.91 -8.79
C HIS B 64 6.43 -3.34 -7.47
N PRO B 65 7.34 -3.61 -6.57
CA PRO B 65 7.05 -3.93 -5.21
C PRO B 65 6.84 -2.67 -4.41
N MET B 66 5.69 -2.52 -3.84
CA MET B 66 5.42 -1.35 -3.05
C MET B 66 5.61 -1.69 -1.58
N ASP B 67 6.09 -0.73 -0.84
CA ASP B 67 6.31 -0.92 0.58
C ASP B 67 5.66 0.22 1.32
N MET B 68 4.90 -0.16 2.34
CA MET B 68 4.14 0.73 3.21
C MET B 68 4.97 1.94 3.65
N SER B 69 6.28 1.79 3.64
CA SER B 69 7.15 2.85 4.09
C SER B 69 7.39 3.90 3.01
N THR B 70 7.54 3.51 1.74
CA THR B 70 7.66 4.50 0.67
C THR B 70 6.38 5.26 0.52
N ILE B 71 5.31 4.53 0.25
CA ILE B 71 4.01 5.11 0.11
C ILE B 71 3.72 6.09 1.24
N LYS B 72 4.14 5.70 2.41
CA LYS B 72 4.07 6.55 3.56
C LYS B 72 5.03 7.73 3.45
N SER B 73 6.27 7.40 3.13
CA SER B 73 7.31 8.39 2.93
C SER B 73 6.86 9.43 1.92
N LYS B 74 6.11 8.98 0.92
CA LYS B 74 5.61 9.84 -0.11
C LYS B 74 4.46 10.68 0.43
N LEU B 75 3.64 10.09 1.30
CA LEU B 75 2.73 10.85 2.16
C LEU B 75 3.51 11.92 2.87
N GLU B 76 4.58 11.48 3.53
CA GLU B 76 5.45 12.34 4.30
C GLU B 76 6.24 13.25 3.37
N ALA B 77 6.09 12.99 2.09
CA ALA B 77 6.72 13.76 1.04
C ALA B 77 5.70 14.62 0.33
N ARG B 78 4.44 14.38 0.64
CA ARG B 78 3.32 15.04 -0.03
C ARG B 78 3.40 14.82 -1.53
N GLU B 79 4.20 13.83 -1.87
CA GLU B 79 4.35 13.34 -3.21
C GLU B 79 3.04 12.77 -3.67
N TYR B 80 2.32 12.23 -2.71
CA TYR B 80 0.94 11.87 -2.89
C TYR B 80 0.12 13.10 -2.74
N ARG B 81 -0.47 13.50 -3.85
CA ARG B 81 -1.31 14.68 -3.88
C ARG B 81 -2.50 14.43 -3.02
N ASP B 82 -2.95 13.19 -3.09
CA ASP B 82 -4.10 12.72 -2.36
C ASP B 82 -3.94 11.26 -2.06
N ALA B 83 -4.91 10.75 -1.36
CA ALA B 83 -4.86 9.43 -0.82
C ALA B 83 -4.94 8.38 -1.91
N GLN B 84 -5.29 8.81 -3.10
CA GLN B 84 -5.44 7.88 -4.18
C GLN B 84 -4.10 7.64 -4.89
N GLU B 85 -3.14 8.56 -4.72
CA GLU B 85 -1.75 8.21 -4.98
C GLU B 85 -1.35 7.22 -3.92
N PHE B 86 -1.80 7.52 -2.71
CA PHE B 86 -1.50 6.72 -1.55
C PHE B 86 -1.86 5.26 -1.76
N GLY B 87 -3.14 5.00 -1.92
CA GLY B 87 -3.60 3.64 -2.04
C GLY B 87 -3.29 3.05 -3.38
N ALA B 88 -2.88 3.90 -4.30
CA ALA B 88 -2.36 3.44 -5.56
C ALA B 88 -1.17 2.56 -5.31
N ASP B 89 -0.38 2.97 -4.32
CA ASP B 89 0.78 2.24 -3.90
C ASP B 89 0.44 1.12 -2.91
N VAL B 90 -0.49 1.33 -1.98
CA VAL B 90 -0.96 0.22 -1.17
C VAL B 90 -1.42 -0.93 -2.07
N ARG B 91 -2.15 -0.59 -3.11
CA ARG B 91 -2.58 -1.57 -4.10
C ARG B 91 -1.37 -2.10 -4.88
N LEU B 92 -0.46 -1.21 -5.26
CA LEU B 92 0.81 -1.60 -5.89
C LEU B 92 1.47 -2.67 -5.03
N MET B 93 1.42 -2.41 -3.73
CA MET B 93 1.96 -3.28 -2.69
C MET B 93 1.24 -4.59 -2.67
N PHE B 94 -0.01 -4.55 -2.32
CA PHE B 94 -0.81 -5.75 -2.24
C PHE B 94 -0.76 -6.55 -3.54
N SER B 95 -0.75 -5.84 -4.68
CA SER B 95 -0.71 -6.48 -5.98
C SER B 95 0.59 -7.25 -6.18
N ASN B 96 1.74 -6.63 -5.87
CA ASN B 96 3.01 -7.32 -5.99
C ASN B 96 3.07 -8.49 -5.03
N CYS B 97 2.31 -8.40 -3.96
CA CYS B 97 2.26 -9.49 -3.01
C CYS B 97 1.55 -10.69 -3.63
N TYR B 98 0.24 -10.59 -3.88
CA TYR B 98 -0.50 -11.76 -4.36
C TYR B 98 -0.05 -12.16 -5.77
N LYS B 99 0.67 -11.26 -6.43
CA LYS B 99 1.33 -11.60 -7.69
C LYS B 99 2.35 -12.70 -7.46
N TYR B 100 3.27 -12.41 -6.56
CA TYR B 100 4.33 -13.33 -6.21
C TYR B 100 3.73 -14.52 -5.45
N ASN B 101 2.88 -14.19 -4.51
CA ASN B 101 2.44 -15.16 -3.52
C ASN B 101 1.10 -15.81 -3.86
N PRO B 102 1.03 -17.14 -3.70
CA PRO B 102 -0.23 -17.88 -3.67
C PRO B 102 -1.06 -17.48 -2.44
N PRO B 103 -2.39 -17.61 -2.50
CA PRO B 103 -3.27 -17.16 -1.41
C PRO B 103 -3.21 -18.04 -0.17
N ASP B 104 -2.41 -19.09 -0.22
CA ASP B 104 -2.15 -19.93 0.94
C ASP B 104 -0.87 -19.46 1.63
N HIS B 105 -0.22 -18.47 1.01
CA HIS B 105 1.06 -17.99 1.49
C HIS B 105 0.93 -17.19 2.78
N GLU B 106 2.02 -17.11 3.51
CA GLU B 106 2.16 -16.20 4.61
C GLU B 106 2.04 -14.73 4.15
N VAL B 107 2.80 -14.30 3.16
CA VAL B 107 2.78 -12.89 2.75
C VAL B 107 1.40 -12.47 2.39
N VAL B 108 0.71 -13.34 1.67
CA VAL B 108 -0.67 -13.04 1.31
C VAL B 108 -1.57 -13.04 2.52
N ALA B 109 -1.32 -13.96 3.44
CA ALA B 109 -1.97 -13.97 4.74
C ALA B 109 -1.97 -12.56 5.31
N MET B 110 -0.77 -12.01 5.32
CA MET B 110 -0.51 -10.67 5.82
C MET B 110 -1.15 -9.63 4.90
N ALA B 111 -0.86 -9.77 3.61
CA ALA B 111 -1.31 -8.85 2.59
C ALA B 111 -2.84 -8.82 2.48
N ARG B 112 -3.50 -9.89 2.90
CA ARG B 112 -4.96 -9.96 2.85
C ARG B 112 -5.58 -9.22 4.03
N LYS B 113 -4.94 -9.28 5.18
CA LYS B 113 -5.40 -8.51 6.33
C LYS B 113 -5.32 -7.02 6.02
N LEU B 114 -4.21 -6.61 5.44
CA LEU B 114 -4.00 -5.24 5.05
C LEU B 114 -5.01 -4.79 4.03
N GLN B 115 -5.24 -5.60 3.01
CA GLN B 115 -6.21 -5.23 1.99
C GLN B 115 -7.58 -5.02 2.61
N ASP B 116 -7.86 -5.74 3.70
CA ASP B 116 -9.11 -5.59 4.42
C ASP B 116 -9.13 -4.31 5.25
N VAL B 117 -8.01 -3.98 5.89
CA VAL B 117 -7.93 -2.76 6.68
C VAL B 117 -7.73 -1.54 5.79
N PHE B 118 -6.73 -1.55 4.91
CA PHE B 118 -6.56 -0.48 3.94
C PHE B 118 -7.86 -0.13 3.23
N GLU B 119 -8.62 -1.14 2.76
CA GLU B 119 -9.85 -0.84 2.02
C GLU B 119 -10.91 -0.25 2.93
N MET B 120 -11.01 -0.76 4.15
CA MET B 120 -11.92 -0.19 5.15
C MET B 120 -11.51 1.25 5.43
N ARG B 121 -10.21 1.44 5.61
CA ARG B 121 -9.64 2.76 5.80
C ARG B 121 -9.93 3.63 4.60
N PHE B 122 -9.72 3.07 3.41
CA PHE B 122 -9.82 3.83 2.18
C PHE B 122 -11.26 4.17 1.87
N ALA B 123 -12.18 3.35 2.37
CA ALA B 123 -13.61 3.61 2.23
C ALA B 123 -14.00 4.89 2.97
N LYS B 124 -13.18 5.26 3.94
CA LYS B 124 -13.42 6.49 4.70
C LYS B 124 -12.79 7.70 4.00
N MET B 125 -12.21 7.46 2.82
CA MET B 125 -11.58 8.52 2.06
C MET B 125 -12.61 9.31 1.26
N PRO B 126 -12.54 10.63 1.36
CA PRO B 126 -13.41 11.55 0.63
C PRO B 126 -13.16 11.50 -0.87
N ASP B 127 -13.57 12.56 -1.54
CA ASP B 127 -13.29 12.77 -2.96
C ASP B 127 -13.83 14.12 -3.38
N GLU B 128 -14.68 14.66 -2.55
CA GLU B 128 -15.33 15.91 -2.85
C GLU B 128 -14.84 17.03 -1.95
N SER A 1 7.23 -22.35 -10.75
CA SER A 1 6.80 -22.32 -12.16
C SER A 1 6.29 -20.93 -12.57
N PRO A 2 5.30 -20.33 -11.86
CA PRO A 2 4.77 -19.03 -12.22
C PRO A 2 5.59 -17.88 -11.63
N ALA A 3 5.54 -17.74 -10.31
CA ALA A 3 6.27 -16.68 -9.64
C ALA A 3 7.43 -17.26 -8.83
N GLN A 4 7.15 -17.68 -7.60
CA GLN A 4 8.16 -18.30 -6.74
C GLN A 4 7.58 -18.65 -5.38
N GLY A 5 6.55 -17.91 -4.98
CA GLY A 5 5.86 -18.21 -3.73
C GLY A 5 6.62 -17.72 -2.51
OH ALY A 6 5.17 -8.97 -2.17
CH ALY A 6 5.50 -9.02 -0.99
CH3 ALY A 6 4.96 -7.98 0.00
NZ ALY A 6 6.31 -9.98 -0.54
CE ALY A 6 6.86 -11.01 -1.38
CD ALY A 6 6.66 -12.40 -0.79
CG ALY A 6 7.41 -13.45 -1.61
CB ALY A 6 7.51 -14.77 -0.87
CA ALY A 6 8.21 -15.90 -1.70
N ALY A 6 7.27 -16.55 -2.67
C ALY A 6 9.00 -16.86 -0.80
O ALY A 6 10.23 -16.89 -0.86
HH31 ALY A 6 4.55 -7.15 -0.56
HH32 ALY A 6 4.18 -8.44 0.60
HH33 ALY A 6 5.76 -7.64 0.63
HZ ALY A 6 6.54 -9.98 0.42
HE3 ALY A 6 6.36 -10.99 -2.34
HE2 ALY A 6 7.90 -10.85 -1.52
HD3 ALY A 6 6.99 -12.41 0.25
HD2 ALY A 6 5.62 -12.65 -0.82
HG3 ALY A 6 6.88 -13.61 -2.54
HG2 ALY A 6 8.40 -13.08 -1.85
HB3 ALY A 6 8.06 -14.59 0.05
HB2 ALY A 6 6.51 -15.09 -0.61
HA ALY A 6 8.93 -15.38 -2.34
H ALY A 6 7.09 -16.07 -3.49
N ARG A 7 8.31 -17.68 0.00
CA ARG A 7 8.90 -18.37 1.15
C ARG A 7 9.35 -17.33 2.16
N GLY A 8 8.74 -16.16 2.05
CA GLY A 8 9.08 -15.06 2.90
C GLY A 8 8.15 -14.93 4.09
OH ALY A 9 8.67 -8.33 2.74
CH ALY A 9 8.92 -9.07 3.69
CH3 ALY A 9 10.11 -8.75 4.60
NZ ALY A 9 8.20 -10.14 3.94
CE ALY A 9 7.06 -10.54 3.15
CD ALY A 9 6.04 -11.25 4.01
CG ALY A 9 6.55 -12.60 4.38
CB ALY A 9 6.72 -12.78 5.87
CA ALY A 9 7.85 -13.75 6.27
N ALY A 9 8.65 -14.23 5.13
C ALY A 9 7.25 -14.86 7.13
O ALY A 9 6.92 -15.94 6.65
HH31 ALY A 9 10.05 -7.72 4.93
HH32 ALY A 9 10.06 -9.40 5.46
HH33 ALY A 9 11.03 -8.91 4.08
HZ ALY A 9 8.45 -10.70 4.71
HE3 ALY A 9 6.60 -9.66 2.72
HE2 ALY A 9 7.38 -11.21 2.35
HD3 ALY A 9 5.87 -10.67 4.88
HD2 ALY A 9 5.13 -11.37 3.47
HG3 ALY A 9 5.85 -13.33 4.06
HG2 ALY A 9 7.48 -12.77 3.88
HB3 ALY A 9 6.93 -11.82 6.31
HB2 ALY A 9 5.79 -13.16 6.26
HA ALY A 9 8.52 -13.20 6.90
H ALY A 9 9.60 -14.03 5.14
N LYS A 10 7.16 -14.56 8.41
CA LYS A 10 6.48 -15.41 9.38
C LYS A 10 5.78 -14.52 10.39
N SER A 11 4.47 -14.41 10.27
CA SER A 11 3.66 -13.54 11.09
C SER A 11 3.80 -13.90 12.57
N ALA A 12 3.38 -15.11 12.92
CA ALA A 12 3.50 -15.60 14.29
C ALA A 12 3.41 -17.11 14.30
N LYS B 1 -34.70 15.58 -7.91
CA LYS B 1 -33.40 15.36 -7.23
C LYS B 1 -32.57 14.31 -7.98
N ASP B 2 -31.51 14.76 -8.61
CA ASP B 2 -30.62 13.89 -9.36
C ASP B 2 -29.22 14.47 -9.39
N VAL B 3 -28.32 13.90 -8.61
CA VAL B 3 -26.95 14.38 -8.55
C VAL B 3 -26.22 14.04 -9.84
N PRO B 4 -25.52 15.02 -10.41
CA PRO B 4 -24.78 14.85 -11.66
C PRO B 4 -23.50 14.03 -11.48
N ASP B 5 -23.67 12.74 -11.20
CA ASP B 5 -22.56 11.81 -10.99
C ASP B 5 -21.86 12.04 -9.66
N SER B 6 -21.27 13.21 -9.49
CA SER B 6 -20.53 13.53 -8.28
C SER B 6 -20.40 15.04 -8.10
N GLN B 7 -19.74 15.44 -7.03
CA GLN B 7 -19.50 16.85 -6.74
C GLN B 7 -18.02 17.09 -6.54
N GLN B 8 -17.21 16.41 -7.34
CA GLN B 8 -15.76 16.52 -7.24
C GLN B 8 -15.29 17.88 -7.71
N HIS B 9 -14.83 18.69 -6.77
CA HIS B 9 -14.44 20.06 -7.06
C HIS B 9 -12.94 20.25 -6.86
N PRO B 10 -12.26 20.68 -7.93
CA PRO B 10 -10.81 20.96 -7.92
C PRO B 10 -10.43 22.04 -6.92
N ALA B 11 -9.22 21.96 -6.41
CA ALA B 11 -8.71 22.92 -5.44
C ALA B 11 -7.93 24.03 -6.11
N PRO B 12 -8.00 25.22 -5.52
CA PRO B 12 -7.40 26.44 -6.05
C PRO B 12 -5.87 26.46 -5.94
N GLU B 13 -5.34 25.83 -4.92
CA GLU B 13 -3.90 25.76 -4.73
C GLU B 13 -3.41 24.32 -4.81
N LYS B 14 -3.87 23.51 -3.88
CA LYS B 14 -3.50 22.10 -3.86
C LYS B 14 -4.67 21.25 -3.42
N SER B 15 -5.18 21.50 -2.22
CA SER B 15 -6.19 20.64 -1.65
C SER B 15 -7.36 21.41 -1.03
N SER B 16 -8.16 20.66 -0.29
CA SER B 16 -9.44 21.06 0.27
C SER B 16 -10.18 19.75 0.51
N LYS B 17 -9.93 18.84 -0.42
CA LYS B 17 -10.31 17.44 -0.36
C LYS B 17 -9.09 16.53 -0.23
N VAL B 18 -8.01 17.02 -0.78
CA VAL B 18 -6.96 16.19 -1.34
C VAL B 18 -5.86 15.85 -0.37
N SER B 19 -5.18 16.85 0.12
CA SER B 19 -4.22 16.66 1.17
C SER B 19 -4.94 16.25 2.45
N GLU B 20 -6.22 16.55 2.46
CA GLU B 20 -7.16 16.04 3.46
C GLU B 20 -7.21 14.51 3.33
N GLN B 21 -7.20 14.06 2.08
CA GLN B 21 -7.16 12.64 1.78
C GLN B 21 -5.90 12.04 2.32
N LEU B 22 -4.82 12.79 2.26
CA LEU B 22 -3.55 12.25 2.68
C LEU B 22 -3.40 12.19 4.19
N LYS B 23 -3.96 13.15 4.90
CA LYS B 23 -3.94 13.06 6.33
C LYS B 23 -4.65 11.79 6.78
N CYS B 24 -5.63 11.42 5.99
CA CYS B 24 -6.36 10.19 6.15
C CYS B 24 -5.53 9.03 5.64
N CYS B 25 -5.12 9.13 4.36
CA CYS B 25 -4.32 8.12 3.71
C CYS B 25 -3.18 7.70 4.62
N SER B 26 -2.54 8.69 5.20
CA SER B 26 -1.41 8.44 6.06
C SER B 26 -1.83 7.65 7.27
N GLY B 27 -2.78 8.18 8.05
CA GLY B 27 -3.27 7.49 9.22
C GLY B 27 -3.74 6.09 8.89
N ILE B 28 -4.07 5.88 7.63
CA ILE B 28 -4.43 4.60 7.09
C ILE B 28 -3.22 3.65 6.94
N LEU B 29 -2.22 4.07 6.19
CA LEU B 29 -0.94 3.33 6.12
C LEU B 29 -0.33 3.21 7.48
N LYS B 30 -0.08 4.35 8.05
CA LYS B 30 0.30 4.48 9.45
C LYS B 30 -0.53 3.55 10.35
N GLU B 31 -1.76 3.25 9.93
CA GLU B 31 -2.59 2.27 10.64
C GLU B 31 -2.19 0.84 10.30
N MET B 32 -2.08 0.46 9.03
CA MET B 32 -1.48 -0.85 8.72
C MET B 32 -0.11 -0.92 9.44
N PHE B 33 0.52 0.25 9.56
CA PHE B 33 1.77 0.42 10.27
C PHE B 33 1.58 0.31 11.79
N ALA B 34 0.33 0.41 12.23
CA ALA B 34 -0.02 0.31 13.63
C ALA B 34 0.44 -1.01 14.20
N LYS B 35 0.83 -1.01 15.47
CA LYS B 35 1.19 -2.25 16.15
C LYS B 35 0.04 -3.24 16.01
N LYS B 36 -1.15 -2.67 15.92
CA LYS B 36 -2.38 -3.39 15.61
C LYS B 36 -2.24 -4.25 14.32
N HIS B 37 -1.58 -3.73 13.28
CA HIS B 37 -1.41 -4.49 12.04
C HIS B 37 0.04 -4.86 11.83
N ALA B 38 0.88 -4.56 12.80
CA ALA B 38 2.31 -4.90 12.70
C ALA B 38 2.53 -6.37 12.91
N ALA B 39 1.46 -7.08 13.12
CA ALA B 39 1.52 -8.51 13.16
C ALA B 39 1.63 -9.03 11.74
N TYR B 40 1.23 -8.20 10.78
CA TYR B 40 1.10 -8.66 9.41
C TYR B 40 1.32 -7.60 8.35
N ALA B 41 1.40 -6.36 8.73
CA ALA B 41 1.67 -5.30 7.79
C ALA B 41 3.12 -4.95 7.85
N TRP B 42 3.75 -5.36 8.93
CA TRP B 42 5.14 -5.10 9.16
C TRP B 42 6.05 -5.46 7.95
N PRO B 43 5.77 -6.54 7.12
CA PRO B 43 6.61 -6.86 5.96
C PRO B 43 6.24 -5.98 4.79
N PHE B 44 5.26 -5.14 5.05
CA PHE B 44 4.86 -4.14 4.10
C PHE B 44 5.38 -2.79 4.54
N TYR B 45 5.60 -2.58 5.87
CA TYR B 45 6.23 -1.32 6.35
C TYR B 45 7.55 -1.11 5.67
N LYS B 46 7.99 -2.15 5.03
CA LYS B 46 9.26 -2.20 4.41
C LYS B 46 9.22 -3.09 3.18
N PRO B 47 10.28 -3.07 2.40
CA PRO B 47 10.38 -3.79 1.15
C PRO B 47 10.44 -5.29 1.33
N VAL B 48 9.81 -5.99 0.40
CA VAL B 48 9.90 -7.45 0.32
C VAL B 48 11.37 -7.85 0.36
N ASP B 49 11.73 -8.50 1.45
CA ASP B 49 13.12 -8.78 1.72
C ASP B 49 13.56 -10.03 1.00
N VAL B 50 14.14 -9.80 -0.14
CA VAL B 50 14.49 -10.84 -1.08
C VAL B 50 15.58 -11.75 -0.54
N GLU B 51 16.22 -11.31 0.52
CA GLU B 51 17.24 -12.08 1.18
C GLU B 51 16.62 -12.86 2.31
N ALA B 52 15.97 -12.14 3.19
CA ALA B 52 15.30 -12.66 4.36
C ALA B 52 14.32 -13.74 3.96
N LEU B 53 13.53 -13.41 2.96
CA LEU B 53 12.46 -14.26 2.50
C LEU B 53 13.01 -15.41 1.65
N GLY B 54 14.28 -15.28 1.26
CA GLY B 54 14.90 -16.26 0.38
C GLY B 54 14.21 -16.31 -0.96
N LEU B 55 13.97 -15.13 -1.51
CA LEU B 55 13.13 -14.98 -2.69
C LEU B 55 13.81 -15.47 -3.96
N HIS B 56 14.96 -14.86 -4.26
CA HIS B 56 15.77 -15.22 -5.44
C HIS B 56 15.10 -14.77 -6.75
N ASP B 57 13.90 -15.26 -7.03
CA ASP B 57 13.21 -14.97 -8.29
C ASP B 57 12.38 -13.68 -8.21
N TYR B 58 12.42 -13.06 -7.04
CA TYR B 58 11.76 -11.78 -6.78
C TYR B 58 11.77 -10.80 -7.94
N CYS B 59 12.96 -10.43 -8.41
CA CYS B 59 13.06 -9.37 -9.42
C CYS B 59 12.49 -9.83 -10.76
N ASP B 60 12.25 -11.12 -10.88
CA ASP B 60 11.57 -11.66 -12.04
C ASP B 60 10.11 -11.44 -11.88
N ILE B 61 9.63 -11.85 -10.73
CA ILE B 61 8.28 -11.62 -10.35
C ILE B 61 7.96 -10.16 -10.39
N ILE B 62 8.58 -9.45 -9.48
CA ILE B 62 8.18 -8.13 -9.17
C ILE B 62 8.81 -7.10 -10.05
N LYS B 63 7.96 -6.29 -10.62
CA LYS B 63 8.39 -5.20 -11.44
C LYS B 63 8.24 -3.90 -10.66
N HIS B 64 7.27 -3.89 -9.77
CA HIS B 64 6.98 -2.74 -8.96
C HIS B 64 6.49 -3.18 -7.61
N PRO B 65 7.44 -3.39 -6.74
CA PRO B 65 7.21 -3.79 -5.40
C PRO B 65 7.02 -2.58 -4.53
N MET B 66 5.87 -2.50 -3.95
CA MET B 66 5.57 -1.39 -3.11
C MET B 66 5.75 -1.80 -1.67
N ASP B 67 5.92 -0.83 -0.83
CA ASP B 67 6.06 -1.05 0.57
C ASP B 67 5.45 0.11 1.30
N MET B 68 4.65 -0.22 2.32
CA MET B 68 4.01 0.72 3.22
C MET B 68 4.95 1.87 3.60
N SER B 69 6.25 1.63 3.50
CA SER B 69 7.22 2.61 3.83
C SER B 69 7.37 3.69 2.74
N THR B 70 7.50 3.33 1.46
CA THR B 70 7.61 4.36 0.42
C THR B 70 6.34 5.14 0.33
N ILE B 71 5.24 4.43 0.14
CA ILE B 71 3.96 5.04 0.02
C ILE B 71 3.72 6.01 1.16
N LYS B 72 4.14 5.60 2.33
CA LYS B 72 4.10 6.44 3.48
C LYS B 72 5.07 7.60 3.33
N SER B 73 6.30 7.25 3.00
CA SER B 73 7.36 8.21 2.78
C SER B 73 6.91 9.28 1.80
N LYS B 74 6.11 8.86 0.82
CA LYS B 74 5.58 9.75 -0.17
C LYS B 74 4.47 10.60 0.42
N LEU B 75 3.65 10.01 1.29
CA LEU B 75 2.76 10.77 2.16
C LEU B 75 3.57 11.82 2.89
N GLU B 76 4.67 11.35 3.46
CA GLU B 76 5.56 12.16 4.24
C GLU B 76 6.34 13.09 3.31
N ALA B 77 6.16 12.85 2.02
CA ALA B 77 6.75 13.65 0.97
C ALA B 77 5.72 14.57 0.35
N ARG B 78 4.45 14.32 0.69
CA ARG B 78 3.32 15.01 0.08
C ARG B 78 3.39 14.86 -1.43
N GLU B 79 4.10 13.82 -1.82
CA GLU B 79 4.23 13.39 -3.19
C GLU B 79 2.91 12.84 -3.67
N TYR B 80 2.20 12.28 -2.72
CA TYR B 80 0.86 11.84 -2.95
C TYR B 80 -0.05 13.01 -2.90
N ARG B 81 -0.70 13.22 -4.03
CA ARG B 81 -1.63 14.31 -4.20
C ARG B 81 -2.74 14.14 -3.24
N ASP B 82 -3.17 12.92 -3.12
CA ASP B 82 -4.28 12.54 -2.32
C ASP B 82 -4.10 11.10 -1.94
N ALA B 83 -5.07 10.61 -1.24
CA ALA B 83 -5.00 9.30 -0.71
C ALA B 83 -5.04 8.26 -1.81
N GLN B 84 -5.39 8.67 -3.00
CA GLN B 84 -5.45 7.74 -4.10
C GLN B 84 -4.10 7.56 -4.78
N GLU B 85 -3.16 8.54 -4.67
CA GLU B 85 -1.77 8.20 -4.93
C GLU B 85 -1.37 7.21 -3.86
N PHE B 86 -1.87 7.48 -2.67
CA PHE B 86 -1.58 6.68 -1.51
C PHE B 86 -1.93 5.22 -1.74
N GLY B 87 -3.20 4.95 -1.90
CA GLY B 87 -3.66 3.59 -2.07
C GLY B 87 -3.26 3.01 -3.38
N ALA B 88 -2.81 3.87 -4.28
CA ALA B 88 -2.27 3.42 -5.54
C ALA B 88 -1.04 2.55 -5.28
N ASP B 89 -0.31 2.91 -4.25
CA ASP B 89 0.85 2.16 -3.83
C ASP B 89 0.49 1.08 -2.81
N VAL B 90 -0.49 1.30 -1.93
CA VAL B 90 -1.00 0.21 -1.11
C VAL B 90 -1.40 -0.95 -2.01
N ARG B 91 -2.22 -0.66 -3.01
CA ARG B 91 -2.62 -1.66 -3.98
C ARG B 91 -1.41 -2.22 -4.73
N LEU B 92 -0.40 -1.38 -4.94
CA LEU B 92 0.85 -1.81 -5.55
C LEU B 92 1.52 -2.90 -4.70
N MET B 93 1.70 -2.62 -3.40
CA MET B 93 2.38 -3.56 -2.48
C MET B 93 1.56 -4.81 -2.30
N PHE B 94 0.27 -4.63 -2.29
CA PHE B 94 -0.63 -5.74 -2.24
C PHE B 94 -0.55 -6.55 -3.55
N SER B 95 -0.55 -5.83 -4.68
CA SER B 95 -0.49 -6.45 -5.99
C SER B 95 0.78 -7.29 -6.15
N ASN B 96 1.94 -6.66 -6.00
CA ASN B 96 3.22 -7.37 -6.14
C ASN B 96 3.29 -8.53 -5.16
N CYS B 97 2.53 -8.44 -4.08
CA CYS B 97 2.49 -9.54 -3.14
C CYS B 97 1.82 -10.77 -3.76
N TYR B 98 0.52 -10.71 -4.03
CA TYR B 98 -0.17 -11.91 -4.56
C TYR B 98 0.32 -12.23 -5.97
N LYS B 99 1.04 -11.28 -6.55
CA LYS B 99 1.68 -11.45 -7.83
C LYS B 99 2.81 -12.48 -7.70
N TYR B 100 3.59 -12.32 -6.64
CA TYR B 100 4.69 -13.20 -6.30
C TYR B 100 4.17 -14.45 -5.60
N ASN B 101 3.21 -14.24 -4.74
CA ASN B 101 2.80 -15.25 -3.79
C ASN B 101 1.51 -15.96 -4.16
N PRO B 102 1.46 -17.25 -3.83
CA PRO B 102 0.20 -18.02 -3.77
C PRO B 102 -0.65 -17.51 -2.61
N PRO B 103 -1.97 -17.63 -2.68
CA PRO B 103 -2.87 -17.07 -1.66
C PRO B 103 -2.91 -17.88 -0.37
N ASP B 104 -2.11 -18.93 -0.31
CA ASP B 104 -1.94 -19.69 0.90
C ASP B 104 -0.69 -19.23 1.63
N HIS B 105 -0.03 -18.25 1.04
CA HIS B 105 1.25 -17.79 1.54
C HIS B 105 1.10 -16.96 2.81
N GLU B 106 2.17 -16.89 3.56
CA GLU B 106 2.31 -15.95 4.62
C GLU B 106 2.19 -14.49 4.13
N VAL B 107 3.00 -14.07 3.15
CA VAL B 107 2.97 -12.68 2.71
C VAL B 107 1.59 -12.27 2.29
N VAL B 108 0.92 -13.16 1.60
CA VAL B 108 -0.44 -12.88 1.18
C VAL B 108 -1.41 -12.90 2.36
N ALA B 109 -1.18 -13.83 3.27
CA ALA B 109 -1.85 -13.86 4.56
C ALA B 109 -1.89 -12.45 5.14
N MET B 110 -0.70 -11.90 5.24
CA MET B 110 -0.48 -10.56 5.76
C MET B 110 -1.12 -9.55 4.83
N ALA B 111 -0.83 -9.74 3.56
CA ALA B 111 -1.32 -8.89 2.48
C ALA B 111 -2.84 -8.67 2.54
N ARG B 112 -3.60 -9.75 2.65
CA ARG B 112 -5.06 -9.65 2.63
C ARG B 112 -5.62 -9.02 3.89
N LYS B 113 -4.91 -9.15 4.99
CA LYS B 113 -5.30 -8.48 6.22
C LYS B 113 -5.28 -6.98 6.04
N LEU B 114 -4.25 -6.51 5.37
CA LEU B 114 -4.11 -5.12 5.04
C LEU B 114 -5.19 -4.70 4.07
N GLN B 115 -5.58 -5.60 3.18
CA GLN B 115 -6.73 -5.35 2.33
C GLN B 115 -7.94 -5.01 3.18
N ASP B 116 -8.24 -5.89 4.13
CA ASP B 116 -9.37 -5.70 5.03
C ASP B 116 -9.32 -4.33 5.68
N VAL B 117 -8.17 -3.98 6.25
CA VAL B 117 -8.05 -2.71 6.95
C VAL B 117 -7.85 -1.52 6.01
N PHE B 118 -6.82 -1.55 5.15
CA PHE B 118 -6.61 -0.46 4.20
C PHE B 118 -7.89 -0.12 3.42
N GLU B 119 -8.60 -1.13 2.94
CA GLU B 119 -9.77 -0.88 2.11
C GLU B 119 -10.91 -0.28 2.93
N MET B 120 -11.10 -0.75 4.16
CA MET B 120 -12.12 -0.16 5.02
C MET B 120 -11.68 1.24 5.45
N ARG B 121 -10.38 1.43 5.59
CA ARG B 121 -9.82 2.75 5.86
C ARG B 121 -10.06 3.63 4.66
N PHE B 122 -9.81 3.06 3.49
CA PHE B 122 -9.88 3.81 2.26
C PHE B 122 -11.33 4.12 1.90
N ALA B 123 -12.23 3.28 2.38
CA ALA B 123 -13.66 3.51 2.20
C ALA B 123 -14.09 4.78 2.92
N LYS B 124 -13.32 5.17 3.93
CA LYS B 124 -13.60 6.39 4.69
C LYS B 124 -12.99 7.61 4.00
N MET B 125 -12.34 7.39 2.86
CA MET B 125 -11.67 8.45 2.12
C MET B 125 -12.66 9.22 1.25
N PRO B 126 -12.57 10.55 1.29
CA PRO B 126 -13.38 11.44 0.46
C PRO B 126 -13.02 11.33 -1.01
N ASP B 127 -13.63 12.18 -1.82
CA ASP B 127 -13.24 12.37 -3.22
C ASP B 127 -13.68 13.74 -3.67
N GLU B 128 -14.45 14.36 -2.82
CA GLU B 128 -15.14 15.58 -3.14
C GLU B 128 -14.98 16.61 -2.03
N SER A 1 1.75 -22.56 -10.11
CA SER A 1 2.58 -21.44 -9.61
C SER A 1 3.04 -20.56 -10.77
N PRO A 2 2.43 -19.37 -10.94
CA PRO A 2 2.74 -18.46 -12.03
C PRO A 2 3.74 -17.39 -11.60
N ALA A 3 4.40 -17.65 -10.48
CA ALA A 3 5.32 -16.71 -9.88
C ALA A 3 6.39 -17.46 -9.11
N GLN A 4 6.06 -17.86 -7.89
CA GLN A 4 6.95 -18.71 -7.09
C GLN A 4 6.28 -19.11 -5.79
N GLY A 5 5.75 -18.14 -5.08
CA GLY A 5 5.46 -18.36 -3.69
C GLY A 5 6.66 -17.96 -2.87
OH ALY A 6 5.07 -9.82 -2.00
CH ALY A 6 5.48 -9.48 -0.90
CH3 ALY A 6 4.77 -8.32 -0.16
NZ ALY A 6 6.51 -10.07 -0.32
CE ALY A 6 7.25 -11.17 -0.92
CD ALY A 6 6.64 -12.51 -0.61
CG ALY A 6 7.19 -13.60 -1.52
CB ALY A 6 7.23 -14.92 -0.78
CA ALY A 6 7.73 -16.12 -1.61
N ALY A 6 6.59 -16.75 -2.29
C ALY A 6 8.51 -17.10 -0.71
O ALY A 6 9.72 -17.03 -0.61
HH31 ALY A 6 4.26 -7.70 -0.88
HH32 ALY A 6 4.05 -8.75 0.55
HH33 ALY A 6 5.50 -7.74 0.38
HZ ALY A 6 6.80 -9.76 0.57
HE3 ALY A 6 7.28 -11.05 -1.98
HE2 ALY A 6 8.26 -11.16 -0.54
HD3 ALY A 6 6.83 -12.77 0.42
HD2 ALY A 6 5.57 -12.44 -0.76
HG3 ALY A 6 6.55 -13.70 -2.38
HG2 ALY A 6 8.19 -13.33 -1.85
HB3 ALY A 6 7.84 -14.79 0.11
HB2 ALY A 6 6.22 -15.15 -0.45
HA ALY A 6 8.41 -15.72 -2.38
H ALY A 6 5.75 -16.26 -2.33
N ARG A 7 7.80 -18.04 -0.08
CA ARG A 7 8.34 -18.78 1.06
C ARG A 7 8.77 -17.78 2.15
N GLY A 8 8.36 -16.54 1.96
CA GLY A 8 8.76 -15.46 2.82
C GLY A 8 7.85 -15.33 4.03
OH ALY A 9 8.91 -8.89 2.79
CH ALY A 9 9.03 -9.61 3.79
CH3 ALY A 9 10.21 -9.39 4.73
NZ ALY A 9 8.17 -10.57 4.08
CE ALY A 9 7.00 -10.88 3.29
CD ALY A 9 5.95 -11.54 4.17
CG ALY A 9 6.32 -12.96 4.47
CB ALY A 9 6.53 -13.23 5.95
CA ALY A 9 7.59 -14.29 6.28
N ALY A 9 8.37 -14.69 5.08
C ALY A 9 6.97 -15.46 7.03
O ALY A 9 6.74 -16.54 6.49
HH31 ALY A 9 10.29 -8.35 4.98
HH32 ALY A 9 10.03 -9.96 5.63
HH33 ALY A 9 11.12 -9.74 4.27
HZ ALY A 9 8.33 -11.10 4.89
HE3 ALY A 9 6.59 -9.98 2.88
HE2 ALY A 9 7.25 -11.58 2.48
HD3 ALY A 9 5.89 -10.98 5.08
HD2 ALY A 9 5.01 -11.52 3.67
HG3 ALY A 9 5.55 -13.60 4.12
HG2 ALY A 9 7.22 -13.19 3.95
HB3 ALY A 9 6.79 -12.30 6.43
HB2 ALY A 9 5.57 -13.57 6.35
HA ALY A 9 8.30 -13.83 6.95
H ALY A 9 9.33 -14.50 5.08
N LYS A 10 6.76 -15.25 8.32
CA LYS A 10 6.08 -16.21 9.18
C LYS A 10 5.21 -15.48 10.20
N SER A 11 4.95 -14.19 9.90
CA SER A 11 4.22 -13.29 10.78
C SER A 11 5.03 -12.98 12.06
N ALA A 12 5.24 -14.00 12.87
CA ALA A 12 6.00 -13.86 14.10
C ALA A 12 6.74 -15.15 14.41
N LYS B 1 -9.26 13.78 -13.22
CA LYS B 1 -10.50 13.01 -12.98
C LYS B 1 -10.72 12.01 -14.10
N ASP B 2 -10.84 10.73 -13.74
CA ASP B 2 -11.01 9.65 -14.71
C ASP B 2 -9.89 9.69 -15.75
N VAL B 3 -8.70 9.26 -15.34
CA VAL B 3 -7.49 9.38 -16.15
C VAL B 3 -6.99 10.83 -16.12
N PRO B 4 -5.69 11.02 -15.84
CA PRO B 4 -5.09 12.33 -15.63
C PRO B 4 -5.37 13.29 -16.79
N ASP B 5 -6.28 14.23 -16.55
CA ASP B 5 -6.63 15.22 -17.55
C ASP B 5 -6.04 16.56 -17.20
N SER B 6 -5.68 17.32 -18.22
CA SER B 6 -5.17 18.66 -18.03
C SER B 6 -6.27 19.68 -18.32
N GLN B 7 -7.52 19.27 -18.10
CA GLN B 7 -8.66 20.13 -18.37
C GLN B 7 -9.12 20.79 -17.08
N GLN B 8 -9.26 19.98 -16.04
CA GLN B 8 -9.67 20.48 -14.73
C GLN B 8 -8.70 20.01 -13.67
N HIS B 9 -8.74 20.64 -12.51
CA HIS B 9 -7.94 20.22 -11.37
C HIS B 9 -8.77 20.30 -10.10
N PRO B 10 -8.84 19.19 -9.37
CA PRO B 10 -9.58 19.10 -8.11
C PRO B 10 -9.08 20.11 -7.09
N ALA B 11 -10.02 20.84 -6.49
CA ALA B 11 -9.74 21.87 -5.50
C ALA B 11 -9.14 23.12 -6.15
N PRO B 12 -9.45 24.27 -5.55
CA PRO B 12 -8.99 25.57 -6.02
C PRO B 12 -7.53 25.84 -5.68
N GLU B 13 -7.00 24.98 -4.83
CA GLU B 13 -5.61 25.04 -4.41
C GLU B 13 -4.99 23.66 -4.63
N LYS B 14 -3.96 23.33 -3.86
CA LYS B 14 -3.45 21.97 -3.82
C LYS B 14 -4.56 21.04 -3.34
N SER B 15 -5.23 21.45 -2.28
CA SER B 15 -6.23 20.61 -1.69
C SER B 15 -7.46 21.39 -1.19
N SER B 16 -8.21 20.71 -0.33
CA SER B 16 -9.57 21.05 0.12
C SER B 16 -10.25 19.71 0.34
N LYS B 17 -9.93 18.82 -0.59
CA LYS B 17 -10.30 17.41 -0.54
C LYS B 17 -9.07 16.52 -0.37
N VAL B 18 -7.98 17.02 -0.89
CA VAL B 18 -6.90 16.20 -1.42
C VAL B 18 -5.83 15.87 -0.39
N SER B 19 -5.19 16.88 0.11
CA SER B 19 -4.27 16.73 1.19
C SER B 19 -5.01 16.28 2.45
N GLU B 20 -6.31 16.52 2.42
CA GLU B 20 -7.25 15.98 3.39
C GLU B 20 -7.25 14.46 3.26
N GLN B 21 -7.21 14.00 2.02
CA GLN B 21 -7.16 12.59 1.70
C GLN B 21 -5.90 12.00 2.27
N LEU B 22 -4.82 12.76 2.27
CA LEU B 22 -3.58 12.22 2.71
C LEU B 22 -3.45 12.16 4.21
N LYS B 23 -4.04 13.10 4.93
CA LYS B 23 -4.03 13.01 6.35
C LYS B 23 -4.73 11.74 6.80
N CYS B 24 -5.68 11.36 5.97
CA CYS B 24 -6.40 10.12 6.13
C CYS B 24 -5.56 8.97 5.61
N CYS B 25 -5.16 9.08 4.35
CA CYS B 25 -4.35 8.07 3.67
C CYS B 25 -3.21 7.65 4.58
N SER B 26 -2.55 8.63 5.17
CA SER B 26 -1.40 8.37 5.99
C SER B 26 -1.80 7.64 7.26
N GLY B 27 -2.78 8.18 7.97
CA GLY B 27 -3.28 7.51 9.15
C GLY B 27 -3.74 6.10 8.86
N ILE B 28 -4.02 5.84 7.59
CA ILE B 28 -4.38 4.54 7.10
C ILE B 28 -3.17 3.61 6.97
N LEU B 29 -2.16 4.01 6.20
CA LEU B 29 -0.89 3.28 6.13
C LEU B 29 -0.27 3.16 7.50
N LYS B 30 0.05 4.31 8.06
CA LYS B 30 0.50 4.39 9.45
C LYS B 30 -0.33 3.50 10.39
N GLU B 31 -1.59 3.29 10.03
CA GLU B 31 -2.43 2.33 10.74
C GLU B 31 -1.99 0.91 10.45
N MET B 32 -1.84 0.50 9.20
CA MET B 32 -1.35 -0.85 8.94
C MET B 32 0.06 -0.97 9.51
N PHE B 33 0.73 0.17 9.57
CA PHE B 33 2.02 0.31 10.23
C PHE B 33 1.87 0.15 11.76
N ALA B 34 0.65 0.27 12.26
CA ALA B 34 0.36 0.13 13.67
C ALA B 34 0.83 -1.22 14.16
N LYS B 35 1.26 -1.28 15.42
CA LYS B 35 1.64 -2.53 16.05
C LYS B 35 0.46 -3.49 15.96
N LYS B 36 -0.72 -2.90 15.88
CA LYS B 36 -1.96 -3.60 15.58
C LYS B 36 -1.83 -4.43 14.29
N HIS B 37 -1.30 -3.83 13.21
CA HIS B 37 -1.22 -4.55 11.93
C HIS B 37 0.21 -4.99 11.67
N ALA B 38 1.10 -4.73 12.61
CA ALA B 38 2.51 -5.07 12.45
C ALA B 38 2.78 -6.55 12.61
N ALA B 39 1.73 -7.31 12.77
CA ALA B 39 1.85 -8.75 12.73
C ALA B 39 1.82 -9.22 11.28
N TYR B 40 1.36 -8.33 10.40
CA TYR B 40 1.04 -8.70 9.03
C TYR B 40 1.12 -7.53 8.05
N ALA B 41 1.60 -6.39 8.50
CA ALA B 41 1.90 -5.30 7.60
C ALA B 41 3.36 -4.95 7.69
N TRP B 42 3.99 -5.44 8.73
CA TRP B 42 5.40 -5.22 8.97
C TRP B 42 6.30 -5.57 7.76
N PRO B 43 6.00 -6.62 6.93
CA PRO B 43 6.82 -6.98 5.75
C PRO B 43 6.44 -6.10 4.59
N PHE B 44 5.48 -5.24 4.86
CA PHE B 44 5.04 -4.26 3.89
C PHE B 44 5.61 -2.91 4.25
N TYR B 45 5.79 -2.57 5.55
CA TYR B 45 6.45 -1.30 5.91
C TYR B 45 7.67 -1.19 5.08
N LYS B 46 8.37 -2.27 5.04
CA LYS B 46 9.56 -2.38 4.29
C LYS B 46 9.33 -3.29 3.09
N PRO B 47 10.29 -3.34 2.19
CA PRO B 47 10.18 -4.06 0.94
C PRO B 47 10.31 -5.56 1.12
N VAL B 48 9.68 -6.31 0.22
CA VAL B 48 9.83 -7.76 0.16
C VAL B 48 11.30 -8.15 0.26
N ASP B 49 11.63 -8.84 1.33
CA ASP B 49 13.01 -9.20 1.58
C ASP B 49 13.38 -10.45 0.84
N VAL B 50 14.02 -10.24 -0.27
CA VAL B 50 14.33 -11.28 -1.22
C VAL B 50 15.39 -12.24 -0.69
N GLU B 51 16.04 -11.84 0.37
CA GLU B 51 17.03 -12.68 1.03
C GLU B 51 16.36 -13.45 2.15
N ALA B 52 15.72 -12.69 3.02
CA ALA B 52 15.01 -13.20 4.17
C ALA B 52 13.98 -14.23 3.77
N LEU B 53 13.23 -13.90 2.74
CA LEU B 53 12.14 -14.73 2.30
C LEU B 53 12.66 -15.87 1.44
N GLY B 54 13.91 -15.73 1.02
CA GLY B 54 14.54 -16.71 0.15
C GLY B 54 13.98 -16.66 -1.24
N LEU B 55 13.62 -15.46 -1.65
CA LEU B 55 13.08 -15.23 -2.97
C LEU B 55 14.20 -15.34 -4.00
N HIS B 56 14.01 -16.13 -5.03
CA HIS B 56 15.00 -16.22 -6.10
C HIS B 56 14.35 -15.96 -7.45
N ASP B 57 13.04 -15.82 -7.44
CA ASP B 57 12.29 -15.48 -8.64
C ASP B 57 11.64 -14.12 -8.49
N TYR B 58 11.87 -13.52 -7.33
CA TYR B 58 11.36 -12.18 -6.97
C TYR B 58 11.39 -11.20 -8.13
N CYS B 59 12.57 -10.95 -8.67
CA CYS B 59 12.72 -9.89 -9.67
C CYS B 59 12.06 -10.29 -10.99
N ASP B 60 11.72 -11.57 -11.09
CA ASP B 60 10.97 -12.07 -12.24
C ASP B 60 9.52 -11.75 -12.04
N ILE B 61 9.08 -12.09 -10.86
CA ILE B 61 7.75 -11.79 -10.43
C ILE B 61 7.53 -10.30 -10.38
N ILE B 62 8.23 -9.72 -9.47
CA ILE B 62 7.98 -8.42 -8.95
C ILE B 62 8.61 -7.35 -9.81
N LYS B 63 7.76 -6.63 -10.50
CA LYS B 63 8.18 -5.53 -11.32
C LYS B 63 8.14 -4.25 -10.50
N HIS B 64 7.16 -4.17 -9.61
CA HIS B 64 6.97 -3.01 -8.78
C HIS B 64 6.42 -3.44 -7.45
N PRO B 65 7.35 -3.75 -6.58
CA PRO B 65 7.09 -4.05 -5.21
C PRO B 65 6.94 -2.78 -4.41
N MET B 66 5.80 -2.60 -3.82
CA MET B 66 5.58 -1.42 -3.05
C MET B 66 5.81 -1.72 -1.58
N ASP B 67 6.26 -0.73 -0.85
CA ASP B 67 6.48 -0.88 0.56
C ASP B 67 5.79 0.25 1.29
N MET B 68 5.03 -0.15 2.31
CA MET B 68 4.25 0.73 3.17
C MET B 68 5.06 1.95 3.60
N SER B 69 6.38 1.85 3.61
CA SER B 69 7.21 2.94 4.06
C SER B 69 7.45 3.98 2.97
N THR B 70 7.59 3.57 1.70
CA THR B 70 7.71 4.57 0.63
C THR B 70 6.42 5.31 0.47
N ILE B 71 5.36 4.57 0.20
CA ILE B 71 4.04 5.13 0.05
C ILE B 71 3.75 6.09 1.17
N LYS B 72 4.15 5.70 2.36
CA LYS B 72 4.08 6.54 3.51
C LYS B 72 5.01 7.72 3.41
N SER B 73 6.27 7.44 3.14
CA SER B 73 7.29 8.46 2.98
C SER B 73 6.84 9.50 1.99
N LYS B 74 6.14 9.04 0.97
CA LYS B 74 5.60 9.91 -0.04
C LYS B 74 4.45 10.73 0.53
N LEU B 75 3.60 10.10 1.35
CA LEU B 75 2.67 10.82 2.19
C LEU B 75 3.38 11.89 2.98
N GLU B 76 4.46 11.47 3.61
CA GLU B 76 5.28 12.31 4.45
C GLU B 76 6.07 13.29 3.58
N ALA B 77 5.98 13.07 2.28
CA ALA B 77 6.61 13.91 1.29
C ALA B 77 5.58 14.82 0.65
N ARG B 78 4.32 14.48 0.87
CA ARG B 78 3.21 15.15 0.21
C ARG B 78 3.35 14.97 -1.30
N GLU B 79 4.19 14.00 -1.64
CA GLU B 79 4.38 13.52 -2.99
C GLU B 79 3.07 12.98 -3.52
N TYR B 80 2.29 12.45 -2.60
CA TYR B 80 0.96 12.01 -2.88
C TYR B 80 0.04 13.18 -2.77
N ARG B 81 -0.50 13.55 -3.92
CA ARG B 81 -1.48 14.60 -4.01
C ARG B 81 -2.65 14.29 -3.12
N ASP B 82 -3.07 13.05 -3.16
CA ASP B 82 -4.19 12.59 -2.37
C ASP B 82 -4.03 11.14 -2.03
N ALA B 83 -5.05 10.61 -1.44
CA ALA B 83 -4.99 9.31 -0.85
C ALA B 83 -5.03 8.22 -1.90
N GLN B 84 -5.26 8.56 -3.15
CA GLN B 84 -5.38 7.55 -4.16
C GLN B 84 -4.04 7.36 -4.82
N GLU B 85 -3.25 8.43 -4.78
CA GLU B 85 -1.80 8.32 -4.85
C GLU B 85 -1.37 7.29 -3.83
N PHE B 86 -1.85 7.53 -2.63
CA PHE B 86 -1.56 6.71 -1.50
C PHE B 86 -1.88 5.26 -1.75
N GLY B 87 -3.15 4.98 -1.95
CA GLY B 87 -3.60 3.62 -2.11
C GLY B 87 -3.20 3.02 -3.43
N ALA B 88 -2.71 3.86 -4.32
CA ALA B 88 -2.16 3.37 -5.57
C ALA B 88 -0.96 2.50 -5.27
N ASP B 89 -0.17 2.94 -4.31
CA ASP B 89 0.97 2.20 -3.85
C ASP B 89 0.58 1.09 -2.88
N VAL B 90 -0.41 1.31 -2.02
CA VAL B 90 -0.94 0.20 -1.24
C VAL B 90 -1.39 -0.92 -2.17
N ARG B 91 -2.22 -0.60 -3.14
CA ARG B 91 -2.64 -1.60 -4.12
C ARG B 91 -1.43 -2.17 -4.85
N LEU B 92 -0.39 -1.35 -5.02
CA LEU B 92 0.87 -1.78 -5.62
C LEU B 92 1.53 -2.86 -4.74
N MET B 93 1.62 -2.60 -3.43
CA MET B 93 2.25 -3.51 -2.50
C MET B 93 1.40 -4.74 -2.25
N PHE B 94 0.11 -4.58 -2.29
CA PHE B 94 -0.77 -5.72 -2.22
C PHE B 94 -0.71 -6.53 -3.52
N SER B 95 -0.72 -5.84 -4.66
CA SER B 95 -0.73 -6.49 -5.96
C SER B 95 0.50 -7.36 -6.14
N ASN B 96 1.70 -6.77 -6.06
CA ASN B 96 2.95 -7.53 -6.21
C ASN B 96 3.01 -8.67 -5.22
N CYS B 97 2.33 -8.52 -4.08
CA CYS B 97 2.29 -9.58 -3.10
C CYS B 97 1.54 -10.80 -3.65
N TYR B 98 0.23 -10.68 -3.90
CA TYR B 98 -0.52 -11.83 -4.41
C TYR B 98 -0.12 -12.16 -5.85
N LYS B 99 0.74 -11.31 -6.39
CA LYS B 99 1.31 -11.50 -7.71
C LYS B 99 2.40 -12.55 -7.64
N TYR B 100 3.23 -12.41 -6.62
CA TYR B 100 4.30 -13.35 -6.33
C TYR B 100 3.73 -14.59 -5.66
N ASN B 101 2.83 -14.35 -4.74
CA ASN B 101 2.44 -15.34 -3.78
C ASN B 101 1.10 -15.99 -4.08
N PRO B 102 1.01 -17.29 -3.77
CA PRO B 102 -0.25 -18.02 -3.71
C PRO B 102 -1.09 -17.52 -2.53
N PRO B 103 -2.42 -17.57 -2.62
CA PRO B 103 -3.29 -17.09 -1.53
C PRO B 103 -3.27 -18.02 -0.33
N ASP B 104 -2.43 -19.03 -0.39
CA ASP B 104 -2.15 -19.92 0.73
C ASP B 104 -1.02 -19.34 1.56
N HIS B 105 -0.30 -18.39 0.97
CA HIS B 105 0.94 -17.91 1.52
C HIS B 105 0.75 -17.10 2.80
N GLU B 106 1.81 -17.03 3.58
CA GLU B 106 1.90 -16.09 4.66
C GLU B 106 1.85 -14.64 4.17
N VAL B 107 2.73 -14.24 3.23
CA VAL B 107 2.77 -12.83 2.79
C VAL B 107 1.42 -12.38 2.33
N VAL B 108 0.75 -13.22 1.57
CA VAL B 108 -0.59 -12.91 1.15
C VAL B 108 -1.51 -12.84 2.34
N ALA B 109 -1.41 -13.84 3.22
CA ALA B 109 -2.16 -13.89 4.47
C ALA B 109 -2.19 -12.53 5.14
N MET B 110 -1.01 -11.98 5.34
CA MET B 110 -0.86 -10.68 5.94
C MET B 110 -1.33 -9.60 4.97
N ALA B 111 -0.96 -9.75 3.69
CA ALA B 111 -1.39 -8.82 2.65
C ALA B 111 -2.93 -8.78 2.50
N ARG B 112 -3.62 -9.82 2.96
CA ARG B 112 -5.08 -9.85 2.90
C ARG B 112 -5.66 -9.01 4.03
N LYS B 113 -5.03 -9.09 5.19
CA LYS B 113 -5.43 -8.33 6.35
C LYS B 113 -5.33 -6.84 6.09
N LEU B 114 -4.22 -6.47 5.46
CA LEU B 114 -4.03 -5.10 5.02
C LEU B 114 -5.05 -4.75 3.99
N GLN B 115 -5.28 -5.69 3.09
CA GLN B 115 -6.32 -5.54 2.07
C GLN B 115 -7.64 -5.18 2.73
N ASP B 116 -7.93 -5.85 3.85
CA ASP B 116 -9.12 -5.55 4.64
C ASP B 116 -9.03 -4.17 5.26
N VAL B 117 -8.00 -3.95 6.09
CA VAL B 117 -7.88 -2.68 6.82
C VAL B 117 -7.69 -1.51 5.87
N PHE B 118 -6.68 -1.54 5.01
CA PHE B 118 -6.50 -0.48 4.02
C PHE B 118 -7.78 -0.15 3.29
N GLU B 119 -8.45 -1.16 2.72
CA GLU B 119 -9.63 -0.91 1.90
C GLU B 119 -10.77 -0.38 2.76
N MET B 120 -10.90 -0.88 3.98
CA MET B 120 -11.90 -0.36 4.90
C MET B 120 -11.55 1.08 5.26
N ARG B 121 -10.27 1.30 5.56
CA ARG B 121 -9.78 2.63 5.85
C ARG B 121 -10.03 3.54 4.66
N PHE B 122 -9.79 2.99 3.48
CA PHE B 122 -9.86 3.76 2.27
C PHE B 122 -11.30 4.08 1.91
N ALA B 123 -12.21 3.25 2.39
CA ALA B 123 -13.64 3.49 2.21
C ALA B 123 -14.06 4.78 2.93
N LYS B 124 -13.25 5.18 3.90
CA LYS B 124 -13.50 6.42 4.64
C LYS B 124 -12.92 7.64 3.90
N MET B 125 -12.32 7.39 2.74
CA MET B 125 -11.65 8.44 1.98
C MET B 125 -12.63 9.19 1.09
N PRO B 126 -12.52 10.53 1.06
CA PRO B 126 -13.33 11.39 0.19
C PRO B 126 -12.94 11.26 -1.28
N ASP B 127 -13.48 12.16 -2.10
CA ASP B 127 -13.10 12.27 -3.51
C ASP B 127 -13.65 13.54 -4.11
N GLU B 128 -14.26 14.30 -3.25
CA GLU B 128 -14.97 15.51 -3.65
C GLU B 128 -14.02 16.66 -4.00
N SER A 1 7.56 -23.17 -12.28
CA SER A 1 7.47 -22.00 -11.37
C SER A 1 6.57 -20.93 -11.97
N PRO A 2 5.34 -20.82 -11.48
CA PRO A 2 4.42 -19.75 -11.90
C PRO A 2 4.90 -18.39 -11.39
N ALA A 3 4.87 -18.22 -10.08
CA ALA A 3 5.40 -17.02 -9.44
C ALA A 3 6.14 -17.41 -8.17
N GLN A 4 6.58 -18.66 -8.12
CA GLN A 4 7.30 -19.22 -6.96
C GLN A 4 6.40 -19.37 -5.74
N GLY A 5 5.81 -18.26 -5.31
CA GLY A 5 5.28 -18.19 -3.98
C GLY A 5 6.42 -17.87 -3.04
OH ALY A 6 5.04 -9.54 -2.16
CH ALY A 6 5.40 -9.32 -1.00
CH3 ALY A 6 4.69 -8.22 -0.19
NZ ALY A 6 6.36 -10.03 -0.42
CE ALY A 6 7.09 -11.11 -1.08
CD ALY A 6 6.49 -12.45 -0.77
CG ALY A 6 7.02 -13.53 -1.70
CB ALY A 6 7.08 -14.87 -0.96
CA ALY A 6 7.56 -16.06 -1.82
N ALY A 6 6.41 -16.64 -2.51
C ALY A 6 8.34 -17.06 -0.93
O ALY A 6 9.55 -17.03 -0.87
HH31 ALY A 6 4.17 -7.56 -0.86
HH32 ALY A 6 3.98 -8.67 0.50
HH33 ALY A 6 5.44 -7.66 0.37
HZ ALY A 6 6.60 -9.81 0.50
HE3 ALY A 6 7.07 -10.96 -2.13
HE2 ALY A 6 8.11 -11.10 -0.74
HD3 ALY A 6 6.71 -12.72 0.26
HD2 ALY A 6 5.43 -12.39 -0.88
HG3 ALY A 6 6.33 -13.64 -2.54
HG2 ALY A 6 8.00 -13.26 -2.07
HB3 ALY A 6 7.72 -14.73 -0.10
HB2 ALY A 6 6.08 -15.09 -0.60
HA ALY A 6 8.23 -15.66 -2.59
H ALY A 6 5.60 -16.11 -2.59
N ARG A 7 7.62 -17.98 -0.28
CA ARG A 7 8.17 -18.70 0.88
C ARG A 7 8.72 -17.71 1.89
N GLY A 8 8.25 -16.47 1.77
CA GLY A 8 8.73 -15.39 2.60
C GLY A 8 7.88 -15.22 3.84
OH ALY A 9 8.54 -8.67 2.27
CH ALY A 9 8.85 -9.35 3.25
CH3 ALY A 9 10.11 -9.03 4.04
NZ ALY A 9 8.11 -10.37 3.64
CE ALY A 9 6.88 -10.78 2.98
CD ALY A 9 5.95 -11.42 3.97
CG ALY A 9 6.35 -12.84 4.26
CB ALY A 9 6.58 -13.10 5.73
CA ALY A 9 7.73 -14.08 6.05
N ALY A 9 8.44 -14.52 4.83
C ALY A 9 7.22 -15.25 6.88
O ALY A 9 7.14 -16.39 6.43
HH31 ALY A 9 10.13 -7.97 4.26
HH32 ALY A 9 10.09 -9.59 4.96
HH33 ALY A 9 10.97 -9.29 3.45
HZ ALY A 9 8.39 -10.87 4.43
HE3 ALY A 9 6.39 -9.91 2.56
HE2 ALY A 9 7.11 -11.50 2.19
HD3 ALY A 9 5.97 -10.86 4.87
HD2 ALY A 9 4.96 -11.42 3.58
HG3 ALY A 9 5.58 -13.48 3.92
HG2 ALY A 9 7.24 -13.04 3.71
HB3 ALY A 9 6.79 -12.16 6.22
HB2 ALY A 9 5.67 -13.51 6.13
HA ALY A 9 8.43 -13.55 6.65
H ALY A 9 9.40 -14.30 4.77
N LYS A 10 6.91 -14.94 8.13
CA LYS A 10 6.32 -15.89 9.05
C LYS A 10 5.59 -15.11 10.14
N SER A 11 4.92 -14.05 9.69
CA SER A 11 4.18 -13.12 10.56
C SER A 11 5.06 -12.58 11.68
N ALA A 12 4.44 -11.90 12.64
CA ALA A 12 5.16 -11.36 13.77
C ALA A 12 4.29 -11.36 15.01
N LYS B 1 15.79 27.60 6.08
CA LYS B 1 14.46 27.98 6.57
C LYS B 1 13.57 26.76 6.69
N ASP B 2 12.44 26.90 7.34
CA ASP B 2 11.53 25.78 7.55
C ASP B 2 10.11 26.19 7.22
N VAL B 3 9.28 25.23 6.86
CA VAL B 3 7.88 25.48 6.65
C VAL B 3 7.12 25.24 7.94
N PRO B 4 6.35 26.24 8.37
CA PRO B 4 5.72 26.28 9.68
C PRO B 4 4.81 25.08 9.94
N ASP B 5 5.33 24.11 10.67
CA ASP B 5 4.60 22.90 11.04
C ASP B 5 4.20 22.10 9.80
N SER B 6 4.97 22.29 8.72
CA SER B 6 4.70 21.64 7.43
C SER B 6 3.39 22.14 6.81
N GLN B 7 3.36 22.23 5.47
CA GLN B 7 2.16 22.65 4.72
C GLN B 7 1.89 24.15 4.83
N GLN B 8 2.10 24.70 6.04
CA GLN B 8 1.90 26.11 6.34
C GLN B 8 0.41 26.46 6.38
N HIS B 9 -0.30 26.25 5.28
CA HIS B 9 -1.72 26.54 5.25
C HIS B 9 -2.48 25.48 4.47
N PRO B 10 -3.57 24.99 5.04
CA PRO B 10 -4.51 24.11 4.38
C PRO B 10 -5.33 24.88 3.35
N ALA B 11 -5.08 24.64 2.09
CA ALA B 11 -5.75 25.38 1.03
C ALA B 11 -6.84 24.58 0.38
N PRO B 12 -7.98 25.23 0.16
CA PRO B 12 -9.14 24.62 -0.46
C PRO B 12 -9.10 24.63 -1.98
N GLU B 13 -8.34 25.57 -2.55
CA GLU B 13 -8.21 25.66 -4.00
C GLU B 13 -7.45 24.47 -4.53
N LYS B 14 -6.56 23.95 -3.70
CA LYS B 14 -5.85 22.72 -4.03
C LYS B 14 -6.52 21.56 -3.31
N SER B 15 -6.49 21.57 -1.99
CA SER B 15 -6.88 20.40 -1.23
C SER B 15 -7.93 20.68 -0.17
N SER B 16 -9.14 21.00 -0.59
CA SER B 16 -10.25 20.96 0.33
C SER B 16 -10.68 19.49 0.45
N LYS B 17 -10.18 18.71 -0.49
CA LYS B 17 -10.36 17.26 -0.51
C LYS B 17 -9.05 16.51 -0.30
N VAL B 18 -8.01 17.03 -0.92
CA VAL B 18 -6.88 16.24 -1.40
C VAL B 18 -5.84 15.92 -0.34
N SER B 19 -5.14 16.92 0.10
CA SER B 19 -4.23 16.76 1.21
C SER B 19 -5.00 16.29 2.46
N GLU B 20 -6.30 16.57 2.46
CA GLU B 20 -7.21 16.03 3.45
C GLU B 20 -7.24 14.51 3.33
N GLN B 21 -7.19 14.06 2.07
CA GLN B 21 -7.13 12.65 1.75
C GLN B 21 -5.87 12.07 2.30
N LEU B 22 -4.79 12.82 2.28
CA LEU B 22 -3.54 12.29 2.72
C LEU B 22 -3.40 12.25 4.22
N LYS B 23 -4.03 13.17 4.91
CA LYS B 23 -4.02 13.09 6.35
C LYS B 23 -4.71 11.81 6.79
N CYS B 24 -5.67 11.41 5.97
CA CYS B 24 -6.39 10.17 6.12
C CYS B 24 -5.55 9.03 5.61
N CYS B 25 -5.13 9.14 4.34
CA CYS B 25 -4.32 8.13 3.68
C CYS B 25 -3.19 7.71 4.61
N SER B 26 -2.57 8.71 5.21
CA SER B 26 -1.43 8.45 6.07
C SER B 26 -1.85 7.65 7.28
N GLY B 27 -2.81 8.17 8.05
CA GLY B 27 -3.28 7.46 9.23
C GLY B 27 -3.73 6.06 8.90
N ILE B 28 -4.12 5.87 7.64
CA ILE B 28 -4.47 4.58 7.11
C ILE B 28 -3.26 3.64 6.98
N LEU B 29 -2.26 4.04 6.20
CA LEU B 29 -0.97 3.30 6.13
C LEU B 29 -0.38 3.17 7.49
N LYS B 30 -0.12 4.33 8.06
CA LYS B 30 0.31 4.46 9.45
C LYS B 30 -0.45 3.50 10.37
N GLU B 31 -1.71 3.23 10.05
CA GLU B 31 -2.49 2.24 10.78
C GLU B 31 -2.04 0.83 10.44
N MET B 32 -1.92 0.46 9.18
CA MET B 32 -1.37 -0.86 8.87
C MET B 32 0.04 -0.94 9.45
N PHE B 33 0.68 0.21 9.53
CA PHE B 33 1.97 0.36 10.19
C PHE B 33 1.84 0.17 11.70
N ALA B 34 0.61 0.32 12.20
CA ALA B 34 0.32 0.19 13.62
C ALA B 34 0.80 -1.16 14.14
N LYS B 35 1.20 -1.19 15.40
CA LYS B 35 1.60 -2.44 16.03
C LYS B 35 0.43 -3.42 15.98
N LYS B 36 -0.75 -2.84 15.81
CA LYS B 36 -1.97 -3.58 15.53
C LYS B 36 -1.82 -4.40 14.23
N HIS B 37 -1.30 -3.80 13.14
CA HIS B 37 -1.18 -4.51 11.87
C HIS B 37 0.25 -4.91 11.58
N ALA B 38 1.14 -4.63 12.51
CA ALA B 38 2.56 -4.94 12.34
C ALA B 38 2.85 -6.42 12.48
N ALA B 39 1.81 -7.19 12.67
CA ALA B 39 1.93 -8.63 12.64
C ALA B 39 1.93 -9.09 11.19
N TYR B 40 1.44 -8.23 10.31
CA TYR B 40 1.14 -8.62 8.94
C TYR B 40 1.21 -7.46 7.94
N ALA B 41 1.62 -6.30 8.41
CA ALA B 41 1.88 -5.19 7.50
C ALA B 41 3.33 -4.84 7.54
N TRP B 42 3.98 -5.30 8.59
CA TRP B 42 5.39 -5.06 8.79
C TRP B 42 6.25 -5.40 7.54
N PRO B 43 5.94 -6.48 6.74
CA PRO B 43 6.75 -6.85 5.56
C PRO B 43 6.38 -5.98 4.40
N PHE B 44 5.39 -5.15 4.65
CA PHE B 44 4.96 -4.20 3.69
C PHE B 44 5.59 -2.85 4.00
N TYR B 45 5.80 -2.49 5.30
CA TYR B 45 6.49 -1.22 5.61
C TYR B 45 7.72 -1.16 4.76
N LYS B 46 8.43 -2.23 4.78
CA LYS B 46 9.63 -2.35 4.04
C LYS B 46 9.43 -3.29 2.86
N PRO B 47 10.38 -3.27 1.96
CA PRO B 47 10.30 -3.98 0.69
C PRO B 47 10.37 -5.49 0.86
N VAL B 48 9.71 -6.22 -0.05
CA VAL B 48 9.82 -7.68 -0.11
C VAL B 48 11.29 -8.08 -0.10
N ASP B 49 11.65 -8.80 0.95
CA ASP B 49 13.03 -9.18 1.15
C ASP B 49 13.34 -10.45 0.42
N VAL B 50 13.89 -10.28 -0.75
CA VAL B 50 14.14 -11.36 -1.68
C VAL B 50 15.22 -12.30 -1.16
N GLU B 51 15.90 -11.88 -0.12
CA GLU B 51 16.91 -12.69 0.51
C GLU B 51 16.29 -13.45 1.68
N ALA B 52 15.70 -12.67 2.55
CA ALA B 52 15.04 -13.15 3.75
C ALA B 52 13.99 -14.16 3.43
N LEU B 53 13.18 -13.82 2.45
CA LEU B 53 12.07 -14.65 2.05
C LEU B 53 12.56 -15.82 1.22
N GLY B 54 13.79 -15.69 0.72
CA GLY B 54 14.36 -16.68 -0.15
C GLY B 54 13.71 -16.68 -1.50
N LEU B 55 13.41 -15.48 -1.97
CA LEU B 55 12.76 -15.29 -3.24
C LEU B 55 13.76 -15.52 -4.38
N HIS B 56 13.41 -16.33 -5.36
CA HIS B 56 14.31 -16.55 -6.49
C HIS B 56 13.63 -16.25 -7.82
N ASP B 57 12.35 -15.92 -7.77
CA ASP B 57 11.62 -15.55 -8.97
C ASP B 57 11.08 -14.13 -8.84
N TYR B 58 11.38 -13.52 -7.69
CA TYR B 58 10.91 -12.18 -7.32
C TYR B 58 10.89 -11.19 -8.47
N CYS B 59 12.05 -10.88 -9.03
CA CYS B 59 12.16 -9.81 -10.01
C CYS B 59 11.49 -10.21 -11.32
N ASP B 60 11.10 -11.46 -11.41
CA ASP B 60 10.30 -11.93 -12.51
C ASP B 60 8.87 -11.62 -12.25
N ILE B 61 8.44 -12.01 -11.09
CA ILE B 61 7.14 -11.69 -10.61
C ILE B 61 6.95 -10.20 -10.55
N ILE B 62 7.69 -9.64 -9.65
CA ILE B 62 7.49 -8.32 -9.17
C ILE B 62 8.11 -7.28 -10.09
N LYS B 63 7.29 -6.36 -10.53
CA LYS B 63 7.74 -5.30 -11.39
C LYS B 63 7.82 -4.01 -10.61
N HIS B 64 6.89 -3.87 -9.66
CA HIS B 64 6.81 -2.68 -8.83
C HIS B 64 6.26 -3.04 -7.49
N PRO B 65 7.15 -3.55 -6.68
CA PRO B 65 6.88 -3.91 -5.32
C PRO B 65 6.82 -2.66 -4.47
N MET B 66 5.70 -2.42 -3.87
CA MET B 66 5.56 -1.24 -3.06
C MET B 66 5.81 -1.60 -1.62
N ASP B 67 6.19 -0.63 -0.85
CA ASP B 67 6.38 -0.83 0.54
C ASP B 67 5.71 0.30 1.30
N MET B 68 4.92 -0.11 2.29
CA MET B 68 4.17 0.77 3.17
C MET B 68 5.01 1.97 3.63
N SER B 69 6.32 1.83 3.60
CA SER B 69 7.19 2.88 4.07
C SER B 69 7.43 3.94 2.99
N THR B 70 7.58 3.55 1.72
CA THR B 70 7.69 4.56 0.66
C THR B 70 6.40 5.30 0.51
N ILE B 71 5.33 4.57 0.24
CA ILE B 71 4.04 5.15 0.09
C ILE B 71 3.75 6.12 1.22
N LYS B 72 4.15 5.73 2.40
CA LYS B 72 4.09 6.58 3.55
C LYS B 72 5.06 7.75 3.42
N SER B 73 6.29 7.42 3.11
CA SER B 73 7.35 8.40 2.88
C SER B 73 6.88 9.46 1.90
N LYS B 74 6.10 9.01 0.91
CA LYS B 74 5.60 9.90 -0.11
C LYS B 74 4.46 10.73 0.45
N LEU B 75 3.64 10.11 1.30
CA LEU B 75 2.73 10.85 2.17
C LEU B 75 3.50 11.92 2.91
N GLU B 76 4.57 11.48 3.54
CA GLU B 76 5.45 12.31 4.32
C GLU B 76 6.22 13.26 3.41
N ALA B 77 6.10 13.00 2.13
CA ALA B 77 6.72 13.80 1.09
C ALA B 77 5.71 14.68 0.42
N ARG B 78 4.44 14.42 0.72
CA ARG B 78 3.32 15.08 0.07
C ARG B 78 3.41 14.89 -1.43
N GLU B 79 4.15 13.87 -1.77
CA GLU B 79 4.32 13.39 -3.13
C GLU B 79 3.01 12.84 -3.63
N TYR B 80 2.27 12.29 -2.68
CA TYR B 80 0.92 11.86 -2.92
C TYR B 80 0.02 13.05 -2.87
N ARG B 81 -0.63 13.26 -4.00
CA ARG B 81 -1.55 14.35 -4.17
C ARG B 81 -2.66 14.19 -3.19
N ASP B 82 -3.08 12.97 -3.09
CA ASP B 82 -4.19 12.60 -2.27
C ASP B 82 -4.03 11.17 -1.90
N ALA B 83 -4.99 10.67 -1.20
CA ALA B 83 -4.95 9.35 -0.68
C ALA B 83 -4.98 8.32 -1.81
N GLN B 84 -5.34 8.75 -3.00
CA GLN B 84 -5.42 7.83 -4.10
C GLN B 84 -4.07 7.65 -4.80
N GLU B 85 -3.13 8.61 -4.68
CA GLU B 85 -1.73 8.27 -4.95
C GLU B 85 -1.31 7.28 -3.89
N PHE B 86 -1.82 7.54 -2.68
CA PHE B 86 -1.52 6.74 -1.53
C PHE B 86 -1.89 5.28 -1.76
N GLY B 87 -3.17 5.03 -1.94
CA GLY B 87 -3.65 3.68 -2.10
C GLY B 87 -3.28 3.10 -3.43
N ALA B 88 -2.82 3.95 -4.32
CA ALA B 88 -2.28 3.50 -5.57
C ALA B 88 -1.08 2.62 -5.30
N ASP B 89 -0.28 3.04 -4.33
CA ASP B 89 0.90 2.32 -3.93
C ASP B 89 0.57 1.23 -2.89
N VAL B 90 -0.43 1.44 -2.03
CA VAL B 90 -0.93 0.34 -1.22
C VAL B 90 -1.34 -0.83 -2.12
N ARG B 91 -2.19 -0.53 -3.10
CA ARG B 91 -2.64 -1.55 -4.05
C ARG B 91 -1.45 -2.14 -4.80
N LEU B 92 -0.39 -1.35 -4.97
CA LEU B 92 0.87 -1.86 -5.51
C LEU B 92 1.37 -3.04 -4.69
N MET B 93 1.76 -2.74 -3.45
CA MET B 93 2.37 -3.75 -2.59
C MET B 93 1.45 -4.92 -2.38
N PHE B 94 0.17 -4.63 -2.33
CA PHE B 94 -0.82 -5.67 -2.22
C PHE B 94 -0.87 -6.54 -3.48
N SER B 95 -1.04 -5.91 -4.64
CA SER B 95 -1.17 -6.66 -5.89
C SER B 95 0.07 -7.49 -6.16
N ASN B 96 1.23 -6.83 -6.20
CA ASN B 96 2.51 -7.51 -6.41
C ASN B 96 2.69 -8.63 -5.40
N CYS B 97 2.15 -8.45 -4.20
CA CYS B 97 2.17 -9.52 -3.23
C CYS B 97 1.41 -10.74 -3.77
N TYR B 98 0.12 -10.59 -4.06
CA TYR B 98 -0.67 -11.75 -4.47
C TYR B 98 -0.27 -12.25 -5.86
N LYS B 99 0.44 -11.43 -6.63
CA LYS B 99 1.01 -11.91 -7.89
C LYS B 99 1.98 -13.02 -7.59
N TYR B 100 2.95 -12.66 -6.77
CA TYR B 100 4.02 -13.53 -6.37
C TYR B 100 3.46 -14.71 -5.60
N ASN B 101 2.61 -14.40 -4.66
CA ASN B 101 2.23 -15.34 -3.64
C ASN B 101 0.91 -16.02 -3.91
N PRO B 102 0.88 -17.34 -3.71
CA PRO B 102 -0.36 -18.12 -3.64
C PRO B 102 -1.16 -17.70 -2.41
N PRO B 103 -2.50 -17.80 -2.45
CA PRO B 103 -3.36 -17.34 -1.34
C PRO B 103 -3.28 -18.22 -0.10
N ASP B 104 -2.43 -19.23 -0.14
CA ASP B 104 -2.15 -20.05 1.01
C ASP B 104 -0.90 -19.54 1.71
N HIS B 105 -0.33 -18.48 1.15
CA HIS B 105 0.95 -17.97 1.61
C HIS B 105 0.81 -17.14 2.87
N GLU B 106 1.90 -17.08 3.62
CA GLU B 106 2.05 -16.11 4.68
C GLU B 106 1.91 -14.67 4.16
N VAL B 107 2.70 -14.27 3.14
CA VAL B 107 2.69 -12.87 2.69
C VAL B 107 1.31 -12.45 2.27
N VAL B 108 0.59 -13.35 1.64
CA VAL B 108 -0.78 -13.05 1.27
C VAL B 108 -1.69 -13.04 2.49
N ALA B 109 -1.45 -13.97 3.40
CA ALA B 109 -2.09 -13.99 4.71
C ALA B 109 -2.09 -12.60 5.30
N MET B 110 -0.89 -12.07 5.42
CA MET B 110 -0.68 -10.75 5.98
C MET B 110 -1.14 -9.67 4.99
N ALA B 111 -0.93 -9.92 3.70
CA ALA B 111 -1.42 -9.03 2.63
C ALA B 111 -2.92 -8.77 2.73
N ARG B 112 -3.71 -9.85 2.78
CA ARG B 112 -5.15 -9.75 2.77
C ARG B 112 -5.69 -9.09 4.03
N LYS B 113 -4.92 -9.16 5.10
CA LYS B 113 -5.23 -8.45 6.31
C LYS B 113 -5.16 -6.95 6.09
N LEU B 114 -4.12 -6.51 5.44
CA LEU B 114 -3.98 -5.12 5.05
C LEU B 114 -5.04 -4.76 4.05
N GLN B 115 -5.28 -5.68 3.13
CA GLN B 115 -6.35 -5.53 2.16
C GLN B 115 -7.66 -5.27 2.89
N ASP B 116 -7.88 -6.00 3.97
CA ASP B 116 -9.04 -5.82 4.81
C ASP B 116 -9.05 -4.43 5.46
N VAL B 117 -7.95 -4.06 6.12
CA VAL B 117 -7.89 -2.78 6.81
C VAL B 117 -7.73 -1.59 5.86
N PHE B 118 -6.70 -1.59 5.00
CA PHE B 118 -6.52 -0.52 4.03
C PHE B 118 -7.80 -0.22 3.25
N GLU B 119 -8.38 -1.23 2.60
CA GLU B 119 -9.52 -0.97 1.72
C GLU B 119 -10.74 -0.54 2.52
N MET B 120 -10.81 -0.94 3.78
CA MET B 120 -11.86 -0.45 4.67
C MET B 120 -11.55 0.99 5.05
N ARG B 121 -10.29 1.23 5.43
CA ARG B 121 -9.83 2.58 5.72
C ARG B 121 -10.07 3.49 4.55
N PHE B 122 -9.78 2.97 3.37
CA PHE B 122 -9.82 3.74 2.15
C PHE B 122 -11.26 4.03 1.74
N ALA B 123 -12.16 3.17 2.16
CA ALA B 123 -13.58 3.36 1.90
C ALA B 123 -14.09 4.62 2.59
N LYS B 124 -13.35 5.07 3.61
CA LYS B 124 -13.69 6.27 4.33
C LYS B 124 -12.99 7.50 3.73
N MET B 125 -12.39 7.32 2.55
CA MET B 125 -11.68 8.42 1.88
C MET B 125 -12.61 9.19 0.97
N PRO B 126 -12.55 10.53 1.05
CA PRO B 126 -13.36 11.42 0.22
C PRO B 126 -13.00 11.36 -1.26
N ASP B 127 -13.56 12.28 -2.02
CA ASP B 127 -13.17 12.50 -3.41
C ASP B 127 -13.61 13.88 -3.85
N GLU B 128 -14.37 14.49 -2.99
CA GLU B 128 -15.01 15.76 -3.26
C GLU B 128 -14.03 16.92 -3.21
N SER A 1 2.09 -21.63 -8.88
CA SER A 1 2.69 -20.28 -8.89
C SER A 1 3.69 -20.14 -10.04
N PRO A 2 3.51 -19.12 -10.90
CA PRO A 2 4.46 -18.78 -11.94
C PRO A 2 5.54 -17.84 -11.41
N ALA A 3 5.50 -17.63 -10.11
CA ALA A 3 6.45 -16.76 -9.44
C ALA A 3 7.48 -17.60 -8.69
N GLN A 4 7.06 -18.13 -7.55
CA GLN A 4 7.89 -19.00 -6.70
C GLN A 4 7.17 -19.28 -5.39
N GLY A 5 6.33 -18.32 -5.01
CA GLY A 5 5.62 -18.44 -3.76
C GLY A 5 6.42 -17.91 -2.61
OH ALY A 6 5.35 -9.07 -2.23
CH ALY A 6 5.63 -9.22 -1.04
CH3 ALY A 6 5.09 -8.22 -0.01
NZ ALY A 6 6.40 -10.23 -0.64
CE ALY A 6 6.94 -11.24 -1.54
CD ALY A 6 7.25 -12.53 -0.82
CG ALY A 6 7.49 -13.67 -1.80
CB ALY A 6 7.46 -15.04 -1.10
CA ALY A 6 8.13 -16.16 -1.94
N ALY A 6 7.17 -16.83 -2.87
C ALY A 6 8.97 -17.12 -1.07
O ALY A 6 10.19 -17.16 -1.19
HH31 ALY A 6 4.78 -7.31 -0.52
HH32 ALY A 6 4.24 -8.66 0.50
HH33 ALY A 6 5.87 -7.99 0.70
HZ ALY A 6 6.59 -10.30 0.32
HE3 ALY A 6 6.24 -11.44 -2.32
HE2 ALY A 6 7.85 -10.87 -1.97
HD3 ALY A 6 8.16 -12.40 -0.24
HD2 ALY A 6 6.46 -12.78 -0.17
HG3 ALY A 6 6.73 -13.64 -2.56
HG2 ALY A 6 8.48 -13.52 -2.26
HB3 ALY A 6 7.95 -14.92 -0.15
HB2 ALY A 6 6.43 -15.31 -0.90
HA ALY A 6 8.84 -15.65 -2.62
H ALY A 6 7.08 -16.45 -3.76
N ARG A 7 8.30 -17.93 -0.24
CA ARG A 7 8.93 -18.63 0.89
C ARG A 7 9.28 -17.62 1.97
N GLY A 8 8.71 -16.44 1.79
CA GLY A 8 8.98 -15.34 2.68
C GLY A 8 8.05 -15.28 3.86
OH ALY A 9 8.75 -8.81 2.68
CH ALY A 9 8.91 -9.52 3.67
CH3 ALY A 9 10.07 -9.23 4.61
NZ ALY A 9 8.09 -10.50 3.97
CE ALY A 9 6.94 -10.86 3.17
CD ALY A 9 5.93 -11.58 4.03
CG ALY A 9 6.41 -12.98 4.33
CB ALY A 9 6.65 -13.22 5.80
CA ALY A 9 7.71 -14.27 6.12
N ALY A 9 8.52 -14.65 4.94
C ALY A 9 7.10 -15.45 6.86
O ALY A 9 6.69 -16.46 6.27
HH31 ALY A 9 10.08 -8.19 4.89
HH32 ALY A 9 9.96 -9.84 5.50
HH33 ALY A 9 11.01 -9.49 4.12
HZ ALY A 9 8.27 -11.03 4.78
HE3 ALY A 9 6.49 -9.97 2.77
HE2 ALY A 9 7.24 -11.53 2.35
HD3 ALY A 9 5.80 -11.04 4.95
HD2 ALY A 9 4.99 -11.64 3.51
HG3 ALY A 9 5.67 -13.67 4.01
HG2 ALY A 9 7.31 -13.15 3.77
HB3 ALY A 9 6.93 -12.28 6.26
HB2 ALY A 9 5.71 -13.55 6.23
HA ALY A 9 8.40 -13.81 6.81
H ALY A 9 9.47 -14.43 4.95
N LYS A 10 7.06 -15.33 8.17
CA LYS A 10 6.35 -16.25 9.03
C LYS A 10 5.80 -15.51 10.23
N SER A 11 5.53 -14.22 10.00
CA SER A 11 4.98 -13.33 11.02
C SER A 11 5.89 -13.32 12.24
N ALA A 12 7.16 -13.08 11.99
CA ALA A 12 8.16 -12.99 13.04
C ALA A 12 9.20 -11.96 12.66
N LYS B 1 -4.64 23.10 -22.80
CA LYS B 1 -4.73 22.05 -21.77
C LYS B 1 -6.05 22.12 -21.00
N ASP B 2 -6.74 23.25 -21.11
CA ASP B 2 -7.95 23.47 -20.32
C ASP B 2 -9.20 23.19 -21.13
N VAL B 3 -9.68 21.96 -21.01
CA VAL B 3 -10.89 21.53 -21.70
C VAL B 3 -12.11 21.86 -20.86
N PRO B 4 -13.20 22.31 -21.52
CA PRO B 4 -14.45 22.62 -20.84
C PRO B 4 -15.11 21.37 -20.25
N ASP B 5 -14.68 21.03 -19.05
CA ASP B 5 -15.15 19.83 -18.36
C ASP B 5 -15.85 20.22 -17.07
N SER B 6 -15.06 20.56 -16.06
CA SER B 6 -15.57 21.05 -14.78
C SER B 6 -16.47 20.01 -14.08
N GLN B 7 -16.15 18.73 -14.24
CA GLN B 7 -16.81 17.71 -13.43
C GLN B 7 -15.90 17.35 -12.27
N GLN B 8 -14.60 17.39 -12.53
CA GLN B 8 -13.60 17.29 -11.47
C GLN B 8 -13.11 18.69 -11.14
N HIS B 9 -13.72 19.29 -10.13
CA HIS B 9 -13.45 20.67 -9.79
C HIS B 9 -12.09 20.80 -9.11
N PRO B 10 -11.30 21.77 -9.58
CA PRO B 10 -9.97 22.07 -9.03
C PRO B 10 -10.05 22.49 -7.58
N ALA B 11 -9.24 21.86 -6.74
CA ALA B 11 -9.31 22.09 -5.30
C ALA B 11 -8.72 23.44 -4.92
N PRO B 12 -9.31 24.05 -3.90
CA PRO B 12 -8.87 25.33 -3.37
C PRO B 12 -7.70 25.18 -2.38
N GLU B 13 -6.73 26.08 -2.50
CA GLU B 13 -5.53 26.05 -1.67
C GLU B 13 -4.88 24.67 -1.72
N LYS B 14 -4.71 24.18 -2.94
CA LYS B 14 -4.13 22.85 -3.21
C LYS B 14 -5.11 21.74 -2.85
N SER B 15 -5.59 21.71 -1.61
CA SER B 15 -6.33 20.57 -1.15
C SER B 15 -7.77 20.87 -0.73
N SER B 16 -7.97 21.07 0.59
CA SER B 16 -9.29 21.03 1.25
C SER B 16 -9.87 19.59 1.20
N LYS B 17 -9.53 18.89 0.13
CA LYS B 17 -9.83 17.47 -0.01
C LYS B 17 -8.56 16.64 -0.02
N VAL B 18 -7.62 17.14 -0.78
CA VAL B 18 -6.54 16.34 -1.34
C VAL B 18 -5.48 15.96 -0.32
N SER B 19 -4.80 16.95 0.19
CA SER B 19 -3.85 16.71 1.25
C SER B 19 -4.57 16.25 2.52
N GLU B 20 -5.87 16.51 2.58
CA GLU B 20 -6.74 15.94 3.61
C GLU B 20 -6.84 14.43 3.40
N GLN B 21 -6.89 14.05 2.12
CA GLN B 21 -6.91 12.66 1.72
C GLN B 21 -5.68 11.99 2.28
N LEU B 22 -4.57 12.68 2.20
CA LEU B 22 -3.34 12.11 2.67
C LEU B 22 -3.27 12.09 4.17
N LYS B 23 -3.78 13.11 4.84
CA LYS B 23 -3.82 13.10 6.28
C LYS B 23 -4.56 11.88 6.79
N CYS B 24 -5.63 11.59 6.07
CA CYS B 24 -6.45 10.44 6.32
C CYS B 24 -5.70 9.19 5.94
N CYS B 25 -5.22 9.19 4.72
CA CYS B 25 -4.56 8.06 4.13
C CYS B 25 -3.27 7.71 4.84
N SER B 26 -2.59 8.72 5.36
CA SER B 26 -1.42 8.45 6.14
C SER B 26 -1.81 7.64 7.34
N GLY B 27 -2.77 8.16 8.11
CA GLY B 27 -3.28 7.43 9.26
C GLY B 27 -3.77 6.05 8.88
N ILE B 28 -4.10 5.89 7.61
CA ILE B 28 -4.47 4.62 7.04
C ILE B 28 -3.27 3.66 6.98
N LEU B 29 -2.25 4.04 6.23
CA LEU B 29 -0.99 3.28 6.18
C LEU B 29 -0.41 3.17 7.54
N LYS B 30 -0.15 4.31 8.11
CA LYS B 30 0.26 4.44 9.51
C LYS B 30 -0.54 3.49 10.43
N GLU B 31 -1.80 3.24 10.09
CA GLU B 31 -2.61 2.26 10.81
C GLU B 31 -2.17 0.85 10.48
N MET B 32 -2.09 0.48 9.22
CA MET B 32 -1.52 -0.83 8.88
C MET B 32 -0.10 -0.92 9.47
N PHE B 33 0.53 0.24 9.61
CA PHE B 33 1.82 0.37 10.30
C PHE B 33 1.66 0.24 11.82
N ALA B 34 0.43 0.30 12.29
CA ALA B 34 0.13 0.17 13.71
C ALA B 34 0.61 -1.16 14.24
N LYS B 35 0.99 -1.20 15.50
CA LYS B 35 1.37 -2.46 16.16
C LYS B 35 0.24 -3.45 15.94
N LYS B 36 -0.97 -2.91 15.97
CA LYS B 36 -2.18 -3.60 15.59
C LYS B 36 -2.00 -4.41 14.29
N HIS B 37 -1.43 -3.80 13.24
CA HIS B 37 -1.27 -4.52 11.97
C HIS B 37 0.19 -4.89 11.75
N ALA B 38 1.05 -4.62 12.71
CA ALA B 38 2.46 -4.95 12.60
C ALA B 38 2.69 -6.42 12.83
N ALA B 39 1.62 -7.13 13.05
CA ALA B 39 1.67 -8.56 13.09
C ALA B 39 1.77 -9.09 11.68
N TYR B 40 1.36 -8.27 10.71
CA TYR B 40 1.22 -8.74 9.35
C TYR B 40 1.47 -7.68 8.29
N ALA B 41 1.52 -6.44 8.66
CA ALA B 41 1.79 -5.39 7.68
C ALA B 41 3.25 -5.03 7.73
N TRP B 42 3.88 -5.46 8.79
CA TRP B 42 5.28 -5.22 8.99
C TRP B 42 6.16 -5.63 7.78
N PRO B 43 5.84 -6.72 6.99
CA PRO B 43 6.66 -7.09 5.81
C PRO B 43 6.26 -6.22 4.64
N PHE B 44 5.37 -5.31 4.92
CA PHE B 44 4.94 -4.33 3.96
C PHE B 44 5.51 -2.96 4.32
N TYR B 45 5.66 -2.64 5.64
CA TYR B 45 6.33 -1.37 6.02
C TYR B 45 7.59 -1.27 5.23
N LYS B 46 8.26 -2.37 5.20
CA LYS B 46 9.47 -2.47 4.50
C LYS B 46 9.32 -3.43 3.33
N PRO B 47 10.30 -3.44 2.46
CA PRO B 47 10.22 -4.12 1.17
C PRO B 47 10.30 -5.64 1.30
N VAL B 48 9.64 -6.32 0.35
CA VAL B 48 9.76 -7.77 0.20
C VAL B 48 11.23 -8.14 0.24
N ASP B 49 11.59 -8.83 1.32
CA ASP B 49 12.97 -9.10 1.60
C ASP B 49 13.46 -10.32 0.86
N VAL B 50 14.00 -10.06 -0.30
CA VAL B 50 14.43 -11.08 -1.23
C VAL B 50 15.57 -11.93 -0.68
N GLU B 51 16.19 -11.43 0.36
CA GLU B 51 17.30 -12.12 1.00
C GLU B 51 16.76 -12.96 2.15
N ALA B 52 15.97 -12.32 2.96
CA ALA B 52 15.33 -12.91 4.12
C ALA B 52 14.37 -14.01 3.70
N LEU B 53 13.50 -13.66 2.77
CA LEU B 53 12.42 -14.54 2.34
C LEU B 53 12.96 -15.68 1.50
N GLY B 54 14.19 -15.51 1.01
CA GLY B 54 14.81 -16.49 0.15
C GLY B 54 14.26 -16.42 -1.25
N LEU B 55 13.91 -15.22 -1.65
CA LEU B 55 13.34 -14.98 -2.95
C LEU B 55 14.42 -15.09 -4.02
N HIS B 56 14.28 -16.02 -4.94
CA HIS B 56 15.27 -16.14 -6.02
C HIS B 56 14.65 -15.91 -7.39
N ASP B 57 13.38 -15.53 -7.40
CA ASP B 57 12.68 -15.21 -8.64
C ASP B 57 12.04 -13.83 -8.54
N TYR B 58 12.22 -13.21 -7.38
CA TYR B 58 11.66 -11.89 -7.04
C TYR B 58 11.67 -10.90 -8.19
N CYS B 59 12.85 -10.58 -8.69
CA CYS B 59 12.99 -9.50 -9.67
C CYS B 59 12.33 -9.87 -10.99
N ASP B 60 12.00 -11.14 -11.14
CA ASP B 60 11.24 -11.61 -12.29
C ASP B 60 9.78 -11.35 -12.07
N ILE B 61 9.36 -11.71 -10.90
CA ILE B 61 8.02 -11.44 -10.46
C ILE B 61 7.78 -9.97 -10.38
N ILE B 62 8.52 -9.38 -9.50
CA ILE B 62 8.27 -8.08 -8.99
C ILE B 62 8.88 -7.01 -9.87
N LYS B 63 8.03 -6.09 -10.30
CA LYS B 63 8.46 -4.98 -11.12
C LYS B 63 8.34 -3.71 -10.29
N HIS B 64 7.34 -3.72 -9.41
CA HIS B 64 7.08 -2.62 -8.51
C HIS B 64 6.55 -3.17 -7.22
N PRO B 65 7.48 -3.51 -6.39
CA PRO B 65 7.23 -3.92 -5.05
C PRO B 65 7.01 -2.69 -4.21
N MET B 66 5.83 -2.57 -3.67
CA MET B 66 5.51 -1.41 -2.92
C MET B 66 5.57 -1.72 -1.44
N ASP B 67 6.09 -0.78 -0.71
CA ASP B 67 6.30 -0.95 0.69
C ASP B 67 5.64 0.19 1.43
N MET B 68 4.86 -0.19 2.43
CA MET B 68 4.11 0.71 3.29
C MET B 68 4.95 1.90 3.71
N SER B 69 6.27 1.77 3.70
CA SER B 69 7.13 2.85 4.10
C SER B 69 7.34 3.88 2.99
N THR B 70 7.49 3.46 1.73
CA THR B 70 7.62 4.45 0.65
C THR B 70 6.34 5.21 0.50
N ILE B 71 5.26 4.49 0.24
CA ILE B 71 3.96 5.07 0.11
C ILE B 71 3.67 6.05 1.21
N LYS B 72 4.07 5.66 2.40
CA LYS B 72 4.02 6.53 3.54
C LYS B 72 4.98 7.69 3.40
N SER B 73 6.21 7.37 3.09
CA SER B 73 7.27 8.35 2.87
C SER B 73 6.82 9.42 1.91
N LYS B 74 6.02 9.02 0.94
CA LYS B 74 5.53 9.91 -0.09
C LYS B 74 4.36 10.71 0.44
N LEU B 75 3.54 10.08 1.27
CA LEU B 75 2.63 10.82 2.14
C LEU B 75 3.40 11.89 2.88
N GLU B 76 4.46 11.44 3.53
CA GLU B 76 5.34 12.28 4.32
C GLU B 76 6.11 13.24 3.43
N ALA B 77 6.04 12.98 2.14
CA ALA B 77 6.70 13.78 1.14
C ALA B 77 5.71 14.67 0.43
N ARG B 78 4.43 14.40 0.70
CA ARG B 78 3.33 15.06 0.02
C ARG B 78 3.46 14.86 -1.49
N GLU B 79 4.29 13.88 -1.82
CA GLU B 79 4.48 13.37 -3.15
C GLU B 79 3.18 12.81 -3.64
N TYR B 80 2.44 12.29 -2.70
CA TYR B 80 1.09 11.88 -2.92
C TYR B 80 0.23 13.09 -2.78
N ARG B 81 -0.29 13.50 -3.91
CA ARG B 81 -1.22 14.62 -3.99
C ARG B 81 -2.39 14.36 -3.09
N ASP B 82 -2.88 13.14 -3.17
CA ASP B 82 -4.02 12.72 -2.40
C ASP B 82 -3.91 11.26 -2.14
N ALA B 83 -4.95 10.74 -1.57
CA ALA B 83 -4.92 9.46 -0.98
C ALA B 83 -5.00 8.35 -2.00
N GLN B 84 -5.25 8.70 -3.24
CA GLN B 84 -5.39 7.67 -4.24
C GLN B 84 -4.07 7.46 -4.92
N GLU B 85 -3.21 8.47 -4.80
CA GLU B 85 -1.78 8.29 -4.86
C GLU B 85 -1.39 7.22 -3.87
N PHE B 86 -1.86 7.46 -2.65
CA PHE B 86 -1.58 6.62 -1.53
C PHE B 86 -1.94 5.17 -1.79
N GLY B 87 -3.22 4.93 -1.93
CA GLY B 87 -3.69 3.58 -2.06
C GLY B 87 -3.34 2.96 -3.38
N ALA B 88 -2.88 3.78 -4.30
CA ALA B 88 -2.36 3.29 -5.54
C ALA B 88 -1.15 2.42 -5.27
N ASP B 89 -0.33 2.88 -4.35
CA ASP B 89 0.84 2.14 -3.92
C ASP B 89 0.46 1.03 -2.94
N VAL B 90 -0.49 1.24 -2.02
CA VAL B 90 -0.99 0.14 -1.22
C VAL B 90 -1.47 -1.00 -2.12
N ARG B 91 -2.30 -0.67 -3.10
CA ARG B 91 -2.79 -1.64 -4.06
C ARG B 91 -1.66 -2.24 -4.87
N LEU B 92 -0.66 -1.42 -5.21
CA LEU B 92 0.56 -1.90 -5.79
C LEU B 92 1.22 -2.93 -4.89
N MET B 93 1.44 -2.51 -3.65
CA MET B 93 2.04 -3.30 -2.60
C MET B 93 1.37 -4.64 -2.46
N PHE B 94 0.07 -4.58 -2.37
CA PHE B 94 -0.72 -5.79 -2.31
C PHE B 94 -0.60 -6.58 -3.63
N SER B 95 -0.59 -5.85 -4.74
CA SER B 95 -0.50 -6.47 -6.06
C SER B 95 0.77 -7.28 -6.23
N ASN B 96 1.93 -6.61 -6.10
CA ASN B 96 3.23 -7.28 -6.24
C ASN B 96 3.31 -8.46 -5.29
N CYS B 97 2.61 -8.36 -4.18
CA CYS B 97 2.58 -9.45 -3.23
C CYS B 97 1.92 -10.69 -3.85
N TYR B 98 0.68 -10.57 -4.33
CA TYR B 98 -0.03 -11.76 -4.80
C TYR B 98 0.50 -12.24 -6.15
N LYS B 99 1.24 -11.39 -6.86
CA LYS B 99 1.91 -11.83 -8.07
C LYS B 99 2.87 -12.93 -7.72
N TYR B 100 3.70 -12.61 -6.75
CA TYR B 100 4.74 -13.47 -6.30
C TYR B 100 4.15 -14.61 -5.48
N ASN B 101 3.19 -14.27 -4.64
CA ASN B 101 2.69 -15.19 -3.65
C ASN B 101 1.32 -15.77 -4.01
N PRO B 102 1.19 -17.09 -3.86
CA PRO B 102 -0.11 -17.78 -3.88
C PRO B 102 -0.93 -17.40 -2.65
N PRO B 103 -2.27 -17.51 -2.71
CA PRO B 103 -3.14 -17.11 -1.60
C PRO B 103 -3.12 -18.08 -0.42
N ASP B 104 -2.27 -19.08 -0.51
CA ASP B 104 -2.03 -19.99 0.62
C ASP B 104 -0.78 -19.55 1.37
N HIS B 105 -0.24 -18.42 0.95
CA HIS B 105 1.02 -17.93 1.48
C HIS B 105 0.85 -17.14 2.76
N GLU B 106 1.94 -17.01 3.48
CA GLU B 106 2.06 -16.08 4.56
C GLU B 106 2.01 -14.63 4.08
N VAL B 107 2.84 -14.23 3.11
CA VAL B 107 2.86 -12.85 2.66
C VAL B 107 1.49 -12.39 2.27
N VAL B 108 0.81 -13.26 1.53
CA VAL B 108 -0.55 -12.96 1.14
C VAL B 108 -1.47 -12.92 2.35
N ALA B 109 -1.29 -13.88 3.25
CA ALA B 109 -1.99 -13.90 4.53
C ALA B 109 -1.98 -12.50 5.15
N MET B 110 -0.77 -11.99 5.26
CA MET B 110 -0.51 -10.67 5.79
C MET B 110 -1.14 -9.63 4.89
N ALA B 111 -0.88 -9.81 3.60
CA ALA B 111 -1.42 -8.99 2.54
C ALA B 111 -2.95 -8.77 2.65
N ARG B 112 -3.72 -9.86 2.76
CA ARG B 112 -5.19 -9.76 2.78
C ARG B 112 -5.69 -9.03 4.01
N LYS B 113 -4.97 -9.15 5.11
CA LYS B 113 -5.31 -8.43 6.32
C LYS B 113 -5.25 -6.94 6.10
N LEU B 114 -4.23 -6.54 5.37
CA LEU B 114 -4.06 -5.16 5.01
C LEU B 114 -5.13 -4.72 4.04
N GLN B 115 -5.53 -5.64 3.18
CA GLN B 115 -6.68 -5.40 2.32
C GLN B 115 -7.91 -5.06 3.16
N ASP B 116 -8.12 -5.86 4.20
CA ASP B 116 -9.25 -5.66 5.10
C ASP B 116 -9.18 -4.27 5.74
N VAL B 117 -8.02 -3.93 6.28
CA VAL B 117 -7.85 -2.64 6.94
C VAL B 117 -7.71 -1.49 5.95
N PHE B 118 -6.68 -1.50 5.08
CA PHE B 118 -6.50 -0.45 4.09
C PHE B 118 -7.80 -0.10 3.35
N GLU B 119 -8.51 -1.10 2.85
CA GLU B 119 -9.71 -0.83 2.05
C GLU B 119 -10.85 -0.31 2.93
N MET B 120 -10.93 -0.78 4.17
CA MET B 120 -11.88 -0.23 5.13
C MET B 120 -11.49 1.22 5.38
N ARG B 121 -10.21 1.42 5.61
CA ARG B 121 -9.65 2.74 5.83
C ARG B 121 -9.93 3.63 4.65
N PHE B 122 -9.76 3.08 3.46
CA PHE B 122 -9.85 3.86 2.25
C PHE B 122 -11.30 4.22 1.95
N ALA B 123 -12.22 3.43 2.47
CA ALA B 123 -13.64 3.75 2.36
C ALA B 123 -13.96 5.02 3.15
N LYS B 124 -13.08 5.35 4.08
CA LYS B 124 -13.21 6.56 4.89
C LYS B 124 -12.50 7.75 4.22
N MET B 125 -12.15 7.58 2.95
CA MET B 125 -11.46 8.63 2.20
C MET B 125 -12.43 9.41 1.32
N PRO B 126 -12.25 10.74 1.26
CA PRO B 126 -13.07 11.61 0.41
C PRO B 126 -12.74 11.41 -1.07
N ASP B 127 -13.13 12.38 -1.89
CA ASP B 127 -12.80 12.36 -3.32
C ASP B 127 -12.99 13.73 -3.93
N GLU B 128 -13.87 14.49 -3.34
CA GLU B 128 -14.34 15.74 -3.91
C GLU B 128 -13.49 16.92 -3.45
N SER A 1 7.77 -23.35 -11.20
CA SER A 1 7.38 -22.21 -10.34
C SER A 1 7.02 -21.00 -11.20
N PRO A 2 5.75 -20.56 -11.16
CA PRO A 2 5.31 -19.37 -11.90
C PRO A 2 5.88 -18.09 -11.26
N ALA A 3 5.99 -18.13 -9.95
CA ALA A 3 6.65 -17.08 -9.22
C ALA A 3 7.72 -17.70 -8.32
N GLN A 4 7.28 -18.33 -7.23
CA GLN A 4 8.14 -19.05 -6.29
C GLN A 4 7.38 -19.31 -4.99
N GLY A 5 6.33 -18.50 -4.78
CA GLY A 5 5.57 -18.61 -3.56
C GLY A 5 6.30 -18.04 -2.38
OH ALY A 6 5.12 -9.12 -1.95
CH ALY A 6 5.47 -9.27 -0.78
CH3 ALY A 6 5.05 -8.26 0.28
NZ ALY A 6 6.21 -10.31 -0.41
CE ALY A 6 6.65 -11.35 -1.32
CD ALY A 6 6.44 -12.73 -0.74
CG ALY A 6 7.17 -13.78 -1.56
CB ALY A 6 7.24 -15.13 -0.84
CA ALY A 6 7.94 -16.22 -1.70
N ALY A 6 7.00 -16.91 -2.62
C ALY A 6 8.78 -17.17 -0.82
O ALY A 6 10.00 -17.22 -0.97
HH31 ALY A 6 4.95 -7.29 -0.16
HH32 ALY A 6 4.08 -8.58 0.69
HH33 ALY A 6 5.79 -8.24 1.08
HZ ALY A 6 6.46 -10.39 0.53
HE3 ALY A 6 6.08 -11.27 -2.24
HE2 ALY A 6 7.68 -11.22 -1.53
HD3 ALY A 6 6.76 -12.75 0.31
HD2 ALY A 6 5.39 -12.96 -0.77
HG3 ALY A 6 6.64 -13.92 -2.50
HG2 ALY A 6 8.18 -13.43 -1.77
HB3 ALY A 6 7.78 -14.97 0.08
HB2 ALY A 6 6.24 -15.44 -0.61
HA ALY A 6 8.63 -15.69 -2.36
H ALY A 6 6.85 -16.50 -3.50
N ARG A 7 8.13 -17.96 0.03
CA ARG A 7 8.78 -18.67 1.14
C ARG A 7 9.19 -17.67 2.18
N GLY A 8 8.55 -16.52 2.10
CA GLY A 8 8.85 -15.41 2.96
C GLY A 8 7.92 -15.33 4.15
OH ALY A 9 8.53 -8.73 2.87
CH ALY A 9 8.75 -9.49 3.80
CH3 ALY A 9 9.93 -9.23 4.72
NZ ALY A 9 7.99 -10.53 4.05
CE ALY A 9 6.84 -10.89 3.26
CD ALY A 9 5.82 -11.60 4.12
CG ALY A 9 6.29 -12.98 4.46
CB ALY A 9 6.48 -13.20 5.95
CA ALY A 9 7.58 -14.20 6.35
N ALY A 9 8.38 -14.64 5.20
C ALY A 9 6.99 -15.35 7.16
O ALY A 9 6.62 -16.39 6.63
HH31 ALY A 9 10.01 -8.17 4.92
HH32 ALY A 9 9.77 -9.76 5.65
HH33 ALY A 9 10.84 -9.57 4.26
HZ ALY A 9 8.22 -11.11 4.81
HE3 ALY A 9 6.39 -10.00 2.86
HE2 ALY A 9 7.13 -11.56 2.45
HD3 ALY A 9 5.69 -11.04 5.02
HD2 ALY A 9 4.89 -11.67 3.59
HG3 ALY A 9 5.57 -13.69 4.12
HG2 ALY A 9 7.22 -13.16 3.96
HB3 ALY A 9 6.69 -12.24 6.41
HB2 ALY A 9 5.54 -13.57 6.34
HA ALY A 9 8.25 -13.67 7.00
H ALY A 9 9.35 -14.43 5.21
N LYS A 10 6.93 -15.14 8.46
CA LYS A 10 6.26 -16.05 9.37
C LYS A 10 5.61 -15.25 10.49
N SER A 11 5.25 -14.01 10.16
CA SER A 11 4.58 -13.10 11.08
C SER A 11 5.47 -12.80 12.29
N ALA A 12 6.70 -12.41 12.01
CA ALA A 12 7.63 -12.02 13.05
C ALA A 12 7.98 -10.54 12.92
N LYS B 1 -22.33 9.76 -11.95
CA LYS B 1 -21.20 9.65 -12.90
C LYS B 1 -21.42 10.55 -14.10
N ASP B 2 -20.33 10.82 -14.83
CA ASP B 2 -20.36 11.69 -16.01
C ASP B 2 -20.71 13.11 -15.64
N VAL B 3 -19.72 13.83 -15.12
CA VAL B 3 -19.91 15.24 -14.77
C VAL B 3 -19.66 16.11 -16.01
N PRO B 4 -20.61 17.01 -16.29
CA PRO B 4 -20.58 17.87 -17.47
C PRO B 4 -19.41 18.84 -17.48
N ASP B 5 -18.49 18.62 -18.43
CA ASP B 5 -17.30 19.47 -18.65
C ASP B 5 -16.67 19.95 -17.34
N SER B 6 -16.48 19.01 -16.43
CA SER B 6 -15.85 19.30 -15.15
C SER B 6 -15.38 18.00 -14.53
N GLN B 7 -14.21 18.02 -13.90
CA GLN B 7 -13.64 16.82 -13.32
C GLN B 7 -12.97 17.13 -11.99
N GLN B 8 -13.73 16.94 -10.91
CA GLN B 8 -13.25 17.16 -9.54
C GLN B 8 -12.99 18.63 -9.27
N HIS B 9 -13.76 19.21 -8.35
CA HIS B 9 -13.62 20.62 -7.99
C HIS B 9 -12.20 20.95 -7.58
N PRO B 10 -11.67 21.99 -8.20
CA PRO B 10 -10.29 22.44 -8.01
C PRO B 10 -10.07 23.04 -6.63
N ALA B 11 -8.92 22.76 -6.05
CA ALA B 11 -8.59 23.29 -4.75
C ALA B 11 -8.11 24.72 -4.84
N PRO B 12 -8.46 25.51 -3.83
CA PRO B 12 -8.12 26.92 -3.76
C PRO B 12 -6.68 27.16 -3.35
N GLU B 13 -6.08 26.16 -2.73
CA GLU B 13 -4.67 26.19 -2.38
C GLU B 13 -3.99 24.91 -2.80
N LYS B 14 -4.29 23.84 -2.09
CA LYS B 14 -3.75 22.54 -2.42
C LYS B 14 -4.82 21.47 -2.33
N SER B 15 -5.63 21.51 -1.27
CA SER B 15 -6.51 20.39 -1.00
C SER B 15 -7.97 20.74 -0.80
N SER B 16 -8.35 20.95 0.46
CA SER B 16 -9.74 20.85 0.92
C SER B 16 -10.17 19.38 0.85
N LYS B 17 -9.76 18.71 -0.22
CA LYS B 17 -9.89 17.28 -0.35
C LYS B 17 -8.53 16.59 -0.32
N VAL B 18 -7.65 17.09 -1.13
CA VAL B 18 -6.49 16.32 -1.60
C VAL B 18 -5.50 15.95 -0.50
N SER B 19 -4.76 16.92 -0.01
CA SER B 19 -3.87 16.69 1.10
C SER B 19 -4.65 16.22 2.34
N GLU B 20 -5.93 16.55 2.39
CA GLU B 20 -6.79 16.08 3.46
C GLU B 20 -6.99 14.57 3.33
N GLN B 21 -7.04 14.13 2.07
CA GLN B 21 -7.02 12.73 1.72
C GLN B 21 -5.80 12.07 2.31
N LEU B 22 -4.67 12.72 2.17
CA LEU B 22 -3.44 12.15 2.61
C LEU B 22 -3.34 12.09 4.11
N LYS B 23 -3.89 13.08 4.80
CA LYS B 23 -3.90 13.07 6.25
C LYS B 23 -4.67 11.86 6.75
N CYS B 24 -5.71 11.54 6.00
CA CYS B 24 -6.51 10.36 6.23
C CYS B 24 -5.68 9.14 5.88
N CYS B 25 -5.18 9.14 4.66
CA CYS B 25 -4.45 8.02 4.15
C CYS B 25 -3.19 7.72 4.92
N SER B 26 -2.54 8.76 5.40
CA SER B 26 -1.35 8.54 6.18
C SER B 26 -1.71 7.77 7.41
N GLY B 27 -2.67 8.27 8.19
CA GLY B 27 -3.14 7.55 9.36
C GLY B 27 -3.67 6.17 9.01
N ILE B 28 -3.97 5.98 7.74
CA ILE B 28 -4.40 4.71 7.20
C ILE B 28 -3.24 3.74 7.01
N LEU B 29 -2.22 4.19 6.28
CA LEU B 29 -0.97 3.42 6.16
C LEU B 29 -0.34 3.24 7.50
N LYS B 30 -0.06 4.38 8.10
CA LYS B 30 0.36 4.48 9.49
C LYS B 30 -0.42 3.50 10.39
N GLU B 31 -1.66 3.21 9.99
CA GLU B 31 -2.48 2.22 10.69
C GLU B 31 -2.04 0.80 10.35
N MET B 32 -1.84 0.46 9.08
CA MET B 32 -1.24 -0.84 8.77
C MET B 32 0.11 -0.91 9.46
N PHE B 33 0.71 0.26 9.58
CA PHE B 33 1.95 0.42 10.31
C PHE B 33 1.72 0.30 11.82
N ALA B 34 0.46 0.34 12.25
CA ALA B 34 0.10 0.24 13.65
C ALA B 34 0.53 -1.09 14.22
N LYS B 35 0.88 -1.11 15.50
CA LYS B 35 1.19 -2.34 16.18
C LYS B 35 0.00 -3.30 16.04
N LYS B 36 -1.16 -2.68 15.96
CA LYS B 36 -2.41 -3.34 15.62
C LYS B 36 -2.28 -4.23 14.36
N HIS B 37 -1.61 -3.73 13.31
CA HIS B 37 -1.46 -4.50 12.07
C HIS B 37 -0.02 -4.91 11.88
N ALA B 38 0.83 -4.66 12.85
CA ALA B 38 2.25 -5.00 12.73
C ALA B 38 2.48 -6.48 12.90
N ALA B 39 1.42 -7.21 13.11
CA ALA B 39 1.48 -8.64 13.10
C ALA B 39 1.55 -9.13 11.67
N TYR B 40 1.14 -8.26 10.74
CA TYR B 40 0.95 -8.70 9.37
C TYR B 40 1.08 -7.57 8.34
N ALA B 41 1.38 -6.38 8.78
CA ALA B 41 1.66 -5.29 7.85
C ALA B 41 3.10 -4.95 7.93
N TRP B 42 3.72 -5.44 8.97
CA TRP B 42 5.12 -5.24 9.20
C TRP B 42 5.97 -5.61 7.96
N PRO B 43 5.65 -6.69 7.16
CA PRO B 43 6.45 -7.04 5.98
C PRO B 43 6.08 -6.16 4.81
N PHE B 44 5.18 -5.23 5.10
CA PHE B 44 4.77 -4.26 4.12
C PHE B 44 5.32 -2.91 4.48
N TYR B 45 5.54 -2.60 5.79
CA TYR B 45 6.18 -1.32 6.14
C TYR B 45 7.39 -1.19 5.26
N LYS B 46 8.09 -2.27 5.22
CA LYS B 46 9.29 -2.37 4.46
C LYS B 46 9.07 -3.30 3.28
N PRO B 47 10.02 -3.34 2.37
CA PRO B 47 9.91 -4.08 1.13
C PRO B 47 10.08 -5.58 1.34
N VAL B 48 9.45 -6.36 0.45
CA VAL B 48 9.62 -7.81 0.42
C VAL B 48 11.10 -8.15 0.53
N ASP B 49 11.45 -8.80 1.62
CA ASP B 49 12.84 -9.08 1.92
C ASP B 49 13.31 -10.32 1.21
N VAL B 50 13.91 -10.07 0.07
CA VAL B 50 14.28 -11.11 -0.87
C VAL B 50 15.38 -12.01 -0.31
N GLU B 51 15.99 -11.56 0.76
CA GLU B 51 17.02 -12.32 1.42
C GLU B 51 16.40 -13.13 2.54
N ALA B 52 15.71 -12.41 3.40
CA ALA B 52 15.01 -12.96 4.53
C ALA B 52 14.04 -14.04 4.11
N LEU B 53 13.29 -13.73 3.07
CA LEU B 53 12.24 -14.59 2.60
C LEU B 53 12.81 -15.73 1.75
N GLY B 54 14.06 -15.55 1.33
CA GLY B 54 14.71 -16.54 0.46
C GLY B 54 14.05 -16.60 -0.89
N LEU B 55 13.69 -15.44 -1.41
CA LEU B 55 12.90 -15.34 -2.63
C LEU B 55 13.67 -15.78 -3.86
N HIS B 56 14.76 -15.05 -4.15
CA HIS B 56 15.61 -15.31 -5.33
C HIS B 56 14.91 -14.90 -6.63
N ASP B 57 13.77 -15.52 -6.89
CA ASP B 57 13.02 -15.28 -8.14
C ASP B 57 12.30 -13.94 -8.10
N TYR B 58 12.23 -13.36 -6.91
CA TYR B 58 11.62 -12.06 -6.65
C TYR B 58 11.70 -11.07 -7.82
N CYS B 59 12.89 -10.75 -8.29
CA CYS B 59 13.07 -9.69 -9.29
C CYS B 59 12.38 -10.04 -10.61
N ASP B 60 12.12 -11.32 -10.81
CA ASP B 60 11.40 -11.78 -11.99
C ASP B 60 9.93 -11.56 -11.82
N ILE B 61 9.48 -11.96 -10.66
CA ILE B 61 8.11 -11.75 -10.24
C ILE B 61 7.80 -10.29 -10.13
N ILE B 62 8.49 -9.70 -9.21
CA ILE B 62 8.18 -8.42 -8.69
C ILE B 62 8.68 -7.32 -9.57
N LYS B 63 7.76 -6.76 -10.33
CA LYS B 63 8.06 -5.66 -11.20
C LYS B 63 8.03 -4.36 -10.43
N HIS B 64 7.09 -4.28 -9.49
CA HIS B 64 6.91 -3.09 -8.69
C HIS B 64 6.41 -3.49 -7.34
N PRO B 65 7.35 -3.72 -6.48
CA PRO B 65 7.12 -3.98 -5.10
C PRO B 65 6.91 -2.68 -4.36
N MET B 66 5.75 -2.51 -3.81
CA MET B 66 5.48 -1.35 -3.03
C MET B 66 5.71 -1.69 -1.59
N ASP B 67 6.07 -0.70 -0.81
CA ASP B 67 6.24 -0.90 0.60
C ASP B 67 5.60 0.24 1.33
N MET B 68 4.84 -0.13 2.34
CA MET B 68 4.10 0.78 3.20
C MET B 68 4.94 1.96 3.64
N SER B 69 6.25 1.81 3.65
CA SER B 69 7.14 2.87 4.08
C SER B 69 7.37 3.90 2.97
N THR B 70 7.49 3.48 1.71
CA THR B 70 7.60 4.46 0.63
C THR B 70 6.33 5.23 0.49
N ILE B 71 5.25 4.51 0.23
CA ILE B 71 3.94 5.10 0.09
C ILE B 71 3.66 6.07 1.22
N LYS B 72 4.07 5.69 2.38
CA LYS B 72 3.98 6.54 3.53
C LYS B 72 4.96 7.69 3.42
N SER B 73 6.19 7.36 3.13
CA SER B 73 7.26 8.32 2.92
C SER B 73 6.82 9.38 1.93
N LYS B 74 6.07 8.95 0.93
CA LYS B 74 5.59 9.83 -0.10
C LYS B 74 4.44 10.67 0.45
N LEU B 75 3.58 10.06 1.29
CA LEU B 75 2.68 10.81 2.14
C LEU B 75 3.46 11.87 2.90
N GLU B 76 4.51 11.40 3.56
CA GLU B 76 5.37 12.23 4.38
C GLU B 76 6.17 13.18 3.51
N ALA B 77 6.07 12.94 2.22
CA ALA B 77 6.73 13.74 1.21
C ALA B 77 5.72 14.62 0.50
N ARG B 78 4.44 14.35 0.76
CA ARG B 78 3.33 14.99 0.07
C ARG B 78 3.50 14.83 -1.43
N GLU B 79 4.28 13.82 -1.75
CA GLU B 79 4.48 13.33 -3.09
C GLU B 79 3.17 12.79 -3.61
N TYR B 80 2.44 12.18 -2.70
CA TYR B 80 1.09 11.77 -2.96
C TYR B 80 0.22 12.98 -2.90
N ARG B 81 -0.38 13.27 -4.04
CA ARG B 81 -1.25 14.41 -4.16
C ARG B 81 -2.36 14.26 -3.18
N ASP B 82 -2.87 13.05 -3.15
CA ASP B 82 -4.02 12.70 -2.37
C ASP B 82 -3.94 11.25 -2.03
N ALA B 83 -4.98 10.81 -1.43
CA ALA B 83 -5.04 9.50 -0.90
C ALA B 83 -5.08 8.44 -1.99
N GLN B 84 -5.50 8.83 -3.17
CA GLN B 84 -5.60 7.88 -4.24
C GLN B 84 -4.24 7.65 -4.89
N GLU B 85 -3.34 8.63 -4.75
CA GLU B 85 -1.91 8.36 -4.88
C GLU B 85 -1.53 7.30 -3.87
N PHE B 86 -1.96 7.57 -2.65
CA PHE B 86 -1.65 6.74 -1.52
C PHE B 86 -2.01 5.29 -1.75
N GLY B 87 -3.28 5.02 -1.89
CA GLY B 87 -3.76 3.67 -2.01
C GLY B 87 -3.36 3.03 -3.30
N ALA B 88 -2.98 3.85 -4.25
CA ALA B 88 -2.46 3.35 -5.49
C ALA B 88 -1.25 2.48 -5.22
N ASP B 89 -0.43 2.94 -4.30
CA ASP B 89 0.74 2.22 -3.87
C ASP B 89 0.41 1.13 -2.86
N VAL B 90 -0.55 1.35 -1.95
CA VAL B 90 -1.03 0.26 -1.13
C VAL B 90 -1.45 -0.92 -2.01
N ARG B 91 -2.27 -0.63 -3.01
CA ARG B 91 -2.68 -1.65 -3.97
C ARG B 91 -1.50 -2.13 -4.80
N LEU B 92 -0.46 -1.31 -4.90
CA LEU B 92 0.77 -1.69 -5.58
C LEU B 92 1.48 -2.78 -4.77
N MET B 93 1.61 -2.56 -3.45
CA MET B 93 2.26 -3.55 -2.58
C MET B 93 1.42 -4.78 -2.51
N PHE B 94 0.14 -4.60 -2.25
CA PHE B 94 -0.76 -5.71 -2.19
C PHE B 94 -0.72 -6.51 -3.50
N SER B 95 -0.63 -5.79 -4.62
CA SER B 95 -0.55 -6.41 -5.93
C SER B 95 0.68 -7.30 -6.03
N ASN B 96 1.89 -6.70 -5.89
CA ASN B 96 3.14 -7.46 -5.97
C ASN B 96 3.15 -8.62 -4.98
N CYS B 97 2.36 -8.51 -3.92
CA CYS B 97 2.26 -9.61 -2.97
C CYS B 97 1.56 -10.81 -3.62
N TYR B 98 0.25 -10.72 -3.85
CA TYR B 98 -0.49 -11.88 -4.37
C TYR B 98 -0.01 -12.21 -5.79
N LYS B 99 0.60 -11.23 -6.43
CA LYS B 99 1.26 -11.42 -7.72
C LYS B 99 2.33 -12.51 -7.60
N TYR B 100 3.18 -12.37 -6.59
CA TYR B 100 4.27 -13.30 -6.33
C TYR B 100 3.74 -14.54 -5.63
N ASN B 101 2.89 -14.32 -4.66
CA ASN B 101 2.48 -15.37 -3.74
C ASN B 101 1.20 -16.05 -4.14
N PRO B 102 1.11 -17.35 -3.83
CA PRO B 102 -0.16 -18.08 -3.79
C PRO B 102 -1.00 -17.58 -2.62
N PRO B 103 -2.33 -17.64 -2.71
CA PRO B 103 -3.22 -17.06 -1.69
C PRO B 103 -3.30 -17.88 -0.39
N ASP B 104 -2.54 -18.96 -0.32
CA ASP B 104 -2.43 -19.72 0.90
C ASP B 104 -1.17 -19.31 1.65
N HIS B 105 -0.47 -18.34 1.09
CA HIS B 105 0.82 -17.91 1.61
C HIS B 105 0.67 -17.06 2.87
N GLU B 106 1.75 -17.02 3.63
CA GLU B 106 1.91 -16.08 4.70
C GLU B 106 1.87 -14.62 4.20
N VAL B 107 2.68 -14.26 3.19
CA VAL B 107 2.72 -12.86 2.74
C VAL B 107 1.36 -12.41 2.32
N VAL B 108 0.68 -13.28 1.58
CA VAL B 108 -0.68 -12.96 1.17
C VAL B 108 -1.63 -12.93 2.35
N ALA B 109 -1.43 -13.85 3.28
CA ALA B 109 -2.12 -13.84 4.57
C ALA B 109 -2.10 -12.44 5.14
N MET B 110 -0.89 -11.91 5.22
CA MET B 110 -0.64 -10.58 5.74
C MET B 110 -1.21 -9.53 4.80
N ALA B 111 -0.90 -9.70 3.53
CA ALA B 111 -1.31 -8.79 2.47
C ALA B 111 -2.83 -8.71 2.33
N ARG B 112 -3.53 -9.76 2.76
CA ARG B 112 -5.00 -9.80 2.70
C ARG B 112 -5.60 -9.09 3.90
N LYS B 113 -4.88 -9.11 5.00
CA LYS B 113 -5.32 -8.41 6.20
C LYS B 113 -5.23 -6.92 6.01
N LEU B 114 -4.13 -6.50 5.41
CA LEU B 114 -3.97 -5.12 5.03
C LEU B 114 -4.99 -4.77 3.96
N GLN B 115 -5.19 -5.70 3.06
CA GLN B 115 -6.22 -5.59 2.05
C GLN B 115 -7.55 -5.27 2.72
N ASP B 116 -7.81 -5.99 3.81
CA ASP B 116 -9.01 -5.78 4.60
C ASP B 116 -9.01 -4.41 5.29
N VAL B 117 -7.97 -4.13 6.07
CA VAL B 117 -7.91 -2.87 6.80
C VAL B 117 -7.75 -1.67 5.86
N PHE B 118 -6.68 -1.62 5.06
CA PHE B 118 -6.50 -0.52 4.12
C PHE B 118 -7.75 -0.21 3.31
N GLU B 119 -8.43 -1.24 2.80
CA GLU B 119 -9.56 -0.99 1.90
C GLU B 119 -10.76 -0.42 2.68
N MET B 120 -10.96 -0.88 3.91
CA MET B 120 -11.96 -0.30 4.79
C MET B 120 -11.53 1.12 5.14
N ARG B 121 -10.25 1.20 5.50
CA ARG B 121 -9.57 2.44 5.79
C ARG B 121 -9.75 3.42 4.64
N PHE B 122 -9.62 2.89 3.43
CA PHE B 122 -9.68 3.70 2.23
C PHE B 122 -11.13 3.99 1.84
N ALA B 123 -12.02 3.11 2.26
CA ALA B 123 -13.46 3.30 2.03
C ALA B 123 -13.94 4.59 2.68
N LYS B 124 -13.25 4.99 3.74
CA LYS B 124 -13.51 6.27 4.36
C LYS B 124 -12.56 7.35 3.84
N MET B 125 -12.27 7.29 2.54
CA MET B 125 -11.53 8.35 1.87
C MET B 125 -12.45 9.15 0.98
N PRO B 126 -12.61 10.41 1.36
CA PRO B 126 -13.49 11.36 0.69
C PRO B 126 -13.00 11.84 -0.69
N ASP B 127 -13.80 12.68 -1.30
CA ASP B 127 -13.41 13.40 -2.52
C ASP B 127 -13.94 14.81 -2.47
N GLU B 128 -14.53 15.11 -1.34
CA GLU B 128 -15.13 16.41 -1.09
C GLU B 128 -14.07 17.42 -0.68
N SER A 1 7.68 -14.43 -17.18
CA SER A 1 7.89 -14.04 -15.76
C SER A 1 7.20 -15.03 -14.82
N PRO A 2 7.89 -16.11 -14.42
CA PRO A 2 7.34 -17.11 -13.50
C PRO A 2 7.29 -16.60 -12.07
N ALA A 3 6.29 -17.02 -11.32
CA ALA A 3 6.15 -16.57 -9.95
C ALA A 3 6.20 -17.72 -8.96
N GLN A 4 7.27 -17.75 -8.17
CA GLN A 4 7.35 -18.64 -7.01
C GLN A 4 6.28 -18.23 -6.02
N GLY A 5 5.98 -19.06 -5.04
CA GLY A 5 5.13 -18.62 -3.95
C GLY A 5 5.96 -18.09 -2.80
OH ALY A 6 5.14 -9.57 -2.20
CH ALY A 6 5.49 -9.49 -1.03
CH3 ALY A 6 4.89 -8.40 -0.13
NZ ALY A 6 6.38 -10.34 -0.51
CE ALY A 6 7.03 -11.41 -1.28
CD ALY A 6 6.44 -12.78 -0.99
CG ALY A 6 7.00 -13.83 -1.94
CB ALY A 6 7.03 -15.21 -1.29
CA ALY A 6 7.66 -16.31 -2.18
N ALY A 6 6.66 -16.97 -3.08
C ALY A 6 8.54 -17.28 -1.37
O ALY A 6 9.72 -17.40 -1.67
HH31 ALY A 6 4.47 -7.62 -0.75
HH32 ALY A 6 4.09 -8.82 0.49
HH33 ALY A 6 5.66 -7.98 0.51
HZ ALY A 6 6.63 -10.24 0.43
HE3 ALY A 6 6.92 -11.21 -2.31
HE2 ALY A 6 8.06 -11.43 -1.03
HD3 ALY A 6 6.65 -13.06 0.03
HD2 ALY A 6 5.38 -12.73 -1.12
HG3 ALY A 6 6.37 -13.87 -2.82
HG2 ALY A 6 8.00 -13.55 -2.25
HB3 ALY A 6 7.60 -15.10 -0.37
HB2 ALY A 6 6.02 -15.49 -1.02
HA ALY A 6 8.33 -15.78 -2.87
H ALY A 6 6.48 -16.53 -3.93
N ARG A 7 7.95 -18.03 -0.43
CA ARG A 7 8.65 -18.54 0.77
C ARG A 7 8.72 -17.37 1.74
N GLY A 8 7.95 -16.37 1.36
CA GLY A 8 7.80 -15.13 2.09
C GLY A 8 7.39 -15.31 3.54
OH ALY A 9 8.35 -8.75 2.43
CH ALY A 9 8.65 -9.42 3.40
CH3 ALY A 9 9.95 -9.16 4.14
NZ ALY A 9 7.87 -10.38 3.85
CE ALY A 9 6.60 -10.75 3.24
CD ALY A 9 5.73 -11.45 4.26
CG ALY A 9 6.12 -12.91 4.35
CB ALY A 9 6.50 -13.35 5.74
CA ALY A 9 7.71 -14.31 5.79
N ALY A 9 8.16 -14.71 4.44
C ALY A 9 7.37 -15.47 6.71
O ALY A 9 7.18 -16.62 6.28
HH31 ALY A 9 10.09 -8.10 4.28
HH32 ALY A 9 9.92 -9.66 5.10
HH33 ALY A 9 10.77 -9.55 3.55
HZ ALY A 9 8.16 -10.91 4.63
HE3 ALY A 9 6.09 -9.85 2.93
HE2 ALY A 9 6.78 -11.40 2.39
HD3 ALY A 9 5.86 -11.00 5.22
HD2 ALY A 9 4.69 -11.39 3.96
HG3 ALY A 9 5.30 -13.50 4.04
HG2 ALY A 9 6.94 -13.08 3.68
HB3 ALY A 9 6.73 -12.47 6.33
HB2 ALY A 9 5.65 -13.86 6.17
HA ALY A 9 8.51 -13.76 6.26
H ALY A 9 9.11 -14.56 4.22
N LYS A 10 7.32 -15.15 7.98
CA LYS A 10 6.78 -16.01 9.01
C LYS A 10 6.39 -15.13 10.19
N SER A 11 5.12 -14.73 10.20
CA SER A 11 4.61 -13.74 11.16
C SER A 11 4.94 -14.11 12.61
N ALA A 12 4.79 -15.38 12.95
CA ALA A 12 5.11 -15.85 14.29
C ALA A 12 6.30 -16.79 14.24
N LYS B 1 6.32 27.15 -20.29
CA LYS B 1 5.61 25.92 -19.90
C LYS B 1 4.17 25.97 -20.37
N ASP B 2 3.83 25.16 -21.37
CA ASP B 2 2.47 25.17 -21.91
C ASP B 2 1.73 23.90 -21.53
N VAL B 3 1.79 23.56 -20.26
CA VAL B 3 1.04 22.42 -19.74
C VAL B 3 -0.37 22.88 -19.43
N PRO B 4 -1.37 22.11 -19.86
CA PRO B 4 -2.78 22.43 -19.65
C PRO B 4 -3.13 22.40 -18.17
N ASP B 5 -3.96 23.35 -17.75
CA ASP B 5 -4.36 23.43 -16.34
C ASP B 5 -5.39 22.35 -16.03
N SER B 6 -4.91 21.13 -15.87
CA SER B 6 -5.75 20.01 -15.49
C SER B 6 -5.49 19.64 -14.05
N GLN B 7 -6.21 20.28 -13.14
CA GLN B 7 -6.05 20.05 -11.72
C GLN B 7 -6.57 18.66 -11.35
N GLN B 8 -7.52 18.15 -12.15
CA GLN B 8 -8.00 16.77 -12.03
C GLN B 8 -8.80 16.53 -10.75
N HIS B 9 -9.05 17.59 -10.00
CA HIS B 9 -9.78 17.48 -8.74
C HIS B 9 -10.23 18.85 -8.27
N PRO B 10 -11.49 18.95 -7.85
CA PRO B 10 -12.05 20.16 -7.27
C PRO B 10 -11.25 20.63 -6.07
N ALA B 11 -10.85 21.89 -6.07
CA ALA B 11 -10.05 22.47 -5.00
C ALA B 11 -9.88 23.95 -5.21
N PRO B 12 -9.82 24.70 -4.10
CA PRO B 12 -9.67 26.14 -4.12
C PRO B 12 -8.24 26.57 -4.43
N GLU B 13 -7.30 25.76 -4.01
CA GLU B 13 -5.87 26.01 -4.26
C GLU B 13 -5.17 24.72 -4.61
N LYS B 14 -5.07 23.84 -3.61
CA LYS B 14 -4.45 22.54 -3.80
C LYS B 14 -5.40 21.45 -3.33
N SER B 15 -5.91 21.57 -2.12
CA SER B 15 -6.66 20.47 -1.55
C SER B 15 -8.08 20.82 -1.11
N SER B 16 -8.26 21.06 0.19
CA SER B 16 -9.58 21.07 0.84
C SER B 16 -10.13 19.64 0.91
N LYS B 17 -9.82 18.86 -0.11
CA LYS B 17 -10.16 17.44 -0.16
C LYS B 17 -8.91 16.58 -0.13
N VAL B 18 -7.91 17.08 -0.81
CA VAL B 18 -6.85 16.25 -1.37
C VAL B 18 -5.76 15.93 -0.37
N SER B 19 -5.15 16.96 0.14
CA SER B 19 -4.22 16.82 1.23
C SER B 19 -4.96 16.32 2.48
N GLU B 20 -6.25 16.58 2.49
CA GLU B 20 -7.16 16.01 3.48
C GLU B 20 -7.22 14.49 3.29
N GLN B 21 -7.18 14.08 2.02
CA GLN B 21 -7.14 12.67 1.66
C GLN B 21 -5.89 12.06 2.25
N LEU B 22 -4.83 12.83 2.31
CA LEU B 22 -3.58 12.27 2.75
C LEU B 22 -3.44 12.19 4.26
N LYS B 23 -3.93 13.17 4.99
CA LYS B 23 -3.93 13.03 6.41
C LYS B 23 -4.72 11.80 6.83
N CYS B 24 -5.66 11.45 5.99
CA CYS B 24 -6.42 10.23 6.10
C CYS B 24 -5.59 9.07 5.59
N CYS B 25 -5.16 9.16 4.34
CA CYS B 25 -4.35 8.13 3.69
C CYS B 25 -3.24 7.70 4.62
N SER B 26 -2.58 8.69 5.20
CA SER B 26 -1.44 8.42 6.04
C SER B 26 -1.84 7.65 7.27
N GLY B 27 -2.80 8.18 8.03
CA GLY B 27 -3.28 7.48 9.22
C GLY B 27 -3.74 6.06 8.90
N ILE B 28 -4.08 5.86 7.64
CA ILE B 28 -4.43 4.58 7.11
C ILE B 28 -3.22 3.64 6.98
N LEU B 29 -2.22 4.05 6.21
CA LEU B 29 -0.93 3.32 6.14
C LEU B 29 -0.33 3.20 7.51
N LYS B 30 -0.12 4.34 8.10
CA LYS B 30 0.29 4.46 9.49
C LYS B 30 -0.50 3.48 10.39
N GLU B 31 -1.72 3.16 10.00
CA GLU B 31 -2.53 2.16 10.71
C GLU B 31 -2.10 0.74 10.35
N MET B 32 -2.02 0.39 9.08
CA MET B 32 -1.39 -0.91 8.74
C MET B 32 -0.02 -0.97 9.42
N PHE B 33 0.61 0.19 9.53
CA PHE B 33 1.90 0.35 10.22
C PHE B 33 1.74 0.18 11.73
N ALA B 34 0.51 0.31 12.20
CA ALA B 34 0.19 0.22 13.62
C ALA B 34 0.66 -1.10 14.19
N LYS B 35 1.08 -1.08 15.44
CA LYS B 35 1.45 -2.30 16.15
C LYS B 35 0.29 -3.30 16.05
N LYS B 36 -0.90 -2.74 15.93
CA LYS B 36 -2.11 -3.48 15.64
C LYS B 36 -1.96 -4.32 14.35
N HIS B 37 -1.44 -3.74 13.26
CA HIS B 37 -1.32 -4.48 12.00
C HIS B 37 0.12 -4.87 11.76
N ALA B 38 1.00 -4.57 12.69
CA ALA B 38 2.41 -4.90 12.56
C ALA B 38 2.64 -6.37 12.78
N ALA B 39 1.58 -7.08 13.03
CA ALA B 39 1.63 -8.52 13.07
C ALA B 39 1.74 -9.05 11.66
N TYR B 40 1.34 -8.21 10.70
CA TYR B 40 1.18 -8.67 9.33
C TYR B 40 1.36 -7.59 8.28
N ALA B 41 1.56 -6.37 8.70
CA ALA B 41 1.83 -5.30 7.75
C ALA B 41 3.28 -4.95 7.80
N TRP B 42 3.90 -5.40 8.86
CA TRP B 42 5.30 -5.20 9.07
C TRP B 42 6.14 -5.60 7.82
N PRO B 43 5.78 -6.68 7.03
CA PRO B 43 6.56 -7.05 5.85
C PRO B 43 6.18 -6.20 4.67
N PHE B 44 5.30 -5.27 4.94
CA PHE B 44 4.87 -4.32 3.96
C PHE B 44 5.46 -2.95 4.25
N TYR B 45 5.74 -2.59 5.52
CA TYR B 45 6.43 -1.31 5.80
C TYR B 45 7.62 -1.26 4.90
N LYS B 46 8.32 -2.34 4.92
CA LYS B 46 9.46 -2.51 4.09
C LYS B 46 9.13 -3.43 2.95
N PRO B 47 9.99 -3.47 1.96
CA PRO B 47 9.78 -4.19 0.71
C PRO B 47 9.99 -5.68 0.86
N VAL B 48 9.34 -6.45 -0.02
CA VAL B 48 9.53 -7.89 -0.10
C VAL B 48 11.01 -8.24 -0.02
N ASP B 49 11.36 -8.92 1.05
CA ASP B 49 12.75 -9.23 1.32
C ASP B 49 13.15 -10.50 0.61
N VAL B 50 13.76 -10.30 -0.54
CA VAL B 50 14.10 -11.36 -1.45
C VAL B 50 15.15 -12.29 -0.87
N GLU B 51 15.79 -11.84 0.19
CA GLU B 51 16.78 -12.64 0.87
C GLU B 51 16.12 -13.40 2.00
N ALA B 52 15.44 -12.65 2.82
CA ALA B 52 14.72 -13.15 3.98
C ALA B 52 13.67 -14.15 3.57
N LEU B 53 12.95 -13.80 2.52
CA LEU B 53 11.84 -14.59 2.06
C LEU B 53 12.32 -15.73 1.17
N GLY B 54 13.62 -15.73 0.89
CA GLY B 54 14.22 -16.74 0.03
C GLY B 54 13.63 -16.73 -1.35
N LEU B 55 13.48 -15.54 -1.88
CA LEU B 55 12.90 -15.34 -3.19
C LEU B 55 13.98 -15.47 -4.25
N HIS B 56 13.77 -16.33 -5.24
CA HIS B 56 14.73 -16.44 -6.34
C HIS B 56 14.05 -16.20 -7.68
N ASP B 57 12.78 -15.83 -7.62
CA ASP B 57 12.01 -15.53 -8.83
C ASP B 57 11.46 -14.11 -8.74
N TYR B 58 11.72 -13.48 -7.60
CA TYR B 58 11.22 -12.14 -7.25
C TYR B 58 11.25 -11.16 -8.41
N CYS B 59 12.42 -10.91 -8.97
CA CYS B 59 12.57 -9.84 -9.95
C CYS B 59 11.82 -10.16 -11.25
N ASP B 60 11.43 -11.42 -11.38
CA ASP B 60 10.61 -11.84 -12.49
C ASP B 60 9.16 -11.55 -12.22
N ILE B 61 8.79 -11.89 -11.02
CA ILE B 61 7.48 -11.58 -10.53
C ILE B 61 7.29 -10.08 -10.44
N ILE B 62 8.12 -9.54 -9.60
CA ILE B 62 7.97 -8.23 -9.07
C ILE B 62 8.64 -7.20 -9.92
N LYS B 63 7.80 -6.37 -10.49
CA LYS B 63 8.26 -5.29 -11.32
C LYS B 63 8.23 -4.01 -10.52
N HIS B 64 7.24 -3.94 -9.64
CA HIS B 64 7.05 -2.81 -8.77
C HIS B 64 6.50 -3.28 -7.46
N PRO B 65 7.42 -3.61 -6.59
CA PRO B 65 7.14 -3.94 -5.22
C PRO B 65 6.98 -2.67 -4.41
N MET B 66 5.82 -2.49 -3.86
CA MET B 66 5.57 -1.33 -3.05
C MET B 66 5.80 -1.69 -1.60
N ASP B 67 6.11 -0.70 -0.81
CA ASP B 67 6.29 -0.90 0.60
C ASP B 67 5.62 0.23 1.33
N MET B 68 4.82 -0.15 2.34
CA MET B 68 4.09 0.74 3.23
C MET B 68 4.94 1.93 3.66
N SER B 69 6.26 1.77 3.63
CA SER B 69 7.16 2.82 4.09
C SER B 69 7.40 3.87 3.00
N THR B 70 7.52 3.48 1.72
CA THR B 70 7.65 4.48 0.65
C THR B 70 6.37 5.24 0.51
N ILE B 71 5.29 4.53 0.26
CA ILE B 71 3.99 5.12 0.12
C ILE B 71 3.72 6.10 1.23
N LYS B 72 4.14 5.71 2.41
CA LYS B 72 4.09 6.57 3.55
C LYS B 72 5.06 7.73 3.42
N SER B 73 6.28 7.40 3.11
CA SER B 73 7.33 8.39 2.88
C SER B 73 6.87 9.44 1.89
N LYS B 74 6.12 8.98 0.89
CA LYS B 74 5.60 9.84 -0.14
C LYS B 74 4.47 10.70 0.43
N LEU B 75 3.63 10.08 1.29
CA LEU B 75 2.72 10.83 2.15
C LEU B 75 3.49 11.91 2.87
N GLU B 76 4.56 11.48 3.51
CA GLU B 76 5.43 12.33 4.29
C GLU B 76 6.17 13.29 3.38
N ALA B 77 6.06 13.01 2.10
CA ALA B 77 6.69 13.80 1.06
C ALA B 77 5.68 14.67 0.37
N ARG B 78 4.40 14.40 0.67
CA ARG B 78 3.29 15.06 0.00
C ARG B 78 3.38 14.85 -1.51
N GLU B 79 4.20 13.87 -1.84
CA GLU B 79 4.35 13.34 -3.17
C GLU B 79 3.01 12.81 -3.63
N TYR B 80 2.29 12.26 -2.68
CA TYR B 80 0.90 11.90 -2.88
C TYR B 80 0.09 13.15 -2.70
N ARG B 81 -0.53 13.56 -3.79
CA ARG B 81 -1.34 14.75 -3.78
C ARG B 81 -2.58 14.46 -2.99
N ASP B 82 -3.00 13.21 -3.07
CA ASP B 82 -4.16 12.72 -2.37
C ASP B 82 -3.98 11.27 -2.05
N ALA B 83 -4.96 10.74 -1.38
CA ALA B 83 -4.91 9.43 -0.82
C ALA B 83 -4.97 8.37 -1.90
N GLN B 84 -5.38 8.74 -3.08
CA GLN B 84 -5.48 7.78 -4.15
C GLN B 84 -4.15 7.57 -4.84
N GLU B 85 -3.19 8.51 -4.67
CA GLU B 85 -1.79 8.18 -4.95
C GLU B 85 -1.38 7.19 -3.88
N PHE B 86 -1.85 7.48 -2.67
CA PHE B 86 -1.55 6.69 -1.51
C PHE B 86 -1.91 5.23 -1.72
N GLY B 87 -3.19 4.98 -1.90
CA GLY B 87 -3.65 3.61 -2.02
C GLY B 87 -3.28 3.01 -3.34
N ALA B 88 -2.83 3.85 -4.25
CA ALA B 88 -2.29 3.38 -5.51
C ALA B 88 -1.08 2.52 -5.23
N ASP B 89 -0.31 2.94 -4.24
CA ASP B 89 0.86 2.22 -3.80
C ASP B 89 0.52 1.12 -2.79
N VAL B 90 -0.45 1.35 -1.91
CA VAL B 90 -0.94 0.25 -1.09
C VAL B 90 -1.33 -0.93 -1.97
N ARG B 91 -2.16 -0.67 -2.97
CA ARG B 91 -2.55 -1.71 -3.91
C ARG B 91 -1.34 -2.18 -4.72
N LEU B 92 -0.31 -1.33 -4.84
CA LEU B 92 0.93 -1.70 -5.52
C LEU B 92 1.67 -2.76 -4.70
N MET B 93 1.73 -2.59 -3.37
CA MET B 93 2.39 -3.56 -2.49
C MET B 93 1.53 -4.79 -2.32
N PHE B 94 0.24 -4.58 -2.32
CA PHE B 94 -0.69 -5.67 -2.28
C PHE B 94 -0.64 -6.48 -3.59
N SER B 95 -0.66 -5.78 -4.72
CA SER B 95 -0.67 -6.41 -6.04
C SER B 95 0.60 -7.24 -6.26
N ASN B 96 1.76 -6.62 -6.08
CA ASN B 96 3.03 -7.34 -6.27
C ASN B 96 3.07 -8.52 -5.32
N CYS B 97 2.42 -8.39 -4.17
CA CYS B 97 2.35 -9.48 -3.24
C CYS B 97 1.57 -10.65 -3.84
N TYR B 98 0.28 -10.51 -4.12
CA TYR B 98 -0.50 -11.65 -4.60
C TYR B 98 -0.05 -12.06 -5.99
N LYS B 99 0.63 -11.17 -6.69
CA LYS B 99 1.28 -11.51 -7.95
C LYS B 99 2.28 -12.63 -7.70
N TYR B 100 3.18 -12.35 -6.79
CA TYR B 100 4.22 -13.29 -6.41
C TYR B 100 3.59 -14.48 -5.71
N ASN B 101 2.77 -14.20 -4.71
CA ASN B 101 2.30 -15.23 -3.81
C ASN B 101 0.98 -15.85 -4.24
N PRO B 102 0.84 -17.15 -3.99
CA PRO B 102 -0.46 -17.82 -3.97
C PRO B 102 -1.25 -17.40 -2.72
N PRO B 103 -2.58 -17.48 -2.74
CA PRO B 103 -3.41 -17.02 -1.62
C PRO B 103 -3.38 -17.96 -0.40
N ASP B 104 -2.61 -19.03 -0.50
CA ASP B 104 -2.40 -19.93 0.61
C ASP B 104 -1.13 -19.53 1.35
N HIS B 105 -0.58 -18.38 0.98
CA HIS B 105 0.72 -17.96 1.46
C HIS B 105 0.64 -17.15 2.75
N GLU B 106 1.75 -17.12 3.46
CA GLU B 106 1.95 -16.21 4.55
C GLU B 106 1.92 -14.74 4.10
N VAL B 107 2.67 -14.37 3.06
CA VAL B 107 2.70 -12.96 2.65
C VAL B 107 1.32 -12.48 2.30
N VAL B 108 0.60 -13.33 1.58
CA VAL B 108 -0.77 -12.99 1.23
C VAL B 108 -1.67 -12.97 2.45
N ALA B 109 -1.43 -13.90 3.36
CA ALA B 109 -2.04 -13.90 4.68
C ALA B 109 -2.00 -12.49 5.24
N MET B 110 -0.79 -11.98 5.30
CA MET B 110 -0.51 -10.65 5.80
C MET B 110 -1.15 -9.61 4.88
N ALA B 111 -0.90 -9.80 3.60
CA ALA B 111 -1.42 -8.96 2.55
C ALA B 111 -2.91 -8.70 2.67
N ARG B 112 -3.70 -9.78 2.78
CA ARG B 112 -5.15 -9.67 2.79
C ARG B 112 -5.67 -9.03 4.06
N LYS B 113 -4.90 -9.10 5.13
CA LYS B 113 -5.26 -8.41 6.36
C LYS B 113 -5.20 -6.91 6.16
N LEU B 114 -4.12 -6.47 5.54
CA LEU B 114 -3.98 -5.09 5.15
C LEU B 114 -5.01 -4.74 4.11
N GLN B 115 -5.20 -5.67 3.19
CA GLN B 115 -6.23 -5.54 2.17
C GLN B 115 -7.57 -5.21 2.81
N ASP B 116 -7.86 -5.86 3.94
CA ASP B 116 -9.09 -5.62 4.66
C ASP B 116 -9.06 -4.27 5.37
N VAL B 117 -8.02 -4.01 6.14
CA VAL B 117 -7.94 -2.75 6.89
C VAL B 117 -7.75 -1.55 5.97
N PHE B 118 -6.73 -1.57 5.11
CA PHE B 118 -6.51 -0.49 4.16
C PHE B 118 -7.76 -0.18 3.36
N GLU B 119 -8.36 -1.19 2.74
CA GLU B 119 -9.48 -0.94 1.83
C GLU B 119 -10.69 -0.43 2.60
N MET B 120 -10.85 -0.87 3.85
CA MET B 120 -11.86 -0.31 4.72
C MET B 120 -11.51 1.15 5.00
N ARG B 121 -10.28 1.35 5.45
CA ARG B 121 -9.77 2.70 5.72
C ARG B 121 -9.95 3.59 4.52
N PHE B 122 -9.75 3.01 3.35
CA PHE B 122 -9.78 3.75 2.12
C PHE B 122 -11.22 4.04 1.70
N ALA B 123 -12.13 3.16 2.11
CA ALA B 123 -13.55 3.34 1.81
C ALA B 123 -14.09 4.61 2.45
N LYS B 124 -13.45 5.03 3.54
CA LYS B 124 -13.82 6.27 4.21
C LYS B 124 -12.88 7.41 3.81
N MET B 125 -12.43 7.36 2.56
CA MET B 125 -11.66 8.46 1.95
C MET B 125 -12.59 9.27 1.06
N PRO B 126 -12.48 10.61 1.11
CA PRO B 126 -13.25 11.50 0.25
C PRO B 126 -12.89 11.34 -1.22
N ASP B 127 -13.45 12.16 -2.08
CA ASP B 127 -13.09 12.17 -3.50
C ASP B 127 -13.38 13.52 -4.12
N GLU B 128 -14.04 14.37 -3.38
CA GLU B 128 -14.58 15.61 -3.91
C GLU B 128 -13.68 16.79 -3.60
N SER A 1 2.31 -22.97 -9.76
CA SER A 1 3.29 -21.91 -9.45
C SER A 1 3.51 -21.00 -10.65
N PRO A 2 2.77 -19.89 -10.72
CA PRO A 2 2.87 -18.93 -11.82
C PRO A 2 3.83 -17.79 -11.51
N ALA A 3 4.42 -17.85 -10.32
CA ALA A 3 5.33 -16.80 -9.85
C ALA A 3 6.50 -17.44 -9.13
N GLN A 4 6.25 -17.95 -7.93
CA GLN A 4 7.26 -18.66 -7.14
C GLN A 4 6.69 -19.08 -5.81
N GLY A 5 5.95 -18.19 -5.18
CA GLY A 5 5.65 -18.36 -3.78
C GLY A 5 6.82 -17.91 -2.96
OH ALY A 6 5.15 -9.64 -2.05
CH ALY A 6 5.54 -9.36 -0.92
CH3 ALY A 6 4.85 -8.23 -0.14
NZ ALY A 6 6.55 -10.01 -0.35
CE ALY A 6 7.27 -11.10 -0.99
CD ALY A 6 6.66 -12.46 -0.69
CG ALY A 6 7.22 -13.54 -1.60
CB ALY A 6 7.28 -14.87 -0.86
CA ALY A 6 7.82 -16.04 -1.69
N ALY A 6 6.71 -16.71 -2.38
C ALY A 6 8.61 -17.01 -0.79
O ALY A 6 9.83 -16.93 -0.68
HH31 ALY A 6 4.35 -7.57 -0.84
HH32 ALY A 6 4.12 -8.65 0.55
HH33 ALY A 6 5.59 -7.67 0.41
HZ ALY A 6 6.81 -9.75 0.56
HE3 ALY A 6 7.27 -10.97 -2.05
HE2 ALY A 6 8.28 -11.10 -0.63
HD3 ALY A 6 6.86 -12.72 0.35
HD2 ALY A 6 5.59 -12.39 -0.83
HG3 ALY A 6 6.56 -13.65 -2.46
HG2 ALY A 6 8.21 -13.26 -1.95
HB3 ALY A 6 7.89 -14.73 0.02
HB2 ALY A 6 6.28 -15.12 -0.54
HA ALY A 6 8.49 -15.63 -2.46
H ALY A 6 5.84 -16.25 -2.42
N ARG A 7 7.90 -17.96 -0.17
CA ARG A 7 8.44 -18.69 0.98
C ARG A 7 8.91 -17.68 2.04
N GLY A 8 8.43 -16.45 1.89
CA GLY A 8 8.86 -15.36 2.72
C GLY A 8 8.00 -15.20 3.93
OH ALY A 9 8.63 -8.61 2.72
CH ALY A 9 8.88 -9.38 3.65
CH3 ALY A 9 10.10 -9.14 4.52
NZ ALY A 9 8.11 -10.41 3.90
CE ALY A 9 6.91 -10.75 3.16
CD ALY A 9 5.92 -11.48 4.04
CG ALY A 9 6.42 -12.86 4.34
CB ALY A 9 6.66 -13.10 5.81
CA ALY A 9 7.81 -14.06 6.14
N ALY A 9 8.54 -14.51 4.95
C ALY A 9 7.30 -15.22 6.99
O ALY A 9 6.93 -16.28 6.49
HH31 ALY A 9 10.24 -8.09 4.68
HH32 ALY A 9 9.95 -9.64 5.46
HH33 ALY A 9 10.98 -9.54 4.03
HZ ALY A 9 8.36 -10.99 4.66
HE3 ALY A 9 6.45 -9.84 2.80
HE2 ALY A 9 7.17 -11.39 2.32
HD3 ALY A 9 5.81 -10.94 4.95
HD2 ALY A 9 4.99 -11.54 3.54
HG3 ALY A 9 5.67 -13.56 4.02
HG2 ALY A 9 7.31 -13.03 3.79
HB3 ALY A 9 6.86 -12.15 6.29
HB2 ALY A 9 5.75 -13.52 6.23
HA ALY A 9 8.52 -13.51 6.75
H ALY A 9 9.50 -14.32 4.90
N LYS A 10 7.31 -15.01 8.30
CA LYS A 10 6.69 -15.92 9.22
C LYS A 10 6.02 -15.14 10.35
N SER A 11 5.89 -13.83 10.11
CA SER A 11 5.27 -12.90 11.04
C SER A 11 6.14 -12.69 12.27
N ALA A 12 6.61 -11.45 12.44
CA ALA A 12 7.47 -11.10 13.55
C ALA A 12 6.62 -10.70 14.76
N LYS B 1 -4.85 9.24 -17.88
CA LYS B 1 -5.23 10.37 -18.77
C LYS B 1 -6.22 11.29 -18.06
N ASP B 2 -7.39 10.77 -17.76
CA ASP B 2 -8.41 11.55 -17.07
C ASP B 2 -8.29 11.34 -15.57
N VAL B 3 -8.07 12.43 -14.85
CA VAL B 3 -7.95 12.36 -13.40
C VAL B 3 -9.32 12.08 -12.78
N PRO B 4 -9.35 11.30 -11.69
CA PRO B 4 -10.61 10.92 -11.04
C PRO B 4 -11.36 12.14 -10.50
N ASP B 5 -12.55 12.38 -11.05
CA ASP B 5 -13.37 13.49 -10.62
C ASP B 5 -13.79 13.30 -9.18
N SER B 6 -13.11 13.99 -8.29
CA SER B 6 -13.36 13.86 -6.87
C SER B 6 -14.69 14.51 -6.49
N GLN B 7 -15.10 15.50 -7.27
CA GLN B 7 -16.34 16.20 -7.02
C GLN B 7 -16.93 16.72 -8.32
N GLN B 8 -16.20 17.63 -8.95
CA GLN B 8 -16.67 18.27 -10.18
C GLN B 8 -15.58 19.15 -10.75
N HIS B 9 -14.87 19.83 -9.85
CA HIS B 9 -13.79 20.72 -10.24
C HIS B 9 -12.54 20.39 -9.47
N PRO B 10 -11.40 20.46 -10.15
CA PRO B 10 -10.07 20.31 -9.54
C PRO B 10 -9.83 21.35 -8.45
N ALA B 11 -8.83 21.11 -7.62
CA ALA B 11 -8.53 22.01 -6.51
C ALA B 11 -7.95 23.33 -6.98
N PRO B 12 -8.34 24.38 -6.29
CA PRO B 12 -7.92 25.75 -6.60
C PRO B 12 -6.45 26.02 -6.27
N GLU B 13 -6.10 25.79 -5.02
CA GLU B 13 -4.74 26.05 -4.58
C GLU B 13 -3.92 24.77 -4.63
N LYS B 14 -4.29 23.81 -3.82
CA LYS B 14 -3.62 22.53 -3.80
C LYS B 14 -4.61 21.42 -3.51
N SER B 15 -5.34 21.54 -2.40
CA SER B 15 -6.15 20.44 -1.96
C SER B 15 -7.62 20.77 -1.80
N SER B 16 -7.98 21.32 -0.65
CA SER B 16 -9.37 21.34 -0.18
C SER B 16 -9.81 19.91 0.16
N LYS B 17 -9.49 19.00 -0.74
CA LYS B 17 -9.69 17.56 -0.56
C LYS B 17 -8.36 16.83 -0.46
N VAL B 18 -7.50 17.14 -1.39
CA VAL B 18 -6.38 16.30 -1.79
C VAL B 18 -5.40 16.01 -0.64
N SER B 19 -4.75 17.03 -0.19
CA SER B 19 -3.83 16.92 0.92
C SER B 19 -4.54 16.48 2.20
N GLU B 20 -5.85 16.70 2.24
CA GLU B 20 -6.66 16.25 3.37
C GLU B 20 -6.81 14.74 3.30
N GLN B 21 -6.84 14.25 2.06
CA GLN B 21 -6.87 12.83 1.78
C GLN B 21 -5.67 12.16 2.40
N LEU B 22 -4.53 12.77 2.22
CA LEU B 22 -3.33 12.16 2.69
C LEU B 22 -3.23 12.13 4.20
N LYS B 23 -3.74 13.15 4.86
CA LYS B 23 -3.78 13.15 6.30
C LYS B 23 -4.59 11.96 6.81
N CYS B 24 -5.63 11.68 6.08
CA CYS B 24 -6.49 10.55 6.34
C CYS B 24 -5.76 9.28 5.98
N CYS B 25 -5.25 9.28 4.77
CA CYS B 25 -4.60 8.12 4.19
C CYS B 25 -3.32 7.76 4.89
N SER B 26 -2.62 8.75 5.39
CA SER B 26 -1.42 8.46 6.14
C SER B 26 -1.78 7.69 7.37
N GLY B 27 -2.75 8.21 8.14
CA GLY B 27 -3.24 7.48 9.29
C GLY B 27 -3.71 6.09 8.92
N ILE B 28 -4.11 5.91 7.67
CA ILE B 28 -4.47 4.64 7.12
C ILE B 28 -3.26 3.70 6.97
N LEU B 29 -2.24 4.13 6.24
CA LEU B 29 -0.98 3.38 6.16
C LEU B 29 -0.38 3.20 7.52
N LYS B 30 -0.10 4.33 8.12
CA LYS B 30 0.31 4.43 9.51
C LYS B 30 -0.46 3.46 10.41
N GLU B 31 -1.71 3.16 10.02
CA GLU B 31 -2.50 2.17 10.71
C GLU B 31 -2.04 0.74 10.37
N MET B 32 -1.84 0.41 9.11
CA MET B 32 -1.24 -0.88 8.78
C MET B 32 0.12 -0.96 9.46
N PHE B 33 0.72 0.20 9.59
CA PHE B 33 1.95 0.36 10.32
C PHE B 33 1.75 0.21 11.84
N ALA B 34 0.49 0.26 12.27
CA ALA B 34 0.15 0.14 13.68
C ALA B 34 0.61 -1.20 14.22
N LYS B 35 0.98 -1.22 15.50
CA LYS B 35 1.34 -2.46 16.18
C LYS B 35 0.16 -3.43 16.07
N LYS B 36 -1.01 -2.81 15.95
CA LYS B 36 -2.25 -3.51 15.64
C LYS B 36 -2.11 -4.35 14.36
N HIS B 37 -1.58 -3.76 13.28
CA HIS B 37 -1.46 -4.51 12.02
C HIS B 37 -0.04 -4.97 11.79
N ALA B 38 0.82 -4.72 12.76
CA ALA B 38 2.21 -5.12 12.66
C ALA B 38 2.36 -6.61 12.87
N ALA B 39 1.27 -7.28 13.07
CA ALA B 39 1.25 -8.72 13.09
C ALA B 39 1.41 -9.21 11.66
N TYR B 40 1.07 -8.34 10.71
CA TYR B 40 0.97 -8.77 9.34
C TYR B 40 1.25 -7.68 8.31
N ALA B 41 1.38 -6.45 8.75
CA ALA B 41 1.67 -5.36 7.82
C ALA B 41 3.12 -5.01 7.90
N TRP B 42 3.73 -5.49 8.95
CA TRP B 42 5.13 -5.27 9.19
C TRP B 42 5.99 -5.64 7.95
N PRO B 43 5.68 -6.72 7.13
CA PRO B 43 6.49 -7.05 5.95
C PRO B 43 6.10 -6.19 4.78
N PHE B 44 5.18 -5.30 5.05
CA PHE B 44 4.75 -4.33 4.08
C PHE B 44 5.28 -2.97 4.44
N TYR B 45 5.54 -2.68 5.75
CA TYR B 45 6.17 -1.40 6.09
C TYR B 45 7.37 -1.26 5.20
N LYS B 46 8.09 -2.33 5.16
CA LYS B 46 9.29 -2.42 4.41
C LYS B 46 9.10 -3.35 3.22
N PRO B 47 10.07 -3.34 2.32
CA PRO B 47 10.00 -4.06 1.05
C PRO B 47 10.22 -5.55 1.22
N VAL B 48 9.58 -6.30 0.33
CA VAL B 48 9.78 -7.74 0.23
C VAL B 48 11.26 -8.07 0.29
N ASP B 49 11.63 -8.83 1.31
CA ASP B 49 13.03 -9.14 1.56
C ASP B 49 13.44 -10.38 0.82
N VAL B 50 14.01 -10.17 -0.34
CA VAL B 50 14.33 -11.22 -1.29
C VAL B 50 15.40 -12.16 -0.76
N GLU B 51 16.06 -11.75 0.30
CA GLU B 51 17.04 -12.58 0.94
C GLU B 51 16.40 -13.35 2.08
N ALA B 52 15.77 -12.58 2.96
CA ALA B 52 15.09 -13.09 4.12
C ALA B 52 14.05 -14.12 3.74
N LEU B 53 13.27 -13.77 2.75
CA LEU B 53 12.17 -14.58 2.31
C LEU B 53 12.67 -15.77 1.50
N GLY B 54 13.89 -15.64 1.01
CA GLY B 54 14.47 -16.63 0.14
C GLY B 54 13.87 -16.58 -1.24
N LEU B 55 13.61 -15.37 -1.67
CA LEU B 55 13.06 -15.13 -2.99
C LEU B 55 14.15 -15.28 -4.04
N HIS B 56 13.89 -16.04 -5.08
CA HIS B 56 14.87 -16.18 -6.15
C HIS B 56 14.26 -15.80 -7.49
N ASP B 57 12.95 -15.77 -7.54
CA ASP B 57 12.23 -15.39 -8.74
C ASP B 57 11.63 -14.00 -8.57
N TYR B 58 11.86 -13.40 -7.41
CA TYR B 58 11.36 -12.07 -7.07
C TYR B 58 11.38 -11.09 -8.22
N CYS B 59 12.56 -10.82 -8.77
CA CYS B 59 12.71 -9.79 -9.79
C CYS B 59 12.04 -10.20 -11.09
N ASP B 60 11.71 -11.48 -11.19
CA ASP B 60 10.95 -11.99 -12.33
C ASP B 60 9.50 -11.73 -12.13
N ILE B 61 9.08 -12.00 -10.93
CA ILE B 61 7.75 -11.72 -10.51
C ILE B 61 7.53 -10.22 -10.47
N ILE B 62 8.24 -9.64 -9.55
CA ILE B 62 7.98 -8.33 -9.07
C ILE B 62 8.63 -7.29 -9.95
N LYS B 63 7.81 -6.41 -10.46
CA LYS B 63 8.27 -5.32 -11.29
C LYS B 63 8.17 -4.04 -10.49
N HIS B 64 7.16 -3.98 -9.63
CA HIS B 64 6.93 -2.84 -8.78
C HIS B 64 6.40 -3.29 -7.46
N PRO B 65 7.33 -3.63 -6.61
CA PRO B 65 7.07 -3.96 -5.24
C PRO B 65 6.91 -2.69 -4.43
N MET B 66 5.76 -2.51 -3.87
CA MET B 66 5.53 -1.36 -3.05
C MET B 66 5.76 -1.70 -1.61
N ASP B 67 6.10 -0.72 -0.82
CA ASP B 67 6.28 -0.91 0.58
C ASP B 67 5.63 0.23 1.32
N MET B 68 4.85 -0.14 2.33
CA MET B 68 4.11 0.76 3.20
C MET B 68 4.95 1.95 3.65
N SER B 69 6.26 1.78 3.65
CA SER B 69 7.14 2.82 4.13
C SER B 69 7.41 3.86 3.04
N THR B 70 7.51 3.47 1.77
CA THR B 70 7.63 4.46 0.70
C THR B 70 6.35 5.22 0.57
N ILE B 71 5.27 4.52 0.27
CA ILE B 71 3.98 5.12 0.12
C ILE B 71 3.71 6.09 1.25
N LYS B 72 4.13 5.70 2.42
CA LYS B 72 4.10 6.57 3.56
C LYS B 72 5.07 7.72 3.41
N SER B 73 6.31 7.37 3.12
CA SER B 73 7.38 8.35 2.86
C SER B 73 6.90 9.43 1.91
N LYS B 74 6.08 9.01 0.96
CA LYS B 74 5.61 9.91 -0.07
C LYS B 74 4.43 10.71 0.44
N LEU B 75 3.59 10.08 1.26
CA LEU B 75 2.71 10.81 2.16
C LEU B 75 3.52 11.88 2.90
N GLU B 76 4.60 11.42 3.50
CA GLU B 76 5.49 12.26 4.29
C GLU B 76 6.23 13.24 3.39
N ALA B 77 6.15 12.98 2.11
CA ALA B 77 6.78 13.81 1.10
C ALA B 77 5.76 14.69 0.43
N ARG B 78 4.50 14.39 0.69
CA ARG B 78 3.39 15.01 0.00
C ARG B 78 3.54 14.79 -1.50
N GLU B 79 4.36 13.80 -1.81
CA GLU B 79 4.54 13.28 -3.14
C GLU B 79 3.22 12.73 -3.62
N TYR B 80 2.49 12.16 -2.68
CA TYR B 80 1.13 11.77 -2.91
C TYR B 80 0.29 12.98 -2.80
N ARG B 81 -0.20 13.38 -3.96
CA ARG B 81 -1.14 14.47 -4.05
C ARG B 81 -2.29 14.20 -3.14
N ASP B 82 -2.81 12.98 -3.21
CA ASP B 82 -3.97 12.60 -2.42
C ASP B 82 -3.89 11.16 -2.04
N ALA B 83 -4.97 10.72 -1.46
CA ALA B 83 -5.03 9.44 -0.87
C ALA B 83 -5.11 8.33 -1.92
N GLN B 84 -5.34 8.70 -3.16
CA GLN B 84 -5.53 7.70 -4.18
C GLN B 84 -4.19 7.46 -4.85
N GLU B 85 -3.36 8.49 -4.78
CA GLU B 85 -1.92 8.34 -4.86
C GLU B 85 -1.50 7.32 -3.83
N PHE B 86 -1.95 7.58 -2.61
CA PHE B 86 -1.64 6.76 -1.48
C PHE B 86 -2.00 5.29 -1.73
N GLY B 87 -3.27 5.04 -1.91
CA GLY B 87 -3.74 3.69 -2.03
C GLY B 87 -3.34 3.04 -3.33
N ALA B 88 -2.88 3.86 -4.26
CA ALA B 88 -2.35 3.36 -5.49
C ALA B 88 -1.15 2.48 -5.19
N ASP B 89 -0.34 2.96 -4.27
CA ASP B 89 0.83 2.25 -3.82
C ASP B 89 0.48 1.15 -2.82
N VAL B 90 -0.49 1.36 -1.94
CA VAL B 90 -0.99 0.27 -1.13
C VAL B 90 -1.40 -0.90 -2.03
N ARG B 91 -2.20 -0.60 -3.03
CA ARG B 91 -2.59 -1.60 -4.03
C ARG B 91 -1.36 -2.17 -4.70
N LEU B 92 -0.34 -1.34 -4.88
CA LEU B 92 0.90 -1.74 -5.52
C LEU B 92 1.63 -2.80 -4.67
N MET B 93 1.68 -2.60 -3.36
CA MET B 93 2.34 -3.56 -2.45
C MET B 93 1.49 -4.79 -2.26
N PHE B 94 0.21 -4.58 -2.24
CA PHE B 94 -0.72 -5.68 -2.16
C PHE B 94 -0.67 -6.52 -3.44
N SER B 95 -0.68 -5.84 -4.58
CA SER B 95 -0.71 -6.50 -5.88
C SER B 95 0.54 -7.34 -6.09
N ASN B 96 1.73 -6.73 -6.05
CA ASN B 96 3.00 -7.45 -6.24
C ASN B 96 3.08 -8.62 -5.25
N CYS B 97 2.42 -8.48 -4.12
CA CYS B 97 2.40 -9.55 -3.16
C CYS B 97 1.68 -10.78 -3.73
N TYR B 98 0.38 -10.69 -4.00
CA TYR B 98 -0.35 -11.86 -4.51
C TYR B 98 0.13 -12.21 -5.92
N LYS B 99 0.77 -11.24 -6.54
CA LYS B 99 1.38 -11.39 -7.85
C LYS B 99 2.50 -12.43 -7.76
N TYR B 100 3.25 -12.36 -6.67
CA TYR B 100 4.32 -13.30 -6.38
C TYR B 100 3.75 -14.54 -5.70
N ASN B 101 2.86 -14.30 -4.78
CA ASN B 101 2.49 -15.30 -3.81
C ASN B 101 1.15 -15.96 -4.09
N PRO B 102 1.11 -17.27 -3.83
CA PRO B 102 -0.14 -18.05 -3.76
C PRO B 102 -0.96 -17.63 -2.55
N PRO B 103 -2.28 -17.72 -2.61
CA PRO B 103 -3.17 -17.28 -1.51
C PRO B 103 -3.10 -18.17 -0.29
N ASP B 104 -2.25 -19.18 -0.33
CA ASP B 104 -2.00 -20.01 0.82
C ASP B 104 -0.75 -19.53 1.55
N HIS B 105 -0.21 -18.41 1.07
CA HIS B 105 1.06 -17.92 1.56
C HIS B 105 0.91 -17.08 2.82
N GLU B 106 1.98 -17.03 3.60
CA GLU B 106 2.13 -16.08 4.66
C GLU B 106 2.05 -14.62 4.18
N VAL B 107 2.80 -14.24 3.14
CA VAL B 107 2.80 -12.84 2.70
C VAL B 107 1.42 -12.42 2.30
N VAL B 108 0.75 -13.29 1.57
CA VAL B 108 -0.62 -13.01 1.16
C VAL B 108 -1.57 -13.01 2.34
N ALA B 109 -1.32 -13.92 3.27
CA ALA B 109 -1.97 -13.92 4.57
C ALA B 109 -1.97 -12.51 5.14
N MET B 110 -0.76 -12.00 5.25
CA MET B 110 -0.51 -10.65 5.72
C MET B 110 -1.17 -9.64 4.82
N ALA B 111 -0.92 -9.83 3.55
CA ALA B 111 -1.44 -8.99 2.49
C ALA B 111 -2.96 -8.79 2.60
N ARG B 112 -3.71 -9.88 2.72
CA ARG B 112 -5.16 -9.80 2.71
C ARG B 112 -5.73 -9.16 3.97
N LYS B 113 -4.99 -9.20 5.06
CA LYS B 113 -5.40 -8.49 6.26
C LYS B 113 -5.33 -6.99 6.04
N LEU B 114 -4.22 -6.54 5.49
CA LEU B 114 -4.05 -5.16 5.09
C LEU B 114 -5.07 -4.79 4.05
N GLN B 115 -5.26 -5.69 3.12
CA GLN B 115 -6.28 -5.55 2.08
C GLN B 115 -7.61 -5.17 2.71
N ASP B 116 -7.93 -5.85 3.81
CA ASP B 116 -9.15 -5.58 4.55
C ASP B 116 -9.11 -4.23 5.24
N VAL B 117 -8.06 -3.99 6.04
CA VAL B 117 -7.95 -2.74 6.79
C VAL B 117 -7.74 -1.54 5.89
N PHE B 118 -6.71 -1.54 5.04
CA PHE B 118 -6.50 -0.45 4.09
C PHE B 118 -7.79 -0.12 3.34
N GLU B 119 -8.46 -1.11 2.76
CA GLU B 119 -9.62 -0.86 1.93
C GLU B 119 -10.78 -0.33 2.77
N MET B 120 -10.93 -0.83 3.99
CA MET B 120 -11.92 -0.30 4.90
C MET B 120 -11.57 1.12 5.28
N ARG B 121 -10.28 1.34 5.55
CA ARG B 121 -9.77 2.67 5.85
C ARG B 121 -10.02 3.59 4.68
N PHE B 122 -9.79 3.06 3.49
CA PHE B 122 -9.89 3.84 2.29
C PHE B 122 -11.34 4.19 1.97
N ALA B 123 -12.24 3.35 2.46
CA ALA B 123 -13.66 3.61 2.35
C ALA B 123 -14.03 4.89 3.10
N LYS B 124 -13.22 5.24 4.09
CA LYS B 124 -13.45 6.45 4.88
C LYS B 124 -12.84 7.67 4.17
N MET B 125 -12.14 7.43 3.06
CA MET B 125 -11.48 8.50 2.32
C MET B 125 -12.47 9.32 1.52
N PRO B 126 -12.51 10.61 1.83
CA PRO B 126 -13.36 11.58 1.17
C PRO B 126 -12.91 11.89 -0.25
N ASP B 127 -13.64 12.78 -0.90
CA ASP B 127 -13.24 13.34 -2.18
C ASP B 127 -13.73 14.76 -2.29
N GLU B 128 -14.36 15.18 -1.22
CA GLU B 128 -14.92 16.51 -1.13
C GLU B 128 -13.91 17.48 -0.55
N SER A 1 4.49 -20.99 -14.68
CA SER A 1 5.36 -20.32 -13.69
C SER A 1 4.51 -19.70 -12.56
N PRO A 2 4.50 -20.33 -11.38
CA PRO A 2 3.71 -19.87 -10.24
C PRO A 2 4.49 -18.87 -9.38
N ALA A 3 5.22 -17.98 -10.05
CA ALA A 3 6.09 -17.00 -9.40
C ALA A 3 7.24 -17.70 -8.64
N GLN A 4 6.96 -18.12 -7.41
CA GLN A 4 7.94 -18.83 -6.57
C GLN A 4 7.34 -19.07 -5.18
N GLY A 5 6.27 -18.34 -4.88
CA GLY A 5 5.60 -18.53 -3.61
C GLY A 5 6.41 -17.99 -2.45
OH ALY A 6 5.29 -9.12 -2.22
CH ALY A 6 5.63 -9.22 -1.04
CH3 ALY A 6 5.11 -8.18 -0.02
NZ ALY A 6 6.41 -10.20 -0.63
CE ALY A 6 6.93 -11.24 -1.51
CD ALY A 6 7.32 -12.50 -0.77
CG ALY A 6 7.46 -13.67 -1.73
CB ALY A 6 7.42 -15.02 -0.99
CA ALY A 6 8.06 -16.17 -1.83
N ALY A 6 7.08 -16.85 -2.71
C ALY A 6 8.92 -17.12 -0.94
O ALY A 6 10.14 -17.18 -1.10
HH31 ALY A 6 4.85 -7.27 -0.54
HH32 ALY A 6 4.24 -8.57 0.49
HH33 ALY A 6 5.89 -7.97 0.69
HZ ALY A 6 6.66 -10.24 0.32
HE3 ALY A 6 6.18 -11.48 -2.25
HE2 ALY A 6 7.80 -10.87 -2.01
HD3 ALY A 6 8.26 -12.34 -0.30
HD2 ALY A 6 6.59 -12.72 -0.02
HG3 ALY A 6 6.66 -13.63 -2.47
HG2 ALY A 6 8.42 -13.57 -2.24
HB3 ALY A 6 7.93 -14.88 -0.06
HB2 ALY A 6 6.39 -15.27 -0.79
HA ALY A 6 8.76 -15.68 -2.53
H ALY A 6 6.90 -16.43 -3.57
N ARG A 7 8.28 -17.88 -0.05
CA ARG A 7 8.92 -18.55 1.09
C ARG A 7 9.24 -17.50 2.14
N GLY A 8 8.78 -16.31 1.86
CA GLY A 8 9.02 -15.19 2.72
C GLY A 8 8.11 -15.16 3.91
OH ALY A 9 8.62 -8.58 2.54
CH ALY A 9 8.89 -9.34 3.47
CH3 ALY A 9 10.09 -9.05 4.35
NZ ALY A 9 8.16 -10.40 3.72
CE ALY A 9 6.98 -10.79 2.95
CD ALY A 9 5.98 -11.50 3.83
CG ALY A 9 6.47 -12.85 4.21
CB ALY A 9 6.67 -13.03 5.71
CA ALY A 9 7.75 -14.05 6.12
N ALY A 9 8.57 -14.46 4.97
C ALY A 9 7.14 -15.20 6.90
O ALY A 9 6.75 -16.22 6.35
HH31 ALY A 9 10.12 -7.99 4.59
HH32 ALY A 9 10.01 -9.62 5.26
HH33 ALY A 9 11.00 -9.32 3.83
HZ ALY A 9 8.41 -10.98 4.48
HE3 ALY A 9 6.53 -9.91 2.54
HE2 ALY A 9 7.28 -11.46 2.14
HD3 ALY A 9 5.81 -10.92 4.70
HD2 ALY A 9 5.06 -11.60 3.28
HG3 ALY A 9 5.76 -13.58 3.90
HG2 ALY A 9 7.38 -13.04 3.70
HB3 ALY A 9 6.91 -12.06 6.13
HB2 ALY A 9 5.72 -13.36 6.12
HA ALY A 9 8.41 -13.53 6.79
H ALY A 9 9.53 -14.25 4.99
N LYS A 10 7.08 -15.01 8.21
CA LYS A 10 6.37 -15.94 9.08
C LYS A 10 5.78 -15.16 10.25
N SER A 11 5.47 -13.90 9.98
CA SER A 11 4.79 -13.02 10.92
C SER A 11 5.71 -12.69 12.10
N ALA A 12 5.13 -12.08 13.14
CA ALA A 12 5.89 -11.69 14.31
C ALA A 12 5.28 -12.32 15.56
N LYS B 1 -19.77 20.36 0.56
CA LYS B 1 -21.19 20.78 0.45
C LYS B 1 -21.77 20.46 -0.93
N ASP B 2 -20.95 19.80 -1.76
CA ASP B 2 -21.32 19.43 -3.13
C ASP B 2 -21.47 20.65 -4.02
N VAL B 3 -20.46 20.88 -4.85
CA VAL B 3 -20.51 21.94 -5.84
C VAL B 3 -20.66 21.35 -7.23
N PRO B 4 -21.37 22.04 -8.13
CA PRO B 4 -21.58 21.56 -9.50
C PRO B 4 -20.35 21.72 -10.37
N ASP B 5 -19.25 21.10 -9.95
CA ASP B 5 -17.99 21.17 -10.67
C ASP B 5 -17.61 19.79 -11.18
N SER B 6 -16.95 19.74 -12.33
CA SER B 6 -16.46 18.49 -12.88
C SER B 6 -15.21 18.73 -13.72
N GLN B 7 -14.36 19.65 -13.27
CA GLN B 7 -13.12 19.95 -13.98
C GLN B 7 -11.94 19.96 -13.03
N GLN B 8 -10.94 19.14 -13.33
CA GLN B 8 -9.73 19.01 -12.51
C GLN B 8 -10.09 18.56 -11.09
N HIS B 9 -10.16 19.52 -10.17
CA HIS B 9 -10.57 19.25 -8.79
C HIS B 9 -10.70 20.56 -8.03
N PRO B 10 -11.87 20.77 -7.42
CA PRO B 10 -12.14 21.95 -6.60
C PRO B 10 -11.20 22.02 -5.40
N ALA B 11 -10.58 23.18 -5.22
CA ALA B 11 -9.67 23.42 -4.12
C ALA B 11 -9.33 24.89 -4.01
N PRO B 12 -9.16 25.38 -2.79
CA PRO B 12 -8.89 26.78 -2.51
C PRO B 12 -7.41 27.14 -2.54
N GLU B 13 -6.57 26.13 -2.63
CA GLU B 13 -5.13 26.32 -2.66
C GLU B 13 -4.43 25.02 -3.05
N LYS B 14 -4.95 23.92 -2.54
CA LYS B 14 -4.39 22.62 -2.84
C LYS B 14 -5.46 21.54 -2.73
N SER B 15 -6.14 21.48 -1.59
CA SER B 15 -6.94 20.32 -1.31
C SER B 15 -8.43 20.60 -1.15
N SER B 16 -8.84 20.91 0.09
CA SER B 16 -10.25 20.82 0.51
C SER B 16 -10.66 19.34 0.58
N LYS B 17 -10.21 18.58 -0.41
CA LYS B 17 -10.36 17.13 -0.43
C LYS B 17 -9.02 16.42 -0.32
N VAL B 18 -8.07 16.92 -1.07
CA VAL B 18 -6.92 16.15 -1.54
C VAL B 18 -5.87 15.86 -0.48
N SER B 19 -5.19 16.89 -0.05
CA SER B 19 -4.25 16.74 1.04
C SER B 19 -4.98 16.28 2.31
N GLU B 20 -6.28 16.54 2.35
CA GLU B 20 -7.13 16.00 3.41
C GLU B 20 -7.18 14.48 3.27
N GLN B 21 -7.17 14.04 2.02
CA GLN B 21 -7.13 12.62 1.70
C GLN B 21 -5.86 12.04 2.24
N LEU B 22 -4.78 12.80 2.21
CA LEU B 22 -3.52 12.27 2.64
C LEU B 22 -3.36 12.25 4.15
N LYS B 23 -3.99 13.16 4.84
CA LYS B 23 -3.94 13.09 6.29
C LYS B 23 -4.68 11.85 6.75
N CYS B 24 -5.62 11.45 5.93
CA CYS B 24 -6.36 10.22 6.11
C CYS B 24 -5.53 9.06 5.60
N CYS B 25 -5.09 9.19 4.35
CA CYS B 25 -4.28 8.18 3.68
C CYS B 25 -3.16 7.76 4.60
N SER B 26 -2.51 8.74 5.19
CA SER B 26 -1.37 8.47 6.03
C SER B 26 -1.78 7.72 7.27
N GLY B 27 -2.73 8.26 8.02
CA GLY B 27 -3.22 7.59 9.22
C GLY B 27 -3.75 6.21 8.91
N ILE B 28 -3.99 5.97 7.63
CA ILE B 28 -4.43 4.68 7.14
C ILE B 28 -3.27 3.70 6.99
N LEU B 29 -2.26 4.08 6.21
CA LEU B 29 -0.99 3.31 6.14
C LEU B 29 -0.41 3.20 7.50
N LYS B 30 -0.14 4.35 8.07
CA LYS B 30 0.28 4.49 9.46
C LYS B 30 -0.51 3.55 10.37
N GLU B 31 -1.78 3.30 10.04
CA GLU B 31 -2.59 2.35 10.77
C GLU B 31 -2.18 0.92 10.45
N MET B 32 -2.09 0.54 9.20
CA MET B 32 -1.55 -0.78 8.88
C MET B 32 -0.12 -0.89 9.44
N PHE B 33 0.52 0.27 9.56
CA PHE B 33 1.82 0.40 10.22
C PHE B 33 1.68 0.24 11.75
N ALA B 34 0.45 0.35 12.24
CA ALA B 34 0.18 0.22 13.66
C ALA B 34 0.66 -1.12 14.17
N LYS B 35 1.07 -1.17 15.44
CA LYS B 35 1.48 -2.43 16.05
C LYS B 35 0.35 -3.43 15.89
N LYS B 36 -0.86 -2.87 15.92
CA LYS B 36 -2.09 -3.57 15.58
C LYS B 36 -1.95 -4.38 14.27
N HIS B 37 -1.41 -3.78 13.21
CA HIS B 37 -1.28 -4.50 11.93
C HIS B 37 0.16 -4.89 11.68
N ALA B 38 1.04 -4.58 12.62
CA ALA B 38 2.45 -4.91 12.47
C ALA B 38 2.69 -6.38 12.71
N ALA B 39 1.63 -7.10 12.96
CA ALA B 39 1.68 -8.54 12.99
C ALA B 39 1.75 -9.06 11.58
N TYR B 40 1.32 -8.23 10.63
CA TYR B 40 1.16 -8.70 9.26
C TYR B 40 1.37 -7.63 8.19
N ALA B 41 1.44 -6.39 8.57
CA ALA B 41 1.68 -5.33 7.60
C ALA B 41 3.12 -4.99 7.62
N TRP B 42 3.78 -5.40 8.68
CA TRP B 42 5.18 -5.16 8.87
C TRP B 42 6.03 -5.55 7.63
N PRO B 43 5.73 -6.66 6.87
CA PRO B 43 6.56 -7.03 5.71
C PRO B 43 6.19 -6.18 4.53
N PHE B 44 5.29 -5.27 4.80
CA PHE B 44 4.88 -4.30 3.82
C PHE B 44 5.50 -2.96 4.17
N TYR B 45 5.66 -2.62 5.48
CA TYR B 45 6.35 -1.34 5.84
C TYR B 45 7.61 -1.29 5.04
N LYS B 46 8.31 -2.35 5.09
CA LYS B 46 9.54 -2.47 4.39
C LYS B 46 9.37 -3.42 3.22
N PRO B 47 10.34 -3.38 2.32
CA PRO B 47 10.27 -4.06 1.04
C PRO B 47 10.41 -5.57 1.15
N VAL B 48 9.73 -6.28 0.24
CA VAL B 48 9.88 -7.73 0.10
C VAL B 48 11.36 -8.09 0.14
N ASP B 49 11.74 -8.77 1.19
CA ASP B 49 13.13 -9.06 1.45
C ASP B 49 13.55 -10.33 0.76
N VAL B 50 14.11 -10.15 -0.40
CA VAL B 50 14.41 -11.21 -1.32
C VAL B 50 15.49 -12.15 -0.78
N GLU B 51 16.20 -11.69 0.23
CA GLU B 51 17.21 -12.51 0.87
C GLU B 51 16.60 -13.22 2.05
N ALA B 52 15.99 -12.44 2.91
CA ALA B 52 15.32 -12.91 4.10
C ALA B 52 14.30 -13.96 3.76
N LEU B 53 13.50 -13.67 2.76
CA LEU B 53 12.40 -14.50 2.36
C LEU B 53 12.91 -15.71 1.58
N GLY B 54 14.09 -15.58 0.99
CA GLY B 54 14.63 -16.62 0.13
C GLY B 54 13.89 -16.68 -1.17
N LEU B 55 13.76 -15.53 -1.79
CA LEU B 55 12.89 -15.37 -2.95
C LEU B 55 13.52 -15.85 -4.24
N HIS B 56 14.64 -15.23 -4.62
CA HIS B 56 15.38 -15.56 -5.84
C HIS B 56 14.66 -15.08 -7.09
N ASP B 57 13.50 -15.68 -7.39
CA ASP B 57 12.75 -15.37 -8.62
C ASP B 57 12.04 -14.03 -8.53
N TYR B 58 12.12 -13.44 -7.34
CA TYR B 58 11.56 -12.11 -7.05
C TYR B 58 11.60 -11.13 -8.22
N CYS B 59 12.78 -10.83 -8.75
CA CYS B 59 12.91 -9.77 -9.74
C CYS B 59 12.19 -10.13 -11.04
N ASP B 60 11.84 -11.40 -11.18
CA ASP B 60 11.07 -11.87 -12.32
C ASP B 60 9.61 -11.67 -12.08
N ILE B 61 9.24 -11.90 -10.85
CA ILE B 61 7.90 -11.65 -10.42
C ILE B 61 7.66 -10.18 -10.33
N ILE B 62 8.47 -9.59 -9.50
CA ILE B 62 8.25 -8.29 -8.99
C ILE B 62 8.92 -7.23 -9.82
N LYS B 63 8.11 -6.33 -10.31
CA LYS B 63 8.56 -5.26 -11.14
C LYS B 63 8.46 -3.97 -10.37
N HIS B 64 7.43 -3.92 -9.54
CA HIS B 64 7.16 -2.78 -8.69
C HIS B 64 6.59 -3.26 -7.39
N PRO B 65 7.51 -3.61 -6.53
CA PRO B 65 7.21 -3.97 -5.17
C PRO B 65 7.02 -2.72 -4.36
N MET B 66 5.85 -2.56 -3.81
CA MET B 66 5.58 -1.39 -3.01
C MET B 66 5.80 -1.75 -1.56
N ASP B 67 6.14 -0.76 -0.79
CA ASP B 67 6.31 -0.96 0.62
C ASP B 67 5.64 0.18 1.36
N MET B 68 4.85 -0.21 2.35
CA MET B 68 4.10 0.69 3.23
C MET B 68 4.95 1.87 3.68
N SER B 69 6.27 1.71 3.65
CA SER B 69 7.15 2.77 4.11
C SER B 69 7.38 3.83 3.03
N THR B 70 7.53 3.43 1.75
CA THR B 70 7.66 4.43 0.69
C THR B 70 6.38 5.19 0.53
N ILE B 71 5.30 4.47 0.27
CA ILE B 71 4.01 5.05 0.11
C ILE B 71 3.73 6.03 1.22
N LYS B 72 4.13 5.64 2.41
CA LYS B 72 4.08 6.50 3.54
C LYS B 72 5.05 7.67 3.41
N SER B 73 6.28 7.33 3.11
CA SER B 73 7.34 8.30 2.89
C SER B 73 6.89 9.36 1.90
N LYS B 74 6.14 8.94 0.90
CA LYS B 74 5.65 9.83 -0.13
C LYS B 74 4.50 10.66 0.43
N LEU B 75 3.67 10.05 1.27
CA LEU B 75 2.74 10.78 2.12
C LEU B 75 3.50 11.86 2.86
N GLU B 76 4.53 11.40 3.55
CA GLU B 76 5.41 12.25 4.34
C GLU B 76 6.12 13.25 3.44
N ALA B 77 6.10 12.93 2.17
CA ALA B 77 6.74 13.75 1.14
C ALA B 77 5.74 14.65 0.46
N ARG B 78 4.46 14.38 0.72
CA ARG B 78 3.36 15.08 0.06
C ARG B 78 3.49 14.89 -1.44
N GLU B 79 4.24 13.86 -1.77
CA GLU B 79 4.42 13.40 -3.12
C GLU B 79 3.10 12.88 -3.65
N TYR B 80 2.35 12.32 -2.72
CA TYR B 80 1.00 11.90 -2.98
C TYR B 80 0.07 13.08 -2.94
N ARG B 81 -0.63 13.28 -4.04
CA ARG B 81 -1.56 14.38 -4.17
C ARG B 81 -2.65 14.19 -3.18
N ASP B 82 -3.04 12.95 -3.08
CA ASP B 82 -4.20 12.55 -2.33
C ASP B 82 -4.03 11.11 -1.97
N ALA B 83 -5.04 10.60 -1.35
CA ALA B 83 -4.99 9.29 -0.78
C ALA B 83 -5.06 8.22 -1.85
N GLN B 84 -5.43 8.57 -3.07
CA GLN B 84 -5.51 7.60 -4.12
C GLN B 84 -4.15 7.43 -4.79
N GLU B 85 -3.31 8.46 -4.71
CA GLU B 85 -1.87 8.27 -4.88
C GLU B 85 -1.43 7.23 -3.87
N PHE B 86 -1.90 7.48 -2.65
CA PHE B 86 -1.59 6.66 -1.52
C PHE B 86 -1.94 5.21 -1.74
N GLY B 87 -3.22 4.95 -1.91
CA GLY B 87 -3.70 3.60 -2.04
C GLY B 87 -3.34 2.97 -3.35
N ALA B 88 -2.87 3.79 -4.27
CA ALA B 88 -2.35 3.29 -5.50
C ALA B 88 -1.14 2.43 -5.21
N ASP B 89 -0.32 2.90 -4.29
CA ASP B 89 0.85 2.19 -3.85
C ASP B 89 0.49 1.09 -2.83
N VAL B 90 -0.49 1.32 -1.95
CA VAL B 90 -0.98 0.23 -1.13
C VAL B 90 -1.37 -0.96 -2.01
N ARG B 91 -2.17 -0.70 -3.02
CA ARG B 91 -2.56 -1.74 -3.96
C ARG B 91 -1.36 -2.24 -4.76
N LEU B 92 -0.33 -1.42 -4.89
CA LEU B 92 0.91 -1.81 -5.54
C LEU B 92 1.60 -2.90 -4.72
N MET B 93 1.76 -2.67 -3.40
CA MET B 93 2.42 -3.63 -2.50
C MET B 93 1.57 -4.86 -2.34
N PHE B 94 0.28 -4.65 -2.34
CA PHE B 94 -0.65 -5.75 -2.32
C PHE B 94 -0.54 -6.55 -3.62
N SER B 95 -0.55 -5.84 -4.75
CA SER B 95 -0.50 -6.47 -6.06
C SER B 95 0.76 -7.31 -6.22
N ASN B 96 1.94 -6.67 -6.09
CA ASN B 96 3.21 -7.37 -6.26
C ASN B 96 3.27 -8.56 -5.33
N CYS B 97 2.61 -8.45 -4.19
CA CYS B 97 2.56 -9.53 -3.25
C CYS B 97 1.87 -10.76 -3.85
N TYR B 98 0.63 -10.62 -4.31
CA TYR B 98 -0.11 -11.80 -4.77
C TYR B 98 0.40 -12.29 -6.11
N LYS B 99 1.13 -11.46 -6.83
CA LYS B 99 1.79 -11.90 -8.05
C LYS B 99 2.76 -12.99 -7.70
N TYR B 100 3.58 -12.66 -6.73
CA TYR B 100 4.62 -13.53 -6.26
C TYR B 100 4.03 -14.66 -5.44
N ASN B 101 3.11 -14.32 -4.59
CA ASN B 101 2.62 -15.24 -3.59
C ASN B 101 1.26 -15.82 -3.95
N PRO B 102 1.13 -17.14 -3.77
CA PRO B 102 -0.16 -17.84 -3.80
C PRO B 102 -1.00 -17.42 -2.59
N PRO B 103 -2.33 -17.57 -2.65
CA PRO B 103 -3.21 -17.17 -1.54
C PRO B 103 -3.13 -18.12 -0.35
N ASP B 104 -2.25 -19.11 -0.49
CA ASP B 104 -1.97 -20.03 0.58
C ASP B 104 -0.65 -19.62 1.27
N HIS B 105 -0.27 -18.37 1.04
CA HIS B 105 1.01 -17.88 1.53
C HIS B 105 0.84 -17.03 2.79
N GLU B 106 1.92 -16.95 3.54
CA GLU B 106 2.07 -15.99 4.59
C GLU B 106 1.98 -14.55 4.07
N VAL B 107 2.81 -14.17 3.09
CA VAL B 107 2.83 -12.78 2.63
C VAL B 107 1.46 -12.35 2.23
N VAL B 108 0.77 -13.21 1.50
CA VAL B 108 -0.59 -12.91 1.11
C VAL B 108 -1.50 -12.86 2.33
N ALA B 109 -1.34 -13.83 3.22
CA ALA B 109 -2.01 -13.84 4.51
C ALA B 109 -2.01 -12.44 5.10
N MET B 110 -0.81 -11.92 5.20
CA MET B 110 -0.55 -10.59 5.70
C MET B 110 -1.21 -9.57 4.79
N ALA B 111 -0.93 -9.74 3.51
CA ALA B 111 -1.46 -8.91 2.44
C ALA B 111 -2.98 -8.70 2.53
N ARG B 112 -3.74 -9.79 2.66
CA ARG B 112 -5.21 -9.70 2.68
C ARG B 112 -5.72 -8.96 3.91
N LYS B 113 -5.03 -9.13 5.03
CA LYS B 113 -5.39 -8.42 6.25
C LYS B 113 -5.34 -6.92 6.04
N LEU B 114 -4.32 -6.51 5.31
CA LEU B 114 -4.16 -5.12 4.96
C LEU B 114 -5.24 -4.68 4.02
N GLN B 115 -5.69 -5.57 3.16
CA GLN B 115 -6.85 -5.29 2.33
C GLN B 115 -8.04 -4.95 3.22
N ASP B 116 -8.30 -5.83 4.19
CA ASP B 116 -9.39 -5.62 5.12
C ASP B 116 -9.29 -4.26 5.79
N VAL B 117 -8.13 -3.96 6.36
CA VAL B 117 -7.93 -2.67 7.01
C VAL B 117 -7.83 -1.55 5.98
N PHE B 118 -6.78 -1.52 5.15
CA PHE B 118 -6.60 -0.46 4.15
C PHE B 118 -7.87 -0.14 3.37
N GLU B 119 -8.61 -1.14 2.90
CA GLU B 119 -9.76 -0.86 2.04
C GLU B 119 -10.96 -0.36 2.84
N MET B 120 -11.09 -0.77 4.09
CA MET B 120 -12.11 -0.20 4.97
C MET B 120 -11.65 1.19 5.38
N ARG B 121 -10.37 1.28 5.68
CA ARG B 121 -9.68 2.51 5.93
C ARG B 121 -9.89 3.49 4.80
N PHE B 122 -9.72 2.98 3.59
CA PHE B 122 -9.82 3.79 2.39
C PHE B 122 -11.28 4.10 2.08
N ALA B 123 -12.18 3.31 2.64
CA ALA B 123 -13.60 3.56 2.49
C ALA B 123 -14.01 4.81 3.25
N LYS B 124 -13.13 5.26 4.14
CA LYS B 124 -13.37 6.50 4.88
C LYS B 124 -12.79 7.69 4.13
N MET B 125 -12.30 7.47 2.92
CA MET B 125 -11.66 8.51 2.13
C MET B 125 -12.68 9.28 1.30
N PRO B 126 -12.56 10.62 1.32
CA PRO B 126 -13.38 11.50 0.49
C PRO B 126 -13.03 11.36 -0.99
N ASP B 127 -13.71 12.14 -1.81
CA ASP B 127 -13.34 12.31 -3.22
C ASP B 127 -13.79 13.67 -3.69
N GLU B 128 -14.42 14.38 -2.78
CA GLU B 128 -15.05 15.65 -3.08
C GLU B 128 -14.12 16.82 -2.83
N SER A 1 5.51 -21.54 -14.79
CA SER A 1 5.96 -20.71 -13.66
C SER A 1 5.07 -19.48 -13.51
N PRO A 2 4.10 -19.51 -12.58
CA PRO A 2 3.19 -18.39 -12.35
C PRO A 2 3.92 -17.20 -11.76
N ALA A 3 4.73 -17.49 -10.74
CA ALA A 3 5.50 -16.46 -10.06
C ALA A 3 6.68 -17.10 -9.35
N GLN A 4 6.41 -17.70 -8.19
CA GLN A 4 7.44 -18.39 -7.40
C GLN A 4 6.88 -18.87 -6.07
N GLY A 5 6.06 -18.04 -5.46
CA GLY A 5 5.73 -18.27 -4.06
C GLY A 5 6.89 -17.81 -3.22
OH ALY A 6 5.29 -9.43 -2.26
CH ALY A 6 5.60 -9.24 -1.09
CH3 ALY A 6 4.87 -8.15 -0.28
NZ ALY A 6 6.55 -9.95 -0.48
CE ALY A 6 7.31 -11.02 -1.13
CD ALY A 6 6.74 -12.38 -0.84
CG ALY A 6 7.29 -13.45 -1.78
CB ALY A 6 7.34 -14.79 -1.05
CA ALY A 6 7.88 -15.97 -1.91
N ALY A 6 6.76 -16.62 -2.61
C ALY A 6 8.66 -16.96 -1.02
O ALY A 6 9.88 -16.93 -0.97
HH31 ALY A 6 4.37 -7.47 -0.96
HH32 ALY A 6 4.14 -8.61 0.38
HH33 ALY A 6 5.59 -7.59 0.30
HZ ALY A 6 6.76 -9.75 0.45
HE3 ALY A 6 7.30 -10.88 -2.19
HE2 ALY A 6 8.33 -10.99 -0.78
HD3 ALY A 6 6.96 -12.65 0.19
HD2 ALY A 6 5.67 -12.34 -0.96
HG3 ALY A 6 6.62 -13.55 -2.63
HG2 ALY A 6 8.27 -13.17 -2.13
HB3 ALY A 6 7.97 -14.67 -0.17
HB2 ALY A 6 6.35 -15.04 -0.72
HA ALY A 6 8.55 -15.55 -2.67
H ALY A 6 5.89 -16.18 -2.64
N ARG A 7 7.96 -17.87 -0.36
CA ARG A 7 8.51 -18.62 0.78
C ARG A 7 9.00 -17.61 1.83
N GLY A 8 8.57 -16.37 1.66
CA GLY A 8 9.00 -15.29 2.50
C GLY A 8 8.16 -15.15 3.73
OH ALY A 9 8.63 -8.53 2.31
CH ALY A 9 8.92 -9.21 3.28
CH3 ALY A 9 10.13 -8.84 4.13
NZ ALY A 9 8.21 -10.26 3.64
CE ALY A 9 7.02 -10.71 2.93
CD ALY A 9 6.08 -11.43 3.86
CG ALY A 9 6.58 -12.81 4.15
CB ALY A 9 6.83 -13.05 5.62
CA ALY A 9 8.00 -13.99 5.93
N ALY A 9 8.71 -14.43 4.72
C ALY A 9 7.52 -15.16 6.79
O ALY A 9 7.23 -16.25 6.31
HH31 ALY A 9 10.06 -7.81 4.45
HH32 ALY A 9 10.16 -9.49 4.99
HH33 ALY A 9 11.03 -8.98 3.54
HZ ALY A 9 8.48 -10.77 4.43
HE3 ALY A 9 6.51 -9.84 2.52
HE2 ALY A 9 7.31 -11.38 2.12
HD3 ALY A 9 6.01 -10.88 4.78
HD2 ALY A 9 5.10 -11.49 3.41
HG3 ALY A 9 5.84 -13.51 3.83
HG2 ALY A 9 7.48 -12.98 3.59
HB3 ALY A 9 7.01 -12.10 6.09
HB2 ALY A 9 5.92 -13.48 6.03
HA ALY A 9 8.71 -13.43 6.51
H ALY A 9 9.66 -14.21 4.65
N LYS A 10 7.49 -14.90 8.08
CA LYS A 10 6.94 -15.86 9.03
C LYS A 10 6.30 -15.11 10.18
N SER A 11 6.10 -13.80 9.96
CA SER A 11 5.50 -12.90 10.92
C SER A 11 6.44 -12.65 12.10
N ALA A 12 7.02 -11.44 12.13
CA ALA A 12 7.95 -11.06 13.16
C ALA A 12 7.22 -10.58 14.40
N LYS B 1 -1.02 2.94 -21.46
CA LYS B 1 -0.63 3.67 -20.23
C LYS B 1 -1.28 5.05 -20.18
N ASP B 2 -1.91 5.45 -21.27
CA ASP B 2 -2.58 6.75 -21.33
C ASP B 2 -3.96 6.68 -20.70
N VAL B 3 -4.06 7.12 -19.47
CA VAL B 3 -5.33 7.10 -18.76
C VAL B 3 -6.05 8.44 -18.90
N PRO B 4 -7.40 8.40 -18.99
CA PRO B 4 -8.21 9.60 -19.08
C PRO B 4 -8.57 10.18 -17.72
N ASP B 5 -8.83 11.48 -17.68
CA ASP B 5 -9.21 12.15 -16.45
C ASP B 5 -10.70 11.97 -16.19
N SER B 6 -11.03 11.02 -15.33
CA SER B 6 -12.41 10.77 -14.97
C SER B 6 -12.95 11.92 -14.11
N GLN B 7 -12.05 12.55 -13.38
CA GLN B 7 -12.38 13.72 -12.58
C GLN B 7 -11.11 14.44 -12.14
N GLN B 8 -11.24 15.72 -11.83
CA GLN B 8 -10.13 16.50 -11.31
C GLN B 8 -10.37 16.81 -9.85
N HIS B 9 -9.39 16.53 -9.00
CA HIS B 9 -9.52 16.78 -7.57
C HIS B 9 -9.70 18.26 -7.28
N PRO B 10 -10.88 18.61 -6.73
CA PRO B 10 -11.23 20.00 -6.42
C PRO B 10 -10.30 20.59 -5.37
N ALA B 11 -9.72 21.74 -5.69
CA ALA B 11 -8.79 22.40 -4.80
C ALA B 11 -8.60 23.86 -5.17
N PRO B 12 -8.37 24.69 -4.15
CA PRO B 12 -8.13 26.12 -4.31
C PRO B 12 -6.66 26.43 -4.57
N GLU B 13 -5.81 25.45 -4.31
CA GLU B 13 -4.38 25.57 -4.56
C GLU B 13 -3.73 24.19 -4.54
N LYS B 14 -4.16 23.36 -3.61
CA LYS B 14 -3.65 21.99 -3.54
C LYS B 14 -4.73 21.04 -3.03
N SER B 15 -5.39 21.35 -1.93
CA SER B 15 -6.26 20.38 -1.32
C SER B 15 -7.67 20.87 -1.01
N SER B 16 -7.98 21.02 0.28
CA SER B 16 -9.36 21.11 0.79
C SER B 16 -10.03 19.73 0.71
N LYS B 17 -9.66 18.98 -0.31
CA LYS B 17 -10.02 17.57 -0.49
C LYS B 17 -8.82 16.67 -0.36
N VAL B 18 -7.74 17.12 -0.96
CA VAL B 18 -6.69 16.27 -1.47
C VAL B 18 -5.68 15.86 -0.43
N SER B 19 -4.97 16.81 0.09
CA SER B 19 -4.07 16.55 1.19
C SER B 19 -4.88 16.15 2.43
N GLU B 20 -6.16 16.51 2.43
CA GLU B 20 -7.10 15.99 3.41
C GLU B 20 -7.19 14.49 3.26
N GLN B 21 -7.11 14.04 2.01
CA GLN B 21 -7.07 12.64 1.70
C GLN B 21 -5.82 12.04 2.31
N LEU B 22 -4.70 12.68 2.07
CA LEU B 22 -3.45 12.14 2.54
C LEU B 22 -3.36 12.11 4.04
N LYS B 23 -3.85 13.15 4.70
CA LYS B 23 -3.86 13.17 6.15
C LYS B 23 -4.60 11.96 6.69
N CYS B 24 -5.66 11.64 6.00
CA CYS B 24 -6.48 10.49 6.31
C CYS B 24 -5.73 9.22 5.94
N CYS B 25 -5.27 9.20 4.69
CA CYS B 25 -4.61 8.06 4.12
C CYS B 25 -3.31 7.74 4.83
N SER B 26 -2.65 8.76 5.32
CA SER B 26 -1.46 8.53 6.11
C SER B 26 -1.85 7.72 7.33
N GLY B 27 -2.81 8.24 8.09
CA GLY B 27 -3.31 7.52 9.25
C GLY B 27 -3.78 6.13 8.89
N ILE B 28 -4.15 5.96 7.64
CA ILE B 28 -4.50 4.67 7.08
C ILE B 28 -3.29 3.73 7.00
N LEU B 29 -2.28 4.11 6.24
CA LEU B 29 -1.02 3.34 6.17
C LEU B 29 -0.42 3.23 7.52
N LYS B 30 -0.16 4.39 8.09
CA LYS B 30 0.28 4.51 9.47
C LYS B 30 -0.47 3.55 10.41
N GLU B 31 -1.74 3.28 10.07
CA GLU B 31 -2.53 2.30 10.81
C GLU B 31 -2.11 0.88 10.46
N MET B 32 -2.05 0.52 9.19
CA MET B 32 -1.51 -0.79 8.84
C MET B 32 -0.08 -0.87 9.39
N PHE B 33 0.56 0.28 9.52
CA PHE B 33 1.86 0.42 10.16
C PHE B 33 1.76 0.23 11.68
N ALA B 34 0.55 0.38 12.20
CA ALA B 34 0.27 0.25 13.63
C ALA B 34 0.79 -1.07 14.15
N LYS B 35 1.20 -1.09 15.41
CA LYS B 35 1.62 -2.32 16.06
C LYS B 35 0.50 -3.34 15.91
N LYS B 36 -0.71 -2.82 15.88
CA LYS B 36 -1.90 -3.56 15.54
C LYS B 36 -1.72 -4.38 14.24
N HIS B 37 -1.23 -3.76 13.17
CA HIS B 37 -1.09 -4.47 11.89
C HIS B 37 0.35 -4.81 11.62
N ALA B 38 1.23 -4.48 12.55
CA ALA B 38 2.65 -4.79 12.40
C ALA B 38 2.92 -6.25 12.64
N ALA B 39 1.87 -6.98 12.89
CA ALA B 39 1.95 -8.42 12.94
C ALA B 39 2.00 -8.96 11.52
N TYR B 40 1.55 -8.13 10.57
CA TYR B 40 1.36 -8.61 9.21
C TYR B 40 1.53 -7.56 8.14
N ALA B 41 1.64 -6.32 8.51
CA ALA B 41 1.87 -5.27 7.54
C ALA B 41 3.30 -4.89 7.53
N TRP B 42 3.98 -5.31 8.57
CA TRP B 42 5.38 -5.05 8.75
C TRP B 42 6.22 -5.46 7.51
N PRO B 43 5.90 -6.57 6.76
CA PRO B 43 6.69 -6.95 5.58
C PRO B 43 6.27 -6.13 4.40
N PHE B 44 5.35 -5.23 4.67
CA PHE B 44 4.90 -4.28 3.69
C PHE B 44 5.51 -2.94 3.96
N TYR B 45 5.68 -2.54 5.26
CA TYR B 45 6.39 -1.27 5.56
C TYR B 45 7.64 -1.22 4.73
N LYS B 46 8.30 -2.31 4.77
CA LYS B 46 9.55 -2.44 4.11
C LYS B 46 9.45 -3.34 2.90
N PRO B 47 10.51 -3.36 2.12
CA PRO B 47 10.58 -4.06 0.85
C PRO B 47 10.53 -5.57 1.02
N VAL B 48 9.94 -6.23 0.03
CA VAL B 48 10.00 -7.69 -0.06
C VAL B 48 11.46 -8.11 -0.02
N ASP B 49 11.84 -8.77 1.06
CA ASP B 49 13.22 -9.11 1.28
C ASP B 49 13.59 -10.37 0.54
N VAL B 50 14.12 -10.16 -0.63
CA VAL B 50 14.42 -11.20 -1.58
C VAL B 50 15.49 -12.15 -1.05
N GLU B 51 16.16 -11.71 0.00
CA GLU B 51 17.19 -12.50 0.63
C GLU B 51 16.58 -13.30 1.77
N ALA B 52 15.90 -12.56 2.62
CA ALA B 52 15.25 -13.09 3.80
C ALA B 52 14.20 -14.10 3.43
N LEU B 53 13.43 -13.74 2.42
CA LEU B 53 12.31 -14.54 1.99
C LEU B 53 12.80 -15.72 1.15
N GLY B 54 14.02 -15.60 0.64
CA GLY B 54 14.58 -16.61 -0.25
C GLY B 54 13.86 -16.65 -1.56
N LEU B 55 13.74 -15.49 -2.18
CA LEU B 55 12.87 -15.31 -3.32
C LEU B 55 13.51 -15.78 -4.64
N HIS B 56 14.58 -15.09 -5.05
CA HIS B 56 15.28 -15.37 -6.31
C HIS B 56 14.47 -14.94 -7.55
N ASP B 57 13.30 -15.53 -7.73
CA ASP B 57 12.45 -15.22 -8.90
C ASP B 57 11.74 -13.89 -8.75
N TYR B 58 11.88 -13.30 -7.57
CA TYR B 58 11.36 -11.97 -7.25
C TYR B 58 11.38 -10.99 -8.41
N CYS B 59 12.56 -10.70 -8.96
CA CYS B 59 12.70 -9.64 -9.95
C CYS B 59 11.99 -10.01 -11.25
N ASP B 60 11.62 -11.26 -11.37
CA ASP B 60 10.81 -11.73 -12.49
C ASP B 60 9.37 -11.39 -12.23
N ILE B 61 8.94 -11.78 -11.07
CA ILE B 61 7.62 -11.48 -10.59
C ILE B 61 7.39 -10.00 -10.51
N ILE B 62 8.19 -9.42 -9.67
CA ILE B 62 7.98 -8.11 -9.16
C ILE B 62 8.58 -7.06 -10.05
N LYS B 63 7.71 -6.31 -10.69
CA LYS B 63 8.11 -5.18 -11.49
C LYS B 63 8.08 -3.92 -10.65
N HIS B 64 7.13 -3.88 -9.72
CA HIS B 64 6.95 -2.74 -8.84
C HIS B 64 6.43 -3.22 -7.52
N PRO B 65 7.38 -3.50 -6.67
CA PRO B 65 7.15 -3.85 -5.29
C PRO B 65 6.99 -2.59 -4.46
N MET B 66 5.85 -2.44 -3.85
CA MET B 66 5.61 -1.29 -3.04
C MET B 66 5.80 -1.66 -1.60
N ASP B 67 6.13 -0.68 -0.80
CA ASP B 67 6.30 -0.88 0.60
C ASP B 67 5.65 0.24 1.36
N MET B 68 4.86 -0.15 2.35
CA MET B 68 4.09 0.73 3.22
C MET B 68 4.92 1.92 3.70
N SER B 69 6.24 1.77 3.74
CA SER B 69 7.09 2.85 4.21
C SER B 69 7.37 3.88 3.11
N THR B 70 7.48 3.47 1.84
CA THR B 70 7.61 4.44 0.75
C THR B 70 6.35 5.20 0.59
N ILE B 71 5.27 4.48 0.31
CA ILE B 71 3.97 5.08 0.14
C ILE B 71 3.66 6.04 1.26
N LYS B 72 4.07 5.67 2.44
CA LYS B 72 3.97 6.52 3.57
C LYS B 72 4.95 7.68 3.47
N SER B 73 6.18 7.33 3.19
CA SER B 73 7.25 8.32 3.00
C SER B 73 6.82 9.37 1.99
N LYS B 74 6.09 8.91 0.98
CA LYS B 74 5.60 9.79 -0.07
C LYS B 74 4.46 10.65 0.48
N LEU B 75 3.60 10.05 1.31
CA LEU B 75 2.71 10.81 2.16
C LEU B 75 3.49 11.88 2.91
N GLU B 76 4.51 11.41 3.61
CA GLU B 76 5.39 12.24 4.42
C GLU B 76 6.19 13.19 3.52
N ALA B 77 6.07 12.94 2.24
CA ALA B 77 6.74 13.72 1.21
C ALA B 77 5.75 14.62 0.49
N ARG B 78 4.46 14.35 0.73
CA ARG B 78 3.38 15.01 0.01
C ARG B 78 3.56 14.81 -1.48
N GLU B 79 4.32 13.77 -1.77
CA GLU B 79 4.52 13.25 -3.09
C GLU B 79 3.20 12.71 -3.61
N TYR B 80 2.44 12.15 -2.68
CA TYR B 80 1.10 11.75 -2.93
C TYR B 80 0.22 12.97 -2.90
N ARG B 81 -0.41 13.18 -4.03
CA ARG B 81 -1.31 14.28 -4.23
C ARG B 81 -2.45 14.13 -3.29
N ASP B 82 -2.88 12.91 -3.22
CA ASP B 82 -4.07 12.55 -2.52
C ASP B 82 -3.95 11.12 -2.10
N ALA B 83 -4.98 10.67 -1.48
CA ALA B 83 -5.00 9.38 -0.90
C ALA B 83 -5.04 8.32 -1.97
N GLN B 84 -5.31 8.74 -3.18
CA GLN B 84 -5.40 7.82 -4.27
C GLN B 84 -4.04 7.62 -4.93
N GLU B 85 -3.10 8.58 -4.79
CA GLU B 85 -1.69 8.23 -4.99
C GLU B 85 -1.32 7.24 -3.92
N PHE B 86 -1.85 7.51 -2.73
CA PHE B 86 -1.57 6.70 -1.57
C PHE B 86 -1.91 5.26 -1.81
N GLY B 87 -3.19 5.00 -2.00
CA GLY B 87 -3.66 3.66 -2.17
C GLY B 87 -3.21 3.07 -3.47
N ALA B 88 -2.76 3.92 -4.36
CA ALA B 88 -2.20 3.47 -5.61
C ALA B 88 -1.00 2.58 -5.33
N ASP B 89 -0.27 2.96 -4.30
CA ASP B 89 0.89 2.22 -3.86
C ASP B 89 0.51 1.11 -2.86
N VAL B 90 -0.49 1.34 -2.01
CA VAL B 90 -1.01 0.23 -1.22
C VAL B 90 -1.43 -0.91 -2.13
N ARG B 91 -2.22 -0.58 -3.15
CA ARG B 91 -2.63 -1.55 -4.15
C ARG B 91 -1.41 -2.20 -4.76
N LEU B 92 -0.38 -1.40 -5.03
CA LEU B 92 0.89 -1.90 -5.53
C LEU B 92 1.42 -3.04 -4.67
N MET B 93 1.73 -2.72 -3.41
CA MET B 93 2.36 -3.70 -2.50
C MET B 93 1.49 -4.90 -2.32
N PHE B 94 0.21 -4.67 -2.34
CA PHE B 94 -0.76 -5.75 -2.28
C PHE B 94 -0.70 -6.60 -3.57
N SER B 95 -0.73 -5.92 -4.71
CA SER B 95 -0.74 -6.59 -6.01
C SER B 95 0.55 -7.34 -6.27
N ASN B 96 1.70 -6.68 -6.06
CA ASN B 96 2.99 -7.34 -6.24
C ASN B 96 3.11 -8.49 -5.27
N CYS B 97 2.38 -8.41 -4.17
CA CYS B 97 2.36 -9.51 -3.23
C CYS B 97 1.65 -10.72 -3.84
N TYR B 98 0.35 -10.65 -4.08
CA TYR B 98 -0.36 -11.83 -4.60
C TYR B 98 0.13 -12.19 -6.00
N LYS B 99 0.72 -11.23 -6.68
CA LYS B 99 1.40 -11.47 -7.94
C LYS B 99 2.43 -12.56 -7.76
N TYR B 100 3.30 -12.32 -6.80
CA TYR B 100 4.38 -13.22 -6.46
C TYR B 100 3.82 -14.45 -5.76
N ASN B 101 2.93 -14.21 -4.83
CA ASN B 101 2.56 -15.19 -3.85
C ASN B 101 1.25 -15.88 -4.16
N PRO B 102 1.21 -17.20 -3.93
CA PRO B 102 -0.03 -17.97 -3.86
C PRO B 102 -0.84 -17.54 -2.64
N PRO B 103 -2.18 -17.63 -2.68
CA PRO B 103 -3.04 -17.22 -1.57
C PRO B 103 -2.97 -18.16 -0.37
N ASP B 104 -2.10 -19.15 -0.46
CA ASP B 104 -1.83 -20.04 0.66
C ASP B 104 -0.62 -19.51 1.43
N HIS B 105 -0.07 -18.40 0.96
CA HIS B 105 1.20 -17.89 1.45
C HIS B 105 1.04 -17.06 2.72
N GLU B 106 2.13 -16.98 3.47
CA GLU B 106 2.28 -16.04 4.55
C GLU B 106 2.18 -14.57 4.09
N VAL B 107 2.92 -14.18 3.04
CA VAL B 107 2.92 -12.78 2.59
C VAL B 107 1.53 -12.36 2.22
N VAL B 108 0.86 -13.24 1.50
CA VAL B 108 -0.51 -12.96 1.13
C VAL B 108 -1.41 -12.94 2.35
N ALA B 109 -1.19 -13.89 3.25
CA ALA B 109 -1.83 -13.91 4.56
C ALA B 109 -1.84 -12.50 5.15
N MET B 110 -0.64 -11.96 5.23
CA MET B 110 -0.40 -10.62 5.72
C MET B 110 -1.09 -9.61 4.82
N ALA B 111 -0.87 -9.81 3.53
CA ALA B 111 -1.46 -9.00 2.47
C ALA B 111 -2.99 -8.83 2.62
N ARG B 112 -3.71 -9.93 2.77
CA ARG B 112 -5.17 -9.90 2.85
C ARG B 112 -5.65 -9.12 4.07
N LYS B 113 -4.89 -9.18 5.14
CA LYS B 113 -5.22 -8.44 6.35
C LYS B 113 -5.19 -6.95 6.09
N LEU B 114 -4.16 -6.53 5.39
CA LEU B 114 -4.03 -5.15 4.98
C LEU B 114 -5.10 -4.80 3.98
N GLN B 115 -5.39 -5.76 3.13
CA GLN B 115 -6.46 -5.64 2.15
C GLN B 115 -7.76 -5.28 2.88
N ASP B 116 -7.97 -5.92 4.03
CA ASP B 116 -9.13 -5.62 4.88
C ASP B 116 -9.03 -4.20 5.44
N VAL B 117 -7.98 -3.95 6.21
CA VAL B 117 -7.82 -2.68 6.89
C VAL B 117 -7.67 -1.51 5.92
N PHE B 118 -6.68 -1.54 5.02
CA PHE B 118 -6.54 -0.49 4.03
C PHE B 118 -7.85 -0.17 3.32
N GLU B 119 -8.56 -1.19 2.82
CA GLU B 119 -9.78 -0.94 2.07
C GLU B 119 -10.86 -0.32 2.96
N MET B 120 -10.97 -0.84 4.19
CA MET B 120 -11.90 -0.27 5.15
C MET B 120 -11.50 1.18 5.46
N ARG B 121 -10.21 1.38 5.66
CA ARG B 121 -9.67 2.70 5.88
C ARG B 121 -9.96 3.61 4.70
N PHE B 122 -9.77 3.07 3.51
CA PHE B 122 -9.91 3.84 2.30
C PHE B 122 -11.36 4.23 2.05
N ALA B 123 -12.26 3.47 2.66
CA ALA B 123 -13.68 3.80 2.63
C ALA B 123 -13.95 5.10 3.38
N LYS B 124 -13.08 5.39 4.34
CA LYS B 124 -13.21 6.60 5.16
C LYS B 124 -12.55 7.81 4.48
N MET B 125 -12.11 7.62 3.23
CA MET B 125 -11.43 8.66 2.48
C MET B 125 -12.41 9.57 1.77
N PRO B 126 -12.23 10.89 1.94
CA PRO B 126 -13.02 11.92 1.25
C PRO B 126 -12.77 11.89 -0.24
N ASP B 127 -13.45 12.76 -0.97
CA ASP B 127 -13.17 12.98 -2.39
C ASP B 127 -13.58 14.36 -2.82
N GLU B 128 -14.25 15.03 -1.92
CA GLU B 128 -14.84 16.32 -2.23
C GLU B 128 -14.31 17.41 -1.31
N SER A 1 3.09 -22.93 -11.01
CA SER A 1 3.88 -21.84 -10.40
C SER A 1 4.22 -20.76 -11.44
N PRO A 2 3.49 -19.64 -11.44
CA PRO A 2 3.70 -18.55 -12.39
C PRO A 2 4.63 -17.48 -11.82
N ALA A 3 4.96 -17.61 -10.55
CA ALA A 3 5.80 -16.65 -9.87
C ALA A 3 6.93 -17.35 -9.12
N GLN A 4 6.63 -17.84 -7.92
CA GLN A 4 7.62 -18.57 -7.11
C GLN A 4 7.05 -19.03 -5.79
N GLY A 5 6.25 -18.18 -5.16
CA GLY A 5 5.94 -18.41 -3.76
C GLY A 5 7.09 -17.91 -2.92
OH ALY A 6 5.19 -9.07 -2.26
CH ALY A 6 5.53 -9.10 -1.09
CH3 ALY A 6 5.02 -8.04 -0.11
NZ ALY A 6 6.35 -10.04 -0.64
CE ALY A 6 6.88 -11.11 -1.47
CD ALY A 6 6.67 -12.48 -0.85
CG ALY A 6 7.38 -13.56 -1.64
CB ALY A 6 7.43 -14.86 -0.84
CA ALY A 6 8.03 -16.04 -1.62
N ALY A 6 6.94 -16.72 -2.35
C ALY A 6 8.79 -16.98 -0.67
O ALY A 6 10.00 -16.89 -0.55
HH31 ALY A 6 4.62 -7.20 -0.67
HH32 ALY A 6 4.23 -8.48 0.49
HH33 ALY A 6 5.82 -7.70 0.52
HZ ALY A 6 6.60 -10.03 0.31
HE3 ALY A 6 6.38 -11.09 -2.43
HE2 ALY A 6 7.93 -10.96 -1.61
HD3 ALY A 6 6.99 -12.47 0.18
HD2 ALY A 6 5.61 -12.69 -0.87
HG3 ALY A 6 6.83 -13.74 -2.55
HG2 ALY A 6 8.39 -13.23 -1.88
HB3 ALY A 6 8.00 -14.68 0.06
HB2 ALY A 6 6.42 -15.11 -0.55
HA ALY A 6 8.72 -15.62 -2.36
H ALY A 6 6.08 -16.27 -2.43
N ARG A 7 8.08 -17.91 -0.04
CA ARG A 7 8.60 -18.62 1.14
C ARG A 7 9.04 -17.59 2.19
N GLY A 8 8.54 -16.37 2.01
CA GLY A 8 8.92 -15.28 2.86
C GLY A 8 7.97 -15.13 4.03
OH ALY A 9 8.82 -8.66 2.68
CH ALY A 9 8.99 -9.37 3.66
CH3 ALY A 9 10.16 -9.12 4.58
NZ ALY A 9 8.17 -10.36 3.94
CE ALY A 9 7.01 -10.70 3.13
CD ALY A 9 5.96 -11.38 3.98
CG ALY A 9 6.38 -12.77 4.33
CB ALY A 9 6.53 -13.00 5.82
CA ALY A 9 7.64 -13.98 6.22
N ALY A 9 8.45 -14.43 5.07
C ALY A 9 7.04 -15.13 7.03
O ALY A 9 6.59 -16.15 6.49
HH31 ALY A 9 10.26 -8.07 4.78
HH32 ALY A 9 10.00 -9.65 5.51
HH33 ALY A 9 11.07 -9.48 4.12
HZ ALY A 9 8.35 -10.90 4.74
HE3 ALY A 9 6.60 -9.80 2.72
HE2 ALY A 9 7.30 -11.38 2.33
HD3 ALY A 9 5.83 -10.81 4.87
HD2 ALY A 9 5.04 -11.42 3.44
HG3 ALY A 9 5.66 -13.46 3.97
HG2 ALY A 9 7.32 -12.97 3.84
HB3 ALY A 9 6.72 -12.04 6.30
HB2 ALY A 9 5.59 -13.38 6.18
HA ALY A 9 8.30 -13.45 6.87
H ALY A 9 9.41 -14.22 5.08
N LYS A 10 7.08 -14.96 8.34
CA LYS A 10 6.39 -15.84 9.26
C LYS A 10 5.77 -15.02 10.38
N SER A 11 5.19 -13.89 9.98
CA SER A 11 4.47 -12.98 10.86
C SER A 11 5.28 -12.58 12.09
N ALA A 12 6.54 -12.22 11.85
CA ALA A 12 7.45 -11.76 12.91
C ALA A 12 7.59 -12.82 14.00
N LYS B 1 5.13 11.76 -16.52
CA LYS B 1 4.59 11.33 -17.83
C LYS B 1 3.09 11.05 -17.74
N ASP B 2 2.69 10.29 -16.72
CA ASP B 2 1.29 9.90 -16.56
C ASP B 2 0.43 11.10 -16.19
N VAL B 3 -0.23 11.69 -17.18
CA VAL B 3 -1.10 12.82 -16.94
C VAL B 3 -2.51 12.35 -16.58
N PRO B 4 -3.14 13.03 -15.62
CA PRO B 4 -4.48 12.66 -15.16
C PRO B 4 -5.57 13.21 -16.08
N ASP B 5 -5.78 12.52 -17.20
CA ASP B 5 -6.84 12.92 -18.13
C ASP B 5 -8.16 12.30 -17.70
N SER B 6 -8.06 11.12 -17.12
CA SER B 6 -9.22 10.42 -16.60
C SER B 6 -9.08 10.26 -15.09
N GLN B 7 -10.20 10.32 -14.38
CA GLN B 7 -10.20 10.25 -12.92
C GLN B 7 -9.39 11.41 -12.34
N GLN B 8 -9.51 12.57 -12.97
CA GLN B 8 -8.81 13.76 -12.52
C GLN B 8 -9.60 14.42 -11.40
N HIS B 9 -9.15 14.20 -10.17
CA HIS B 9 -9.78 14.82 -9.02
C HIS B 9 -9.18 16.19 -8.76
N PRO B 10 -10.04 17.21 -8.85
CA PRO B 10 -9.63 18.61 -8.87
C PRO B 10 -9.47 19.22 -7.49
N ALA B 11 -9.07 20.49 -7.47
CA ALA B 11 -8.89 21.25 -6.24
C ALA B 11 -8.64 22.70 -6.53
N PRO B 12 -9.06 23.56 -5.61
CA PRO B 12 -8.88 25.00 -5.72
C PRO B 12 -7.41 25.41 -5.73
N GLU B 13 -6.81 25.44 -4.57
CA GLU B 13 -5.41 25.84 -4.42
C GLU B 13 -4.52 24.62 -4.57
N LYS B 14 -4.54 23.76 -3.57
CA LYS B 14 -3.88 22.48 -3.63
C LYS B 14 -4.88 21.39 -3.32
N SER B 15 -5.63 21.56 -2.24
CA SER B 15 -6.45 20.48 -1.76
C SER B 15 -7.90 20.86 -1.48
N SER B 16 -8.16 21.28 -0.23
CA SER B 16 -9.50 21.29 0.37
C SER B 16 -10.00 19.84 0.54
N LYS B 17 -9.68 19.01 -0.43
CA LYS B 17 -9.91 17.57 -0.37
C LYS B 17 -8.60 16.81 -0.30
N VAL B 18 -7.73 17.17 -1.21
CA VAL B 18 -6.64 16.33 -1.67
C VAL B 18 -5.61 16.03 -0.58
N SER B 19 -4.91 17.04 -0.17
CA SER B 19 -3.94 16.91 0.89
C SER B 19 -4.63 16.52 2.21
N GLU B 20 -5.93 16.80 2.30
CA GLU B 20 -6.74 16.36 3.43
C GLU B 20 -6.88 14.84 3.38
N GLN B 21 -7.02 14.33 2.15
CA GLN B 21 -7.04 12.91 1.89
C GLN B 21 -5.84 12.30 2.52
N LEU B 22 -4.68 12.87 2.25
CA LEU B 22 -3.45 12.24 2.66
C LEU B 22 -3.27 12.19 4.15
N LYS B 23 -3.81 13.17 4.86
CA LYS B 23 -3.78 13.12 6.31
C LYS B 23 -4.57 11.90 6.79
N CYS B 24 -5.57 11.58 6.01
CA CYS B 24 -6.39 10.41 6.24
C CYS B 24 -5.65 9.17 5.77
N CYS B 25 -5.15 9.21 4.52
CA CYS B 25 -4.39 8.12 3.93
C CYS B 25 -3.29 7.70 4.86
N SER B 26 -2.58 8.71 5.33
CA SER B 26 -1.42 8.44 6.13
C SER B 26 -1.82 7.67 7.36
N GLY B 27 -2.79 8.20 8.10
CA GLY B 27 -3.32 7.51 9.26
C GLY B 27 -3.77 6.11 8.91
N ILE B 28 -4.17 5.91 7.65
CA ILE B 28 -4.52 4.62 7.13
C ILE B 28 -3.32 3.67 7.05
N LEU B 29 -2.31 4.05 6.27
CA LEU B 29 -1.04 3.29 6.21
C LEU B 29 -0.44 3.17 7.57
N LYS B 30 -0.18 4.33 8.13
CA LYS B 30 0.26 4.47 9.52
C LYS B 30 -0.52 3.52 10.46
N GLU B 31 -1.78 3.26 10.12
CA GLU B 31 -2.59 2.30 10.86
C GLU B 31 -2.16 0.87 10.54
N MET B 32 -2.07 0.51 9.28
CA MET B 32 -1.53 -0.81 8.94
C MET B 32 -0.10 -0.91 9.50
N PHE B 33 0.53 0.25 9.62
CA PHE B 33 1.82 0.40 10.28
C PHE B 33 1.70 0.24 11.80
N ALA B 34 0.47 0.32 12.30
CA ALA B 34 0.20 0.19 13.73
C ALA B 34 0.71 -1.15 14.23
N LYS B 35 1.12 -1.20 15.50
CA LYS B 35 1.53 -2.44 16.12
C LYS B 35 0.40 -3.46 15.97
N LYS B 36 -0.81 -2.92 15.93
CA LYS B 36 -2.01 -3.65 15.60
C LYS B 36 -1.84 -4.45 14.29
N HIS B 37 -1.36 -3.82 13.22
CA HIS B 37 -1.22 -4.52 11.94
C HIS B 37 0.23 -4.88 11.69
N ALA B 38 1.10 -4.56 12.61
CA ALA B 38 2.51 -4.89 12.47
C ALA B 38 2.76 -6.36 12.72
N ALA B 39 1.69 -7.07 12.97
CA ALA B 39 1.75 -8.50 13.03
C ALA B 39 1.83 -9.04 11.61
N TYR B 40 1.41 -8.23 10.64
CA TYR B 40 1.24 -8.70 9.28
C TYR B 40 1.47 -7.64 8.21
N ALA B 41 1.52 -6.39 8.59
CA ALA B 41 1.77 -5.34 7.63
C ALA B 41 3.21 -4.95 7.67
N TRP B 42 3.86 -5.36 8.74
CA TRP B 42 5.25 -5.09 8.94
C TRP B 42 6.11 -5.47 7.70
N PRO B 43 5.83 -6.58 6.93
CA PRO B 43 6.66 -6.95 5.78
C PRO B 43 6.28 -6.11 4.59
N PHE B 44 5.37 -5.21 4.85
CA PHE B 44 4.95 -4.25 3.88
C PHE B 44 5.55 -2.90 4.19
N TYR B 45 5.72 -2.53 5.50
CA TYR B 45 6.39 -1.26 5.82
C TYR B 45 7.64 -1.20 5.03
N LYS B 46 8.36 -2.26 5.10
CA LYS B 46 9.59 -2.37 4.40
C LYS B 46 9.42 -3.31 3.22
N PRO B 47 10.39 -3.28 2.33
CA PRO B 47 10.33 -3.97 1.05
C PRO B 47 10.43 -5.48 1.20
N VAL B 48 9.77 -6.20 0.29
CA VAL B 48 9.87 -7.66 0.21
C VAL B 48 11.34 -8.06 0.29
N ASP B 49 11.67 -8.71 1.38
CA ASP B 49 13.06 -9.00 1.67
C ASP B 49 13.50 -10.26 0.97
N VAL B 50 14.11 -10.04 -0.16
CA VAL B 50 14.51 -11.09 -1.08
C VAL B 50 15.62 -11.93 -0.49
N GLU B 51 16.20 -11.47 0.60
CA GLU B 51 17.23 -12.19 1.30
C GLU B 51 16.59 -13.02 2.41
N ALA B 52 15.84 -12.32 3.23
CA ALA B 52 15.15 -12.86 4.38
C ALA B 52 14.19 -13.95 3.97
N LEU B 53 13.38 -13.61 2.99
CA LEU B 53 12.32 -14.48 2.52
C LEU B 53 12.91 -15.62 1.70
N GLY B 54 14.17 -15.44 1.30
CA GLY B 54 14.83 -16.41 0.46
C GLY B 54 14.28 -16.40 -0.95
N LEU B 55 13.91 -15.21 -1.39
CA LEU B 55 13.37 -15.02 -2.71
C LEU B 55 14.48 -15.19 -3.75
N HIS B 56 14.27 -16.01 -4.75
CA HIS B 56 15.28 -16.19 -5.78
C HIS B 56 14.73 -15.93 -7.17
N ASP B 57 13.44 -15.61 -7.23
CA ASP B 57 12.82 -15.25 -8.50
C ASP B 57 12.08 -13.93 -8.37
N TYR B 58 12.25 -13.31 -7.20
CA TYR B 58 11.68 -12.00 -6.89
C TYR B 58 11.71 -11.04 -8.05
N CYS B 59 12.89 -10.75 -8.56
CA CYS B 59 13.06 -9.73 -9.59
C CYS B 59 12.41 -10.16 -10.91
N ASP B 60 12.07 -11.43 -11.01
CA ASP B 60 11.32 -11.94 -12.14
C ASP B 60 9.87 -11.65 -11.96
N ILE B 61 9.42 -11.97 -10.77
CA ILE B 61 8.09 -11.67 -10.37
C ILE B 61 7.85 -10.19 -10.34
N ILE B 62 8.54 -9.60 -9.42
CA ILE B 62 8.29 -8.28 -8.97
C ILE B 62 8.90 -7.25 -9.87
N LYS B 63 8.06 -6.34 -10.33
CA LYS B 63 8.50 -5.25 -11.17
C LYS B 63 8.36 -3.95 -10.42
N HIS B 64 7.36 -3.94 -9.53
CA HIS B 64 7.08 -2.80 -8.70
C HIS B 64 6.55 -3.27 -7.38
N PRO B 65 7.48 -3.58 -6.52
CA PRO B 65 7.22 -3.92 -5.16
C PRO B 65 7.00 -2.66 -4.37
N MET B 66 5.83 -2.51 -3.82
CA MET B 66 5.55 -1.37 -3.01
C MET B 66 5.76 -1.73 -1.57
N ASP B 67 6.07 -0.75 -0.77
CA ASP B 67 6.24 -0.97 0.64
C ASP B 67 5.59 0.17 1.39
N MET B 68 4.80 -0.22 2.39
CA MET B 68 4.05 0.67 3.27
C MET B 68 4.89 1.87 3.71
N SER B 69 6.21 1.73 3.72
CA SER B 69 7.07 2.79 4.19
C SER B 69 7.33 3.81 3.08
N THR B 70 7.42 3.39 1.81
CA THR B 70 7.57 4.36 0.73
C THR B 70 6.29 5.11 0.53
N ILE B 71 5.21 4.39 0.29
CA ILE B 71 3.92 4.99 0.12
C ILE B 71 3.64 5.98 1.24
N LYS B 72 4.05 5.61 2.41
CA LYS B 72 4.00 6.49 3.54
C LYS B 72 4.98 7.63 3.38
N SER B 73 6.21 7.28 3.09
CA SER B 73 7.27 8.26 2.86
C SER B 73 6.83 9.27 1.82
N LYS B 74 6.05 8.80 0.87
CA LYS B 74 5.54 9.65 -0.18
C LYS B 74 4.40 10.51 0.35
N LEU B 75 3.57 9.93 1.23
CA LEU B 75 2.67 10.72 2.06
C LEU B 75 3.46 11.81 2.74
N GLU B 76 4.54 11.37 3.38
CA GLU B 76 5.43 12.24 4.11
C GLU B 76 6.20 13.14 3.15
N ALA B 77 6.06 12.84 1.88
CA ALA B 77 6.68 13.60 0.81
C ALA B 77 5.67 14.51 0.15
N ARG B 78 4.40 14.21 0.40
CA ARG B 78 3.29 14.90 -0.26
C ARG B 78 3.38 14.66 -1.77
N GLU B 79 4.18 13.66 -2.09
CA GLU B 79 4.31 13.12 -3.42
C GLU B 79 2.97 12.56 -3.85
N TYR B 80 2.26 12.04 -2.86
CA TYR B 80 0.90 11.62 -3.05
C TYR B 80 0.03 12.82 -2.99
N ARG B 81 -0.59 13.08 -4.13
CA ARG B 81 -1.48 14.20 -4.26
C ARG B 81 -2.58 14.06 -3.27
N ASP B 82 -3.07 12.85 -3.18
CA ASP B 82 -4.21 12.53 -2.38
C ASP B 82 -4.14 11.08 -2.01
N ALA B 83 -5.22 10.56 -1.50
CA ALA B 83 -5.22 9.21 -1.01
C ALA B 83 -5.09 8.22 -2.13
N GLN B 84 -5.44 8.64 -3.31
CA GLN B 84 -5.51 7.71 -4.39
C GLN B 84 -4.14 7.50 -5.03
N GLU B 85 -3.19 8.43 -4.84
CA GLU B 85 -1.78 8.06 -5.00
C GLU B 85 -1.45 7.10 -3.89
N PHE B 86 -1.98 7.42 -2.70
CA PHE B 86 -1.70 6.66 -1.50
C PHE B 86 -2.03 5.19 -1.70
N GLY B 87 -3.31 4.91 -1.88
CA GLY B 87 -3.75 3.55 -2.00
C GLY B 87 -3.36 2.93 -3.29
N ALA B 88 -2.94 3.75 -4.23
CA ALA B 88 -2.40 3.26 -5.47
C ALA B 88 -1.19 2.39 -5.19
N ASP B 89 -0.43 2.80 -4.21
CA ASP B 89 0.75 2.09 -3.79
C ASP B 89 0.43 1.01 -2.76
N VAL B 90 -0.55 1.22 -1.89
CA VAL B 90 -1.05 0.13 -1.08
C VAL B 90 -1.44 -1.03 -1.97
N ARG B 91 -2.21 -0.74 -3.01
CA ARG B 91 -2.57 -1.74 -4.00
C ARG B 91 -1.32 -2.28 -4.69
N LEU B 92 -0.31 -1.44 -4.84
CA LEU B 92 0.94 -1.82 -5.49
C LEU B 92 1.69 -2.85 -4.65
N MET B 93 1.72 -2.66 -3.32
CA MET B 93 2.40 -3.60 -2.42
C MET B 93 1.60 -4.86 -2.25
N PHE B 94 0.31 -4.71 -2.27
CA PHE B 94 -0.57 -5.86 -2.23
C PHE B 94 -0.45 -6.63 -3.55
N SER B 95 -0.45 -5.89 -4.66
CA SER B 95 -0.40 -6.47 -6.00
C SER B 95 0.85 -7.31 -6.19
N ASN B 96 2.03 -6.69 -6.10
CA ASN B 96 3.30 -7.41 -6.28
C ASN B 96 3.35 -8.60 -5.34
N CYS B 97 2.67 -8.47 -4.21
CA CYS B 97 2.59 -9.57 -3.28
C CYS B 97 1.84 -10.75 -3.91
N TYR B 98 0.58 -10.58 -4.28
CA TYR B 98 -0.20 -11.74 -4.76
C TYR B 98 0.29 -12.20 -6.13
N LYS B 99 1.14 -11.41 -6.78
CA LYS B 99 1.81 -11.87 -7.99
C LYS B 99 2.74 -12.98 -7.62
N TYR B 100 3.70 -12.61 -6.78
CA TYR B 100 4.76 -13.49 -6.35
C TYR B 100 4.19 -14.68 -5.63
N ASN B 101 3.22 -14.40 -4.80
CA ASN B 101 2.75 -15.36 -3.84
C ASN B 101 1.45 -16.01 -4.24
N PRO B 102 1.35 -17.30 -3.94
CA PRO B 102 0.06 -18.01 -3.89
C PRO B 102 -0.79 -17.42 -2.77
N PRO B 103 -2.12 -17.37 -2.91
CA PRO B 103 -3.00 -16.80 -1.88
C PRO B 103 -3.08 -17.68 -0.63
N ASP B 104 -2.34 -18.76 -0.64
CA ASP B 104 -2.19 -19.60 0.53
C ASP B 104 -0.96 -19.18 1.33
N HIS B 105 -0.22 -18.23 0.76
CA HIS B 105 1.05 -17.80 1.32
C HIS B 105 0.86 -16.97 2.59
N GLU B 106 1.92 -16.90 3.37
CA GLU B 106 2.03 -15.96 4.44
C GLU B 106 1.99 -14.49 3.94
N VAL B 107 2.87 -14.11 3.01
CA VAL B 107 2.93 -12.71 2.57
C VAL B 107 1.58 -12.24 2.13
N VAL B 108 0.92 -13.07 1.35
CA VAL B 108 -0.42 -12.76 0.92
C VAL B 108 -1.35 -12.69 2.11
N ALA B 109 -1.26 -13.69 2.98
CA ALA B 109 -2.01 -13.73 4.23
C ALA B 109 -2.00 -12.38 4.91
N MET B 110 -0.80 -11.87 5.06
CA MET B 110 -0.55 -10.59 5.68
C MET B 110 -1.09 -9.48 4.79
N ALA B 111 -0.79 -9.62 3.51
CA ALA B 111 -1.26 -8.68 2.50
C ALA B 111 -2.79 -8.62 2.40
N ARG B 112 -3.49 -9.69 2.82
CA ARG B 112 -4.96 -9.71 2.77
C ARG B 112 -5.53 -8.93 3.93
N LYS B 113 -4.94 -9.10 5.10
CA LYS B 113 -5.35 -8.39 6.30
C LYS B 113 -5.30 -6.90 6.09
N LEU B 114 -4.30 -6.49 5.35
CA LEU B 114 -4.14 -5.10 4.99
C LEU B 114 -5.22 -4.68 4.02
N GLN B 115 -5.62 -5.58 3.14
CA GLN B 115 -6.78 -5.32 2.29
C GLN B 115 -8.02 -5.10 3.14
N ASP B 116 -8.13 -5.88 4.20
CA ASP B 116 -9.20 -5.71 5.16
C ASP B 116 -9.16 -4.31 5.77
N VAL B 117 -8.02 -3.96 6.35
CA VAL B 117 -7.89 -2.66 7.02
C VAL B 117 -7.75 -1.51 6.01
N PHE B 118 -6.72 -1.51 5.16
CA PHE B 118 -6.54 -0.45 4.18
C PHE B 118 -7.83 -0.14 3.41
N GLU B 119 -8.50 -1.15 2.90
CA GLU B 119 -9.65 -0.88 2.03
C GLU B 119 -10.84 -0.34 2.83
N MET B 120 -11.00 -0.79 4.07
CA MET B 120 -12.04 -0.20 4.91
C MET B 120 -11.61 1.20 5.33
N ARG B 121 -10.29 1.38 5.48
CA ARG B 121 -9.74 2.68 5.77
C ARG B 121 -9.97 3.60 4.59
N PHE B 122 -9.75 3.06 3.40
CA PHE B 122 -9.86 3.82 2.18
C PHE B 122 -11.31 4.13 1.86
N ALA B 123 -12.20 3.27 2.34
CA ALA B 123 -13.63 3.49 2.22
C ALA B 123 -14.04 4.72 3.04
N LYS B 124 -13.21 5.05 4.01
CA LYS B 124 -13.43 6.23 4.84
C LYS B 124 -12.74 7.45 4.21
N MET B 125 -12.20 7.27 3.01
CA MET B 125 -11.55 8.36 2.28
C MET B 125 -12.56 9.10 1.43
N PRO B 126 -12.65 10.40 1.66
CA PRO B 126 -13.52 11.30 0.91
C PRO B 126 -12.97 11.60 -0.49
N ASP B 127 -13.66 12.51 -1.17
CA ASP B 127 -13.16 13.09 -2.42
C ASP B 127 -13.70 14.48 -2.55
N GLU B 128 -14.41 14.87 -1.54
CA GLU B 128 -15.12 16.12 -1.55
C GLU B 128 -14.23 17.28 -1.10
N SER A 1 3.10 -20.25 -14.70
CA SER A 1 4.15 -19.88 -13.74
C SER A 1 3.53 -19.56 -12.38
N PRO A 2 4.03 -20.18 -11.30
CA PRO A 2 3.56 -19.93 -9.95
C PRO A 2 4.37 -18.84 -9.26
N ALA A 3 5.11 -18.07 -10.06
CA ALA A 3 6.03 -17.04 -9.56
C ALA A 3 7.16 -17.71 -8.78
N GLN A 4 6.88 -18.09 -7.54
CA GLN A 4 7.81 -18.85 -6.71
C GLN A 4 7.20 -19.11 -5.34
N GLY A 5 6.21 -18.30 -4.98
CA GLY A 5 5.52 -18.49 -3.72
C GLY A 5 6.35 -18.01 -2.54
OH ALY A 6 5.23 -9.23 -2.25
CH ALY A 6 5.50 -9.31 -1.06
CH3 ALY A 6 4.95 -8.26 -0.09
NZ ALY A 6 6.25 -10.30 -0.58
CE ALY A 6 6.82 -11.36 -1.41
CD ALY A 6 6.56 -12.74 -0.84
CG ALY A 6 7.27 -13.81 -1.68
CB ALY A 6 7.32 -15.16 -0.96
CA ALY A 6 8.02 -16.27 -1.78
N ALY A 6 7.07 -16.91 -2.74
C ALY A 6 8.79 -17.25 -0.86
O ALY A 6 10.01 -17.35 -0.96
HH31 ALY A 6 4.57 -7.41 -0.65
HH32 ALY A 6 4.13 -8.68 0.50
HH33 ALY A 6 5.74 -7.93 0.57
HZ ALY A 6 6.43 -10.32 0.38
HE3 ALY A 6 6.37 -11.31 -2.40
HE2 ALY A 6 7.87 -11.22 -1.49
HD3 ALY A 6 6.88 -12.79 0.20
HD2 ALY A 6 5.51 -12.94 -0.89
HG3 ALY A 6 6.73 -13.94 -2.61
HG2 ALY A 6 8.29 -13.48 -1.91
HB3 ALY A 6 7.84 -14.99 -0.03
HB2 ALY A 6 6.32 -15.45 -0.73
HA ALY A 6 8.76 -15.77 -2.42
H ALY A 6 6.97 -16.48 -3.61
N ARG A 7 8.09 -18.02 -0.03
CA ARG A 7 8.67 -18.73 1.12
C ARG A 7 9.18 -17.68 2.11
N GLY A 8 8.52 -16.54 2.08
CA GLY A 8 8.94 -15.42 2.86
C GLY A 8 8.14 -15.24 4.14
OH ALY A 9 8.47 -8.57 2.67
CH ALY A 9 8.81 -9.34 3.56
CH3 ALY A 9 10.01 -9.00 4.44
NZ ALY A 9 8.16 -10.46 3.80
CE ALY A 9 6.99 -10.88 3.06
CD ALY A 9 6.01 -11.55 3.99
CG ALY A 9 6.41 -12.95 4.28
CB ALY A 9 6.58 -13.24 5.76
CA ALY A 9 7.96 -13.81 6.16
N ALY A 9 8.68 -14.40 5.03
C ALY A 9 7.78 -14.78 7.32
O ALY A 9 8.56 -14.76 8.28
HH31 ALY A 9 9.93 -7.97 4.77
HH32 ALY A 9 10.02 -9.65 5.29
HH33 ALY A 9 10.92 -9.12 3.86
HZ ALY A 9 8.47 -11.03 4.53
HE3 ALY A 9 6.52 -10.03 2.61
HE2 ALY A 9 7.28 -11.59 2.28
HD3 ALY A 9 5.97 -10.99 4.90
HD2 ALY A 9 5.04 -11.55 3.54
HG3 ALY A 9 5.66 -13.61 3.92
HG2 ALY A 9 7.33 -13.16 3.77
HB3 ALY A 9 6.42 -12.32 6.31
HB2 ALY A 9 5.82 -13.95 6.06
HA ALY A 9 8.55 -12.98 6.52
H ALY A 9 9.64 -14.21 4.95
N LYS A 10 6.78 -15.64 7.21
CA LYS A 10 6.32 -16.47 8.31
C LYS A 10 6.14 -15.64 9.59
N SER A 11 5.71 -14.40 9.37
CA SER A 11 5.42 -13.45 10.45
C SER A 11 6.61 -13.27 11.38
N ALA A 12 7.80 -13.18 10.78
CA ALA A 12 9.04 -12.91 11.51
C ALA A 12 9.35 -14.05 12.48
N LYS B 1 -25.32 24.62 -19.12
CA LYS B 1 -24.14 25.51 -19.32
C LYS B 1 -22.88 24.87 -18.77
N ASP B 2 -23.02 23.70 -18.16
CA ASP B 2 -21.86 22.99 -17.62
C ASP B 2 -21.13 22.27 -18.73
N VAL B 3 -19.82 22.42 -18.74
CA VAL B 3 -18.96 21.82 -19.74
C VAL B 3 -18.20 20.66 -19.13
N PRO B 4 -17.95 19.59 -19.90
CA PRO B 4 -17.15 18.45 -19.44
C PRO B 4 -15.66 18.79 -19.33
N ASP B 5 -15.37 19.94 -18.74
CA ASP B 5 -14.01 20.40 -18.55
C ASP B 5 -13.59 20.16 -17.11
N SER B 6 -14.34 19.32 -16.42
CA SER B 6 -14.13 19.05 -15.01
C SER B 6 -12.93 18.12 -14.81
N GLN B 7 -11.75 18.64 -15.11
CA GLN B 7 -10.49 17.95 -14.84
C GLN B 7 -9.61 18.85 -13.98
N GLN B 8 -8.56 18.27 -13.40
CA GLN B 8 -7.69 19.00 -12.48
C GLN B 8 -8.44 19.32 -11.18
N HIS B 9 -8.04 18.65 -10.10
CA HIS B 9 -8.73 18.78 -8.81
C HIS B 9 -8.77 20.24 -8.35
N PRO B 10 -9.98 20.74 -8.11
CA PRO B 10 -10.21 22.11 -7.63
C PRO B 10 -9.57 22.33 -6.27
N ALA B 11 -8.76 23.36 -6.18
CA ALA B 11 -8.05 23.68 -4.96
C ALA B 11 -7.45 25.07 -5.03
N PRO B 12 -7.43 25.75 -3.88
CA PRO B 12 -6.91 27.10 -3.77
C PRO B 12 -5.38 27.15 -3.66
N GLU B 13 -4.80 26.04 -3.24
CA GLU B 13 -3.36 25.95 -3.06
C GLU B 13 -2.86 24.58 -3.49
N LYS B 14 -3.43 23.55 -2.90
CA LYS B 14 -3.05 22.18 -3.22
C LYS B 14 -4.26 21.26 -3.10
N SER B 15 -5.05 21.43 -2.05
CA SER B 15 -6.02 20.41 -1.73
C SER B 15 -7.43 20.91 -1.42
N SER B 16 -7.65 21.29 -0.17
CA SER B 16 -8.99 21.44 0.41
C SER B 16 -9.60 20.05 0.66
N LYS B 17 -9.45 19.17 -0.33
CA LYS B 17 -9.87 17.77 -0.22
C LYS B 17 -8.68 16.82 -0.20
N VAL B 18 -7.71 17.15 -1.01
CA VAL B 18 -6.74 16.21 -1.53
C VAL B 18 -5.68 15.81 -0.52
N SER B 19 -4.97 16.77 -0.03
CA SER B 19 -4.03 16.56 1.03
C SER B 19 -4.74 16.16 2.32
N GLU B 20 -6.03 16.47 2.38
CA GLU B 20 -6.90 15.97 3.43
C GLU B 20 -7.03 14.47 3.28
N GLN B 21 -7.04 14.02 2.02
CA GLN B 21 -7.05 12.60 1.71
C GLN B 21 -5.80 11.98 2.28
N LEU B 22 -4.69 12.64 2.10
CA LEU B 22 -3.43 12.09 2.54
C LEU B 22 -3.30 12.08 4.03
N LYS B 23 -3.76 13.13 4.70
CA LYS B 23 -3.74 13.16 6.14
C LYS B 23 -4.51 11.97 6.70
N CYS B 24 -5.61 11.69 6.04
CA CYS B 24 -6.45 10.55 6.35
C CYS B 24 -5.70 9.28 6.00
N CYS B 25 -5.25 9.24 4.76
CA CYS B 25 -4.59 8.09 4.20
C CYS B 25 -3.30 7.76 4.90
N SER B 26 -2.63 8.77 5.39
CA SER B 26 -1.44 8.52 6.17
C SER B 26 -1.81 7.70 7.38
N GLY B 27 -2.78 8.19 8.15
CA GLY B 27 -3.26 7.47 9.31
C GLY B 27 -3.73 6.07 8.95
N ILE B 28 -4.08 5.90 7.68
CA ILE B 28 -4.44 4.62 7.12
C ILE B 28 -3.23 3.69 7.00
N LEU B 29 -2.22 4.11 6.25
CA LEU B 29 -0.95 3.36 6.17
C LEU B 29 -0.34 3.22 7.52
N LYS B 30 -0.12 4.36 8.12
CA LYS B 30 0.29 4.45 9.51
C LYS B 30 -0.48 3.46 10.40
N GLU B 31 -1.72 3.17 10.01
CA GLU B 31 -2.53 2.18 10.70
C GLU B 31 -2.09 0.76 10.34
N MET B 32 -2.00 0.41 9.06
CA MET B 32 -1.39 -0.90 8.72
C MET B 32 -0.02 -0.97 9.40
N PHE B 33 0.61 0.20 9.53
CA PHE B 33 1.89 0.35 10.22
C PHE B 33 1.74 0.18 11.73
N ALA B 34 0.50 0.30 12.21
CA ALA B 34 0.18 0.18 13.62
C ALA B 34 0.65 -1.14 14.16
N LYS B 35 1.08 -1.14 15.42
CA LYS B 35 1.46 -2.37 16.10
C LYS B 35 0.31 -3.37 15.98
N LYS B 36 -0.89 -2.80 15.92
CA LYS B 36 -2.11 -3.53 15.62
C LYS B 36 -1.95 -4.37 14.33
N HIS B 37 -1.44 -3.77 13.24
CA HIS B 37 -1.31 -4.51 11.98
C HIS B 37 0.13 -4.91 11.73
N ALA B 38 1.00 -4.64 12.68
CA ALA B 38 2.42 -4.98 12.55
C ALA B 38 2.64 -6.45 12.74
N ALA B 39 1.58 -7.17 12.98
CA ALA B 39 1.64 -8.61 13.00
C ALA B 39 1.73 -9.12 11.58
N TYR B 40 1.32 -8.28 10.63
CA TYR B 40 1.17 -8.72 9.26
C TYR B 40 1.40 -7.64 8.21
N ALA B 41 1.53 -6.41 8.63
CA ALA B 41 1.81 -5.34 7.69
C ALA B 41 3.27 -5.00 7.73
N TRP B 42 3.90 -5.46 8.78
CA TRP B 42 5.32 -5.25 8.98
C TRP B 42 6.19 -5.62 7.75
N PRO B 43 5.85 -6.68 6.92
CA PRO B 43 6.63 -7.01 5.72
C PRO B 43 6.20 -6.15 4.57
N PHE B 44 5.28 -5.26 4.88
CA PHE B 44 4.82 -4.29 3.92
C PHE B 44 5.39 -2.92 4.25
N TYR B 45 5.62 -2.59 5.55
CA TYR B 45 6.31 -1.32 5.89
C TYR B 45 7.51 -1.23 5.01
N LYS B 46 8.19 -2.32 4.96
CA LYS B 46 9.38 -2.41 4.20
C LYS B 46 9.19 -3.38 3.06
N PRO B 47 10.15 -3.43 2.16
CA PRO B 47 10.06 -4.16 0.91
C PRO B 47 10.20 -5.66 1.12
N VAL B 48 9.56 -6.42 0.22
CA VAL B 48 9.73 -7.86 0.16
C VAL B 48 11.22 -8.21 0.22
N ASP B 49 11.59 -8.84 1.32
CA ASP B 49 12.99 -9.11 1.61
C ASP B 49 13.45 -10.37 0.91
N VAL B 50 14.05 -10.16 -0.23
CA VAL B 50 14.44 -11.22 -1.14
C VAL B 50 15.55 -12.08 -0.54
N GLU B 51 16.16 -11.58 0.51
CA GLU B 51 17.20 -12.30 1.19
C GLU B 51 16.60 -13.09 2.34
N ALA B 52 15.87 -12.37 3.16
CA ALA B 52 15.16 -12.91 4.30
C ALA B 52 14.20 -14.01 3.89
N LEU B 53 13.40 -13.70 2.90
CA LEU B 53 12.35 -14.58 2.46
C LEU B 53 12.93 -15.73 1.64
N GLY B 54 14.19 -15.55 1.24
CA GLY B 54 14.85 -16.52 0.39
C GLY B 54 14.28 -16.54 -1.00
N LEU B 55 13.89 -15.36 -1.45
CA LEU B 55 13.32 -15.19 -2.77
C LEU B 55 14.42 -15.32 -3.82
N HIS B 56 14.16 -16.04 -4.89
CA HIS B 56 15.16 -16.20 -5.94
C HIS B 56 14.60 -15.82 -7.31
N ASP B 57 13.28 -15.81 -7.43
CA ASP B 57 12.63 -15.37 -8.66
C ASP B 57 11.96 -14.01 -8.47
N TYR B 58 12.15 -13.45 -7.28
CA TYR B 58 11.61 -12.14 -6.92
C TYR B 58 11.64 -11.13 -8.05
N CYS B 59 12.82 -10.87 -8.61
CA CYS B 59 12.97 -9.80 -9.59
C CYS B 59 12.28 -10.15 -10.89
N ASP B 60 11.94 -11.42 -11.05
CA ASP B 60 11.17 -11.87 -12.19
C ASP B 60 9.73 -11.54 -11.98
N ILE B 61 9.31 -11.81 -10.78
CA ILE B 61 7.98 -11.50 -10.34
C ILE B 61 7.80 -10.00 -10.25
N ILE B 62 8.58 -9.46 -9.38
CA ILE B 62 8.40 -8.14 -8.86
C ILE B 62 9.12 -7.10 -9.69
N LYS B 63 8.34 -6.28 -10.36
CA LYS B 63 8.86 -5.12 -11.03
C LYS B 63 8.70 -3.91 -10.14
N HIS B 64 7.61 -3.92 -9.39
CA HIS B 64 7.30 -2.85 -8.47
C HIS B 64 6.72 -3.42 -7.22
N PRO B 65 7.60 -3.67 -6.29
CA PRO B 65 7.27 -3.99 -4.95
C PRO B 65 7.05 -2.73 -4.17
N MET B 66 5.86 -2.54 -3.69
CA MET B 66 5.57 -1.37 -2.91
C MET B 66 5.79 -1.70 -1.46
N ASP B 67 6.12 -0.70 -0.70
CA ASP B 67 6.29 -0.86 0.71
C ASP B 67 5.60 0.27 1.41
N MET B 68 4.80 -0.10 2.40
CA MET B 68 4.05 0.80 3.27
C MET B 68 4.90 1.99 3.69
N SER B 69 6.22 1.83 3.69
CA SER B 69 7.10 2.89 4.14
C SER B 69 7.36 3.92 3.03
N THR B 70 7.47 3.51 1.76
CA THR B 70 7.61 4.50 0.69
C THR B 70 6.32 5.26 0.52
N ILE B 71 5.24 4.54 0.28
CA ILE B 71 3.95 5.13 0.12
C ILE B 71 3.67 6.11 1.24
N LYS B 72 4.09 5.74 2.41
CA LYS B 72 4.04 6.60 3.56
C LYS B 72 5.01 7.75 3.42
N SER B 73 6.24 7.41 3.13
CA SER B 73 7.30 8.39 2.90
C SER B 73 6.83 9.44 1.91
N LYS B 74 6.05 8.98 0.94
CA LYS B 74 5.55 9.85 -0.08
C LYS B 74 4.41 10.70 0.46
N LEU B 75 3.57 10.11 1.33
CA LEU B 75 2.67 10.87 2.17
C LEU B 75 3.46 11.94 2.89
N GLU B 76 4.53 11.48 3.52
CA GLU B 76 5.42 12.33 4.29
C GLU B 76 6.21 13.25 3.37
N ALA B 77 6.06 13.01 2.07
CA ALA B 77 6.69 13.80 1.04
C ALA B 77 5.68 14.70 0.38
N ARG B 78 4.40 14.40 0.62
CA ARG B 78 3.30 15.06 -0.06
C ARG B 78 3.42 14.86 -1.56
N GLU B 79 4.27 13.90 -1.88
CA GLU B 79 4.43 13.39 -3.22
C GLU B 79 3.12 12.81 -3.68
N TYR B 80 2.43 12.23 -2.72
CA TYR B 80 1.10 11.77 -2.95
C TYR B 80 0.19 12.94 -2.93
N ARG B 81 -0.46 13.14 -4.07
CA ARG B 81 -1.39 14.20 -4.26
C ARG B 81 -2.51 14.05 -3.31
N ASP B 82 -2.90 12.81 -3.19
CA ASP B 82 -4.09 12.44 -2.50
C ASP B 82 -3.98 11.02 -2.06
N ALA B 83 -5.03 10.57 -1.48
CA ALA B 83 -5.07 9.29 -0.89
C ALA B 83 -5.10 8.21 -1.97
N GLN B 84 -5.41 8.61 -3.19
CA GLN B 84 -5.47 7.66 -4.26
C GLN B 84 -4.11 7.52 -4.94
N GLU B 85 -3.23 8.53 -4.81
CA GLU B 85 -1.80 8.30 -4.92
C GLU B 85 -1.44 7.24 -3.90
N PHE B 86 -1.93 7.48 -2.69
CA PHE B 86 -1.65 6.64 -1.55
C PHE B 86 -1.99 5.19 -1.80
N GLY B 87 -3.27 4.92 -1.95
CA GLY B 87 -3.73 3.56 -2.08
C GLY B 87 -3.35 2.93 -3.39
N ALA B 88 -2.90 3.75 -4.31
CA ALA B 88 -2.36 3.25 -5.55
C ALA B 88 -1.16 2.38 -5.25
N ASP B 89 -0.36 2.85 -4.31
CA ASP B 89 0.81 2.13 -3.86
C ASP B 89 0.45 1.04 -2.83
N VAL B 90 -0.51 1.27 -1.94
CA VAL B 90 -1.01 0.19 -1.11
C VAL B 90 -1.39 -0.99 -1.99
N ARG B 91 -2.20 -0.73 -3.00
CA ARG B 91 -2.61 -1.76 -3.95
C ARG B 91 -1.40 -2.30 -4.71
N LEU B 92 -0.35 -1.49 -4.84
CA LEU B 92 0.89 -1.90 -5.47
C LEU B 92 1.58 -2.99 -4.63
N MET B 93 1.77 -2.72 -3.32
CA MET B 93 2.43 -3.68 -2.43
C MET B 93 1.59 -4.89 -2.25
N PHE B 94 0.30 -4.68 -2.27
CA PHE B 94 -0.63 -5.77 -2.24
C PHE B 94 -0.54 -6.58 -3.54
N SER B 95 -0.49 -5.88 -4.67
CA SER B 95 -0.47 -6.53 -5.98
C SER B 95 0.81 -7.31 -6.20
N ASN B 96 1.97 -6.68 -5.96
CA ASN B 96 3.26 -7.36 -6.10
C ASN B 96 3.32 -8.55 -5.16
N CYS B 97 2.54 -8.50 -4.10
CA CYS B 97 2.47 -9.61 -3.20
C CYS B 97 1.79 -10.81 -3.86
N TYR B 98 0.51 -10.71 -4.19
CA TYR B 98 -0.20 -11.88 -4.76
C TYR B 98 0.32 -12.20 -6.16
N LYS B 99 1.04 -11.25 -6.74
CA LYS B 99 1.77 -11.49 -7.98
C LYS B 99 2.79 -12.58 -7.77
N TYR B 100 3.57 -12.42 -6.71
CA TYR B 100 4.62 -13.35 -6.34
C TYR B 100 4.02 -14.57 -5.66
N ASN B 101 3.07 -14.32 -4.80
CA ASN B 101 2.59 -15.33 -3.89
C ASN B 101 1.28 -15.96 -4.32
N PRO B 102 1.13 -17.24 -4.01
CA PRO B 102 -0.16 -17.92 -3.99
C PRO B 102 -0.99 -17.40 -2.82
N PRO B 103 -2.33 -17.40 -2.93
CA PRO B 103 -3.19 -16.84 -1.89
C PRO B 103 -3.29 -17.71 -0.64
N ASP B 104 -2.55 -18.81 -0.63
CA ASP B 104 -2.44 -19.65 0.55
C ASP B 104 -1.12 -19.38 1.25
N HIS B 105 -0.49 -18.27 0.86
CA HIS B 105 0.81 -17.89 1.39
C HIS B 105 0.69 -17.07 2.66
N GLU B 106 1.76 -17.03 3.41
CA GLU B 106 1.93 -16.11 4.49
C GLU B 106 1.91 -14.64 4.02
N VAL B 107 2.74 -14.28 3.03
CA VAL B 107 2.82 -12.86 2.62
C VAL B 107 1.46 -12.38 2.20
N VAL B 108 0.75 -13.23 1.48
CA VAL B 108 -0.59 -12.89 1.06
C VAL B 108 -1.57 -12.88 2.24
N ALA B 109 -1.37 -13.83 3.15
CA ALA B 109 -2.06 -13.85 4.43
C ALA B 109 -2.04 -12.46 5.05
N MET B 110 -0.83 -11.94 5.15
CA MET B 110 -0.58 -10.63 5.69
C MET B 110 -1.15 -9.57 4.77
N ALA B 111 -0.89 -9.78 3.50
CA ALA B 111 -1.36 -8.92 2.43
C ALA B 111 -2.86 -8.65 2.50
N ARG B 112 -3.66 -9.70 2.57
CA ARG B 112 -5.12 -9.56 2.55
C ARG B 112 -5.65 -8.96 3.84
N LYS B 113 -4.93 -9.13 4.93
CA LYS B 113 -5.26 -8.47 6.16
C LYS B 113 -5.23 -6.97 6.00
N LEU B 114 -4.17 -6.49 5.40
CA LEU B 114 -4.03 -5.09 5.09
C LEU B 114 -5.11 -4.63 4.14
N GLN B 115 -5.51 -5.50 3.24
CA GLN B 115 -6.65 -5.22 2.37
C GLN B 115 -7.88 -4.89 3.20
N ASP B 116 -8.19 -5.78 4.14
CA ASP B 116 -9.36 -5.60 5.00
C ASP B 116 -9.31 -4.27 5.73
N VAL B 117 -8.15 -3.94 6.28
CA VAL B 117 -8.01 -2.68 7.00
C VAL B 117 -7.84 -1.49 6.06
N PHE B 118 -6.82 -1.49 5.21
CA PHE B 118 -6.61 -0.39 4.25
C PHE B 118 -7.88 -0.06 3.48
N GLU B 119 -8.57 -1.06 2.94
CA GLU B 119 -9.75 -0.82 2.12
C GLU B 119 -10.87 -0.22 2.96
N MET B 120 -11.05 -0.74 4.18
CA MET B 120 -12.01 -0.17 5.11
C MET B 120 -11.60 1.26 5.45
N ARG B 121 -10.30 1.44 5.68
CA ARG B 121 -9.76 2.77 5.95
C ARG B 121 -10.01 3.68 4.76
N PHE B 122 -9.82 3.13 3.58
CA PHE B 122 -9.92 3.91 2.36
C PHE B 122 -11.37 4.27 2.08
N ALA B 123 -12.29 3.49 2.65
CA ALA B 123 -13.70 3.79 2.56
C ALA B 123 -14.04 5.08 3.31
N LYS B 124 -13.19 5.42 4.28
CA LYS B 124 -13.36 6.65 5.05
C LYS B 124 -12.71 7.84 4.35
N MET B 125 -12.24 7.62 3.13
CA MET B 125 -11.53 8.65 2.37
C MET B 125 -12.50 9.49 1.55
N PRO B 126 -12.40 10.82 1.71
CA PRO B 126 -13.20 11.78 0.95
C PRO B 126 -12.84 11.76 -0.53
N ASP B 127 -13.56 12.53 -1.33
CA ASP B 127 -13.21 12.72 -2.74
C ASP B 127 -13.72 14.05 -3.23
N GLU B 128 -14.49 14.69 -2.41
CA GLU B 128 -15.13 15.93 -2.77
C GLU B 128 -14.46 17.14 -2.13
N SER A 1 0.22 -18.69 -9.55
CA SER A 1 1.25 -18.05 -10.39
C SER A 1 2.56 -18.83 -10.31
N PRO A 2 3.33 -18.87 -11.41
CA PRO A 2 4.61 -19.58 -11.45
C PRO A 2 5.74 -18.70 -10.93
N ALA A 3 5.51 -18.10 -9.77
CA ALA A 3 6.44 -17.15 -9.21
C ALA A 3 7.52 -17.86 -8.40
N GLN A 4 7.14 -18.35 -7.22
CA GLN A 4 8.03 -19.05 -6.30
C GLN A 4 7.33 -19.25 -4.97
N GLY A 5 6.29 -18.46 -4.76
CA GLY A 5 5.57 -18.49 -3.51
C GLY A 5 6.38 -17.90 -2.39
OH ALY A 6 5.25 -9.52 -2.04
CH ALY A 6 5.56 -9.35 -0.86
CH3 ALY A 6 4.83 -8.27 -0.05
NZ ALY A 6 6.49 -10.08 -0.27
CE ALY A 6 7.25 -11.14 -0.93
CD ALY A 6 6.66 -12.50 -0.67
CG ALY A 6 7.23 -13.56 -1.61
CB ALY A 6 7.32 -14.92 -0.94
CA ALY A 6 7.98 -16.02 -1.82
N ALY A 6 7.00 -16.74 -2.68
C ALY A 6 8.89 -16.96 -0.97
O ALY A 6 10.09 -17.05 -1.24
HH31 ALY A 6 4.29 -7.61 -0.71
HH32 ALY A 6 4.12 -8.74 0.65
HH33 ALY A 6 5.55 -7.69 0.51
HZ ALY A 6 6.70 -9.88 0.67
HE3 ALY A 6 7.26 -10.97 -1.98
HE2 ALY A 6 8.26 -11.12 -0.55
HD3 ALY A 6 6.86 -12.78 0.37
HD2 ALY A 6 5.60 -12.44 -0.82
HG3 ALY A 6 6.58 -13.63 -2.47
HG2 ALY A 6 8.23 -13.24 -1.96
HB3 ALY A 6 7.88 -14.78 -0.03
HB2 ALY A 6 6.33 -15.22 -0.67
HA ALY A 6 8.64 -15.50 -2.53
H ALY A 6 6.78 -16.32 -3.54
N ARG A 7 8.30 -17.69 -0.03
CA ARG A 7 9.00 -18.35 1.07
C ARG A 7 9.39 -17.29 2.09
N GLY A 8 8.85 -16.10 1.86
CA GLY A 8 9.06 -15.00 2.74
C GLY A 8 8.12 -15.03 3.92
OH ALY A 9 7.80 -8.41 2.00
CH ALY A 9 8.48 -8.86 2.92
CH3 ALY A 9 9.69 -8.08 3.42
NZ ALY A 9 8.21 -9.97 3.53
CE ALY A 9 7.10 -10.84 3.24
CD ALY A 9 6.66 -11.46 4.53
CG ALY A 9 6.11 -12.82 4.34
CB ALY A 9 6.17 -13.64 5.61
CA ALY A 9 7.59 -13.97 6.08
N ALY A 9 8.47 -14.24 4.94
C ALY A 9 7.50 -15.14 7.03
O ALY A 9 7.44 -16.29 6.60
HH31 ALY A 9 9.38 -7.14 3.83
HH32 ALY A 9 10.16 -8.67 4.21
HH33 ALY A 9 10.39 -7.92 2.61
HZ ALY A 9 8.80 -10.25 4.27
HE3 ALY A 9 6.29 -10.25 2.84
HE2 ALY A 9 7.37 -11.61 2.51
HD3 ALY A 9 7.49 -11.51 5.20
HD2 ALY A 9 5.89 -10.85 4.94
HG3 ALY A 9 5.08 -12.75 4.03
HG2 ALY A 9 6.67 -13.33 3.58
HB3 ALY A 9 5.66 -13.10 6.39
HB2 ALY A 9 5.66 -14.57 5.43
HA ALY A 9 7.99 -13.12 6.60
H ALY A 9 9.37 -13.85 4.95
N LYS A 10 7.49 -14.83 8.30
CA LYS A 10 7.04 -15.76 9.31
C LYS A 10 6.41 -14.99 10.47
N SER A 11 5.96 -13.79 10.16
CA SER A 11 5.30 -12.90 11.11
C SER A 11 6.21 -12.60 12.31
N ALA A 12 5.64 -12.00 13.35
CA ALA A 12 6.41 -11.61 14.51
C ALA A 12 6.49 -12.74 15.52
N LYS B 1 -17.79 28.48 -5.04
CA LYS B 1 -18.44 29.80 -5.24
C LYS B 1 -18.07 30.36 -6.61
N ASP B 2 -17.01 29.82 -7.21
CA ASP B 2 -16.52 30.31 -8.50
C ASP B 2 -16.55 29.19 -9.52
N VAL B 3 -17.63 29.14 -10.29
CA VAL B 3 -17.79 28.11 -11.30
C VAL B 3 -16.76 28.28 -12.42
N PRO B 4 -16.06 27.20 -12.74
CA PRO B 4 -14.94 27.23 -13.69
C PRO B 4 -15.39 27.49 -15.13
N ASP B 5 -14.85 28.53 -15.72
CA ASP B 5 -15.15 28.87 -17.12
C ASP B 5 -14.34 27.97 -18.04
N SER B 6 -13.21 27.51 -17.55
CA SER B 6 -12.35 26.62 -18.31
C SER B 6 -11.54 25.74 -17.37
N GLN B 7 -11.35 24.47 -17.76
CA GLN B 7 -10.61 23.50 -16.96
C GLN B 7 -11.27 23.31 -15.60
N GLN B 8 -12.33 22.51 -15.59
CA GLN B 8 -13.01 22.14 -14.36
C GLN B 8 -12.15 21.16 -13.58
N HIS B 9 -11.84 21.51 -12.34
CA HIS B 9 -10.94 20.71 -11.52
C HIS B 9 -11.50 20.52 -10.13
N PRO B 10 -11.37 19.30 -9.61
CA PRO B 10 -11.69 18.98 -8.22
C PRO B 10 -10.86 19.82 -7.27
N ALA B 11 -11.46 20.22 -6.15
CA ALA B 11 -10.84 21.06 -5.14
C ALA B 11 -10.69 22.50 -5.63
N PRO B 12 -10.90 23.45 -4.71
CA PRO B 12 -10.83 24.88 -4.99
C PRO B 12 -9.42 25.45 -4.85
N GLU B 13 -8.51 24.59 -4.45
CA GLU B 13 -7.14 24.96 -4.20
C GLU B 13 -6.27 23.71 -4.28
N LYS B 14 -5.18 23.65 -3.53
CA LYS B 14 -4.40 22.43 -3.45
C LYS B 14 -5.29 21.29 -2.98
N SER B 15 -5.95 21.47 -1.84
CA SER B 15 -6.72 20.38 -1.27
C SER B 15 -8.17 20.74 -0.94
N SER B 16 -8.47 20.86 0.35
CA SER B 16 -9.84 20.80 0.87
C SER B 16 -10.35 19.35 0.77
N LYS B 17 -9.89 18.66 -0.26
CA LYS B 17 -10.06 17.22 -0.42
C LYS B 17 -8.74 16.48 -0.32
N VAL B 18 -7.77 17.00 -1.03
CA VAL B 18 -6.62 16.25 -1.51
C VAL B 18 -5.61 15.93 -0.42
N SER B 19 -4.96 16.95 0.07
CA SER B 19 -4.04 16.80 1.18
C SER B 19 -4.78 16.28 2.41
N GLU B 20 -6.08 16.50 2.43
CA GLU B 20 -6.95 15.96 3.47
C GLU B 20 -7.05 14.45 3.29
N GLN B 21 -7.01 14.03 2.02
CA GLN B 21 -6.99 12.64 1.65
C GLN B 21 -5.78 12.00 2.28
N LEU B 22 -4.66 12.67 2.21
CA LEU B 22 -3.44 12.09 2.69
C LEU B 22 -3.36 12.06 4.19
N LYS B 23 -3.90 13.06 4.86
CA LYS B 23 -3.91 13.05 6.31
C LYS B 23 -4.72 11.86 6.80
N CYS B 24 -5.74 11.56 6.03
CA CYS B 24 -6.58 10.41 6.28
C CYS B 24 -5.83 9.16 5.90
N CYS B 25 -5.32 9.15 4.69
CA CYS B 25 -4.64 8.01 4.11
C CYS B 25 -3.36 7.68 4.82
N SER B 26 -2.68 8.68 5.33
CA SER B 26 -1.48 8.43 6.08
C SER B 26 -1.85 7.65 7.31
N GLY B 27 -2.82 8.16 8.06
CA GLY B 27 -3.32 7.44 9.22
C GLY B 27 -3.76 6.04 8.87
N ILE B 28 -4.11 5.84 7.60
CA ILE B 28 -4.44 4.54 7.06
C ILE B 28 -3.22 3.62 6.95
N LEU B 29 -2.21 4.04 6.19
CA LEU B 29 -0.93 3.33 6.13
C LEU B 29 -0.33 3.22 7.49
N LYS B 30 -0.12 4.37 8.07
CA LYS B 30 0.29 4.48 9.47
C LYS B 30 -0.49 3.51 10.37
N GLU B 31 -1.72 3.19 9.97
CA GLU B 31 -2.53 2.19 10.68
C GLU B 31 -2.08 0.78 10.34
N MET B 32 -2.00 0.41 9.07
CA MET B 32 -1.36 -0.88 8.73
C MET B 32 0.01 -0.92 9.42
N PHE B 33 0.63 0.25 9.53
CA PHE B 33 1.90 0.44 10.22
C PHE B 33 1.74 0.31 11.74
N ALA B 34 0.50 0.39 12.18
CA ALA B 34 0.18 0.31 13.61
C ALA B 34 0.68 -0.99 14.18
N LYS B 35 1.07 -0.97 15.46
CA LYS B 35 1.45 -2.19 16.16
C LYS B 35 0.31 -3.19 16.08
N LYS B 36 -0.88 -2.65 15.91
CA LYS B 36 -2.09 -3.42 15.64
C LYS B 36 -1.92 -4.27 14.37
N HIS B 37 -1.43 -3.68 13.26
CA HIS B 37 -1.28 -4.42 12.01
C HIS B 37 0.15 -4.82 11.77
N ALA B 38 1.02 -4.53 12.72
CA ALA B 38 2.43 -4.84 12.59
C ALA B 38 2.70 -6.31 12.80
N ALA B 39 1.66 -7.05 13.04
CA ALA B 39 1.76 -8.48 13.09
C ALA B 39 1.87 -9.01 11.67
N TYR B 40 1.43 -8.19 10.71
CA TYR B 40 1.27 -8.67 9.34
C TYR B 40 1.50 -7.59 8.29
N ALA B 41 1.58 -6.35 8.69
CA ALA B 41 1.84 -5.28 7.74
C ALA B 41 3.29 -4.92 7.78
N TRP B 42 3.92 -5.34 8.85
CA TRP B 42 5.33 -5.09 9.05
C TRP B 42 6.18 -5.46 7.81
N PRO B 43 5.88 -6.57 7.01
CA PRO B 43 6.69 -6.90 5.84
C PRO B 43 6.32 -6.02 4.68
N PHE B 44 5.35 -5.18 4.92
CA PHE B 44 4.92 -4.24 3.94
C PHE B 44 5.52 -2.88 4.24
N TYR B 45 5.78 -2.53 5.53
CA TYR B 45 6.45 -1.24 5.83
C TYR B 45 7.68 -1.19 4.98
N LYS B 46 8.40 -2.25 5.04
CA LYS B 46 9.63 -2.36 4.32
C LYS B 46 9.44 -3.25 3.11
N PRO B 47 10.40 -3.20 2.21
CA PRO B 47 10.36 -3.84 0.90
C PRO B 47 10.47 -5.35 1.00
N VAL B 48 9.80 -6.06 0.09
CA VAL B 48 9.92 -7.51 0.00
C VAL B 48 11.38 -7.90 0.00
N ASP B 49 11.75 -8.62 1.03
CA ASP B 49 13.13 -8.88 1.31
C ASP B 49 13.57 -10.15 0.65
N VAL B 50 14.07 -9.98 -0.54
CA VAL B 50 14.38 -11.06 -1.44
C VAL B 50 15.46 -11.98 -0.89
N GLU B 51 16.16 -11.47 0.11
CA GLU B 51 17.22 -12.20 0.75
C GLU B 51 16.66 -12.94 1.95
N ALA B 52 16.02 -12.16 2.79
CA ALA B 52 15.37 -12.62 4.00
C ALA B 52 14.35 -13.69 3.69
N LEU B 53 13.50 -13.36 2.74
CA LEU B 53 12.41 -14.20 2.35
C LEU B 53 12.92 -15.41 1.57
N GLY B 54 14.10 -15.27 0.99
CA GLY B 54 14.65 -16.30 0.12
C GLY B 54 13.83 -16.45 -1.13
N LEU B 55 13.73 -15.36 -1.88
CA LEU B 55 12.80 -15.26 -2.98
C LEU B 55 13.38 -15.80 -4.28
N HIS B 56 14.50 -15.23 -4.71
CA HIS B 56 15.19 -15.61 -5.95
C HIS B 56 14.44 -15.15 -7.20
N ASP B 57 13.23 -15.64 -7.40
CA ASP B 57 12.44 -15.33 -8.59
C ASP B 57 11.80 -13.95 -8.50
N TYR B 58 11.88 -13.34 -7.33
CA TYR B 58 11.36 -12.01 -7.04
C TYR B 58 11.41 -11.05 -8.22
N CYS B 59 12.59 -10.78 -8.75
CA CYS B 59 12.75 -9.72 -9.75
C CYS B 59 12.06 -10.08 -11.07
N ASP B 60 11.70 -11.35 -11.22
CA ASP B 60 10.91 -11.79 -12.35
C ASP B 60 9.47 -11.44 -12.12
N ILE B 61 9.04 -11.76 -10.94
CA ILE B 61 7.72 -11.46 -10.48
C ILE B 61 7.50 -9.98 -10.37
N ILE B 62 8.27 -9.44 -9.49
CA ILE B 62 8.07 -8.16 -8.94
C ILE B 62 8.72 -7.09 -9.79
N LYS B 63 7.88 -6.35 -10.47
CA LYS B 63 8.33 -5.28 -11.32
C LYS B 63 8.16 -3.97 -10.59
N HIS B 64 7.15 -3.96 -9.72
CA HIS B 64 6.87 -2.81 -8.89
C HIS B 64 6.35 -3.29 -7.56
N PRO B 65 7.30 -3.54 -6.70
CA PRO B 65 7.07 -3.84 -5.32
C PRO B 65 6.88 -2.58 -4.53
N MET B 66 5.75 -2.46 -3.89
CA MET B 66 5.50 -1.32 -3.08
C MET B 66 5.73 -1.68 -1.63
N ASP B 67 6.06 -0.70 -0.84
CA ASP B 67 6.23 -0.91 0.57
C ASP B 67 5.60 0.24 1.32
N MET B 68 4.81 -0.15 2.33
CA MET B 68 4.08 0.75 3.22
C MET B 68 4.95 1.95 3.65
N SER B 69 6.26 1.78 3.64
CA SER B 69 7.14 2.84 4.09
C SER B 69 7.40 3.87 2.99
N THR B 70 7.49 3.45 1.72
CA THR B 70 7.61 4.42 0.63
C THR B 70 6.34 5.20 0.50
N ILE B 71 5.25 4.50 0.22
CA ILE B 71 3.96 5.10 0.08
C ILE B 71 3.68 6.07 1.20
N LYS B 72 4.11 5.70 2.38
CA LYS B 72 4.04 6.56 3.51
C LYS B 72 5.02 7.70 3.39
N SER B 73 6.26 7.35 3.08
CA SER B 73 7.34 8.32 2.87
C SER B 73 6.89 9.39 1.92
N LYS B 74 6.08 9.00 0.95
CA LYS B 74 5.60 9.90 -0.06
C LYS B 74 4.44 10.72 0.48
N LEU B 75 3.61 10.10 1.30
CA LEU B 75 2.71 10.83 2.19
C LEU B 75 3.50 11.89 2.95
N GLU B 76 4.56 11.41 3.59
CA GLU B 76 5.44 12.23 4.41
C GLU B 76 6.20 13.21 3.53
N ALA B 77 6.15 12.95 2.24
CA ALA B 77 6.81 13.76 1.23
C ALA B 77 5.82 14.65 0.54
N ARG B 78 4.54 14.38 0.79
CA ARG B 78 3.44 15.04 0.10
C ARG B 78 3.59 14.84 -1.41
N GLU B 79 4.40 13.84 -1.72
CA GLU B 79 4.57 13.33 -3.06
C GLU B 79 3.25 12.79 -3.57
N TYR B 80 2.49 12.27 -2.63
CA TYR B 80 1.13 11.89 -2.87
C TYR B 80 0.28 13.11 -2.71
N ARG B 81 -0.26 13.55 -3.84
CA ARG B 81 -1.18 14.66 -3.85
C ARG B 81 -2.37 14.32 -3.01
N ASP B 82 -2.82 13.08 -3.14
CA ASP B 82 -3.98 12.62 -2.40
C ASP B 82 -3.86 11.17 -2.04
N ALA B 83 -4.94 10.66 -1.56
CA ALA B 83 -4.96 9.38 -0.94
C ALA B 83 -5.07 8.27 -1.96
N GLN B 84 -5.32 8.63 -3.20
CA GLN B 84 -5.50 7.64 -4.23
C GLN B 84 -4.17 7.46 -4.92
N GLU B 85 -3.35 8.49 -4.79
CA GLU B 85 -1.90 8.36 -4.88
C GLU B 85 -1.46 7.31 -3.88
N PHE B 86 -1.89 7.56 -2.65
CA PHE B 86 -1.59 6.71 -1.53
C PHE B 86 -1.94 5.25 -1.80
N GLY B 87 -3.23 5.01 -1.95
CA GLY B 87 -3.70 3.65 -2.08
C GLY B 87 -3.34 3.04 -3.38
N ALA B 88 -2.90 3.86 -4.32
CA ALA B 88 -2.37 3.36 -5.55
C ALA B 88 -1.18 2.48 -5.26
N ASP B 89 -0.38 2.94 -4.30
CA ASP B 89 0.79 2.21 -3.86
C ASP B 89 0.45 1.12 -2.85
N VAL B 90 -0.52 1.35 -1.94
CA VAL B 90 -1.01 0.25 -1.13
C VAL B 90 -1.42 -0.92 -2.02
N ARG B 91 -2.25 -0.62 -3.01
CA ARG B 91 -2.66 -1.61 -4.00
C ARG B 91 -1.45 -2.18 -4.73
N LEU B 92 -0.42 -1.36 -4.89
CA LEU B 92 0.81 -1.78 -5.54
C LEU B 92 1.51 -2.87 -4.72
N MET B 93 1.67 -2.62 -3.40
CA MET B 93 2.35 -3.59 -2.52
C MET B 93 1.50 -4.82 -2.33
N PHE B 94 0.21 -4.61 -2.28
CA PHE B 94 -0.72 -5.70 -2.24
C PHE B 94 -0.66 -6.50 -3.54
N SER B 95 -0.65 -5.78 -4.66
CA SER B 95 -0.62 -6.38 -5.99
C SER B 95 0.64 -7.22 -6.18
N ASN B 96 1.81 -6.63 -5.95
CA ASN B 96 3.07 -7.35 -6.12
C ASN B 96 3.12 -8.52 -5.16
N CYS B 97 2.40 -8.41 -4.05
CA CYS B 97 2.36 -9.50 -3.11
C CYS B 97 1.61 -10.70 -3.71
N TYR B 98 0.31 -10.59 -3.96
CA TYR B 98 -0.44 -11.76 -4.46
C TYR B 98 0.01 -12.13 -5.87
N LYS B 99 0.66 -11.18 -6.53
CA LYS B 99 1.28 -11.44 -7.83
C LYS B 99 2.33 -12.54 -7.68
N TYR B 100 3.25 -12.30 -6.75
CA TYR B 100 4.30 -13.24 -6.42
C TYR B 100 3.72 -14.45 -5.71
N ASN B 101 2.88 -14.16 -4.74
CA ASN B 101 2.48 -15.14 -3.76
C ASN B 101 1.14 -15.79 -4.05
N PRO B 102 1.05 -17.10 -3.83
CA PRO B 102 -0.20 -17.84 -3.80
C PRO B 102 -1.03 -17.39 -2.60
N PRO B 103 -2.37 -17.44 -2.68
CA PRO B 103 -3.24 -17.00 -1.58
C PRO B 103 -3.21 -17.94 -0.38
N ASP B 104 -2.42 -18.99 -0.50
CA ASP B 104 -2.20 -19.91 0.61
C ASP B 104 -0.94 -19.49 1.37
N HIS B 105 -0.31 -18.43 0.88
CA HIS B 105 0.94 -17.95 1.44
C HIS B 105 0.71 -17.17 2.72
N GLU B 106 1.75 -17.02 3.51
CA GLU B 106 1.74 -16.08 4.59
C GLU B 106 1.82 -14.61 4.11
N VAL B 107 2.67 -14.26 3.14
CA VAL B 107 2.76 -12.85 2.74
C VAL B 107 1.42 -12.37 2.30
N VAL B 108 0.70 -13.23 1.60
CA VAL B 108 -0.66 -12.90 1.19
C VAL B 108 -1.61 -12.88 2.37
N ALA B 109 -1.40 -13.81 3.30
CA ALA B 109 -2.09 -13.81 4.59
C ALA B 109 -2.04 -12.42 5.20
N MET B 110 -0.84 -11.91 5.28
CA MET B 110 -0.55 -10.61 5.85
C MET B 110 -1.08 -9.53 4.92
N ALA B 111 -0.83 -9.74 3.63
CA ALA B 111 -1.35 -8.90 2.57
C ALA B 111 -2.84 -8.65 2.70
N ARG B 112 -3.62 -9.73 2.81
CA ARG B 112 -5.06 -9.63 2.81
C ARG B 112 -5.62 -9.01 4.08
N LYS B 113 -4.86 -9.07 5.16
CA LYS B 113 -5.24 -8.37 6.38
C LYS B 113 -5.18 -6.88 6.14
N LEU B 114 -4.11 -6.45 5.50
CA LEU B 114 -3.96 -5.08 5.10
C LEU B 114 -4.99 -4.74 4.04
N GLN B 115 -5.16 -5.67 3.12
CA GLN B 115 -6.18 -5.56 2.09
C GLN B 115 -7.52 -5.22 2.73
N ASP B 116 -7.81 -5.90 3.83
CA ASP B 116 -9.02 -5.67 4.60
C ASP B 116 -9.01 -4.29 5.25
N VAL B 117 -8.01 -4.04 6.08
CA VAL B 117 -7.93 -2.77 6.82
C VAL B 117 -7.75 -1.58 5.90
N PHE B 118 -6.74 -1.58 5.02
CA PHE B 118 -6.55 -0.49 4.07
C PHE B 118 -7.83 -0.18 3.30
N GLU B 119 -8.49 -1.20 2.77
CA GLU B 119 -9.66 -0.98 1.94
C GLU B 119 -10.81 -0.41 2.77
N MET B 120 -10.94 -0.90 4.00
CA MET B 120 -11.93 -0.37 4.93
C MET B 120 -11.56 1.07 5.26
N ARG B 121 -10.28 1.28 5.54
CA ARG B 121 -9.76 2.60 5.81
C ARG B 121 -10.01 3.52 4.64
N PHE B 122 -9.81 2.98 3.46
CA PHE B 122 -9.91 3.75 2.25
C PHE B 122 -11.35 4.12 1.95
N ALA B 123 -12.26 3.30 2.46
CA ALA B 123 -13.68 3.59 2.36
C ALA B 123 -14.03 4.86 3.14
N LYS B 124 -13.18 5.20 4.11
CA LYS B 124 -13.35 6.41 4.90
C LYS B 124 -12.66 7.60 4.23
N MET B 125 -12.13 7.37 3.03
CA MET B 125 -11.48 8.43 2.27
C MET B 125 -12.50 9.20 1.45
N PRO B 126 -12.52 10.52 1.63
CA PRO B 126 -13.41 11.39 0.90
C PRO B 126 -12.93 11.60 -0.52
N ASP B 127 -13.65 12.43 -1.24
CA ASP B 127 -13.24 12.86 -2.58
C ASP B 127 -13.60 14.31 -2.74
N GLU B 128 -14.22 14.85 -1.71
CA GLU B 128 -14.66 16.22 -1.71
C GLU B 128 -14.30 16.92 -0.41
N SER A 1 5.66 -24.28 -10.40
CA SER A 1 5.70 -22.98 -9.71
C SER A 1 5.06 -21.89 -10.58
N PRO A 2 4.11 -21.13 -10.02
CA PRO A 2 3.51 -19.99 -10.72
C PRO A 2 4.40 -18.76 -10.65
N ALA A 3 4.67 -18.32 -9.44
CA ALA A 3 5.51 -17.15 -9.21
C ALA A 3 6.37 -17.35 -7.97
N GLN A 4 6.78 -18.59 -7.72
CA GLN A 4 7.69 -18.94 -6.61
C GLN A 4 6.99 -18.90 -5.25
N GLY A 5 5.94 -18.13 -5.15
CA GLY A 5 5.26 -17.98 -3.88
C GLY A 5 5.88 -16.86 -3.06
OH ALY A 6 4.93 -9.90 -1.92
CH ALY A 6 5.44 -9.58 -0.84
CH3 ALY A 6 4.80 -8.47 0.00
NZ ALY A 6 6.54 -10.19 -0.39
CE ALY A 6 7.22 -11.26 -1.10
CD ALY A 6 6.63 -12.62 -0.84
CG ALY A 6 7.20 -13.68 -1.79
CB ALY A 6 7.27 -15.04 -1.08
CA ALY A 6 7.99 -16.18 -1.89
N ALY A 6 7.11 -17.12 -2.62
C ALY A 6 8.80 -17.05 -0.92
O ALY A 6 10.01 -16.98 -0.86
HH31 ALY A 6 4.34 -7.74 -0.64
HH32 ALY A 6 4.04 -8.89 0.67
HH33 ALY A 6 5.56 -7.98 0.59
HZ ALY A 6 6.90 -9.90 0.47
HE3 ALY A 6 7.18 -11.08 -2.16
HE2 ALY A 6 8.25 -11.27 -0.80
HD3 ALY A 6 6.82 -12.90 0.20
HD2 ALY A 6 5.57 -12.57 -0.99
HG3 ALY A 6 6.56 -13.76 -2.65
HG2 ALY A 6 8.21 -13.38 -2.11
HB3 ALY A 6 7.79 -14.88 -0.15
HB2 ALY A 6 6.27 -15.35 -0.86
HA ALY A 6 8.66 -15.72 -2.63
H ALY A 6 7.47 -18.00 -2.82
N ARG A 7 8.09 -17.96 -0.23
CA ARG A 7 8.64 -18.65 0.93
C ARG A 7 9.06 -17.64 1.99
N GLY A 8 8.61 -16.39 1.78
CA GLY A 8 8.97 -15.31 2.65
C GLY A 8 8.07 -15.23 3.85
OH ALY A 9 7.90 -8.46 1.92
CH ALY A 9 8.56 -8.91 2.85
CH3 ALY A 9 9.79 -8.19 3.35
NZ ALY A 9 8.26 -10.03 3.45
CE ALY A 9 7.13 -10.85 3.14
CD ALY A 9 6.63 -11.44 4.43
CG ALY A 9 6.35 -12.88 4.31
CB ALY A 9 6.36 -13.59 5.64
CA ALY A 9 7.72 -14.14 6.05
N ALY A 9 8.53 -14.51 4.88
C ALY A 9 7.48 -15.32 6.97
O ALY A 9 7.90 -16.45 6.70
HH31 ALY A 9 9.50 -7.23 3.74
HH32 ALY A 9 10.22 -8.79 4.15
HH33 ALY A 9 10.50 -8.07 2.56
HZ ALY A 9 8.85 -10.32 4.19
HE3 ALY A 9 6.36 -10.24 2.72
HE2 ALY A 9 7.39 -11.65 2.44
HD3 ALY A 9 7.38 -11.28 5.20
HD2 ALY A 9 5.73 -10.93 4.69
HG3 ALY A 9 5.39 -13.01 3.86
HG2 ALY A 9 7.08 -13.34 3.68
HB3 ALY A 9 6.02 -12.88 6.39
HB2 ALY A 9 5.67 -14.40 5.60
HA ALY A 9 8.26 -13.38 6.60
H ALY A 9 9.47 -14.24 4.87
N LYS A 10 6.79 -15.03 8.05
CA LYS A 10 6.35 -16.02 9.03
C LYS A 10 5.61 -15.31 10.15
N SER A 11 5.77 -13.99 10.22
CA SER A 11 5.09 -13.12 11.17
C SER A 11 5.73 -13.25 12.55
N ALA A 12 5.64 -14.44 13.13
CA ALA A 12 6.23 -14.75 14.42
C ALA A 12 6.16 -16.24 14.67
N LYS B 1 1.70 25.37 -26.24
CA LYS B 1 1.81 24.13 -25.45
C LYS B 1 0.61 23.98 -24.53
N ASP B 2 -0.14 22.91 -24.71
CA ASP B 2 -1.30 22.63 -23.88
C ASP B 2 -0.88 21.99 -22.57
N VAL B 3 -1.40 22.52 -21.48
CA VAL B 3 -1.10 21.99 -20.16
C VAL B 3 -1.74 20.62 -19.99
N PRO B 4 -1.00 19.66 -19.42
CA PRO B 4 -1.48 18.30 -19.20
C PRO B 4 -2.43 18.23 -18.00
N ASP B 5 -3.45 19.06 -18.02
CA ASP B 5 -4.41 19.14 -16.93
C ASP B 5 -5.46 18.06 -17.05
N SER B 6 -6.13 17.77 -15.94
CA SER B 6 -7.17 16.75 -15.90
C SER B 6 -8.12 17.04 -14.75
N GLN B 7 -9.41 16.83 -14.99
CA GLN B 7 -10.41 17.02 -13.95
C GLN B 7 -10.35 15.88 -12.96
N GLN B 8 -10.32 16.24 -11.67
CA GLN B 8 -10.18 15.25 -10.62
C GLN B 8 -10.43 15.90 -9.26
N HIS B 9 -9.84 17.07 -9.07
CA HIS B 9 -9.99 17.81 -7.82
C HIS B 9 -9.72 19.29 -8.01
N PRO B 10 -10.77 20.10 -7.86
CA PRO B 10 -10.70 21.56 -7.94
C PRO B 10 -10.08 22.14 -6.67
N ALA B 11 -9.05 22.95 -6.84
CA ALA B 11 -8.38 23.56 -5.71
C ALA B 11 -7.56 24.76 -6.14
N PRO B 12 -7.50 25.76 -5.27
CA PRO B 12 -6.79 27.00 -5.52
C PRO B 12 -5.29 26.90 -5.23
N GLU B 13 -4.95 25.92 -4.42
CA GLU B 13 -3.57 25.68 -4.05
C GLU B 13 -3.31 24.17 -3.95
N LYS B 14 -3.51 23.50 -5.08
CA LYS B 14 -3.26 22.06 -5.22
C LYS B 14 -4.33 21.23 -4.51
N SER B 15 -4.58 21.52 -3.24
CA SER B 15 -5.46 20.67 -2.46
C SER B 15 -6.51 21.41 -1.67
N SER B 16 -7.74 20.97 -1.84
CA SER B 16 -8.85 21.32 -0.96
C SER B 16 -9.36 20.03 -0.30
N LYS B 17 -9.42 19.01 -1.13
CA LYS B 17 -9.72 17.62 -0.75
C LYS B 17 -8.47 16.83 -0.54
N VAL B 18 -7.52 17.18 -1.33
CA VAL B 18 -6.46 16.29 -1.75
C VAL B 18 -5.47 16.01 -0.64
N SER B 19 -4.87 17.03 -0.15
CA SER B 19 -3.97 16.92 0.95
C SER B 19 -4.69 16.47 2.22
N GLU B 20 -5.99 16.80 2.31
CA GLU B 20 -6.82 16.29 3.40
C GLU B 20 -6.86 14.78 3.32
N GLN B 21 -6.94 14.29 2.09
CA GLN B 21 -6.95 12.89 1.82
C GLN B 21 -5.76 12.27 2.47
N LEU B 22 -4.60 12.86 2.28
CA LEU B 22 -3.39 12.24 2.74
C LEU B 22 -3.25 12.23 4.24
N LYS B 23 -3.91 13.14 4.93
CA LYS B 23 -3.87 13.09 6.39
C LYS B 23 -4.60 11.83 6.82
N CYS B 24 -5.59 11.49 6.02
CA CYS B 24 -6.35 10.27 6.17
C CYS B 24 -5.52 9.09 5.69
N CYS B 25 -5.04 9.17 4.44
CA CYS B 25 -4.23 8.10 3.85
C CYS B 25 -3.18 7.67 4.82
N SER B 26 -2.49 8.66 5.35
CA SER B 26 -1.35 8.39 6.18
C SER B 26 -1.76 7.65 7.43
N GLY B 27 -2.75 8.19 8.13
CA GLY B 27 -3.27 7.51 9.30
C GLY B 27 -3.80 6.13 8.98
N ILE B 28 -4.08 5.91 7.71
CA ILE B 28 -4.48 4.63 7.17
C ILE B 28 -3.29 3.67 7.05
N LEU B 29 -2.28 4.05 6.29
CA LEU B 29 -1.02 3.29 6.20
C LEU B 29 -0.38 3.16 7.55
N LYS B 30 -0.05 4.30 8.13
CA LYS B 30 0.41 4.37 9.51
C LYS B 30 -0.45 3.50 10.43
N GLU B 31 -1.71 3.33 10.08
CA GLU B 31 -2.57 2.37 10.78
C GLU B 31 -2.17 0.94 10.47
N MET B 32 -2.03 0.56 9.21
CA MET B 32 -1.55 -0.78 8.92
C MET B 32 -0.16 -0.92 9.53
N PHE B 33 0.54 0.19 9.58
CA PHE B 33 1.83 0.31 10.23
C PHE B 33 1.69 0.15 11.76
N ALA B 34 0.45 0.28 12.24
CA ALA B 34 0.16 0.16 13.66
C ALA B 34 0.63 -1.18 14.17
N LYS B 35 1.04 -1.22 15.43
CA LYS B 35 1.42 -2.48 16.06
C LYS B 35 0.24 -3.44 15.98
N LYS B 36 -0.95 -2.84 15.88
CA LYS B 36 -2.18 -3.55 15.58
C LYS B 36 -2.04 -4.39 14.29
N HIS B 37 -1.51 -3.80 13.21
CA HIS B 37 -1.41 -4.53 11.94
C HIS B 37 0.00 -4.97 11.69
N ALA B 38 0.92 -4.62 12.56
CA ALA B 38 2.33 -4.94 12.39
C ALA B 38 2.61 -6.40 12.61
N ALA B 39 1.58 -7.16 12.89
CA ALA B 39 1.72 -8.60 12.89
C ALA B 39 1.84 -9.07 11.45
N TYR B 40 1.37 -8.24 10.53
CA TYR B 40 1.22 -8.65 9.15
C TYR B 40 1.43 -7.51 8.15
N ALA B 41 1.61 -6.32 8.66
CA ALA B 41 1.88 -5.17 7.82
C ALA B 41 3.32 -4.99 7.64
N TRP B 42 3.97 -5.34 8.71
CA TRP B 42 5.36 -5.10 8.87
C TRP B 42 6.21 -5.50 7.63
N PRO B 43 5.91 -6.62 6.86
CA PRO B 43 6.71 -6.97 5.69
C PRO B 43 6.34 -6.10 4.53
N PHE B 44 5.36 -5.25 4.76
CA PHE B 44 4.92 -4.32 3.77
C PHE B 44 5.53 -2.98 4.04
N TYR B 45 5.76 -2.58 5.31
CA TYR B 45 6.44 -1.29 5.58
C TYR B 45 7.66 -1.24 4.73
N LYS B 46 8.38 -2.29 4.79
CA LYS B 46 9.60 -2.41 4.08
C LYS B 46 9.41 -3.33 2.88
N PRO B 47 10.38 -3.29 1.98
CA PRO B 47 10.32 -3.97 0.68
C PRO B 47 10.47 -5.47 0.82
N VAL B 48 9.75 -6.20 -0.05
CA VAL B 48 9.85 -7.66 -0.13
C VAL B 48 11.31 -8.07 -0.12
N ASP B 49 11.68 -8.78 0.92
CA ASP B 49 13.06 -9.05 1.20
C ASP B 49 13.49 -10.33 0.53
N VAL B 50 14.02 -10.16 -0.64
CA VAL B 50 14.33 -11.24 -1.55
C VAL B 50 15.42 -12.14 -1.00
N GLU B 51 16.11 -11.65 0.03
CA GLU B 51 17.14 -12.42 0.69
C GLU B 51 16.54 -13.14 1.88
N ALA B 52 15.89 -12.36 2.71
CA ALA B 52 15.23 -12.83 3.91
C ALA B 52 14.20 -13.89 3.60
N LEU B 53 13.36 -13.56 2.63
CA LEU B 53 12.26 -14.41 2.24
C LEU B 53 12.77 -15.63 1.48
N GLY B 54 13.96 -15.49 0.90
CA GLY B 54 14.53 -16.53 0.06
C GLY B 54 13.79 -16.62 -1.25
N LEU B 55 13.69 -15.50 -1.92
CA LEU B 55 12.80 -15.36 -3.05
C LEU B 55 13.39 -15.88 -4.36
N HIS B 56 14.53 -15.30 -4.76
CA HIS B 56 15.22 -15.67 -6.00
C HIS B 56 14.45 -15.22 -7.24
N ASP B 57 13.27 -15.81 -7.48
CA ASP B 57 12.47 -15.51 -8.68
C ASP B 57 11.81 -14.14 -8.59
N TYR B 58 11.88 -13.54 -7.41
CA TYR B 58 11.35 -12.19 -7.14
C TYR B 58 11.39 -11.24 -8.32
N CYS B 59 12.59 -10.95 -8.83
CA CYS B 59 12.76 -9.88 -9.81
C CYS B 59 12.16 -10.27 -11.17
N ASP B 60 11.69 -11.50 -11.25
CA ASP B 60 10.92 -11.95 -12.39
C ASP B 60 9.48 -11.62 -12.18
N ILE B 61 9.02 -11.98 -11.01
CA ILE B 61 7.71 -11.65 -10.56
C ILE B 61 7.52 -10.16 -10.50
N ILE B 62 8.28 -9.58 -9.64
CA ILE B 62 8.07 -8.25 -9.16
C ILE B 62 8.74 -7.22 -10.05
N LYS B 63 7.93 -6.31 -10.53
CA LYS B 63 8.40 -5.20 -11.33
C LYS B 63 8.34 -3.94 -10.50
N HIS B 64 7.32 -3.88 -9.65
CA HIS B 64 7.08 -2.74 -8.81
C HIS B 64 6.50 -3.22 -7.51
N PRO B 65 7.41 -3.56 -6.64
CA PRO B 65 7.11 -3.90 -5.28
C PRO B 65 6.94 -2.64 -4.46
N MET B 66 5.78 -2.44 -3.94
CA MET B 66 5.53 -1.29 -3.11
C MET B 66 5.76 -1.67 -1.67
N ASP B 67 6.07 -0.69 -0.86
CA ASP B 67 6.25 -0.93 0.55
C ASP B 67 5.60 0.18 1.33
N MET B 68 4.78 -0.24 2.31
CA MET B 68 4.02 0.63 3.20
C MET B 68 4.85 1.84 3.67
N SER B 69 6.16 1.70 3.71
CA SER B 69 7.01 2.75 4.21
C SER B 69 7.31 3.80 3.13
N THR B 70 7.44 3.41 1.86
CA THR B 70 7.57 4.41 0.80
C THR B 70 6.30 5.16 0.64
N ILE B 71 5.22 4.45 0.31
CA ILE B 71 3.94 5.04 0.13
C ILE B 71 3.62 6.00 1.25
N LYS B 72 4.01 5.63 2.44
CA LYS B 72 3.92 6.49 3.57
C LYS B 72 4.88 7.64 3.46
N SER B 73 6.12 7.32 3.19
CA SER B 73 7.18 8.32 2.97
C SER B 73 6.72 9.35 1.96
N LYS B 74 5.95 8.91 1.00
CA LYS B 74 5.47 9.77 -0.07
C LYS B 74 4.30 10.58 0.43
N LEU B 75 3.44 9.95 1.22
CA LEU B 75 2.52 10.67 2.08
C LEU B 75 3.27 11.78 2.82
N GLU B 76 4.35 11.36 3.45
CA GLU B 76 5.19 12.24 4.25
C GLU B 76 5.97 13.20 3.36
N ALA B 77 5.92 12.91 2.07
CA ALA B 77 6.60 13.70 1.06
C ALA B 77 5.60 14.56 0.32
N ARG B 78 4.32 14.30 0.59
CA ARG B 78 3.23 14.94 -0.14
C ARG B 78 3.39 14.66 -1.62
N GLU B 79 4.16 13.63 -1.88
CA GLU B 79 4.37 13.08 -3.20
C GLU B 79 3.05 12.56 -3.71
N TYR B 80 2.27 12.05 -2.78
CA TYR B 80 0.91 11.66 -3.02
C TYR B 80 0.08 12.88 -2.92
N ARG B 81 -0.42 13.28 -4.08
CA ARG B 81 -1.33 14.38 -4.16
C ARG B 81 -2.47 14.15 -3.21
N ASP B 82 -3.02 12.95 -3.27
CA ASP B 82 -4.10 12.57 -2.40
C ASP B 82 -4.05 11.11 -2.10
N ALA B 83 -5.10 10.59 -1.54
CA ALA B 83 -5.11 9.24 -1.06
C ALA B 83 -5.05 8.26 -2.18
N GLN B 84 -5.36 8.69 -3.37
CA GLN B 84 -5.55 7.75 -4.42
C GLN B 84 -4.22 7.47 -5.10
N GLU B 85 -3.26 8.38 -4.88
CA GLU B 85 -1.85 8.08 -5.08
C GLU B 85 -1.46 7.12 -3.97
N PHE B 86 -1.95 7.45 -2.77
CA PHE B 86 -1.66 6.67 -1.59
C PHE B 86 -2.01 5.19 -1.79
N GLY B 87 -3.29 4.94 -1.99
CA GLY B 87 -3.76 3.59 -2.11
C GLY B 87 -3.39 2.96 -3.41
N ALA B 88 -2.95 3.80 -4.35
CA ALA B 88 -2.42 3.31 -5.59
C ALA B 88 -1.19 2.47 -5.30
N ASP B 89 -0.43 2.89 -4.31
CA ASP B 89 0.76 2.20 -3.88
C ASP B 89 0.45 1.12 -2.86
N VAL B 90 -0.53 1.34 -1.98
CA VAL B 90 -1.02 0.24 -1.16
C VAL B 90 -1.36 -0.95 -2.04
N ARG B 91 -2.14 -0.71 -3.07
CA ARG B 91 -2.48 -1.76 -4.02
C ARG B 91 -1.25 -2.19 -4.81
N LEU B 92 -0.27 -1.31 -4.94
CA LEU B 92 0.98 -1.66 -5.62
C LEU B 92 1.76 -2.70 -4.79
N MET B 93 1.72 -2.55 -3.46
CA MET B 93 2.39 -3.53 -2.57
C MET B 93 1.56 -4.77 -2.42
N PHE B 94 0.27 -4.58 -2.42
CA PHE B 94 -0.64 -5.70 -2.34
C PHE B 94 -0.60 -6.53 -3.63
N SER B 95 -0.64 -5.85 -4.79
CA SER B 95 -0.68 -6.55 -6.07
C SER B 95 0.61 -7.30 -6.35
N ASN B 96 1.77 -6.65 -6.19
CA ASN B 96 3.05 -7.35 -6.38
C ASN B 96 3.12 -8.51 -5.41
N CYS B 97 2.46 -8.37 -4.28
CA CYS B 97 2.41 -9.44 -3.33
C CYS B 97 1.65 -10.64 -3.91
N TYR B 98 0.35 -10.51 -4.17
CA TYR B 98 -0.41 -11.67 -4.65
C TYR B 98 0.03 -12.07 -6.06
N LYS B 99 0.78 -11.19 -6.72
CA LYS B 99 1.42 -11.52 -7.97
C LYS B 99 2.43 -12.63 -7.75
N TYR B 100 3.33 -12.36 -6.82
CA TYR B 100 4.37 -13.28 -6.43
C TYR B 100 3.75 -14.47 -5.69
N ASN B 101 2.89 -14.13 -4.75
CA ASN B 101 2.41 -15.09 -3.78
C ASN B 101 1.07 -15.70 -4.16
N PRO B 102 0.92 -17.00 -3.95
CA PRO B 102 -0.38 -17.67 -3.94
C PRO B 102 -1.16 -17.26 -2.70
N PRO B 103 -2.50 -17.32 -2.74
CA PRO B 103 -3.32 -16.94 -1.59
C PRO B 103 -3.27 -17.97 -0.47
N ASP B 104 -2.46 -18.99 -0.67
CA ASP B 104 -2.17 -19.98 0.36
C ASP B 104 -0.92 -19.55 1.13
N HIS B 105 -0.34 -18.42 0.72
CA HIS B 105 0.92 -17.98 1.26
C HIS B 105 0.78 -17.25 2.59
N GLU B 106 1.87 -17.23 3.32
CA GLU B 106 2.03 -16.39 4.47
C GLU B 106 2.06 -14.89 4.13
N VAL B 107 2.81 -14.47 3.11
CA VAL B 107 2.89 -13.04 2.78
C VAL B 107 1.52 -12.54 2.44
N VAL B 108 0.82 -13.32 1.64
CA VAL B 108 -0.53 -12.95 1.28
C VAL B 108 -1.44 -12.93 2.49
N ALA B 109 -1.27 -13.91 3.36
CA ALA B 109 -1.94 -13.94 4.66
C ALA B 109 -1.94 -12.55 5.28
N MET B 110 -0.73 -12.01 5.34
CA MET B 110 -0.49 -10.70 5.90
C MET B 110 -1.04 -9.63 4.97
N ALA B 111 -0.76 -9.83 3.68
CA ALA B 111 -1.26 -8.99 2.61
C ALA B 111 -2.76 -8.74 2.68
N ARG B 112 -3.54 -9.82 2.77
CA ARG B 112 -4.99 -9.73 2.79
C ARG B 112 -5.48 -8.95 3.99
N LYS B 113 -4.79 -9.08 5.10
CA LYS B 113 -5.17 -8.36 6.30
C LYS B 113 -5.05 -6.87 6.09
N LEU B 114 -3.98 -6.46 5.45
CA LEU B 114 -3.76 -5.07 5.13
C LEU B 114 -4.83 -4.52 4.22
N GLN B 115 -5.26 -5.31 3.24
CA GLN B 115 -6.32 -4.83 2.36
C GLN B 115 -7.64 -4.77 3.10
N ASP B 116 -7.87 -5.72 4.01
CA ASP B 116 -9.05 -5.66 4.86
C ASP B 116 -9.13 -4.31 5.56
N VAL B 117 -8.03 -3.95 6.21
CA VAL B 117 -7.95 -2.67 6.89
C VAL B 117 -7.83 -1.51 5.90
N PHE B 118 -6.84 -1.55 5.00
CA PHE B 118 -6.66 -0.50 4.01
C PHE B 118 -7.94 -0.15 3.27
N GLU B 119 -8.61 -1.11 2.64
CA GLU B 119 -9.75 -0.77 1.80
C GLU B 119 -10.95 -0.36 2.65
N MET B 120 -10.97 -0.82 3.91
CA MET B 120 -11.95 -0.31 4.86
C MET B 120 -11.59 1.14 5.18
N ARG B 121 -10.31 1.37 5.47
CA ARG B 121 -9.81 2.70 5.76
C ARG B 121 -10.04 3.61 4.58
N PHE B 122 -9.75 3.09 3.40
CA PHE B 122 -9.81 3.87 2.20
C PHE B 122 -11.25 4.21 1.85
N ALA B 123 -12.16 3.38 2.30
CA ALA B 123 -13.58 3.64 2.14
C ALA B 123 -13.99 4.89 2.92
N LYS B 124 -13.18 5.24 3.91
CA LYS B 124 -13.42 6.44 4.70
C LYS B 124 -12.84 7.67 4.00
N MET B 125 -12.17 7.44 2.87
CA MET B 125 -11.51 8.52 2.14
C MET B 125 -12.50 9.33 1.34
N PRO B 126 -12.55 10.62 1.65
CA PRO B 126 -13.41 11.59 0.99
C PRO B 126 -12.94 11.95 -0.42
N ASP B 127 -13.71 12.79 -1.07
CA ASP B 127 -13.31 13.40 -2.34
C ASP B 127 -13.76 14.83 -2.38
N GLU B 128 -14.41 15.23 -1.31
CA GLU B 128 -14.91 16.57 -1.17
C GLU B 128 -14.32 17.20 0.07
N SER A 1 4.04 -14.87 -15.62
CA SER A 1 4.54 -14.52 -14.28
C SER A 1 5.07 -15.76 -13.57
N PRO A 2 6.37 -16.06 -13.72
CA PRO A 2 7.01 -17.19 -13.05
C PRO A 2 7.23 -16.89 -11.57
N ALA A 3 6.20 -17.14 -10.76
CA ALA A 3 6.27 -16.79 -9.35
C ALA A 3 6.58 -18.00 -8.48
N GLN A 4 7.48 -17.79 -7.53
CA GLN A 4 7.96 -18.86 -6.65
C GLN A 4 7.05 -19.03 -5.43
N GLY A 5 6.13 -18.10 -5.26
CA GLY A 5 5.31 -18.08 -4.06
C GLY A 5 6.13 -17.74 -2.84
OH ALY A 6 5.32 -9.55 -2.22
CH ALY A 6 5.59 -9.38 -1.03
CH3 ALY A 6 4.87 -8.28 -0.24
NZ ALY A 6 6.49 -10.13 -0.40
CE ALY A 6 7.24 -11.21 -1.05
CD ALY A 6 6.66 -12.57 -0.77
CG ALY A 6 7.19 -13.63 -1.74
CB ALY A 6 7.25 -15.00 -1.09
CA ALY A 6 7.87 -16.09 -2.01
N ALY A 6 6.87 -16.63 -2.96
C ALY A 6 8.65 -17.14 -1.19
O ALY A 6 9.87 -17.23 -1.32
HH31 ALY A 6 4.36 -7.62 -0.93
HH32 ALY A 6 4.13 -8.73 0.43
HH33 ALY A 6 5.59 -7.72 0.34
HZ ALY A 6 6.67 -9.96 0.54
HE3 ALY A 6 7.25 -11.06 -2.11
HE2 ALY A 6 8.25 -11.19 -0.68
HD3 ALY A 6 6.88 -12.86 0.25
HD2 ALY A 6 5.59 -12.51 -0.88
HG3 ALY A 6 6.54 -13.67 -2.60
HG2 ALY A 6 8.19 -13.34 -2.08
HB3 ALY A 6 7.83 -14.90 -0.19
HB2 ALY A 6 6.24 -15.29 -0.81
HA ALY A 6 8.59 -15.58 -2.63
H ALY A 6 6.74 -16.12 -3.79
N ARG A 7 7.95 -17.95 -0.39
CA ARG A 7 8.56 -18.70 0.71
C ARG A 7 9.05 -17.70 1.75
N GLY A 8 8.51 -16.49 1.67
CA GLY A 8 8.90 -15.42 2.56
C GLY A 8 8.01 -15.33 3.78
OH ALY A 9 8.63 -8.80 2.36
CH ALY A 9 8.85 -9.43 3.38
CH3 ALY A 9 10.06 -9.05 4.24
NZ ALY A 9 8.08 -10.41 3.78
CE ALY A 9 6.91 -10.86 3.06
CD ALY A 9 5.96 -11.58 3.99
CG ALY A 9 6.43 -12.98 4.26
CB ALY A 9 6.67 -13.25 5.72
CA ALY A 9 7.78 -14.28 6.03
N ALY A 9 8.53 -14.68 4.83
C ALY A 9 7.21 -15.46 6.81
O ALY A 9 6.72 -16.45 6.26
HH31 ALY A 9 10.00 -8.01 4.50
HH32 ALY A 9 10.05 -9.66 5.13
HH33 ALY A 9 10.96 -9.24 3.69
HZ ALY A 9 8.32 -10.88 4.61
HE3 ALY A 9 6.40 -10.01 2.64
HE2 ALY A 9 7.20 -11.54 2.26
HD3 ALY A 9 5.91 -11.04 4.90
HD2 ALY A 9 4.98 -11.62 3.53
HG3 ALY A 9 5.69 -13.67 3.92
HG2 ALY A 9 7.32 -13.14 3.70
HB3 ALY A 9 6.92 -12.31 6.21
HB2 ALY A 9 5.74 -13.63 6.14
HA ALY A 9 8.48 -13.79 6.67
H ALY A 9 9.49 -14.48 4.80
N LYS A 10 7.30 -15.33 8.12
CA LYS A 10 6.62 -16.24 9.04
C LYS A 10 6.00 -15.43 10.17
N SER A 11 6.01 -14.10 9.99
CA SER A 11 5.45 -13.16 10.95
C SER A 11 6.28 -13.11 12.23
N ALA A 12 6.14 -14.14 13.07
CA ALA A 12 6.84 -14.21 14.35
C ALA A 12 6.45 -13.04 15.24
N LYS B 1 5.39 37.75 -15.05
CA LYS B 1 5.82 37.84 -16.48
C LYS B 1 4.88 37.06 -17.39
N ASP B 2 4.30 35.98 -16.87
CA ASP B 2 3.39 35.15 -17.64
C ASP B 2 1.96 35.59 -17.43
N VAL B 3 1.08 35.17 -18.33
CA VAL B 3 -0.33 35.45 -18.21
C VAL B 3 -1.08 34.16 -17.91
N PRO B 4 -1.94 34.20 -16.90
CA PRO B 4 -2.67 33.02 -16.42
C PRO B 4 -3.65 32.48 -17.45
N ASP B 5 -3.68 31.17 -17.59
CA ASP B 5 -4.57 30.51 -18.54
C ASP B 5 -5.96 30.34 -17.92
N SER B 6 -6.94 30.05 -18.75
CA SER B 6 -8.31 29.89 -18.29
C SER B 6 -8.59 28.42 -17.98
N GLN B 7 -7.54 27.68 -17.64
CA GLN B 7 -7.66 26.28 -17.30
C GLN B 7 -7.96 26.13 -15.82
N GLN B 8 -8.84 25.20 -15.47
CA GLN B 8 -9.18 24.97 -14.08
C GLN B 8 -8.13 24.08 -13.44
N HIS B 9 -8.06 24.13 -12.12
CA HIS B 9 -7.09 23.35 -11.36
C HIS B 9 -7.76 22.75 -10.15
N PRO B 10 -7.52 21.46 -9.91
CA PRO B 10 -8.10 20.71 -8.79
C PRO B 10 -7.86 21.41 -7.46
N ALA B 11 -8.96 21.73 -6.79
CA ALA B 11 -8.96 22.49 -5.54
C ALA B 11 -8.46 23.92 -5.75
N PRO B 12 -9.07 24.84 -5.01
CA PRO B 12 -8.77 26.26 -5.10
C PRO B 12 -7.46 26.64 -4.43
N GLU B 13 -7.21 26.06 -3.27
CA GLU B 13 -5.99 26.33 -2.53
C GLU B 13 -4.99 25.20 -2.77
N LYS B 14 -5.35 24.02 -2.30
CA LYS B 14 -4.57 22.83 -2.54
C LYS B 14 -5.46 21.60 -2.44
N SER B 15 -6.26 21.52 -1.40
CA SER B 15 -7.00 20.30 -1.15
C SER B 15 -8.50 20.49 -1.00
N SER B 16 -8.95 20.70 0.25
CA SER B 16 -10.34 20.48 0.66
C SER B 16 -10.60 18.98 0.62
N LYS B 17 -10.15 18.35 -0.44
CA LYS B 17 -10.13 16.92 -0.60
C LYS B 17 -8.73 16.36 -0.49
N VAL B 18 -7.85 16.91 -1.28
CA VAL B 18 -6.61 16.24 -1.68
C VAL B 18 -5.65 15.96 -0.53
N SER B 19 -4.98 16.99 -0.06
CA SER B 19 -4.09 16.86 1.08
C SER B 19 -4.84 16.42 2.33
N GLU B 20 -6.15 16.58 2.31
CA GLU B 20 -7.01 16.09 3.36
C GLU B 20 -7.09 14.57 3.26
N GLN B 21 -7.14 14.10 2.01
CA GLN B 21 -7.09 12.69 1.70
C GLN B 21 -5.85 12.09 2.28
N LEU B 22 -4.76 12.83 2.25
CA LEU B 22 -3.54 12.27 2.71
C LEU B 22 -3.45 12.20 4.21
N LYS B 23 -4.05 13.13 4.91
CA LYS B 23 -4.04 13.05 6.33
C LYS B 23 -4.77 11.79 6.78
N CYS B 24 -5.71 11.39 5.94
CA CYS B 24 -6.43 10.15 6.09
C CYS B 24 -5.56 9.02 5.58
N CYS B 25 -5.16 9.12 4.31
CA CYS B 25 -4.32 8.13 3.66
C CYS B 25 -3.20 7.71 4.58
N SER B 26 -2.58 8.70 5.19
CA SER B 26 -1.45 8.45 6.05
C SER B 26 -1.87 7.67 7.27
N GLY B 27 -2.82 8.19 8.02
CA GLY B 27 -3.31 7.50 9.21
C GLY B 27 -3.78 6.11 8.89
N ILE B 28 -4.12 5.89 7.63
CA ILE B 28 -4.47 4.62 7.09
C ILE B 28 -3.26 3.67 6.94
N LEU B 29 -2.26 4.09 6.18
CA LEU B 29 -0.97 3.37 6.10
C LEU B 29 -0.36 3.24 7.45
N LYS B 30 -0.13 4.39 8.03
CA LYS B 30 0.29 4.50 9.41
C LYS B 30 -0.50 3.54 10.33
N GLU B 31 -1.74 3.25 9.95
CA GLU B 31 -2.55 2.26 10.67
C GLU B 31 -2.13 0.84 10.33
N MET B 32 -2.07 0.47 9.06
CA MET B 32 -1.46 -0.83 8.71
C MET B 32 -0.09 -0.89 9.40
N PHE B 33 0.57 0.26 9.47
CA PHE B 33 1.86 0.41 10.12
C PHE B 33 1.74 0.21 11.63
N ALA B 34 0.52 0.39 12.14
CA ALA B 34 0.23 0.28 13.56
C ALA B 34 0.71 -1.05 14.09
N LYS B 35 1.15 -1.07 15.33
CA LYS B 35 1.59 -2.30 15.97
C LYS B 35 0.45 -3.31 15.92
N LYS B 36 -0.75 -2.75 15.86
CA LYS B 36 -1.97 -3.50 15.61
C LYS B 36 -1.84 -4.34 14.32
N HIS B 37 -1.37 -3.74 13.22
CA HIS B 37 -1.30 -4.47 11.95
C HIS B 37 0.12 -4.92 11.67
N ALA B 38 1.05 -4.52 12.52
CA ALA B 38 2.45 -4.87 12.33
C ALA B 38 2.72 -6.32 12.56
N ALA B 39 1.70 -7.07 12.88
CA ALA B 39 1.81 -8.50 12.92
C ALA B 39 1.88 -9.01 11.49
N TYR B 40 1.41 -8.19 10.56
CA TYR B 40 1.24 -8.61 9.19
C TYR B 40 1.41 -7.48 8.18
N ALA B 41 1.71 -6.30 8.67
CA ALA B 41 1.95 -5.15 7.83
C ALA B 41 3.40 -4.97 7.63
N TRP B 42 4.06 -5.36 8.65
CA TRP B 42 5.45 -5.12 8.79
C TRP B 42 6.27 -5.52 7.53
N PRO B 43 5.91 -6.62 6.76
CA PRO B 43 6.68 -7.00 5.56
C PRO B 43 6.29 -6.11 4.41
N PHE B 44 5.33 -5.23 4.69
CA PHE B 44 4.87 -4.28 3.71
C PHE B 44 5.53 -2.94 3.93
N TYR B 45 5.73 -2.49 5.20
CA TYR B 45 6.51 -1.24 5.43
C TYR B 45 7.77 -1.38 4.62
N LYS B 46 8.29 -2.55 4.72
CA LYS B 46 9.55 -2.89 4.16
C LYS B 46 9.40 -3.56 2.82
N PRO B 47 10.45 -3.48 2.04
CA PRO B 47 10.53 -4.16 0.76
C PRO B 47 10.47 -5.66 0.93
N VAL B 48 9.83 -6.32 -0.02
CA VAL B 48 9.84 -7.77 -0.08
C VAL B 48 11.28 -8.22 -0.06
N ASP B 49 11.64 -8.88 1.02
CA ASP B 49 13.03 -9.21 1.27
C ASP B 49 13.42 -10.45 0.53
N VAL B 50 14.04 -10.23 -0.60
CA VAL B 50 14.40 -11.27 -1.53
C VAL B 50 15.52 -12.14 -0.99
N GLU B 51 16.11 -11.68 0.09
CA GLU B 51 17.14 -12.43 0.78
C GLU B 51 16.50 -13.23 1.89
N ALA B 52 15.86 -12.49 2.78
CA ALA B 52 15.20 -13.02 3.95
C ALA B 52 14.20 -14.08 3.58
N LEU B 53 13.35 -13.73 2.63
CA LEU B 53 12.26 -14.58 2.21
C LEU B 53 12.79 -15.76 1.39
N GLY B 54 14.03 -15.61 0.94
CA GLY B 54 14.65 -16.60 0.07
C GLY B 54 14.03 -16.59 -1.30
N LEU B 55 13.66 -15.41 -1.73
CA LEU B 55 13.06 -15.22 -3.04
C LEU B 55 14.11 -15.42 -4.12
N HIS B 56 13.85 -16.31 -5.07
CA HIS B 56 14.81 -16.52 -6.15
C HIS B 56 14.18 -16.28 -7.51
N ASP B 57 12.90 -15.92 -7.52
CA ASP B 57 12.21 -15.56 -8.75
C ASP B 57 11.65 -14.15 -8.66
N TYR B 58 11.87 -13.53 -7.50
CA TYR B 58 11.35 -12.19 -7.17
C TYR B 58 11.36 -11.23 -8.34
N CYS B 59 12.53 -10.95 -8.90
CA CYS B 59 12.65 -9.91 -9.90
C CYS B 59 11.95 -10.29 -11.20
N ASP B 60 11.63 -11.57 -11.32
CA ASP B 60 10.85 -12.06 -12.44
C ASP B 60 9.41 -11.75 -12.22
N ILE B 61 8.99 -12.07 -11.03
CA ILE B 61 7.68 -11.74 -10.57
C ILE B 61 7.49 -10.25 -10.53
N ILE B 62 8.22 -9.67 -9.63
CA ILE B 62 7.97 -8.36 -9.14
C ILE B 62 8.60 -7.32 -10.03
N LYS B 63 7.75 -6.49 -10.58
CA LYS B 63 8.18 -5.38 -11.40
C LYS B 63 8.09 -4.11 -10.59
N HIS B 64 7.10 -4.07 -9.71
CA HIS B 64 6.87 -2.93 -8.85
C HIS B 64 6.34 -3.40 -7.52
N PRO B 65 7.28 -3.70 -6.67
CA PRO B 65 7.04 -4.03 -5.30
C PRO B 65 6.87 -2.77 -4.49
N MET B 66 5.73 -2.61 -3.89
CA MET B 66 5.49 -1.45 -3.08
C MET B 66 5.72 -1.78 -1.63
N ASP B 67 6.04 -0.78 -0.86
CA ASP B 67 6.26 -0.96 0.55
C ASP B 67 5.63 0.19 1.31
N MET B 68 4.85 -0.20 2.35
CA MET B 68 4.11 0.71 3.21
C MET B 68 4.97 1.90 3.63
N SER B 69 6.29 1.74 3.66
CA SER B 69 7.15 2.79 4.13
C SER B 69 7.42 3.84 3.03
N THR B 70 7.53 3.44 1.75
CA THR B 70 7.67 4.44 0.68
C THR B 70 6.39 5.20 0.52
N ILE B 71 5.31 4.48 0.23
CA ILE B 71 4.02 5.07 0.07
C ILE B 71 3.73 6.04 1.19
N LYS B 72 4.13 5.66 2.37
CA LYS B 72 4.05 6.51 3.51
C LYS B 72 5.02 7.66 3.41
N SER B 73 6.26 7.33 3.13
CA SER B 73 7.32 8.31 2.94
C SER B 73 6.88 9.37 1.95
N LYS B 74 6.15 8.95 0.95
CA LYS B 74 5.66 9.85 -0.07
C LYS B 74 4.50 10.68 0.48
N LEU B 75 3.66 10.05 1.32
CA LEU B 75 2.75 10.80 2.18
C LEU B 75 3.51 11.86 2.93
N GLU B 76 4.55 11.39 3.63
CA GLU B 76 5.41 12.22 4.44
C GLU B 76 6.13 13.23 3.56
N ALA B 77 6.18 12.90 2.28
CA ALA B 77 6.82 13.72 1.27
C ALA B 77 5.82 14.63 0.59
N ARG B 78 4.54 14.36 0.85
CA ARG B 78 3.45 15.06 0.20
C ARG B 78 3.56 14.88 -1.30
N GLU B 79 4.32 13.88 -1.65
CA GLU B 79 4.49 13.40 -2.99
C GLU B 79 3.17 12.88 -3.50
N TYR B 80 2.43 12.29 -2.59
CA TYR B 80 1.08 11.90 -2.84
C TYR B 80 0.22 13.10 -2.70
N ARG B 81 -0.40 13.46 -3.81
CA ARG B 81 -1.26 14.61 -3.85
C ARG B 81 -2.44 14.36 -2.96
N ASP B 82 -2.90 13.12 -3.02
CA ASP B 82 -4.07 12.68 -2.29
C ASP B 82 -3.94 11.23 -1.96
N ALA B 83 -4.94 10.73 -1.31
CA ALA B 83 -4.94 9.41 -0.79
C ALA B 83 -5.00 8.38 -1.89
N GLN B 84 -5.43 8.78 -3.07
CA GLN B 84 -5.51 7.83 -4.16
C GLN B 84 -4.15 7.64 -4.81
N GLU B 85 -3.26 8.62 -4.68
CA GLU B 85 -1.82 8.40 -4.85
C GLU B 85 -1.42 7.32 -3.86
N PHE B 86 -1.85 7.57 -2.64
CA PHE B 86 -1.55 6.74 -1.52
C PHE B 86 -1.90 5.28 -1.75
N GLY B 87 -3.19 5.03 -1.92
CA GLY B 87 -3.66 3.67 -2.03
C GLY B 87 -3.31 3.04 -3.34
N ALA B 88 -2.84 3.86 -4.26
CA ALA B 88 -2.34 3.37 -5.51
C ALA B 88 -1.13 2.49 -5.24
N ASP B 89 -0.32 2.94 -4.28
CA ASP B 89 0.83 2.19 -3.84
C ASP B 89 0.44 1.08 -2.85
N VAL B 90 -0.52 1.31 -1.96
CA VAL B 90 -1.02 0.22 -1.14
C VAL B 90 -1.45 -0.94 -2.01
N ARG B 91 -2.27 -0.66 -3.01
CA ARG B 91 -2.68 -1.67 -3.96
C ARG B 91 -1.48 -2.23 -4.71
N LEU B 92 -0.47 -1.40 -4.91
CA LEU B 92 0.77 -1.82 -5.56
C LEU B 92 1.45 -2.93 -4.74
N MET B 93 1.61 -2.71 -3.42
CA MET B 93 2.27 -3.70 -2.55
C MET B 93 1.41 -4.91 -2.36
N PHE B 94 0.12 -4.68 -2.25
CA PHE B 94 -0.81 -5.79 -2.17
C PHE B 94 -0.80 -6.58 -3.49
N SER B 95 -0.71 -5.85 -4.60
CA SER B 95 -0.71 -6.44 -5.93
C SER B 95 0.52 -7.32 -6.14
N ASN B 96 1.71 -6.71 -6.06
CA ASN B 96 2.96 -7.45 -6.24
C ASN B 96 3.05 -8.60 -5.25
N CYS B 97 2.34 -8.48 -4.14
CA CYS B 97 2.33 -9.55 -3.17
C CYS B 97 1.60 -10.77 -3.74
N TYR B 98 0.29 -10.70 -3.97
CA TYR B 98 -0.44 -11.87 -4.48
C TYR B 98 0.04 -12.21 -5.90
N LYS B 99 0.72 -11.25 -6.51
CA LYS B 99 1.32 -11.43 -7.82
C LYS B 99 2.42 -12.50 -7.75
N TYR B 100 3.24 -12.39 -6.72
CA TYR B 100 4.31 -13.33 -6.46
C TYR B 100 3.75 -14.55 -5.74
N ASN B 101 2.85 -14.29 -4.82
CA ASN B 101 2.45 -15.28 -3.86
C ASN B 101 1.10 -15.91 -4.15
N PRO B 102 1.00 -17.22 -3.89
CA PRO B 102 -0.26 -17.94 -3.82
C PRO B 102 -1.06 -17.50 -2.60
N PRO B 103 -2.40 -17.52 -2.66
CA PRO B 103 -3.24 -17.00 -1.58
C PRO B 103 -3.25 -17.88 -0.32
N ASP B 104 -2.50 -18.97 -0.35
CA ASP B 104 -2.31 -19.80 0.82
C ASP B 104 -1.01 -19.41 1.50
N HIS B 105 -0.38 -18.36 0.99
CA HIS B 105 0.91 -17.92 1.48
C HIS B 105 0.78 -17.10 2.75
N GLU B 106 1.87 -17.03 3.49
CA GLU B 106 2.04 -16.10 4.56
C GLU B 106 1.97 -14.64 4.08
N VAL B 107 2.78 -14.26 3.09
CA VAL B 107 2.84 -12.86 2.64
C VAL B 107 1.48 -12.39 2.25
N VAL B 108 0.79 -13.22 1.49
CA VAL B 108 -0.55 -12.90 1.09
C VAL B 108 -1.47 -12.83 2.29
N ALA B 109 -1.29 -13.78 3.20
CA ALA B 109 -2.00 -13.78 4.47
C ALA B 109 -1.94 -12.40 5.11
N MET B 110 -0.72 -11.93 5.25
CA MET B 110 -0.44 -10.63 5.82
C MET B 110 -1.01 -9.55 4.92
N ALA B 111 -0.80 -9.77 3.63
CA ALA B 111 -1.33 -8.94 2.57
C ALA B 111 -2.84 -8.70 2.69
N ARG B 112 -3.60 -9.78 2.89
CA ARG B 112 -5.06 -9.71 2.88
C ARG B 112 -5.57 -8.95 4.09
N LYS B 113 -4.82 -9.02 5.18
CA LYS B 113 -5.16 -8.31 6.39
C LYS B 113 -5.07 -6.83 6.18
N LEU B 114 -3.93 -6.39 5.68
CA LEU B 114 -3.76 -5.01 5.28
C LEU B 114 -4.80 -4.66 4.25
N GLN B 115 -5.01 -5.57 3.32
CA GLN B 115 -6.00 -5.41 2.27
C GLN B 115 -7.37 -5.13 2.85
N ASP B 116 -7.69 -5.81 3.95
CA ASP B 116 -8.95 -5.60 4.65
C ASP B 116 -8.96 -4.23 5.31
N VAL B 117 -7.98 -3.98 6.18
CA VAL B 117 -7.92 -2.73 6.92
C VAL B 117 -7.74 -1.53 5.99
N PHE B 118 -6.71 -1.54 5.14
CA PHE B 118 -6.51 -0.45 4.19
C PHE B 118 -7.79 -0.16 3.39
N GLU B 119 -8.42 -1.19 2.86
CA GLU B 119 -9.60 -0.98 2.01
C GLU B 119 -10.75 -0.41 2.82
N MET B 120 -10.94 -0.92 4.04
CA MET B 120 -11.94 -0.37 4.94
C MET B 120 -11.59 1.09 5.22
N ARG B 121 -10.31 1.33 5.49
CA ARG B 121 -9.82 2.67 5.73
C ARG B 121 -10.04 3.54 4.50
N PHE B 122 -9.76 2.98 3.35
CA PHE B 122 -9.80 3.73 2.12
C PHE B 122 -11.23 4.01 1.70
N ALA B 123 -12.15 3.15 2.13
CA ALA B 123 -13.56 3.36 1.90
C ALA B 123 -14.05 4.61 2.63
N LYS B 124 -13.28 5.04 3.63
CA LYS B 124 -13.60 6.26 4.36
C LYS B 124 -13.03 7.49 3.63
N MET B 125 -12.35 7.26 2.51
CA MET B 125 -11.70 8.34 1.77
C MET B 125 -12.69 9.03 0.85
N PRO B 126 -12.84 10.33 1.05
CA PRO B 126 -13.74 11.18 0.27
C PRO B 126 -13.22 11.46 -1.13
N ASP B 127 -13.83 12.42 -1.78
CA ASP B 127 -13.35 12.91 -3.08
C ASP B 127 -13.80 14.33 -3.30
N GLU B 128 -14.50 14.87 -2.33
CA GLU B 128 -15.02 16.21 -2.42
C GLU B 128 -14.10 17.23 -1.77
N SER A 1 4.09 -22.87 -13.10
CA SER A 1 4.80 -21.85 -12.30
C SER A 1 4.23 -20.47 -12.58
N PRO A 2 3.27 -20.02 -11.74
CA PRO A 2 2.64 -18.71 -11.90
C PRO A 2 3.58 -17.59 -11.50
N ALA A 3 4.21 -17.77 -10.35
CA ALA A 3 5.15 -16.79 -9.82
C ALA A 3 6.28 -17.51 -9.11
N GLN A 4 6.01 -18.01 -7.91
CA GLN A 4 6.99 -18.76 -7.13
C GLN A 4 6.40 -19.19 -5.81
N GLY A 5 5.69 -18.29 -5.16
CA GLY A 5 5.41 -18.47 -3.77
C GLY A 5 6.59 -18.02 -2.95
OH ALY A 6 4.99 -9.85 -2.13
CH ALY A 6 5.43 -9.49 -1.05
CH3 ALY A 6 4.75 -8.31 -0.32
NZ ALY A 6 6.47 -10.07 -0.48
CE ALY A 6 7.19 -11.20 -1.08
CD ALY A 6 6.57 -12.53 -0.74
CG ALY A 6 7.10 -13.64 -1.64
CB ALY A 6 7.12 -14.96 -0.88
CA ALY A 6 7.62 -16.17 -1.70
N ALY A 6 6.49 -16.82 -2.37
C ALY A 6 8.40 -17.14 -0.79
O ALY A 6 9.62 -17.09 -0.71
HH31 ALY A 6 4.25 -7.68 -1.05
HH32 ALY A 6 4.01 -8.70 0.38
HH33 ALY A 6 5.49 -7.73 0.21
HZ ALY A 6 6.79 -9.74 0.39
HE3 ALY A 6 7.20 -11.09 -2.14
HE2 ALY A 6 8.20 -11.19 -0.71
HD3 ALY A 6 6.77 -12.77 0.29
HD2 ALY A 6 5.51 -12.45 -0.89
HG3 ALY A 6 6.43 -13.74 -2.50
HG2 ALY A 6 8.09 -13.39 -1.99
HB3 ALY A 6 7.73 -14.82 0.00
HB2 ALY A 6 6.11 -15.17 -0.55
HA ALY A 6 8.30 -15.77 -2.48
H ALY A 6 5.64 -16.34 -2.41
N ARG A 7 7.69 -18.07 -0.14
CA ARG A 7 8.24 -18.80 1.01
C ARG A 7 8.76 -17.80 2.04
N GLY A 8 8.22 -16.58 1.95
CA GLY A 8 8.69 -15.48 2.75
C GLY A 8 7.83 -15.24 3.97
OH ALY A 9 8.54 -8.60 2.32
CH ALY A 9 8.85 -9.30 3.27
CH3 ALY A 9 10.09 -8.97 4.08
NZ ALY A 9 8.14 -10.36 3.62
CE ALY A 9 6.93 -10.77 2.93
CD ALY A 9 5.96 -11.39 3.90
CG ALY A 9 6.34 -12.79 4.23
CB ALY A 9 6.51 -13.02 5.71
CA ALY A 9 7.67 -13.94 6.10
N ALY A 9 8.39 -14.51 4.94
C ALY A 9 7.17 -14.99 7.08
O ALY A 9 7.21 -16.19 6.82
HH31 ALY A 9 10.05 -7.94 4.40
HH32 ALY A 9 10.13 -9.61 4.95
HH33 ALY A 9 10.97 -9.13 3.49
HZ ALY A 9 8.42 -10.88 4.39
HE3 ALY A 9 6.46 -9.90 2.49
HE2 ALY A 9 7.16 -11.50 2.16
HD3 ALY A 9 5.95 -10.81 4.80
HD2 ALY A 9 4.97 -11.38 3.48
HG3 ALY A 9 5.58 -13.44 3.88
HG2 ALY A 9 7.25 -13.02 3.72
HB3 ALY A 9 6.65 -12.06 6.18
HB2 ALY A 9 5.59 -13.46 6.08
HA ALY A 9 8.38 -13.33 6.63
H ALY A 9 9.36 -14.36 4.89
N LYS A 10 6.71 -14.48 8.20
CA LYS A 10 6.14 -15.27 9.28
C LYS A 10 5.42 -14.34 10.25
N SER A 11 4.10 -14.41 10.26
CA SER A 11 3.29 -13.55 11.12
C SER A 11 3.71 -13.70 12.58
N ALA A 12 3.90 -12.56 13.24
CA ALA A 12 4.33 -12.55 14.64
C ALA A 12 3.15 -12.80 15.56
N LYS B 1 -26.57 27.97 -8.69
CA LYS B 1 -25.54 28.98 -8.36
C LYS B 1 -24.17 28.33 -8.23
N ASP B 2 -23.68 27.79 -9.32
CA ASP B 2 -22.38 27.13 -9.33
C ASP B 2 -21.73 27.28 -10.69
N VAL B 3 -20.45 27.60 -10.70
CA VAL B 3 -19.72 27.83 -11.93
C VAL B 3 -19.27 26.51 -12.56
N PRO B 4 -19.53 26.35 -13.85
CA PRO B 4 -19.17 25.15 -14.59
C PRO B 4 -17.66 25.07 -14.87
N ASP B 5 -17.03 23.99 -14.44
CA ASP B 5 -15.60 23.84 -14.60
C ASP B 5 -15.28 22.99 -15.81
N SER B 6 -14.10 23.20 -16.38
CA SER B 6 -13.61 22.41 -17.49
C SER B 6 -12.15 22.04 -17.27
N GLN B 7 -11.48 22.80 -16.41
CA GLN B 7 -10.07 22.58 -16.10
C GLN B 7 -9.77 23.04 -14.69
N GLN B 8 -10.73 22.87 -13.79
CA GLN B 8 -10.60 23.37 -12.43
C GLN B 8 -10.30 22.24 -11.46
N HIS B 9 -9.33 22.46 -10.59
CA HIS B 9 -9.07 21.54 -9.49
C HIS B 9 -9.87 21.97 -8.27
N PRO B 10 -10.61 21.03 -7.67
CA PRO B 10 -11.39 21.26 -6.43
C PRO B 10 -10.50 21.57 -5.24
N ALA B 11 -9.86 22.71 -5.32
CA ALA B 11 -8.95 23.16 -4.28
C ALA B 11 -8.64 24.63 -4.44
N PRO B 12 -8.47 25.30 -3.30
CA PRO B 12 -8.05 26.68 -3.25
C PRO B 12 -6.56 26.85 -3.48
N GLU B 13 -5.76 26.43 -2.53
CA GLU B 13 -4.31 26.56 -2.63
C GLU B 13 -3.68 25.29 -3.18
N LYS B 14 -4.18 24.14 -2.72
CA LYS B 14 -3.70 22.86 -3.22
C LYS B 14 -4.70 21.75 -2.90
N SER B 15 -5.26 21.75 -1.70
CA SER B 15 -6.09 20.64 -1.27
C SER B 15 -7.54 20.99 -0.95
N SER B 16 -7.81 21.34 0.31
CA SER B 16 -9.17 21.35 0.91
C SER B 16 -9.71 19.92 1.00
N LYS B 17 -9.41 19.14 -0.03
CA LYS B 17 -9.69 17.71 -0.08
C LYS B 17 -8.40 16.90 -0.06
N VAL B 18 -7.52 17.29 -0.94
CA VAL B 18 -6.45 16.45 -1.43
C VAL B 18 -5.44 16.06 -0.36
N SER B 19 -4.74 17.03 0.15
CA SER B 19 -3.81 16.80 1.22
C SER B 19 -4.52 16.28 2.47
N GLU B 20 -5.80 16.57 2.58
CA GLU B 20 -6.62 16.05 3.67
C GLU B 20 -6.78 14.55 3.50
N GLN B 21 -6.89 14.13 2.24
CA GLN B 21 -6.92 12.74 1.86
C GLN B 21 -5.70 12.05 2.39
N LEU B 22 -4.57 12.71 2.27
CA LEU B 22 -3.35 12.12 2.73
C LEU B 22 -3.24 12.08 4.23
N LYS B 23 -3.78 13.08 4.91
CA LYS B 23 -3.78 13.06 6.36
C LYS B 23 -4.58 11.87 6.85
N CYS B 24 -5.63 11.59 6.12
CA CYS B 24 -6.47 10.44 6.35
C CYS B 24 -5.72 9.19 6.00
N CYS B 25 -5.23 9.19 4.77
CA CYS B 25 -4.57 8.04 4.20
C CYS B 25 -3.27 7.70 4.88
N SER B 26 -2.58 8.69 5.40
CA SER B 26 -1.38 8.40 6.14
C SER B 26 -1.75 7.65 7.40
N GLY B 27 -2.75 8.15 8.12
CA GLY B 27 -3.25 7.46 9.29
C GLY B 27 -3.72 6.06 8.94
N ILE B 28 -4.04 5.86 7.67
CA ILE B 28 -4.40 4.58 7.13
C ILE B 28 -3.18 3.64 7.03
N LEU B 29 -2.18 4.03 6.27
CA LEU B 29 -0.90 3.30 6.20
C LEU B 29 -0.29 3.16 7.54
N LYS B 30 0.03 4.30 8.12
CA LYS B 30 0.48 4.36 9.51
C LYS B 30 -0.33 3.45 10.43
N GLU B 31 -1.61 3.27 10.11
CA GLU B 31 -2.43 2.29 10.81
C GLU B 31 -1.99 0.87 10.50
N MET B 32 -1.85 0.50 9.24
CA MET B 32 -1.36 -0.85 8.94
C MET B 32 0.06 -0.98 9.49
N PHE B 33 0.72 0.17 9.58
CA PHE B 33 2.02 0.29 10.23
C PHE B 33 1.90 0.10 11.74
N ALA B 34 0.67 0.19 12.24
CA ALA B 34 0.40 0.01 13.67
C ALA B 34 0.87 -1.35 14.12
N LYS B 35 1.31 -1.45 15.37
CA LYS B 35 1.67 -2.74 15.95
C LYS B 35 0.50 -3.71 15.76
N LYS B 36 -0.69 -3.13 15.82
CA LYS B 36 -1.93 -3.78 15.47
C LYS B 36 -1.84 -4.56 14.14
N HIS B 37 -1.28 -3.94 13.10
CA HIS B 37 -1.17 -4.61 11.79
C HIS B 37 0.26 -4.98 11.50
N ALA B 38 1.15 -4.76 12.44
CA ALA B 38 2.56 -5.06 12.26
C ALA B 38 2.85 -6.52 12.39
N ALA B 39 1.82 -7.29 12.60
CA ALA B 39 1.95 -8.73 12.56
C ALA B 39 1.91 -9.20 11.12
N TYR B 40 1.44 -8.30 10.24
CA TYR B 40 1.11 -8.65 8.88
C TYR B 40 1.21 -7.50 7.89
N ALA B 41 1.64 -6.34 8.34
CA ALA B 41 1.92 -5.24 7.44
C ALA B 41 3.38 -4.88 7.49
N TRP B 42 4.02 -5.35 8.53
CA TRP B 42 5.44 -5.11 8.74
C TRP B 42 6.30 -5.45 7.49
N PRO B 43 5.98 -6.51 6.68
CA PRO B 43 6.79 -6.87 5.49
C PRO B 43 6.41 -6.00 4.33
N PHE B 44 5.40 -5.20 4.58
CA PHE B 44 4.93 -4.26 3.62
C PHE B 44 5.55 -2.91 3.89
N TYR B 45 5.74 -2.53 5.18
CA TYR B 45 6.46 -1.26 5.49
C TYR B 45 7.68 -1.20 4.62
N LYS B 46 8.35 -2.29 4.60
CA LYS B 46 9.58 -2.42 3.93
C LYS B 46 9.46 -3.33 2.71
N PRO B 47 10.53 -3.38 1.95
CA PRO B 47 10.60 -4.14 0.70
C PRO B 47 10.57 -5.63 0.92
N VAL B 48 9.93 -6.35 -0.01
CA VAL B 48 9.98 -7.80 -0.03
C VAL B 48 11.42 -8.25 0.02
N ASP B 49 11.74 -8.97 1.07
CA ASP B 49 13.10 -9.35 1.33
C ASP B 49 13.43 -10.64 0.63
N VAL B 50 13.98 -10.48 -0.54
CA VAL B 50 14.26 -11.56 -1.46
C VAL B 50 15.31 -12.51 -0.90
N GLU B 51 15.99 -12.06 0.13
CA GLU B 51 17.00 -12.87 0.79
C GLU B 51 16.37 -13.61 1.96
N ALA B 52 15.73 -12.83 2.79
CA ALA B 52 15.04 -13.31 3.98
C ALA B 52 13.98 -14.32 3.63
N LEU B 53 13.18 -13.96 2.64
CA LEU B 53 12.05 -14.75 2.24
C LEU B 53 12.50 -15.96 1.44
N GLY B 54 13.74 -15.88 0.93
CA GLY B 54 14.28 -16.92 0.08
C GLY B 54 13.67 -16.89 -1.28
N LEU B 55 13.38 -15.69 -1.74
CA LEU B 55 12.80 -15.46 -3.04
C LEU B 55 13.85 -15.72 -4.11
N HIS B 56 13.51 -16.47 -5.15
CA HIS B 56 14.46 -16.70 -6.22
C HIS B 56 13.85 -16.41 -7.59
N ASP B 57 12.59 -16.04 -7.60
CA ASP B 57 11.93 -15.62 -8.83
C ASP B 57 11.33 -14.23 -8.65
N TYR B 58 11.62 -13.64 -7.49
CA TYR B 58 11.17 -12.29 -7.13
C TYR B 58 11.22 -11.31 -8.28
N CYS B 59 12.40 -11.09 -8.84
CA CYS B 59 12.58 -10.04 -9.84
C CYS B 59 11.90 -10.42 -11.15
N ASP B 60 11.48 -11.67 -11.24
CA ASP B 60 10.69 -12.15 -12.36
C ASP B 60 9.24 -11.82 -12.14
N ILE B 61 8.82 -12.05 -10.92
CA ILE B 61 7.51 -11.72 -10.49
C ILE B 61 7.32 -10.23 -10.41
N ILE B 62 8.11 -9.69 -9.54
CA ILE B 62 7.94 -8.38 -9.01
C ILE B 62 8.60 -7.33 -9.87
N LYS B 63 7.78 -6.58 -10.58
CA LYS B 63 8.24 -5.47 -11.36
C LYS B 63 8.20 -4.20 -10.52
N HIS B 64 7.20 -4.13 -9.65
CA HIS B 64 7.00 -3.00 -8.79
C HIS B 64 6.46 -3.46 -7.48
N PRO B 65 7.38 -3.75 -6.60
CA PRO B 65 7.12 -4.05 -5.22
C PRO B 65 6.97 -2.75 -4.44
N MET B 66 5.81 -2.55 -3.88
CA MET B 66 5.58 -1.36 -3.09
C MET B 66 5.80 -1.68 -1.64
N ASP B 67 6.15 -0.67 -0.88
CA ASP B 67 6.34 -0.84 0.53
C ASP B 67 5.68 0.29 1.29
N MET B 68 4.89 -0.12 2.29
CA MET B 68 4.14 0.76 3.17
C MET B 68 4.96 1.95 3.65
N SER B 69 6.29 1.81 3.68
CA SER B 69 7.13 2.89 4.17
C SER B 69 7.39 3.94 3.07
N THR B 70 7.52 3.55 1.80
CA THR B 70 7.65 4.55 0.74
C THR B 70 6.36 5.29 0.59
N ILE B 71 5.29 4.56 0.27
CA ILE B 71 4.00 5.14 0.12
C ILE B 71 3.69 6.10 1.25
N LYS B 72 4.08 5.71 2.44
CA LYS B 72 3.98 6.56 3.58
C LYS B 72 4.92 7.74 3.48
N SER B 73 6.17 7.43 3.21
CA SER B 73 7.21 8.43 3.02
C SER B 73 6.78 9.47 2.02
N LYS B 74 6.06 9.02 1.00
CA LYS B 74 5.57 9.90 -0.04
C LYS B 74 4.39 10.71 0.47
N LEU B 75 3.54 10.07 1.29
CA LEU B 75 2.59 10.79 2.13
C LEU B 75 3.32 11.89 2.88
N GLU B 76 4.38 11.46 3.55
CA GLU B 76 5.20 12.34 4.37
C GLU B 76 5.97 13.31 3.48
N ALA B 77 5.95 13.02 2.20
CA ALA B 77 6.62 13.81 1.19
C ALA B 77 5.63 14.68 0.46
N ARG B 78 4.34 14.42 0.71
CA ARG B 78 3.25 15.06 -0.01
C ARG B 78 3.44 14.86 -1.51
N GLU B 79 4.19 13.82 -1.80
CA GLU B 79 4.42 13.32 -3.13
C GLU B 79 3.12 12.73 -3.64
N TYR B 80 2.39 12.18 -2.71
CA TYR B 80 1.03 11.78 -2.93
C TYR B 80 0.20 13.01 -2.81
N ARG B 81 -0.38 13.40 -3.93
CA ARG B 81 -1.19 14.59 -3.97
C ARG B 81 -2.35 14.39 -3.05
N ASP B 82 -2.88 13.18 -3.12
CA ASP B 82 -3.99 12.77 -2.32
C ASP B 82 -3.87 11.31 -2.06
N ALA B 83 -4.83 10.84 -1.34
CA ALA B 83 -4.85 9.52 -0.83
C ALA B 83 -4.92 8.46 -1.91
N GLN B 84 -5.10 8.88 -3.14
CA GLN B 84 -5.31 7.92 -4.20
C GLN B 84 -4.00 7.63 -4.89
N GLU B 85 -3.01 8.52 -4.76
CA GLU B 85 -1.63 8.13 -4.99
C GLU B 85 -1.28 7.15 -3.91
N PHE B 86 -1.80 7.44 -2.71
CA PHE B 86 -1.55 6.62 -1.55
C PHE B 86 -1.94 5.18 -1.79
N GLY B 87 -3.22 4.96 -1.97
CA GLY B 87 -3.72 3.62 -2.14
C GLY B 87 -3.30 3.00 -3.44
N ALA B 88 -2.82 3.84 -4.34
CA ALA B 88 -2.28 3.37 -5.58
C ALA B 88 -1.07 2.49 -5.30
N ASP B 89 -0.29 2.90 -4.32
CA ASP B 89 0.87 2.17 -3.90
C ASP B 89 0.52 1.09 -2.89
N VAL B 90 -0.45 1.33 -2.02
CA VAL B 90 -0.98 0.24 -1.22
C VAL B 90 -1.38 -0.92 -2.12
N ARG B 91 -2.18 -0.62 -3.12
CA ARG B 91 -2.57 -1.61 -4.12
C ARG B 91 -1.34 -2.16 -4.82
N LEU B 92 -0.30 -1.35 -4.93
CA LEU B 92 0.95 -1.77 -5.59
C LEU B 92 1.67 -2.82 -4.73
N MET B 93 1.72 -2.61 -3.41
CA MET B 93 2.36 -3.58 -2.51
C MET B 93 1.49 -4.80 -2.32
N PHE B 94 0.20 -4.58 -2.36
CA PHE B 94 -0.74 -5.67 -2.31
C PHE B 94 -0.70 -6.48 -3.61
N SER B 95 -0.67 -5.77 -4.74
CA SER B 95 -0.69 -6.41 -6.06
C SER B 95 0.55 -7.27 -6.27
N ASN B 96 1.75 -6.69 -6.08
CA ASN B 96 2.99 -7.44 -6.24
C ASN B 96 3.01 -8.62 -5.28
N CYS B 97 2.30 -8.49 -4.17
CA CYS B 97 2.24 -9.56 -3.20
C CYS B 97 1.50 -10.76 -3.78
N TYR B 98 0.20 -10.65 -4.05
CA TYR B 98 -0.55 -11.81 -4.54
C TYR B 98 -0.11 -12.18 -5.96
N LYS B 99 0.61 -11.27 -6.60
CA LYS B 99 1.26 -11.55 -7.86
C LYS B 99 2.27 -12.67 -7.65
N TYR B 100 3.15 -12.43 -6.70
CA TYR B 100 4.18 -13.38 -6.35
C TYR B 100 3.59 -14.59 -5.64
N ASN B 101 2.69 -14.30 -4.73
CA ASN B 101 2.27 -15.29 -3.76
C ASN B 101 0.92 -15.90 -4.05
N PRO B 102 0.82 -17.21 -3.79
CA PRO B 102 -0.45 -17.93 -3.70
C PRO B 102 -1.22 -17.46 -2.46
N PRO B 103 -2.56 -17.50 -2.49
CA PRO B 103 -3.38 -17.02 -1.36
C PRO B 103 -3.31 -17.94 -0.14
N ASP B 104 -2.54 -19.01 -0.26
CA ASP B 104 -2.29 -19.91 0.86
C ASP B 104 -1.08 -19.40 1.64
N HIS B 105 -0.40 -18.41 1.06
CA HIS B 105 0.88 -17.95 1.57
C HIS B 105 0.74 -17.12 2.84
N GLU B 106 1.84 -17.03 3.59
CA GLU B 106 1.99 -16.08 4.64
C GLU B 106 1.87 -14.63 4.12
N VAL B 107 2.71 -14.23 3.13
CA VAL B 107 2.73 -12.84 2.67
C VAL B 107 1.36 -12.39 2.25
N VAL B 108 0.66 -13.28 1.59
CA VAL B 108 -0.70 -12.97 1.22
C VAL B 108 -1.61 -12.93 2.45
N ALA B 109 -1.45 -13.92 3.32
CA ALA B 109 -2.13 -13.95 4.61
C ALA B 109 -2.11 -12.57 5.25
N MET B 110 -0.91 -12.06 5.38
CA MET B 110 -0.70 -10.75 5.96
C MET B 110 -1.17 -9.66 5.00
N ALA B 111 -0.93 -9.88 3.71
CA ALA B 111 -1.43 -8.99 2.65
C ALA B 111 -2.93 -8.73 2.77
N ARG B 112 -3.73 -9.80 2.81
CA ARG B 112 -5.18 -9.69 2.81
C ARG B 112 -5.69 -8.98 4.05
N LYS B 113 -4.96 -9.09 5.14
CA LYS B 113 -5.32 -8.36 6.35
C LYS B 113 -5.23 -6.87 6.13
N LEU B 114 -4.18 -6.47 5.44
CA LEU B 114 -4.03 -5.09 5.02
C LEU B 114 -5.08 -4.76 4.00
N GLN B 115 -5.29 -5.69 3.10
CA GLN B 115 -6.34 -5.56 2.08
C GLN B 115 -7.66 -5.23 2.76
N ASP B 116 -7.93 -5.91 3.87
CA ASP B 116 -9.10 -5.61 4.70
C ASP B 116 -9.01 -4.20 5.27
N VAL B 117 -8.00 -3.97 6.12
CA VAL B 117 -7.89 -2.70 6.84
C VAL B 117 -7.67 -1.52 5.89
N PHE B 118 -6.68 -1.58 4.99
CA PHE B 118 -6.48 -0.51 4.02
C PHE B 118 -7.77 -0.16 3.30
N GLU B 119 -8.44 -1.15 2.72
CA GLU B 119 -9.63 -0.87 1.93
C GLU B 119 -10.76 -0.35 2.81
N MET B 120 -10.86 -0.91 4.02
CA MET B 120 -11.81 -0.41 5.01
C MET B 120 -11.48 1.04 5.32
N ARG B 121 -10.19 1.30 5.54
CA ARG B 121 -9.72 2.64 5.81
C ARG B 121 -9.95 3.54 4.60
N PHE B 122 -9.69 2.99 3.43
CA PHE B 122 -9.77 3.77 2.21
C PHE B 122 -11.22 4.09 1.88
N ALA B 123 -12.12 3.28 2.37
CA ALA B 123 -13.54 3.55 2.26
C ALA B 123 -13.89 4.80 3.07
N LYS B 124 -13.03 5.13 4.02
CA LYS B 124 -13.17 6.36 4.80
C LYS B 124 -12.49 7.53 4.11
N MET B 125 -12.04 7.31 2.87
CA MET B 125 -11.39 8.36 2.11
C MET B 125 -12.40 9.06 1.21
N PRO B 126 -12.54 10.35 1.40
CA PRO B 126 -13.46 11.18 0.64
C PRO B 126 -12.91 11.53 -0.73
N ASP B 127 -13.65 12.40 -1.40
CA ASP B 127 -13.19 13.03 -2.63
C ASP B 127 -13.82 14.39 -2.76
N GLU B 128 -14.66 14.70 -1.79
CA GLU B 128 -15.37 15.96 -1.76
C GLU B 128 -14.69 16.96 -0.85
N SER A 1 -0.98 -17.94 -9.80
CA SER A 1 0.12 -17.00 -10.09
C SER A 1 1.30 -17.74 -10.71
N PRO A 2 1.85 -17.21 -11.81
CA PRO A 2 3.01 -17.78 -12.48
C PRO A 2 4.30 -17.17 -11.94
N ALA A 3 4.47 -17.27 -10.64
CA ALA A 3 5.52 -16.54 -9.96
C ALA A 3 6.50 -17.47 -9.27
N GLN A 4 6.16 -17.88 -8.06
CA GLN A 4 7.05 -18.68 -7.21
C GLN A 4 6.38 -18.98 -5.89
N GLY A 5 5.67 -17.99 -5.37
CA GLY A 5 5.34 -18.00 -3.98
C GLY A 5 6.58 -17.66 -3.18
OH ALY A 6 4.94 -9.64 -2.12
CH ALY A 6 5.38 -9.31 -1.02
CH3 ALY A 6 4.67 -8.21 -0.21
NZ ALY A 6 6.46 -9.88 -0.50
CE ALY A 6 7.21 -10.94 -1.16
CD ALY A 6 6.64 -12.31 -0.87
CG ALY A 6 7.18 -13.37 -1.79
CB ALY A 6 7.27 -14.71 -1.07
CA ALY A 6 7.76 -15.87 -1.97
N ALY A 6 6.57 -16.47 -2.60
C ALY A 6 8.59 -16.87 -1.16
O ALY A 6 9.81 -16.83 -1.17
HH31 ALY A 6 4.09 -7.59 -0.88
HH32 ALY A 6 4.01 -8.68 0.52
HH33 ALY A 6 5.39 -7.61 0.30
HZ ALY A 6 6.77 -9.59 0.38
HE3 ALY A 6 7.19 -10.79 -2.22
HE2 ALY A 6 8.23 -10.91 -0.82
HD3 ALY A 6 6.87 -12.57 0.17
HD2 ALY A 6 5.57 -12.26 -0.97
HG3 ALY A 6 6.50 -13.47 -2.64
HG2 ALY A 6 8.16 -13.07 -2.17
HB3 ALY A 6 7.93 -14.60 -0.23
HB2 ALY A 6 6.29 -14.95 -0.69
HA ALY A 6 8.37 -15.43 -2.77
H ALY A 6 5.74 -15.96 -2.60
N ARG A 7 7.93 -17.83 -0.50
CA ARG A 7 8.53 -18.58 0.60
C ARG A 7 9.00 -17.60 1.68
N GLY A 8 8.58 -16.34 1.52
CA GLY A 8 9.00 -15.27 2.38
C GLY A 8 8.16 -15.20 3.63
OH ALY A 9 7.97 -8.32 1.81
CH ALY A 9 8.62 -8.77 2.74
CH3 ALY A 9 9.85 -8.05 3.24
NZ ALY A 9 8.31 -9.86 3.37
CE ALY A 9 7.17 -10.70 3.07
CD ALY A 9 6.78 -11.38 4.34
CG ALY A 9 6.41 -12.79 4.11
CB ALY A 9 6.45 -13.60 5.38
CA ALY A 9 7.85 -14.04 5.78
N ALY A 9 8.64 -14.44 4.60
C ALY A 9 7.72 -15.18 6.78
O ALY A 9 7.92 -16.35 6.47
HH31 ALY A 9 9.58 -7.06 3.60
HH32 ALY A 9 10.25 -8.64 4.07
HH33 ALY A 9 10.58 -7.97 2.46
HZ ALY A 9 8.89 -10.15 4.11
HE3 ALY A 9 6.36 -10.07 2.74
HE2 ALY A 9 7.41 -11.44 2.29
HD3 ALY A 9 7.60 -11.33 5.04
HD2 ALY A 9 5.93 -10.86 4.74
HG3 ALY A 9 5.42 -12.83 3.71
HG2 ALY A 9 7.09 -13.22 3.40
HB3 ALY A 9 6.03 -13.01 6.17
HB2 ALY A 9 5.85 -14.48 5.22
HA ALY A 9 8.35 -13.22 6.26
H ALY A 9 9.57 -14.14 4.55
N LYS A 10 7.36 -14.78 7.98
CA LYS A 10 6.92 -15.68 9.02
C LYS A 10 6.52 -14.85 10.23
N SER A 11 5.34 -14.25 10.10
CA SER A 11 4.84 -13.22 11.02
C SER A 11 5.17 -13.54 12.48
N ALA A 12 4.53 -14.56 13.00
CA ALA A 12 4.78 -15.01 14.36
C ALA A 12 4.53 -16.50 14.46
N LYS B 1 -26.17 23.27 -16.74
CA LYS B 1 -25.83 22.07 -15.94
C LYS B 1 -24.40 21.63 -16.24
N ASP B 2 -23.61 21.47 -15.19
CA ASP B 2 -22.21 21.08 -15.36
C ASP B 2 -22.00 19.69 -14.79
N VAL B 3 -21.83 18.73 -15.67
CA VAL B 3 -21.63 17.34 -15.27
C VAL B 3 -20.18 16.93 -15.54
N PRO B 4 -19.56 16.26 -14.58
CA PRO B 4 -18.18 15.82 -14.67
C PRO B 4 -18.02 14.55 -15.52
N ASP B 5 -17.63 14.72 -16.77
CA ASP B 5 -17.39 13.58 -17.65
C ASP B 5 -15.99 13.02 -17.42
N SER B 6 -15.80 12.39 -16.27
CA SER B 6 -14.49 11.82 -15.89
C SER B 6 -13.43 12.91 -15.90
N GLN B 7 -13.64 13.95 -15.12
CA GLN B 7 -12.78 15.12 -15.13
C GLN B 7 -11.93 15.19 -13.88
N GLN B 8 -10.76 15.81 -14.01
CA GLN B 8 -9.88 16.04 -12.88
C GLN B 8 -10.21 17.36 -12.24
N HIS B 9 -11.12 17.35 -11.27
CA HIS B 9 -11.53 18.57 -10.58
C HIS B 9 -10.37 19.20 -9.85
N PRO B 10 -10.15 20.48 -10.14
CA PRO B 10 -9.08 21.28 -9.56
C PRO B 10 -9.42 21.76 -8.16
N ALA B 11 -8.43 22.33 -7.48
CA ALA B 11 -8.61 22.85 -6.14
C ALA B 11 -8.07 24.26 -6.03
N PRO B 12 -8.69 25.07 -5.18
CA PRO B 12 -8.38 26.47 -5.02
C PRO B 12 -7.10 26.74 -4.23
N GLU B 13 -6.54 25.68 -3.68
CA GLU B 13 -5.32 25.78 -2.90
C GLU B 13 -4.56 24.46 -2.93
N LYS B 14 -4.48 23.87 -4.11
CA LYS B 14 -3.93 22.52 -4.31
C LYS B 14 -4.88 21.48 -3.73
N SER B 15 -5.25 21.65 -2.48
CA SER B 15 -6.16 20.73 -1.84
C SER B 15 -7.47 21.40 -1.44
N SER B 16 -8.19 20.73 -0.55
CA SER B 16 -9.58 21.00 -0.17
C SER B 16 -10.19 19.63 0.04
N LYS B 17 -9.77 18.77 -0.87
CA LYS B 17 -10.01 17.34 -0.83
C LYS B 17 -8.73 16.58 -0.59
N VAL B 18 -7.70 17.08 -1.22
CA VAL B 18 -6.56 16.29 -1.64
C VAL B 18 -5.59 15.96 -0.53
N SER B 19 -4.96 16.98 -0.02
CA SER B 19 -4.08 16.83 1.11
C SER B 19 -4.87 16.38 2.35
N GLU B 20 -6.16 16.67 2.31
CA GLU B 20 -7.12 16.15 3.27
C GLU B 20 -7.11 14.63 3.19
N GLN B 21 -7.14 14.14 1.95
CA GLN B 21 -7.09 12.73 1.65
C GLN B 21 -5.85 12.12 2.24
N LEU B 22 -4.76 12.85 2.21
CA LEU B 22 -3.53 12.28 2.67
C LEU B 22 -3.43 12.21 4.17
N LYS B 23 -4.00 13.15 4.87
CA LYS B 23 -3.98 13.08 6.31
C LYS B 23 -4.72 11.83 6.76
N CYS B 24 -5.66 11.46 5.92
CA CYS B 24 -6.41 10.22 6.06
C CYS B 24 -5.57 9.07 5.55
N CYS B 25 -5.13 9.17 4.31
CA CYS B 25 -4.32 8.15 3.65
C CYS B 25 -3.21 7.72 4.59
N SER B 26 -2.58 8.70 5.19
CA SER B 26 -1.45 8.45 6.05
C SER B 26 -1.88 7.66 7.27
N GLY B 27 -2.83 8.21 8.02
CA GLY B 27 -3.32 7.53 9.22
C GLY B 27 -3.78 6.12 8.91
N ILE B 28 -4.14 5.90 7.66
CA ILE B 28 -4.51 4.61 7.15
C ILE B 28 -3.30 3.66 7.03
N LEU B 29 -2.30 4.04 6.25
CA LEU B 29 -1.02 3.29 6.18
C LEU B 29 -0.42 3.18 7.54
N LYS B 30 -0.16 4.34 8.09
CA LYS B 30 0.26 4.49 9.48
C LYS B 30 -0.51 3.55 10.42
N GLU B 31 -1.77 3.29 10.08
CA GLU B 31 -2.58 2.33 10.83
C GLU B 31 -2.15 0.91 10.53
N MET B 32 -2.01 0.52 9.28
CA MET B 32 -1.48 -0.81 8.99
C MET B 32 -0.09 -0.89 9.60
N PHE B 33 0.58 0.26 9.63
CA PHE B 33 1.86 0.42 10.27
C PHE B 33 1.74 0.27 11.80
N ALA B 34 0.51 0.35 12.29
CA ALA B 34 0.23 0.20 13.71
C ALA B 34 0.70 -1.14 14.21
N LYS B 35 1.14 -1.20 15.46
CA LYS B 35 1.54 -2.45 16.08
C LYS B 35 0.38 -3.44 15.97
N LYS B 36 -0.81 -2.87 15.95
CA LYS B 36 -2.04 -3.58 15.65
C LYS B 36 -1.92 -4.39 14.36
N HIS B 37 -1.43 -3.80 13.27
CA HIS B 37 -1.33 -4.50 11.99
C HIS B 37 0.09 -4.93 11.71
N ALA B 38 1.02 -4.53 12.56
CA ALA B 38 2.43 -4.87 12.39
C ALA B 38 2.68 -6.33 12.64
N ALA B 39 1.64 -7.06 12.95
CA ALA B 39 1.71 -8.49 12.98
C ALA B 39 1.80 -9.02 11.55
N TYR B 40 1.39 -8.17 10.60
CA TYR B 40 1.25 -8.60 9.22
C TYR B 40 1.45 -7.47 8.20
N ALA B 41 1.63 -6.28 8.69
CA ALA B 41 1.88 -5.13 7.85
C ALA B 41 3.33 -4.96 7.65
N TRP B 42 3.99 -5.31 8.70
CA TRP B 42 5.37 -5.07 8.86
C TRP B 42 6.22 -5.46 7.62
N PRO B 43 5.92 -6.57 6.85
CA PRO B 43 6.73 -6.91 5.68
C PRO B 43 6.36 -6.03 4.52
N PHE B 44 5.37 -5.20 4.76
CA PHE B 44 4.95 -4.26 3.78
C PHE B 44 5.60 -2.91 4.04
N TYR B 45 5.81 -2.52 5.33
CA TYR B 45 6.49 -1.23 5.60
C TYR B 45 7.74 -1.21 4.77
N LYS B 46 8.46 -2.27 4.88
CA LYS B 46 9.70 -2.40 4.21
C LYS B 46 9.57 -3.27 2.99
N PRO B 47 10.56 -3.21 2.12
CA PRO B 47 10.55 -3.83 0.80
C PRO B 47 10.64 -5.35 0.87
N VAL B 48 9.95 -6.02 -0.06
CA VAL B 48 10.03 -7.48 -0.19
C VAL B 48 11.48 -7.90 -0.22
N ASP B 49 11.85 -8.66 0.80
CA ASP B 49 13.22 -9.00 1.01
C ASP B 49 13.55 -10.28 0.30
N VAL B 50 14.09 -10.11 -0.88
CA VAL B 50 14.32 -11.19 -1.81
C VAL B 50 15.38 -12.15 -1.29
N GLU B 51 16.08 -11.71 -0.26
CA GLU B 51 17.08 -12.51 0.40
C GLU B 51 16.47 -13.23 1.58
N ALA B 52 15.92 -12.42 2.46
CA ALA B 52 15.27 -12.87 3.68
C ALA B 52 14.17 -13.86 3.39
N LEU B 53 13.32 -13.48 2.46
CA LEU B 53 12.18 -14.27 2.08
C LEU B 53 12.62 -15.51 1.32
N GLY B 54 13.81 -15.42 0.74
CA GLY B 54 14.34 -16.48 -0.09
C GLY B 54 13.70 -16.47 -1.45
N LEU B 55 13.51 -15.27 -1.96
CA LEU B 55 12.91 -15.07 -3.26
C LEU B 55 13.94 -15.34 -4.35
N HIS B 56 13.55 -16.09 -5.36
CA HIS B 56 14.48 -16.37 -6.46
C HIS B 56 13.83 -16.10 -7.82
N ASP B 57 12.57 -15.70 -7.79
CA ASP B 57 11.88 -15.31 -9.02
C ASP B 57 11.36 -13.89 -8.89
N TYR B 58 11.62 -13.29 -7.73
CA TYR B 58 11.13 -11.95 -7.38
C TYR B 58 11.15 -10.96 -8.52
N CYS B 59 12.33 -10.66 -9.06
CA CYS B 59 12.46 -9.57 -10.02
C CYS B 59 11.80 -9.94 -11.35
N ASP B 60 11.44 -11.20 -11.47
CA ASP B 60 10.65 -11.65 -12.60
C ASP B 60 9.21 -11.32 -12.36
N ILE B 61 8.78 -11.70 -11.19
CA ILE B 61 7.46 -11.40 -10.74
C ILE B 61 7.26 -9.91 -10.64
N ILE B 62 7.97 -9.37 -9.71
CA ILE B 62 7.73 -8.08 -9.17
C ILE B 62 8.38 -7.00 -10.02
N LYS B 63 7.54 -6.17 -10.59
CA LYS B 63 8.00 -5.07 -11.39
C LYS B 63 8.01 -3.80 -10.56
N HIS B 64 7.01 -3.69 -9.69
CA HIS B 64 6.85 -2.52 -8.85
C HIS B 64 6.31 -2.92 -7.53
N PRO B 65 7.22 -3.37 -6.71
CA PRO B 65 6.95 -3.75 -5.35
C PRO B 65 6.83 -2.51 -4.49
N MET B 66 5.68 -2.32 -3.91
CA MET B 66 5.48 -1.20 -3.06
C MET B 66 5.72 -1.61 -1.63
N ASP B 67 6.09 -0.68 -0.82
CA ASP B 67 6.27 -0.93 0.57
C ASP B 67 5.62 0.18 1.37
N MET B 68 4.83 -0.23 2.37
CA MET B 68 4.08 0.66 3.26
C MET B 68 4.91 1.85 3.69
N SER B 69 6.24 1.72 3.69
CA SER B 69 7.11 2.78 4.16
C SER B 69 7.40 3.81 3.05
N THR B 70 7.51 3.39 1.78
CA THR B 70 7.67 4.38 0.70
C THR B 70 6.39 5.15 0.55
N ILE B 71 5.31 4.44 0.29
CA ILE B 71 4.02 5.04 0.12
C ILE B 71 3.74 6.03 1.23
N LYS B 72 4.11 5.62 2.41
CA LYS B 72 4.05 6.47 3.55
C LYS B 72 5.03 7.62 3.44
N SER B 73 6.27 7.26 3.14
CA SER B 73 7.34 8.23 2.94
C SER B 73 6.93 9.29 1.94
N LYS B 74 6.15 8.87 0.94
CA LYS B 74 5.68 9.77 -0.09
C LYS B 74 4.54 10.61 0.46
N LEU B 75 3.70 10.01 1.30
CA LEU B 75 2.80 10.76 2.17
C LEU B 75 3.59 11.82 2.92
N GLU B 76 4.63 11.34 3.59
CA GLU B 76 5.52 12.16 4.38
C GLU B 76 6.28 13.12 3.48
N ALA B 77 6.21 12.83 2.18
CA ALA B 77 6.87 13.63 1.17
C ALA B 77 5.88 14.52 0.46
N ARG B 78 4.61 14.28 0.77
CA ARG B 78 3.50 14.96 0.11
C ARG B 78 3.60 14.76 -1.39
N GLU B 79 4.38 13.75 -1.74
CA GLU B 79 4.54 13.26 -3.08
C GLU B 79 3.23 12.71 -3.54
N TYR B 80 2.53 12.11 -2.60
CA TYR B 80 1.15 11.75 -2.81
C TYR B 80 0.34 12.98 -2.61
N ARG B 81 -0.25 13.41 -3.71
CA ARG B 81 -1.02 14.63 -3.72
C ARG B 81 -2.27 14.40 -2.93
N ASP B 82 -2.72 13.15 -2.99
CA ASP B 82 -3.94 12.71 -2.35
C ASP B 82 -3.83 11.26 -1.98
N ALA B 83 -4.86 10.80 -1.31
CA ALA B 83 -4.89 9.47 -0.77
C ALA B 83 -4.98 8.43 -1.87
N GLN B 84 -5.37 8.85 -3.05
CA GLN B 84 -5.55 7.92 -4.13
C GLN B 84 -4.21 7.67 -4.83
N GLU B 85 -3.30 8.64 -4.70
CA GLU B 85 -1.87 8.37 -4.87
C GLU B 85 -1.49 7.28 -3.89
N PHE B 86 -1.87 7.54 -2.66
CA PHE B 86 -1.57 6.70 -1.54
C PHE B 86 -1.97 5.25 -1.77
N GLY B 87 -3.26 5.02 -1.89
CA GLY B 87 -3.76 3.68 -1.99
C GLY B 87 -3.46 3.04 -3.31
N ALA B 88 -3.04 3.84 -4.26
CA ALA B 88 -2.55 3.33 -5.51
C ALA B 88 -1.32 2.49 -5.26
N ASP B 89 -0.52 2.94 -4.31
CA ASP B 89 0.69 2.25 -3.91
C ASP B 89 0.40 1.17 -2.85
N VAL B 90 -0.60 1.37 -2.00
CA VAL B 90 -1.06 0.28 -1.17
C VAL B 90 -1.49 -0.87 -2.05
N ARG B 91 -2.32 -0.56 -3.04
CA ARG B 91 -2.76 -1.54 -4.01
C ARG B 91 -1.56 -2.14 -4.74
N LEU B 92 -0.52 -1.34 -4.94
CA LEU B 92 0.74 -1.87 -5.45
C LEU B 92 1.19 -3.03 -4.59
N MET B 93 1.65 -2.72 -3.38
CA MET B 93 2.28 -3.72 -2.51
C MET B 93 1.38 -4.92 -2.30
N PHE B 94 0.10 -4.65 -2.22
CA PHE B 94 -0.88 -5.70 -2.13
C PHE B 94 -0.89 -6.55 -3.40
N SER B 95 -1.02 -5.88 -4.54
CA SER B 95 -1.06 -6.56 -5.83
C SER B 95 0.22 -7.38 -6.05
N ASN B 96 1.37 -6.72 -5.93
CA ASN B 96 2.68 -7.38 -6.14
C ASN B 96 2.76 -8.62 -5.27
N CYS B 97 2.14 -8.55 -4.10
CA CYS B 97 2.18 -9.65 -3.18
C CYS B 97 1.48 -10.89 -3.78
N TYR B 98 0.17 -10.82 -4.06
CA TYR B 98 -0.53 -11.99 -4.61
C TYR B 98 -0.11 -12.23 -6.05
N LYS B 99 0.56 -11.24 -6.61
CA LYS B 99 1.15 -11.33 -7.93
C LYS B 99 2.28 -12.36 -7.90
N TYR B 100 3.06 -12.27 -6.84
CA TYR B 100 4.15 -13.19 -6.57
C TYR B 100 3.62 -14.44 -5.89
N ASN B 101 2.74 -14.23 -4.97
CA ASN B 101 2.40 -15.26 -4.00
C ASN B 101 1.04 -15.90 -4.25
N PRO B 102 0.97 -17.20 -3.97
CA PRO B 102 -0.28 -17.94 -3.85
C PRO B 102 -1.06 -17.44 -2.64
N PRO B 103 -2.40 -17.49 -2.66
CA PRO B 103 -3.22 -16.98 -1.55
C PRO B 103 -3.17 -17.90 -0.33
N ASP B 104 -2.39 -18.95 -0.44
CA ASP B 104 -2.10 -19.83 0.68
C ASP B 104 -0.92 -19.30 1.47
N HIS B 105 -0.21 -18.35 0.85
CA HIS B 105 1.07 -17.89 1.36
C HIS B 105 0.91 -17.08 2.64
N GLU B 106 1.97 -17.05 3.41
CA GLU B 106 2.11 -16.15 4.52
C GLU B 106 2.11 -14.67 4.08
N VAL B 107 2.89 -14.29 3.07
CA VAL B 107 2.95 -12.87 2.66
C VAL B 107 1.58 -12.40 2.28
N VAL B 108 0.88 -13.23 1.51
CA VAL B 108 -0.46 -12.89 1.12
C VAL B 108 -1.39 -12.85 2.33
N ALA B 109 -1.21 -13.81 3.21
CA ALA B 109 -1.90 -13.83 4.50
C ALA B 109 -1.89 -12.44 5.11
N MET B 110 -0.70 -11.90 5.21
CA MET B 110 -0.47 -10.58 5.73
C MET B 110 -1.07 -9.54 4.80
N ALA B 111 -0.81 -9.75 3.52
CA ALA B 111 -1.34 -8.93 2.44
C ALA B 111 -2.85 -8.71 2.53
N ARG B 112 -3.60 -9.79 2.70
CA ARG B 112 -5.06 -9.73 2.72
C ARG B 112 -5.58 -9.04 3.97
N LYS B 113 -4.82 -9.10 5.05
CA LYS B 113 -5.19 -8.41 6.27
C LYS B 113 -5.12 -6.92 6.07
N LEU B 114 -4.00 -6.45 5.55
CA LEU B 114 -3.85 -5.06 5.19
C LEU B 114 -4.92 -4.68 4.19
N GLN B 115 -5.19 -5.58 3.25
CA GLN B 115 -6.22 -5.36 2.25
C GLN B 115 -7.57 -5.12 2.92
N ASP B 116 -7.80 -5.80 4.03
CA ASP B 116 -9.04 -5.65 4.76
C ASP B 116 -9.06 -4.29 5.47
N VAL B 117 -8.00 -3.99 6.21
CA VAL B 117 -7.94 -2.73 6.94
C VAL B 117 -7.75 -1.54 6.00
N PHE B 118 -6.71 -1.55 5.16
CA PHE B 118 -6.52 -0.47 4.21
C PHE B 118 -7.78 -0.16 3.42
N GLU B 119 -8.42 -1.18 2.86
CA GLU B 119 -9.53 -0.94 1.95
C GLU B 119 -10.75 -0.44 2.70
N MET B 120 -10.93 -0.88 3.95
CA MET B 120 -12.01 -0.32 4.75
C MET B 120 -11.63 1.09 5.19
N ARG B 121 -10.33 1.31 5.42
CA ARG B 121 -9.84 2.64 5.72
C ARG B 121 -10.03 3.54 4.51
N PHE B 122 -9.75 2.97 3.35
CA PHE B 122 -9.78 3.72 2.12
C PHE B 122 -11.21 4.00 1.69
N ALA B 123 -12.11 3.15 2.14
CA ALA B 123 -13.54 3.37 1.92
C ALA B 123 -14.00 4.63 2.64
N LYS B 124 -13.25 5.02 3.67
CA LYS B 124 -13.53 6.24 4.41
C LYS B 124 -12.87 7.44 3.73
N MET B 125 -12.23 7.19 2.59
CA MET B 125 -11.58 8.25 1.83
C MET B 125 -12.56 8.88 0.87
N PRO B 126 -12.73 10.18 1.00
CA PRO B 126 -13.59 10.97 0.15
C PRO B 126 -12.95 11.25 -1.19
N ASP B 127 -13.64 12.07 -1.97
CA ASP B 127 -13.08 12.64 -3.18
C ASP B 127 -13.60 14.04 -3.35
N GLU B 128 -14.39 14.44 -2.38
CA GLU B 128 -14.93 15.77 -2.33
C GLU B 128 -14.18 16.64 -1.34
N SER A 1 1.52 -22.08 -8.63
CA SER A 1 1.60 -20.60 -8.70
C SER A 1 2.33 -20.17 -9.98
N PRO A 2 2.03 -18.97 -10.49
CA PRO A 2 2.69 -18.41 -11.66
C PRO A 2 3.75 -17.39 -11.27
N ALA A 3 4.60 -17.74 -10.31
CA ALA A 3 5.58 -16.81 -9.79
C ALA A 3 6.70 -17.57 -9.08
N GLN A 4 6.43 -17.95 -7.83
CA GLN A 4 7.36 -18.75 -7.04
C GLN A 4 6.75 -19.09 -5.68
N GLY A 5 5.89 -18.18 -5.20
CA GLY A 5 5.29 -18.39 -3.90
C GLY A 5 6.18 -17.88 -2.78
OH ALY A 6 5.12 -9.55 -2.17
CH ALY A 6 5.48 -9.39 -1.01
CH3 ALY A 6 4.80 -8.30 -0.16
NZ ALY A 6 6.45 -10.12 -0.48
CE ALY A 6 7.16 -11.18 -1.18
CD ALY A 6 6.57 -12.55 -0.92
CG ALY A 6 7.13 -13.60 -1.90
CB ALY A 6 7.20 -14.98 -1.24
CA ALY A 6 7.84 -16.07 -2.14
N ALY A 6 6.82 -16.73 -3.03
C ALY A 6 8.73 -17.05 -1.33
O ALY A 6 9.93 -17.14 -1.59
HH31 ALY A 6 4.30 -7.60 -0.81
HH32 ALY A 6 4.08 -8.77 0.52
HH33 ALY A 6 5.55 -7.79 0.42
HZ ALY A 6 6.70 -9.95 0.46
HE3 ALY A 6 7.13 -11.00 -2.23
HE2 ALY A 6 8.18 -11.18 -0.86
HD3 ALY A 6 6.78 -12.85 0.09
HD2 ALY A 6 5.51 -12.50 -1.05
HG3 ALY A 6 6.48 -13.65 -2.76
HG2 ALY A 6 8.13 -13.29 -2.24
HB3 ALY A 6 7.76 -14.86 -0.34
HB2 ALY A 6 6.20 -15.28 -0.98
HA ALY A 6 8.51 -15.54 -2.85
H ALY A 6 6.61 -16.27 -3.86
N ARG A 7 8.13 -17.81 -0.42
CA ARG A 7 8.82 -18.51 0.68
C ARG A 7 9.19 -17.50 1.75
N GLY A 8 8.69 -16.29 1.55
CA GLY A 8 8.96 -15.21 2.45
C GLY A 8 8.04 -15.22 3.64
OH ALY A 9 7.83 -8.38 1.76
CH ALY A 9 8.48 -8.83 2.69
CH3 ALY A 9 9.71 -8.11 3.22
NZ ALY A 9 8.17 -9.94 3.30
CE ALY A 9 7.05 -10.77 2.98
CD ALY A 9 6.62 -11.43 4.26
CG ALY A 9 6.29 -12.86 4.03
CB ALY A 9 6.24 -13.64 5.32
CA ALY A 9 7.59 -14.13 5.81
N ALY A 9 8.46 -14.50 4.68
C ALY A 9 7.34 -15.28 6.77
O ALY A 9 7.42 -16.45 6.38
HH31 ALY A 9 9.43 -7.13 3.59
HH32 ALY A 9 10.12 -8.70 4.03
HH33 ALY A 9 10.44 -8.01 2.43
HZ ALY A 9 8.75 -10.23 4.05
HE3 ALY A 9 6.25 -10.14 2.63
HE2 ALY A 9 7.30 -11.52 2.23
HD3 ALY A 9 7.41 -11.35 4.99
HD2 ALY A 9 5.74 -10.93 4.60
HG3 ALY A 9 5.35 -12.92 3.54
HG2 ALY A 9 7.05 -13.29 3.40
HB3 ALY A 9 5.80 -13.01 6.08
HB2 ALY A 9 5.62 -14.48 5.15
HA ALY A 9 8.08 -13.33 6.36
H ALY A 9 9.40 -14.21 4.71
N LYS A 10 7.04 -14.94 8.00
CA LYS A 10 6.51 -15.89 8.96
C LYS A 10 5.76 -15.15 10.06
N SER A 11 5.17 -14.02 9.68
CA SER A 11 4.44 -13.12 10.59
C SER A 11 5.28 -12.75 11.82
N ALA A 12 4.64 -12.13 12.81
CA ALA A 12 5.32 -11.71 14.02
C ALA A 12 5.54 -12.90 14.94
N LYS B 1 -23.52 27.58 -12.51
CA LYS B 1 -23.37 26.90 -11.20
C LYS B 1 -23.14 25.39 -11.38
N ASP B 2 -22.47 25.02 -12.46
CA ASP B 2 -22.20 23.60 -12.73
C ASP B 2 -20.75 23.40 -13.14
N VAL B 3 -19.89 23.21 -12.17
CA VAL B 3 -18.48 22.97 -12.42
C VAL B 3 -18.12 21.54 -12.08
N PRO B 4 -17.40 20.87 -13.00
CA PRO B 4 -17.05 19.46 -12.87
C PRO B 4 -16.18 19.20 -11.65
N ASP B 5 -16.80 18.63 -10.61
CA ASP B 5 -16.14 18.32 -9.35
C ASP B 5 -15.56 19.57 -8.71
N SER B 6 -16.43 20.55 -8.46
CA SER B 6 -16.03 21.79 -7.82
C SER B 6 -15.65 21.50 -6.38
N GLN B 7 -16.55 20.80 -5.66
CA GLN B 7 -16.32 20.42 -4.27
C GLN B 7 -15.95 21.63 -3.42
N GLN B 8 -16.88 22.58 -3.33
CA GLN B 8 -16.67 23.83 -2.60
C GLN B 8 -15.48 24.60 -3.16
N HIS B 9 -15.54 24.86 -4.47
CA HIS B 9 -14.49 25.58 -5.20
C HIS B 9 -13.24 24.72 -5.36
N PRO B 10 -12.73 24.69 -6.60
CA PRO B 10 -11.55 23.91 -6.97
C PRO B 10 -10.33 24.31 -6.15
N ALA B 11 -9.56 23.30 -5.73
CA ALA B 11 -8.40 23.53 -4.88
C ALA B 11 -7.46 24.56 -5.46
N PRO B 12 -6.90 25.39 -4.59
CA PRO B 12 -6.07 26.52 -4.98
C PRO B 12 -4.66 26.12 -5.42
N GLU B 13 -3.74 26.04 -4.48
CA GLU B 13 -2.35 25.72 -4.77
C GLU B 13 -2.22 24.30 -5.33
N LYS B 14 -2.99 23.38 -4.77
CA LYS B 14 -2.90 21.97 -5.15
C LYS B 14 -4.06 21.20 -4.56
N SER B 15 -4.22 21.27 -3.24
CA SER B 15 -5.18 20.43 -2.57
C SER B 15 -5.95 21.15 -1.48
N SER B 16 -7.26 21.02 -1.55
CA SER B 16 -8.08 21.17 -0.38
C SER B 16 -8.36 19.77 0.13
N LYS B 17 -9.47 19.20 -0.35
CA LYS B 17 -9.81 17.78 -0.21
C LYS B 17 -8.60 16.86 -0.25
N VAL B 18 -7.84 17.06 -1.28
CA VAL B 18 -6.85 16.12 -1.76
C VAL B 18 -5.81 15.78 -0.70
N SER B 19 -5.31 16.81 -0.08
CA SER B 19 -4.33 16.67 0.98
C SER B 19 -5.00 16.26 2.28
N GLU B 20 -6.30 16.50 2.36
CA GLU B 20 -7.11 15.97 3.46
C GLU B 20 -7.23 14.47 3.28
N GLN B 21 -7.25 14.07 2.01
CA GLN B 21 -7.25 12.67 1.64
C GLN B 21 -6.00 12.03 2.15
N LEU B 22 -4.90 12.75 2.08
CA LEU B 22 -3.65 12.22 2.54
C LEU B 22 -3.55 12.15 4.06
N LYS B 23 -4.12 13.10 4.75
CA LYS B 23 -4.15 13.00 6.18
C LYS B 23 -4.90 11.73 6.59
N CYS B 24 -5.81 11.34 5.73
CA CYS B 24 -6.50 10.08 5.84
C CYS B 24 -5.55 8.98 5.41
N CYS B 25 -5.11 9.06 4.15
CA CYS B 25 -4.26 8.05 3.55
C CYS B 25 -3.16 7.67 4.53
N SER B 26 -2.55 8.69 5.11
CA SER B 26 -1.45 8.48 6.02
C SER B 26 -1.88 7.71 7.23
N GLY B 27 -2.83 8.26 7.99
CA GLY B 27 -3.32 7.58 9.18
C GLY B 27 -3.79 6.18 8.86
N ILE B 28 -4.16 5.98 7.61
CA ILE B 28 -4.51 4.70 7.07
C ILE B 28 -3.31 3.73 6.99
N LEU B 29 -2.29 4.10 6.20
CA LEU B 29 -1.02 3.34 6.15
C LEU B 29 -0.43 3.24 7.52
N LYS B 30 -0.17 4.40 8.08
CA LYS B 30 0.27 4.53 9.46
C LYS B 30 -0.49 3.60 10.40
N GLU B 31 -1.76 3.34 10.07
CA GLU B 31 -2.56 2.39 10.83
C GLU B 31 -2.17 0.97 10.50
N MET B 32 -2.09 0.60 9.23
CA MET B 32 -1.57 -0.73 8.89
C MET B 32 -0.17 -0.86 9.49
N PHE B 33 0.52 0.28 9.57
CA PHE B 33 1.82 0.37 10.22
C PHE B 33 1.70 0.17 11.73
N ALA B 34 0.49 0.33 12.25
CA ALA B 34 0.22 0.19 13.68
C ALA B 34 0.70 -1.16 14.18
N LYS B 35 1.13 -1.20 15.45
CA LYS B 35 1.51 -2.47 16.06
C LYS B 35 0.37 -3.46 15.90
N LYS B 36 -0.83 -2.91 15.95
CA LYS B 36 -2.08 -3.59 15.63
C LYS B 36 -1.96 -4.41 14.32
N HIS B 37 -1.42 -3.81 13.25
CA HIS B 37 -1.33 -4.50 11.97
C HIS B 37 0.07 -4.95 11.69
N ALA B 38 1.00 -4.59 12.56
CA ALA B 38 2.41 -4.93 12.36
C ALA B 38 2.67 -6.39 12.58
N ALA B 39 1.62 -7.13 12.87
CA ALA B 39 1.70 -8.57 12.86
C ALA B 39 1.83 -9.05 11.43
N TYR B 40 1.37 -8.22 10.50
CA TYR B 40 1.24 -8.63 9.12
C TYR B 40 1.45 -7.49 8.13
N ALA B 41 1.61 -6.30 8.63
CA ALA B 41 1.88 -5.14 7.80
C ALA B 41 3.32 -4.98 7.61
N TRP B 42 3.98 -5.36 8.65
CA TRP B 42 5.37 -5.13 8.81
C TRP B 42 6.21 -5.52 7.57
N PRO B 43 5.88 -6.62 6.78
CA PRO B 43 6.67 -6.98 5.61
C PRO B 43 6.32 -6.08 4.46
N PHE B 44 5.36 -5.22 4.72
CA PHE B 44 4.96 -4.27 3.75
C PHE B 44 5.60 -2.92 4.04
N TYR B 45 5.81 -2.54 5.33
CA TYR B 45 6.50 -1.26 5.62
C TYR B 45 7.75 -1.24 4.79
N LYS B 46 8.45 -2.31 4.89
CA LYS B 46 9.66 -2.45 4.16
C LYS B 46 9.44 -3.35 2.95
N PRO B 47 10.36 -3.29 2.03
CA PRO B 47 10.25 -3.92 0.71
C PRO B 47 10.41 -5.43 0.78
N VAL B 48 9.68 -6.13 -0.10
CA VAL B 48 9.81 -7.58 -0.24
C VAL B 48 11.26 -7.98 -0.25
N ASP B 49 11.64 -8.71 0.78
CA ASP B 49 13.02 -8.97 1.06
C ASP B 49 13.45 -10.25 0.39
N VAL B 50 14.00 -10.08 -0.77
CA VAL B 50 14.33 -11.16 -1.67
C VAL B 50 15.45 -12.02 -1.12
N GLU B 51 16.09 -11.53 -0.08
CA GLU B 51 17.13 -12.28 0.60
C GLU B 51 16.50 -13.02 1.77
N ALA B 52 15.88 -12.23 2.62
CA ALA B 52 15.20 -12.71 3.82
C ALA B 52 14.19 -13.78 3.48
N LEU B 53 13.29 -13.42 2.58
CA LEU B 53 12.19 -14.27 2.19
C LEU B 53 12.71 -15.49 1.45
N GLY B 54 13.88 -15.33 0.84
CA GLY B 54 14.46 -16.40 0.04
C GLY B 54 13.88 -16.42 -1.35
N LEU B 55 13.60 -15.24 -1.85
CA LEU B 55 13.03 -15.07 -3.16
C LEU B 55 14.09 -15.27 -4.23
N HIS B 56 13.76 -15.98 -5.30
CA HIS B 56 14.73 -16.21 -6.37
C HIS B 56 14.14 -15.92 -7.75
N ASP B 57 12.84 -15.69 -7.81
CA ASP B 57 12.20 -15.30 -9.06
C ASP B 57 11.56 -13.92 -8.93
N TYR B 58 11.75 -13.34 -7.75
CA TYR B 58 11.21 -12.03 -7.37
C TYR B 58 11.20 -11.01 -8.49
N CYS B 59 12.39 -10.66 -8.99
CA CYS B 59 12.52 -9.52 -9.89
C CYS B 59 11.89 -9.81 -11.25
N ASP B 60 11.46 -11.05 -11.43
CA ASP B 60 10.67 -11.43 -12.57
C ASP B 60 9.23 -11.16 -12.31
N ILE B 61 8.81 -11.63 -11.18
CA ILE B 61 7.49 -11.36 -10.69
C ILE B 61 7.28 -9.88 -10.53
N ILE B 62 8.02 -9.37 -9.61
CA ILE B 62 7.78 -8.10 -9.05
C ILE B 62 8.38 -6.98 -9.88
N LYS B 63 7.48 -6.33 -10.56
CA LYS B 63 7.81 -5.18 -11.36
C LYS B 63 7.98 -3.95 -10.50
N HIS B 64 7.00 -3.72 -9.67
CA HIS B 64 6.95 -2.55 -8.82
C HIS B 64 6.41 -2.92 -7.47
N PRO B 65 7.32 -3.39 -6.66
CA PRO B 65 7.06 -3.76 -5.31
C PRO B 65 6.93 -2.52 -4.46
N MET B 66 5.80 -2.32 -3.88
CA MET B 66 5.60 -1.18 -3.04
C MET B 66 5.82 -1.58 -1.61
N ASP B 67 6.16 -0.63 -0.79
CA ASP B 67 6.34 -0.88 0.60
C ASP B 67 5.68 0.24 1.38
N MET B 68 4.87 -0.18 2.36
CA MET B 68 4.11 0.69 3.26
C MET B 68 4.97 1.88 3.72
N SER B 69 6.27 1.72 3.72
CA SER B 69 7.16 2.77 4.19
C SER B 69 7.42 3.83 3.12
N THR B 70 7.56 3.46 1.84
CA THR B 70 7.70 4.46 0.77
C THR B 70 6.42 5.21 0.61
N ILE B 71 5.34 4.50 0.34
CA ILE B 71 4.05 5.09 0.17
C ILE B 71 3.77 6.06 1.28
N LYS B 72 4.15 5.67 2.47
CA LYS B 72 4.10 6.53 3.61
C LYS B 72 5.08 7.69 3.48
N SER B 73 6.31 7.35 3.19
CA SER B 73 7.37 8.33 2.97
C SER B 73 6.92 9.39 1.99
N LYS B 74 6.19 8.95 0.98
CA LYS B 74 5.70 9.84 -0.06
C LYS B 74 4.56 10.68 0.49
N LEU B 75 3.72 10.07 1.33
CA LEU B 75 2.80 10.81 2.18
C LEU B 75 3.56 11.88 2.94
N GLU B 76 4.61 11.42 3.59
CA GLU B 76 5.49 12.26 4.40
C GLU B 76 6.25 13.22 3.49
N ALA B 77 6.15 12.97 2.20
CA ALA B 77 6.79 13.77 1.19
C ALA B 77 5.78 14.65 0.50
N ARG B 78 4.51 14.37 0.76
CA ARG B 78 3.40 15.02 0.07
C ARG B 78 3.55 14.82 -1.43
N GLU B 79 4.34 13.83 -1.75
CA GLU B 79 4.51 13.34 -3.09
C GLU B 79 3.19 12.80 -3.59
N TYR B 80 2.45 12.23 -2.67
CA TYR B 80 1.10 11.80 -2.92
C TYR B 80 0.19 13.00 -2.88
N ARG B 81 -0.47 13.22 -4.01
CA ARG B 81 -1.38 14.32 -4.16
C ARG B 81 -2.50 14.17 -3.21
N ASP B 82 -2.88 12.92 -3.08
CA ASP B 82 -4.05 12.51 -2.38
C ASP B 82 -3.88 11.10 -1.95
N ALA B 83 -4.87 10.61 -1.29
CA ALA B 83 -4.82 9.30 -0.74
C ALA B 83 -4.97 8.25 -1.82
N GLN B 84 -5.29 8.66 -3.02
CA GLN B 84 -5.47 7.72 -4.08
C GLN B 84 -4.13 7.46 -4.75
N GLU B 85 -3.25 8.48 -4.77
CA GLU B 85 -1.81 8.25 -4.94
C GLU B 85 -1.39 7.21 -3.94
N PHE B 86 -1.81 7.45 -2.72
CA PHE B 86 -1.49 6.62 -1.59
C PHE B 86 -1.89 5.17 -1.81
N GLY B 87 -3.18 4.95 -1.95
CA GLY B 87 -3.69 3.60 -2.07
C GLY B 87 -3.33 2.97 -3.37
N ALA B 88 -2.91 3.79 -4.32
CA ALA B 88 -2.40 3.29 -5.57
C ALA B 88 -1.14 2.48 -5.30
N ASP B 89 -0.40 2.91 -4.30
CA ASP B 89 0.80 2.23 -3.88
C ASP B 89 0.51 1.15 -2.84
N VAL B 90 -0.48 1.35 -1.96
CA VAL B 90 -0.95 0.24 -1.15
C VAL B 90 -1.34 -0.93 -2.04
N ARG B 91 -2.18 -0.65 -3.02
CA ARG B 91 -2.61 -1.65 -4.00
C ARG B 91 -1.40 -2.21 -4.76
N LEU B 92 -0.36 -1.40 -4.91
CA LEU B 92 0.91 -1.87 -5.48
C LEU B 92 1.46 -3.04 -4.66
N MET B 93 1.81 -2.74 -3.41
CA MET B 93 2.45 -3.72 -2.53
C MET B 93 1.55 -4.92 -2.36
N PHE B 94 0.27 -4.65 -2.31
CA PHE B 94 -0.71 -5.70 -2.24
C PHE B 94 -0.72 -6.54 -3.52
N SER B 95 -0.87 -5.87 -4.67
CA SER B 95 -0.94 -6.55 -5.96
C SER B 95 0.31 -7.39 -6.20
N ASN B 96 1.47 -6.75 -6.19
CA ASN B 96 2.74 -7.43 -6.40
C ASN B 96 2.90 -8.59 -5.44
N CYS B 97 2.33 -8.45 -4.25
CA CYS B 97 2.33 -9.56 -3.31
C CYS B 97 1.57 -10.75 -3.90
N TYR B 98 0.29 -10.60 -4.23
CA TYR B 98 -0.50 -11.74 -4.69
C TYR B 98 -0.06 -12.21 -6.09
N LYS B 99 0.72 -11.39 -6.79
CA LYS B 99 1.31 -11.83 -8.04
C LYS B 99 2.28 -12.94 -7.76
N TYR B 100 3.23 -12.58 -6.92
CA TYR B 100 4.31 -13.45 -6.53
C TYR B 100 3.76 -14.64 -5.74
N ASN B 101 2.81 -14.34 -4.91
CA ASN B 101 2.36 -15.27 -3.91
C ASN B 101 0.99 -15.86 -4.22
N PRO B 102 0.84 -17.16 -4.00
CA PRO B 102 -0.45 -17.83 -3.96
C PRO B 102 -1.26 -17.30 -2.78
N PRO B 103 -2.60 -17.27 -2.87
CA PRO B 103 -3.44 -16.72 -1.80
C PRO B 103 -3.51 -17.62 -0.57
N ASP B 104 -2.73 -18.69 -0.59
CA ASP B 104 -2.58 -19.53 0.59
C ASP B 104 -1.27 -19.19 1.30
N HIS B 105 -0.55 -18.23 0.74
CA HIS B 105 0.76 -17.85 1.24
C HIS B 105 0.66 -17.07 2.55
N GLU B 106 1.74 -17.09 3.28
CA GLU B 106 1.93 -16.22 4.40
C GLU B 106 1.95 -14.73 4.00
N VAL B 107 2.70 -14.35 2.96
CA VAL B 107 2.78 -12.94 2.59
C VAL B 107 1.43 -12.41 2.21
N VAL B 108 0.71 -13.22 1.45
CA VAL B 108 -0.64 -12.85 1.05
C VAL B 108 -1.59 -12.83 2.24
N ALA B 109 -1.38 -13.77 3.15
CA ALA B 109 -2.04 -13.78 4.44
C ALA B 109 -2.02 -12.38 5.04
N MET B 110 -0.82 -11.85 5.10
CA MET B 110 -0.56 -10.52 5.63
C MET B 110 -1.12 -9.48 4.68
N ALA B 111 -0.86 -9.71 3.41
CA ALA B 111 -1.34 -8.86 2.34
C ALA B 111 -2.85 -8.61 2.41
N ARG B 112 -3.62 -9.70 2.52
CA ARG B 112 -5.08 -9.62 2.46
C ARG B 112 -5.67 -9.02 3.73
N LYS B 113 -4.94 -9.07 4.83
CA LYS B 113 -5.46 -8.51 6.06
C LYS B 113 -5.12 -7.03 6.18
N LEU B 114 -4.02 -6.61 5.57
CA LEU B 114 -3.83 -5.21 5.26
C LEU B 114 -4.89 -4.75 4.30
N GLN B 115 -5.17 -5.59 3.32
CA GLN B 115 -6.23 -5.32 2.34
C GLN B 115 -7.53 -5.02 3.05
N ASP B 116 -7.82 -5.81 4.09
CA ASP B 116 -9.01 -5.61 4.90
C ASP B 116 -9.00 -4.23 5.56
N VAL B 117 -7.92 -3.94 6.28
CA VAL B 117 -7.83 -2.66 6.97
C VAL B 117 -7.67 -1.49 6.00
N PHE B 118 -6.65 -1.50 5.14
CA PHE B 118 -6.49 -0.45 4.13
C PHE B 118 -7.79 -0.13 3.40
N GLU B 119 -8.46 -1.16 2.89
CA GLU B 119 -9.66 -0.93 2.09
C GLU B 119 -10.76 -0.32 2.95
N MET B 120 -10.94 -0.84 4.16
CA MET B 120 -11.90 -0.28 5.10
C MET B 120 -11.50 1.15 5.44
N ARG B 121 -10.20 1.35 5.63
CA ARG B 121 -9.67 2.68 5.89
C ARG B 121 -9.93 3.60 4.73
N PHE B 122 -9.80 3.07 3.53
CA PHE B 122 -9.98 3.86 2.33
C PHE B 122 -11.45 4.20 2.14
N ALA B 123 -12.31 3.48 2.84
CA ALA B 123 -13.72 3.82 2.91
C ALA B 123 -13.93 4.98 3.88
N LYS B 124 -13.01 5.10 4.83
CA LYS B 124 -13.06 6.16 5.84
C LYS B 124 -12.46 7.45 5.31
N MET B 125 -12.00 7.39 4.06
CA MET B 125 -11.48 8.57 3.36
C MET B 125 -12.43 9.76 3.44
N PRO B 126 -11.89 10.98 3.43
CA PRO B 126 -12.67 12.20 3.39
C PRO B 126 -13.08 12.54 1.97
N ASP B 127 -13.55 13.76 1.77
CA ASP B 127 -13.75 14.34 0.43
C ASP B 127 -13.83 15.85 0.53
N GLU B 128 -13.62 16.31 1.74
CA GLU B 128 -13.86 17.70 2.09
C GLU B 128 -12.68 18.60 1.75
#